data_6Q94
#
_entry.id   6Q94
#
_cell.length_a   101.620
_cell.length_b   231.060
_cell.length_c   383.890
_cell.angle_alpha   90.00
_cell.angle_beta   90.00
_cell.angle_gamma   90.00
#
_symmetry.space_group_name_H-M   'C 2 2 21'
#
loop_
_entity.id
_entity.type
_entity.pdbx_description
1 polymer 'GDP-mannose 4,6 dehydratase'
2 non-polymer 'NADP NICOTINAMIDE-ADENINE-DINUCLEOTIDE PHOSPHATE'
3 non-polymer "GUANOSINE-5'-DIPHOSPHATE-ALPHA-D-MANNOSE"
4 non-polymer 1,2-ETHANEDIOL
5 water water
#
_entity_poly.entity_id   1
_entity_poly.type   'polypeptide(L)'
_entity_poly.pdbx_seq_one_letter_code
;SMRNVALITGITGQDGSYLAEFLLEKGYEVHGIVRRSSSFNTGRIEHLYKNPQAHIEGNMKLHYGDLTDSTCLVKIINEV
KPTEIYNLGAQSHVKISFDLAEYTADVDGVGTLRLLDAVKTCGLINSVKFYQASTDELYGKVQEIPQKETTPFYPRSPYG
AAKLYAYWIVVNFREAYNLFAVNGILFNHESPRRGANFVTRKISRSVAKIYLGQLECFSLGNLDAKRDWGHAKDYVEAMW
LMLQNDEPEDFVIATGEVHSVREFVEKSFLHIGKTIVWEGKNENEVGRCKETGKVHVTVDLKYYRPTEVDFLQGDCTKAK
QKLNWKPRVAFDELVREMVHADVELMRTNPNA
;
_entity_poly.pdbx_strand_id   B,A,C,D,E,F,G,H
#
loop_
_chem_comp.id
_chem_comp.type
_chem_comp.name
_chem_comp.formula
EDO non-polymer 1,2-ETHANEDIOL 'C2 H6 O2'
GDD non-polymer GUANOSINE-5'-DIPHOSPHATE-ALPHA-D-MANNOSE 'C16 H25 N5 O16 P2'
NAP non-polymer 'NADP NICOTINAMIDE-ADENINE-DINUCLEOTIDE PHOSPHATE' 'C21 H28 N7 O17 P3'
#
# COMPACT_ATOMS: atom_id res chain seq x y z
N ARG A 3 -1.28 39.12 -63.48
CA ARG A 3 -1.21 37.65 -63.59
C ARG A 3 -0.15 36.97 -62.70
N ASN A 4 -0.62 36.24 -61.66
CA ASN A 4 0.23 35.59 -60.66
C ASN A 4 -0.03 34.09 -60.64
N VAL A 5 0.87 33.30 -61.22
CA VAL A 5 0.69 31.86 -61.30
C VAL A 5 1.92 31.15 -60.72
N ALA A 6 1.71 30.38 -59.64
CA ALA A 6 2.77 29.71 -58.90
C ALA A 6 2.72 28.20 -59.09
N LEU A 7 3.90 27.59 -59.25
CA LEU A 7 4.06 26.14 -59.33
C LEU A 7 4.95 25.66 -58.20
N ILE A 8 4.40 24.83 -57.32
CA ILE A 8 5.07 24.37 -56.11
C ILE A 8 5.37 22.88 -56.24
N THR A 9 6.64 22.50 -56.10
CA THR A 9 7.02 21.09 -55.99
C THR A 9 7.02 20.68 -54.52
N GLY A 10 6.67 19.42 -54.27
CA GLY A 10 6.44 19.00 -52.90
C GLY A 10 5.34 19.77 -52.21
N ILE A 11 4.21 19.98 -52.89
CA ILE A 11 3.11 20.69 -52.28
C ILE A 11 2.47 19.89 -51.13
N THR A 12 2.67 18.58 -51.09
CA THR A 12 2.02 17.80 -50.04
C THR A 12 2.77 17.85 -48.73
N GLY A 13 3.99 18.35 -48.71
CA GLY A 13 4.78 18.42 -47.51
C GLY A 13 4.33 19.54 -46.59
N GLN A 14 5.08 19.68 -45.49
CA GLN A 14 4.86 20.77 -44.55
C GLN A 14 4.87 22.15 -45.22
N ASP A 15 6.03 22.62 -45.69
CA ASP A 15 6.13 23.99 -46.22
C ASP A 15 5.17 24.19 -47.39
N GLY A 16 5.04 23.18 -48.26
CA GLY A 16 4.14 23.31 -49.39
C GLY A 16 2.71 23.63 -48.98
N SER A 17 2.21 22.94 -47.96
CA SER A 17 0.83 23.18 -47.55
C SER A 17 0.64 24.61 -47.02
N TYR A 18 1.60 25.11 -46.25
CA TYR A 18 1.48 26.50 -45.81
C TYR A 18 1.69 27.47 -46.95
N LEU A 19 2.66 27.20 -47.82
CA LEU A 19 2.90 28.10 -48.95
C LEU A 19 1.64 28.20 -49.82
N ALA A 20 0.91 27.10 -49.99
CA ALA A 20 -0.29 27.14 -50.83
C ALA A 20 -1.38 28.03 -50.22
N GLU A 21 -1.66 27.88 -48.93
CA GLU A 21 -2.58 28.82 -48.28
C GLU A 21 -2.14 30.26 -48.47
N PHE A 22 -0.88 30.56 -48.16
CA PHE A 22 -0.38 31.92 -48.23
C PHE A 22 -0.63 32.53 -49.60
N LEU A 23 -0.16 31.87 -50.66
CA LEU A 23 -0.34 32.41 -52.01
C LEU A 23 -1.81 32.45 -52.41
N LEU A 24 -2.57 31.40 -52.06
CA LEU A 24 -4.01 31.41 -52.37
C LEU A 24 -4.68 32.64 -51.80
N GLU A 25 -4.37 32.98 -50.54
CA GLU A 25 -4.97 34.15 -49.92
C GLU A 25 -4.65 35.42 -50.70
N LYS A 26 -3.45 35.50 -51.27
CA LYS A 26 -3.09 36.66 -52.09
C LYS A 26 -3.67 36.59 -53.50
N GLY A 27 -4.57 35.66 -53.77
CA GLY A 27 -5.23 35.60 -55.05
C GLY A 27 -4.54 34.76 -56.09
N TYR A 28 -3.31 34.29 -55.83
CA TYR A 28 -2.57 33.54 -56.82
C TYR A 28 -3.36 32.32 -57.30
N GLU A 29 -3.11 31.93 -58.54
CA GLU A 29 -3.43 30.61 -59.03
C GLU A 29 -2.26 29.70 -58.68
N VAL A 30 -2.52 28.64 -57.91
CA VAL A 30 -1.48 27.79 -57.33
C VAL A 30 -1.53 26.42 -57.97
N HIS A 31 -0.42 26.00 -58.60
CA HIS A 31 -0.29 24.65 -59.12
C HIS A 31 0.71 23.84 -58.31
N GLY A 32 0.50 22.53 -58.25
CA GLY A 32 1.38 21.66 -57.46
C GLY A 32 1.57 20.30 -58.10
N ILE A 33 2.76 19.74 -57.89
CA ILE A 33 3.15 18.43 -58.44
C ILE A 33 3.09 17.39 -57.33
N VAL A 34 2.14 16.47 -57.43
CA VAL A 34 2.01 15.40 -56.46
C VAL A 34 2.45 14.08 -57.08
N ARG A 35 2.99 13.20 -56.22
CA ARG A 35 3.40 11.86 -56.61
C ARG A 35 2.20 10.91 -56.59
N ARG A 36 2.12 10.03 -57.59
CA ARG A 36 1.20 8.91 -57.51
C ARG A 36 1.52 8.10 -56.26
N SER A 37 0.46 7.67 -55.57
CA SER A 37 0.53 6.90 -54.34
C SER A 37 -0.54 5.82 -54.41
N SER A 38 -0.26 4.64 -53.84
CA SER A 38 -1.30 3.62 -53.80
C SER A 38 -2.39 3.94 -52.80
N SER A 39 -2.15 4.93 -51.93
CA SER A 39 -3.06 5.45 -50.93
C SER A 39 -3.14 6.96 -51.06
N PHE A 40 -3.81 7.61 -50.12
CA PHE A 40 -3.91 9.06 -50.14
C PHE A 40 -2.66 9.68 -49.54
N ASN A 41 -2.12 10.70 -50.21
CA ASN A 41 -0.92 11.40 -49.78
C ASN A 41 -1.12 12.91 -49.75
N THR A 42 -2.37 13.39 -49.75
CA THR A 42 -2.67 14.83 -49.80
C THR A 42 -3.35 15.32 -48.54
N GLY A 43 -3.08 14.72 -47.39
CA GLY A 43 -3.82 15.08 -46.20
C GLY A 43 -3.58 16.49 -45.72
N ARG A 44 -2.43 17.09 -46.06
CA ARG A 44 -2.15 18.44 -45.57
C ARG A 44 -2.89 19.51 -46.34
N ILE A 45 -3.33 19.25 -47.57
CA ILE A 45 -3.86 20.27 -48.46
C ILE A 45 -5.28 19.98 -48.91
N GLU A 46 -5.84 18.82 -48.57
CA GLU A 46 -7.16 18.47 -49.12
C GLU A 46 -8.24 19.47 -48.72
N HIS A 47 -8.05 20.23 -47.63
CA HIS A 47 -9.07 21.21 -47.28
C HIS A 47 -9.07 22.42 -48.19
N LEU A 48 -8.17 22.47 -49.16
CA LEU A 48 -8.11 23.58 -50.10
C LEU A 48 -8.78 23.26 -51.44
N TYR A 49 -9.72 22.31 -51.46
CA TYR A 49 -10.38 21.94 -52.70
C TYR A 49 -11.65 22.74 -52.92
N LYS A 50 -12.40 23.01 -51.86
CA LYS A 50 -13.75 23.55 -51.96
C LYS A 50 -14.71 22.52 -52.57
N ASN A 51 -14.46 21.23 -52.31
CA ASN A 51 -15.20 20.09 -52.86
C ASN A 51 -16.52 20.43 -53.55
N GLY A 58 -10.69 24.15 -57.43
CA GLY A 58 -10.77 25.60 -57.43
C GLY A 58 -9.54 26.34 -57.95
N ASN A 59 -9.02 27.26 -57.14
CA ASN A 59 -7.82 28.01 -57.47
C ASN A 59 -6.53 27.21 -57.32
N MET A 60 -6.61 25.96 -56.87
CA MET A 60 -5.44 25.10 -56.71
C MET A 60 -5.61 23.87 -57.59
N LYS A 61 -4.59 23.56 -58.38
CA LYS A 61 -4.63 22.49 -59.38
C LYS A 61 -3.43 21.56 -59.22
N LEU A 62 -3.68 20.27 -59.03
CA LEU A 62 -2.61 19.31 -58.79
C LEU A 62 -2.32 18.48 -60.04
N HIS A 63 -1.05 18.18 -60.27
CA HIS A 63 -0.62 17.36 -61.41
C HIS A 63 0.29 16.25 -60.94
N TYR A 64 0.13 15.06 -61.54
CA TYR A 64 1.03 13.96 -61.26
C TYR A 64 2.42 14.27 -61.80
N GLY A 65 3.44 14.00 -60.97
CA GLY A 65 4.80 14.24 -61.41
C GLY A 65 5.81 13.60 -60.48
N ASP A 66 7.08 13.80 -60.81
CA ASP A 66 8.20 13.31 -60.04
C ASP A 66 9.47 14.02 -60.51
N LEU A 67 10.28 14.42 -59.54
CA LEU A 67 11.54 15.10 -59.83
C LEU A 67 12.56 14.23 -60.57
N THR A 68 12.26 12.97 -60.89
CA THR A 68 13.16 12.16 -61.68
C THR A 68 12.66 11.85 -63.09
N ASP A 69 11.51 12.42 -63.50
CA ASP A 69 10.92 12.16 -64.81
C ASP A 69 11.02 13.43 -65.63
N SER A 70 12.01 13.46 -66.52
CA SER A 70 12.32 14.70 -67.23
C SER A 70 11.15 15.14 -68.12
N THR A 71 10.53 14.22 -68.86
CA THR A 71 9.44 14.60 -69.77
C THR A 71 8.26 15.20 -69.03
N CYS A 72 7.88 14.65 -67.86
CA CYS A 72 6.70 15.17 -67.17
C CYS A 72 6.92 16.60 -66.68
N LEU A 73 8.15 16.93 -66.29
CA LEU A 73 8.44 18.30 -65.85
C LEU A 73 8.24 19.30 -66.97
N VAL A 74 8.75 18.98 -68.17
CA VAL A 74 8.57 19.88 -69.31
C VAL A 74 7.09 20.02 -69.63
N LYS A 75 6.35 18.91 -69.64
CA LYS A 75 4.93 18.99 -69.98
C LYS A 75 4.18 19.90 -69.02
N ILE A 76 4.45 19.79 -67.71
CA ILE A 76 3.74 20.59 -66.72
C ILE A 76 4.10 22.07 -66.87
N ILE A 77 5.39 22.39 -66.88
CA ILE A 77 5.78 23.79 -66.91
C ILE A 77 5.29 24.48 -68.18
N ASN A 78 5.28 23.75 -69.30
CA ASN A 78 4.75 24.33 -70.55
C ASN A 78 3.25 24.52 -70.48
N GLU A 79 2.54 23.58 -69.88
CA GLU A 79 1.10 23.69 -69.76
C GLU A 79 0.69 24.83 -68.81
N VAL A 80 1.49 25.10 -67.77
CA VAL A 80 1.07 26.01 -66.70
C VAL A 80 1.65 27.41 -66.88
N LYS A 81 2.80 27.53 -67.54
CA LYS A 81 3.52 28.79 -67.74
C LYS A 81 3.52 29.62 -66.46
N PRO A 82 4.17 29.14 -65.40
CA PRO A 82 4.12 29.86 -64.12
C PRO A 82 5.00 31.09 -64.15
N THR A 83 4.67 32.03 -63.25
CA THR A 83 5.51 33.20 -63.04
C THR A 83 6.41 33.06 -61.83
N GLU A 84 6.08 32.15 -60.91
CA GLU A 84 6.90 31.83 -59.76
C GLU A 84 6.98 30.31 -59.60
N ILE A 85 8.18 29.80 -59.37
CA ILE A 85 8.41 28.39 -59.09
C ILE A 85 9.04 28.26 -57.71
N TYR A 86 8.49 27.38 -56.88
CA TYR A 86 9.05 27.01 -55.58
C TYR A 86 9.41 25.52 -55.64
N ASN A 87 10.70 25.22 -55.59
CA ASN A 87 11.16 23.83 -55.61
C ASN A 87 11.36 23.38 -54.17
N LEU A 88 10.27 22.89 -53.56
CA LEU A 88 10.30 22.37 -52.20
C LEU A 88 10.37 20.87 -52.13
N GLY A 89 10.11 20.16 -53.22
CA GLY A 89 10.10 18.71 -53.18
C GLY A 89 11.50 18.14 -53.02
N ALA A 90 11.61 17.13 -52.15
CA ALA A 90 12.89 16.50 -51.85
C ALA A 90 12.67 15.36 -50.88
N GLN A 91 13.63 14.44 -50.85
CA GLN A 91 13.79 13.51 -49.74
C GLN A 91 14.49 14.27 -48.61
N SER A 92 13.75 14.60 -47.56
CA SER A 92 14.19 15.63 -46.62
C SER A 92 14.76 15.12 -45.31
N HIS A 93 14.74 13.80 -45.04
CA HIS A 93 15.20 13.29 -43.75
C HIS A 93 16.69 12.95 -43.77
N VAL A 94 17.48 13.66 -42.97
CA VAL A 94 18.95 13.48 -42.97
C VAL A 94 19.32 12.05 -42.62
N LYS A 95 18.67 11.46 -41.62
CA LYS A 95 19.06 10.10 -41.21
C LYS A 95 18.78 9.10 -42.30
N ILE A 96 17.55 9.09 -42.84
CA ILE A 96 17.23 8.18 -43.92
C ILE A 96 18.18 8.32 -45.10
N SER A 97 18.84 9.47 -45.27
CA SER A 97 19.70 9.66 -46.42
C SER A 97 20.94 8.79 -46.36
N PHE A 98 21.38 8.40 -45.16
CA PHE A 98 22.57 7.55 -45.05
C PHE A 98 22.36 6.16 -45.66
N ASP A 99 21.17 5.61 -45.58
CA ASP A 99 20.84 4.32 -46.16
C ASP A 99 20.07 4.44 -47.47
N LEU A 100 19.90 5.66 -47.99
CA LEU A 100 19.15 5.99 -49.20
C LEU A 100 19.88 7.06 -49.97
N ALA A 101 21.21 6.96 -50.03
CA ALA A 101 22.02 8.06 -50.55
C ALA A 101 21.83 8.26 -52.04
N GLU A 102 21.63 7.17 -52.79
CA GLU A 102 21.51 7.26 -54.24
C GLU A 102 20.22 7.96 -54.65
N TYR A 103 19.06 7.45 -54.18
CA TYR A 103 17.79 8.10 -54.43
C TYR A 103 17.81 9.55 -53.96
N THR A 104 18.45 9.82 -52.80
CA THR A 104 18.51 11.18 -52.29
C THR A 104 19.32 12.10 -53.20
N ALA A 105 20.40 11.57 -53.79
CA ALA A 105 21.15 12.35 -54.77
C ALA A 105 20.32 12.61 -56.03
N ASP A 106 19.63 11.57 -56.53
CA ASP A 106 18.88 11.71 -57.77
C ASP A 106 17.78 12.75 -57.66
N VAL A 107 17.14 12.84 -56.50
CA VAL A 107 16.01 13.74 -56.29
C VAL A 107 16.48 15.10 -55.81
N ASP A 108 17.31 15.15 -54.77
CA ASP A 108 17.61 16.45 -54.19
C ASP A 108 18.65 17.19 -55.01
N GLY A 109 19.60 16.45 -55.59
CA GLY A 109 20.66 17.03 -56.40
C GLY A 109 20.23 17.17 -57.83
N VAL A 110 20.15 16.05 -58.55
CA VAL A 110 19.85 16.09 -59.98
C VAL A 110 18.44 16.64 -60.24
N GLY A 111 17.50 16.40 -59.31
CA GLY A 111 16.15 16.90 -59.50
C GLY A 111 16.09 18.41 -59.62
N THR A 112 16.93 19.12 -58.87
CA THR A 112 16.96 20.57 -59.02
C THR A 112 17.41 20.96 -60.42
N LEU A 113 18.43 20.26 -60.95
CA LEU A 113 18.90 20.52 -62.31
C LEU A 113 17.81 20.23 -63.34
N ARG A 114 17.12 19.08 -63.20
CA ARG A 114 16.07 18.76 -64.16
C ARG A 114 15.04 19.88 -64.25
N LEU A 115 14.70 20.49 -63.11
CA LEU A 115 13.66 21.51 -63.12
C LEU A 115 14.17 22.79 -63.78
N LEU A 116 15.39 23.22 -63.45
CA LEU A 116 15.98 24.37 -64.13
C LEU A 116 16.07 24.13 -65.64
N ASP A 117 16.56 22.95 -66.04
CA ASP A 117 16.60 22.62 -67.46
C ASP A 117 15.22 22.76 -68.10
N ALA A 118 14.16 22.32 -67.42
CA ALA A 118 12.83 22.44 -68.01
C ALA A 118 12.45 23.91 -68.24
N VAL A 119 12.82 24.79 -67.30
CA VAL A 119 12.54 26.21 -67.51
C VAL A 119 13.23 26.73 -68.76
N LYS A 120 14.48 26.30 -68.99
CA LYS A 120 15.19 26.76 -70.18
C LYS A 120 14.60 26.11 -71.44
N THR A 121 14.18 24.85 -71.34
CA THR A 121 13.65 24.18 -72.51
C THR A 121 12.31 24.77 -72.98
N CYS A 122 11.50 25.27 -72.05
CA CYS A 122 10.23 25.89 -72.40
C CYS A 122 10.39 27.35 -72.80
N GLY A 123 11.59 27.91 -72.68
CA GLY A 123 11.81 29.29 -73.07
C GLY A 123 11.37 30.32 -72.07
N LEU A 124 11.27 29.96 -70.79
CA LEU A 124 10.79 30.88 -69.76
C LEU A 124 11.92 31.50 -68.95
N ILE A 125 13.16 31.38 -69.43
CA ILE A 125 14.33 31.84 -68.68
C ILE A 125 14.13 33.28 -68.19
N ASN A 126 13.57 34.13 -69.04
CA ASN A 126 13.48 35.57 -68.75
C ASN A 126 12.17 35.99 -68.12
N SER A 127 11.22 35.08 -67.92
CA SER A 127 9.87 35.43 -67.45
C SER A 127 9.44 34.67 -66.19
N VAL A 128 10.36 33.93 -65.55
CA VAL A 128 10.02 33.13 -64.38
C VAL A 128 10.96 33.51 -63.25
N LYS A 129 10.49 33.30 -62.02
CA LYS A 129 11.26 33.53 -60.80
C LYS A 129 11.27 32.25 -60.00
N PHE A 130 12.47 31.80 -59.62
CA PHE A 130 12.69 30.43 -59.15
C PHE A 130 13.27 30.46 -57.75
N TYR A 131 12.56 29.84 -56.80
CA TYR A 131 13.01 29.71 -55.42
C TYR A 131 13.51 28.29 -55.17
N GLN A 132 14.75 28.17 -54.69
CA GLN A 132 15.32 26.90 -54.24
C GLN A 132 15.30 26.82 -52.72
N ALA A 133 14.87 25.67 -52.20
CA ALA A 133 14.80 25.42 -50.76
C ALA A 133 16.15 24.90 -50.29
N SER A 134 17.05 25.81 -49.95
CA SER A 134 18.31 25.41 -49.36
C SER A 134 18.13 25.25 -47.85
N THR A 135 19.22 25.00 -47.15
CA THR A 135 19.09 24.46 -45.81
C THR A 135 20.35 24.73 -45.02
N ASP A 136 20.20 24.84 -43.70
CA ASP A 136 21.36 25.04 -42.85
C ASP A 136 22.27 23.81 -42.83
N GLU A 137 21.80 22.68 -43.35
CA GLU A 137 22.63 21.50 -43.45
C GLU A 137 23.87 21.72 -44.31
N LEU A 138 23.89 22.79 -45.12
CA LEU A 138 25.09 23.19 -45.85
C LEU A 138 26.23 23.56 -44.91
N TYR A 139 25.92 24.05 -43.72
CA TYR A 139 26.98 24.46 -42.83
C TYR A 139 27.58 23.28 -42.07
N GLY A 140 26.84 22.17 -41.93
CA GLY A 140 27.30 20.97 -41.26
C GLY A 140 28.23 21.21 -40.08
N LYS A 141 29.50 20.81 -40.25
CA LYS A 141 30.54 21.15 -39.27
C LYS A 141 30.83 22.64 -39.38
N VAL A 142 30.14 23.44 -38.55
CA VAL A 142 30.10 24.88 -38.77
C VAL A 142 31.50 25.49 -38.72
N GLN A 143 31.77 26.38 -39.67
CA GLN A 143 33.04 27.08 -39.80
C GLN A 143 33.03 28.48 -39.18
N GLU A 144 31.87 28.98 -38.75
CA GLU A 144 31.76 30.23 -38.00
C GLU A 144 30.55 30.12 -37.10
N ILE A 145 30.53 30.93 -36.02
CA ILE A 145 29.40 31.00 -35.11
C ILE A 145 29.08 32.46 -34.82
N PRO A 146 27.90 32.98 -35.21
CA PRO A 146 26.84 32.23 -35.91
C PRO A 146 27.12 32.03 -37.39
N GLN A 147 26.19 31.48 -38.13
CA GLN A 147 26.40 31.25 -39.56
C GLN A 147 25.63 32.32 -40.34
N LYS A 148 26.29 32.91 -41.35
CA LYS A 148 25.68 33.89 -42.23
C LYS A 148 25.91 33.48 -43.68
N GLU A 149 25.46 34.34 -44.61
CA GLU A 149 25.47 33.97 -46.02
C GLU A 149 26.89 33.69 -46.51
N THR A 150 27.90 34.29 -45.91
CA THR A 150 29.27 34.17 -46.39
C THR A 150 30.07 33.09 -45.66
N THR A 151 29.42 32.28 -44.81
CA THR A 151 30.16 31.25 -44.08
C THR A 151 30.45 30.05 -44.98
N PRO A 152 31.67 29.54 -44.96
CA PRO A 152 32.00 28.40 -45.82
C PRO A 152 31.19 27.16 -45.47
N PHE A 153 30.77 26.43 -46.51
CA PHE A 153 30.00 25.22 -46.34
C PHE A 153 30.91 24.03 -46.01
N TYR A 154 30.28 22.98 -45.44
CA TYR A 154 30.95 21.76 -44.97
C TYR A 154 29.87 20.73 -44.62
N PRO A 155 29.18 20.18 -45.60
CA PRO A 155 28.07 19.27 -45.31
C PRO A 155 28.54 18.01 -44.59
N ARG A 156 27.58 17.30 -43.96
CA ARG A 156 27.90 16.16 -43.11
C ARG A 156 27.05 14.93 -43.41
N SER A 157 26.44 14.82 -44.58
CA SER A 157 25.61 13.65 -44.88
C SER A 157 25.34 13.59 -46.37
N PRO A 158 24.85 12.46 -46.87
CA PRO A 158 24.41 12.39 -48.27
C PRO A 158 23.35 13.42 -48.60
N TYR A 159 22.53 13.80 -47.62
CA TYR A 159 21.55 14.87 -47.83
C TYR A 159 22.25 16.22 -47.96
N GLY A 160 23.22 16.49 -47.09
CA GLY A 160 23.98 17.73 -47.23
C GLY A 160 24.65 17.87 -48.58
N ALA A 161 25.30 16.80 -49.05
CA ALA A 161 26.02 16.87 -50.32
C ALA A 161 25.08 17.12 -51.48
N ALA A 162 23.90 16.48 -51.48
CA ALA A 162 22.96 16.71 -52.58
C ALA A 162 22.49 18.16 -52.62
N LYS A 163 22.19 18.73 -51.45
CA LYS A 163 21.72 20.10 -51.40
C LYS A 163 22.83 21.08 -51.77
N LEU A 164 24.07 20.77 -51.39
CA LEU A 164 25.19 21.61 -51.79
C LEU A 164 25.31 21.65 -53.30
N TYR A 165 25.12 20.50 -53.95
CA TYR A 165 25.04 20.49 -55.41
C TYR A 165 23.90 21.36 -55.90
N ALA A 166 22.73 21.25 -55.26
CA ALA A 166 21.56 21.99 -55.72
C ALA A 166 21.75 23.49 -55.52
N TYR A 167 22.42 23.89 -54.46
CA TYR A 167 22.72 25.30 -54.26
C TYR A 167 23.52 25.88 -55.42
N TRP A 168 24.57 25.18 -55.87
CA TRP A 168 25.50 25.77 -56.82
C TRP A 168 24.99 25.69 -58.25
N ILE A 169 24.24 24.64 -58.60
CA ILE A 169 23.59 24.59 -59.90
C ILE A 169 22.58 25.73 -60.02
N VAL A 170 21.97 26.15 -58.91
CA VAL A 170 21.07 27.29 -58.98
C VAL A 170 21.85 28.58 -59.19
N VAL A 171 22.94 28.76 -58.43
CA VAL A 171 23.79 29.92 -58.65
C VAL A 171 24.29 29.95 -60.08
N ASN A 172 24.65 28.79 -60.64
CA ASN A 172 25.18 28.78 -61.99
C ASN A 172 24.13 29.24 -63.00
N PHE A 173 22.88 28.83 -62.83
CA PHE A 173 21.84 29.28 -63.76
C PHE A 173 21.62 30.78 -63.66
N ARG A 174 21.69 31.34 -62.44
CA ARG A 174 21.50 32.79 -62.30
C ARG A 174 22.64 33.55 -62.97
N GLU A 175 23.87 33.10 -62.76
CA GLU A 175 25.00 33.84 -63.29
C GLU A 175 25.16 33.66 -64.80
N ALA A 176 24.79 32.50 -65.34
CA ALA A 176 25.06 32.20 -66.75
C ALA A 176 23.92 32.55 -67.69
N TYR A 177 22.67 32.57 -67.24
CA TYR A 177 21.56 32.90 -68.12
C TYR A 177 20.71 34.04 -67.58
N ASN A 178 21.11 34.63 -66.47
CA ASN A 178 20.36 35.72 -65.86
C ASN A 178 18.98 35.28 -65.42
N LEU A 179 18.87 34.03 -65.03
CA LEU A 179 17.62 33.55 -64.44
C LEU A 179 17.45 34.16 -63.05
N PHE A 180 16.32 34.81 -62.81
CA PHE A 180 15.99 35.25 -61.45
C PHE A 180 15.77 34.01 -60.58
N ALA A 181 16.82 33.57 -59.88
CA ALA A 181 16.79 32.34 -59.08
C ALA A 181 17.52 32.58 -57.78
N VAL A 182 16.92 32.18 -56.66
CA VAL A 182 17.49 32.42 -55.33
C VAL A 182 17.55 31.14 -54.52
N ASN A 183 18.50 31.11 -53.57
CA ASN A 183 18.59 30.08 -52.55
C ASN A 183 18.08 30.62 -51.24
N GLY A 184 17.01 30.02 -50.72
CA GLY A 184 16.61 30.27 -49.34
C GLY A 184 17.35 29.32 -48.42
N ILE A 185 18.28 29.86 -47.63
CA ILE A 185 19.07 29.03 -46.70
C ILE A 185 18.31 29.07 -45.37
N LEU A 186 17.24 28.26 -45.29
CA LEU A 186 16.39 28.26 -44.09
C LEU A 186 16.87 27.27 -43.05
N PHE A 187 16.88 27.70 -41.80
CA PHE A 187 17.15 26.82 -40.66
C PHE A 187 15.87 26.10 -40.23
N ASN A 188 16.01 25.15 -39.31
CA ASN A 188 14.91 24.28 -38.91
C ASN A 188 13.62 25.05 -38.69
N HIS A 189 12.54 24.56 -39.29
CA HIS A 189 11.21 25.11 -39.01
C HIS A 189 10.23 23.97 -38.78
N GLU A 190 9.49 24.06 -37.68
CA GLU A 190 8.58 23.02 -37.20
C GLU A 190 7.16 23.58 -37.15
N SER A 191 6.20 22.71 -36.82
CA SER A 191 4.78 23.03 -36.80
C SER A 191 3.96 21.78 -36.49
N PRO A 192 2.66 21.94 -36.19
CA PRO A 192 1.81 20.75 -36.00
C PRO A 192 1.67 19.88 -37.23
N ARG A 193 2.16 20.32 -38.39
CA ARG A 193 2.18 19.48 -39.58
C ARG A 193 3.55 18.89 -39.86
N ARG A 194 4.51 19.09 -38.95
CA ARG A 194 5.86 18.56 -39.13
C ARG A 194 5.83 17.04 -39.15
N GLY A 195 6.64 16.45 -40.04
CA GLY A 195 6.64 15.00 -40.19
C GLY A 195 6.88 14.31 -38.86
N ALA A 196 6.25 13.15 -38.69
CA ALA A 196 6.30 12.45 -37.40
C ALA A 196 7.70 11.97 -37.05
N ASN A 197 8.57 11.87 -38.04
CA ASN A 197 9.91 11.32 -37.98
C ASN A 197 10.99 12.27 -37.50
N PHE A 198 10.67 13.55 -37.36
CA PHE A 198 11.64 14.55 -36.95
C PHE A 198 11.54 14.74 -35.44
N VAL A 199 12.65 15.15 -34.83
CA VAL A 199 12.77 15.03 -33.37
C VAL A 199 11.71 15.86 -32.66
N THR A 200 11.33 17.01 -33.23
CA THR A 200 10.39 17.85 -32.49
C THR A 200 8.99 17.24 -32.49
N ARG A 201 8.53 16.73 -33.63
CA ARG A 201 7.22 16.09 -33.69
C ARG A 201 7.22 14.71 -33.05
N LYS A 202 8.34 13.98 -33.12
CA LYS A 202 8.45 12.73 -32.38
C LYS A 202 8.24 12.96 -30.90
N ILE A 203 8.85 14.02 -30.37
CA ILE A 203 8.68 14.31 -28.95
C ILE A 203 7.25 14.75 -28.64
N SER A 204 6.73 15.72 -29.40
CA SER A 204 5.41 16.25 -29.07
C SER A 204 4.33 15.18 -29.16
N ARG A 205 4.38 14.31 -30.18
CA ARG A 205 3.39 13.23 -30.25
C ARG A 205 3.55 12.27 -29.07
N SER A 206 4.80 11.93 -28.73
CA SER A 206 5.03 10.96 -27.66
C SER A 206 4.57 11.51 -26.31
N VAL A 207 5.01 12.72 -25.98
CA VAL A 207 4.56 13.32 -24.72
C VAL A 207 3.04 13.38 -24.67
N ALA A 208 2.40 13.70 -25.80
CA ALA A 208 0.95 13.82 -25.82
C ALA A 208 0.27 12.50 -25.48
N LYS A 209 0.68 11.41 -26.13
CA LYS A 209 0.07 10.11 -25.86
C LYS A 209 0.38 9.63 -24.44
N ILE A 210 1.52 10.02 -23.87
CA ILE A 210 1.79 9.65 -22.48
C ILE A 210 0.77 10.32 -21.57
N TYR A 211 0.51 11.60 -21.79
CA TYR A 211 -0.44 12.33 -20.96
C TYR A 211 -1.84 11.75 -21.06
N LEU A 212 -2.16 11.05 -22.14
CA LEU A 212 -3.48 10.46 -22.32
C LEU A 212 -3.53 8.97 -22.02
N GLY A 213 -2.45 8.40 -21.50
CA GLY A 213 -2.44 6.98 -21.18
C GLY A 213 -2.35 6.05 -22.36
N GLN A 214 -1.87 6.55 -23.50
CA GLN A 214 -1.72 5.74 -24.72
C GLN A 214 -0.29 5.30 -24.96
N LEU A 215 0.64 5.68 -24.10
CA LEU A 215 2.03 5.34 -24.32
C LEU A 215 2.78 5.57 -23.03
N GLU A 216 3.84 4.80 -22.82
CA GLU A 216 4.66 4.92 -21.61
C GLU A 216 6.09 5.34 -21.87
N CYS A 217 6.72 4.94 -22.98
CA CYS A 217 8.12 5.26 -23.19
C CYS A 217 8.44 5.38 -24.68
N PHE A 218 9.37 6.28 -25.01
CA PHE A 218 9.87 6.41 -26.38
C PHE A 218 11.36 6.68 -26.37
N SER A 219 12.00 6.42 -27.53
CA SER A 219 13.46 6.38 -27.64
C SER A 219 13.98 7.43 -28.60
N LEU A 220 15.07 8.08 -28.20
CA LEU A 220 15.76 9.11 -28.98
C LEU A 220 17.23 8.72 -29.16
N GLY A 221 17.95 9.56 -29.89
CA GLY A 221 19.37 9.40 -30.11
C GLY A 221 20.22 10.37 -29.32
N ASN A 222 20.93 11.24 -30.04
CA ASN A 222 21.89 12.17 -29.44
C ASN A 222 21.12 13.31 -28.77
N LEU A 223 21.09 13.32 -27.44
CA LEU A 223 20.31 14.32 -26.73
C LEU A 223 20.98 15.69 -26.75
N ASP A 224 22.29 15.74 -26.99
CA ASP A 224 23.09 16.93 -26.76
C ASP A 224 23.27 17.79 -28.01
N ALA A 225 22.60 17.45 -29.12
CA ALA A 225 22.63 18.32 -30.30
C ALA A 225 21.84 19.60 -30.04
N LYS A 226 22.29 20.70 -30.65
CA LYS A 226 21.65 22.01 -30.49
C LYS A 226 21.19 22.55 -31.84
N ARG A 227 19.94 23.01 -31.90
CA ARG A 227 19.29 23.47 -33.13
C ARG A 227 18.69 24.86 -32.95
N ASP A 228 18.56 25.57 -34.07
CA ASP A 228 17.84 26.84 -34.16
C ASP A 228 16.46 26.53 -34.74
N TRP A 229 15.42 26.61 -33.89
CA TRP A 229 14.06 26.21 -34.26
C TRP A 229 13.15 27.43 -34.43
N GLY A 230 12.51 27.51 -35.60
CA GLY A 230 11.53 28.54 -35.93
C GLY A 230 10.22 27.90 -36.36
N HIS A 231 9.23 28.69 -36.78
CA HIS A 231 7.94 28.12 -37.12
C HIS A 231 7.73 28.15 -38.62
N ALA A 232 7.35 27.01 -39.20
CA ALA A 232 7.27 26.94 -40.65
C ALA A 232 6.28 27.94 -41.22
N LYS A 233 5.25 28.33 -40.46
CA LYS A 233 4.28 29.27 -41.03
C LYS A 233 4.87 30.66 -41.20
N ASP A 234 5.92 31.00 -40.45
CA ASP A 234 6.64 32.25 -40.68
C ASP A 234 7.54 32.16 -41.90
N TYR A 235 8.24 31.04 -42.06
CA TYR A 235 9.31 30.95 -43.04
C TYR A 235 8.78 30.86 -44.47
N VAL A 236 7.57 30.32 -44.68
CA VAL A 236 7.03 30.31 -46.04
C VAL A 236 6.97 31.74 -46.57
N GLU A 237 6.57 32.67 -45.72
CA GLU A 237 6.41 34.06 -46.13
C GLU A 237 7.74 34.64 -46.59
N ALA A 238 8.84 34.23 -45.95
CA ALA A 238 10.15 34.73 -46.35
C ALA A 238 10.52 34.25 -47.74
N MET A 239 10.03 33.06 -48.13
CA MET A 239 10.24 32.57 -49.49
C MET A 239 9.59 33.51 -50.50
N TRP A 240 8.34 33.89 -50.26
CA TRP A 240 7.65 34.84 -51.13
C TRP A 240 8.36 36.20 -51.16
N LEU A 241 8.78 36.70 -50.00
CA LEU A 241 9.50 37.97 -49.98
C LEU A 241 10.72 37.94 -50.87
N MET A 242 11.45 36.82 -50.88
CA MET A 242 12.68 36.75 -51.65
C MET A 242 12.44 36.94 -53.14
N LEU A 243 11.29 36.49 -53.66
CA LEU A 243 10.99 36.67 -55.08
C LEU A 243 10.33 38.02 -55.39
N GLN A 244 9.93 38.78 -54.37
CA GLN A 244 9.50 40.15 -54.58
C GLN A 244 10.66 41.15 -54.56
N ASN A 245 11.85 40.71 -54.17
CA ASN A 245 13.03 41.57 -54.16
C ASN A 245 13.34 42.04 -55.58
N ASP A 246 14.07 43.15 -55.68
CA ASP A 246 14.42 43.68 -56.99
C ASP A 246 15.60 42.97 -57.63
N GLU A 247 16.53 42.46 -56.82
CA GLU A 247 17.65 41.67 -57.31
C GLU A 247 17.59 40.26 -56.73
N PRO A 248 17.86 39.22 -57.53
CA PRO A 248 17.89 37.85 -56.97
C PRO A 248 19.11 37.63 -56.08
N GLU A 249 18.90 37.51 -54.77
CA GLU A 249 19.96 37.34 -53.79
C GLU A 249 19.68 36.08 -52.97
N ASP A 250 20.71 35.62 -52.24
CA ASP A 250 20.53 34.51 -51.32
C ASP A 250 20.43 35.05 -49.89
N PHE A 251 19.63 34.36 -49.06
CA PHE A 251 19.32 34.81 -47.70
C PHE A 251 19.33 33.66 -46.71
N VAL A 252 19.77 33.95 -45.50
CA VAL A 252 19.60 33.05 -44.37
C VAL A 252 18.33 33.43 -43.61
N ILE A 253 17.55 32.43 -43.22
CA ILE A 253 16.33 32.63 -42.43
C ILE A 253 16.41 31.74 -41.19
N ALA A 254 16.36 32.37 -40.01
CA ALA A 254 16.61 31.67 -38.76
C ALA A 254 16.09 32.52 -37.60
N THR A 255 16.15 31.99 -36.38
CA THR A 255 15.71 32.76 -35.23
C THR A 255 16.85 33.38 -34.44
N GLY A 256 18.04 32.78 -34.50
CA GLY A 256 19.17 33.24 -33.73
C GLY A 256 19.26 32.67 -32.34
N GLU A 257 18.24 31.94 -31.89
CA GLU A 257 18.25 31.27 -30.59
C GLU A 257 18.65 29.80 -30.75
N VAL A 258 19.40 29.29 -29.77
CA VAL A 258 19.88 27.90 -29.78
C VAL A 258 19.29 27.16 -28.59
N HIS A 259 18.97 25.88 -28.80
CA HIS A 259 18.46 25.02 -27.74
C HIS A 259 18.85 23.58 -28.06
N SER A 260 18.94 22.77 -27.01
CA SER A 260 19.28 21.36 -27.17
C SER A 260 18.04 20.50 -27.36
N VAL A 261 18.25 19.34 -27.99
CA VAL A 261 17.23 18.30 -28.02
C VAL A 261 16.81 17.96 -26.60
N ARG A 262 17.77 18.00 -25.67
CA ARG A 262 17.45 17.74 -24.27
C ARG A 262 16.42 18.74 -23.75
N GLU A 263 16.69 20.04 -23.92
CA GLU A 263 15.75 21.06 -23.45
C GLU A 263 14.38 20.85 -24.08
N PHE A 264 14.34 20.49 -25.36
CA PHE A 264 13.05 20.35 -26.02
C PHE A 264 12.23 19.24 -25.39
N VAL A 265 12.90 18.18 -24.93
CA VAL A 265 12.17 17.12 -24.22
C VAL A 265 11.66 17.64 -22.90
N GLU A 266 12.48 18.41 -22.18
CA GLU A 266 12.11 18.89 -20.86
C GLU A 266 10.90 19.82 -20.93
N LYS A 267 10.97 20.84 -21.78
CA LYS A 267 9.85 21.78 -21.91
C LYS A 267 8.58 21.07 -22.33
N SER A 268 8.67 20.14 -23.29
CA SER A 268 7.49 19.42 -23.72
C SER A 268 6.84 18.69 -22.56
N PHE A 269 7.61 17.91 -21.81
CA PHE A 269 7.03 17.21 -20.67
C PHE A 269 6.48 18.18 -19.64
N LEU A 270 7.12 19.34 -19.49
CA LEU A 270 6.63 20.31 -18.53
C LEU A 270 5.18 20.69 -18.81
N HIS A 271 4.80 20.73 -20.08
CA HIS A 271 3.44 21.14 -20.44
C HIS A 271 2.40 20.07 -20.20
N ILE A 272 2.79 18.92 -19.65
CA ILE A 272 1.84 17.92 -19.18
C ILE A 272 1.98 17.71 -17.67
N GLY A 273 2.79 18.54 -17.00
CA GLY A 273 2.92 18.48 -15.56
C GLY A 273 4.08 17.68 -15.02
N LYS A 274 4.93 17.14 -15.89
CA LYS A 274 6.00 16.24 -15.50
C LYS A 274 7.35 16.92 -15.64
N THR A 275 8.23 16.68 -14.66
CA THR A 275 9.57 17.24 -14.62
C THR A 275 10.59 16.13 -14.83
N ILE A 276 11.39 16.24 -15.87
CA ILE A 276 12.30 15.16 -16.25
C ILE A 276 13.64 15.39 -15.57
N VAL A 277 14.21 14.32 -15.02
CA VAL A 277 15.53 14.33 -14.41
C VAL A 277 16.32 13.17 -14.98
N TRP A 278 17.55 13.44 -15.41
CA TRP A 278 18.28 12.45 -16.19
C TRP A 278 19.19 11.61 -15.28
N GLU A 279 19.38 10.36 -15.70
CA GLU A 279 20.21 9.38 -15.00
C GLU A 279 20.96 8.55 -16.03
N GLY A 280 22.20 8.22 -15.73
CA GLY A 280 23.00 7.39 -16.62
C GLY A 280 23.73 8.21 -17.66
N LYS A 281 24.51 7.51 -18.48
CA LYS A 281 25.40 8.13 -19.46
C LYS A 281 25.25 7.49 -20.83
N ASN A 282 25.34 8.32 -21.87
CA ASN A 282 25.46 7.86 -23.27
C ASN A 282 24.23 7.02 -23.62
N GLU A 283 24.41 5.83 -24.20
CA GLU A 283 23.26 5.05 -24.65
C GLU A 283 22.52 4.38 -23.51
N ASN A 284 23.03 4.50 -22.28
CA ASN A 284 22.33 4.03 -21.09
C ASN A 284 21.63 5.15 -20.36
N GLU A 285 21.68 6.37 -20.88
CA GLU A 285 20.97 7.47 -20.26
C GLU A 285 19.45 7.24 -20.37
N VAL A 286 18.72 7.65 -19.32
CA VAL A 286 17.27 7.59 -19.29
C VAL A 286 16.69 8.86 -18.67
N GLY A 287 15.42 9.11 -18.97
CA GLY A 287 14.69 10.24 -18.42
C GLY A 287 13.52 9.79 -17.57
N ARG A 288 13.57 10.13 -16.28
CA ARG A 288 12.56 9.72 -15.31
C ARG A 288 11.75 10.92 -14.85
N CYS A 289 10.45 10.71 -14.64
CA CYS A 289 9.58 11.78 -14.16
C CYS A 289 9.77 11.96 -12.65
N LYS A 290 10.19 13.16 -12.24
CA LYS A 290 10.48 13.42 -10.85
C LYS A 290 9.28 13.11 -9.95
N GLU A 291 8.06 13.32 -10.45
CA GLU A 291 6.88 13.21 -9.58
C GLU A 291 6.40 11.78 -9.43
N THR A 292 6.47 10.96 -10.49
CA THR A 292 5.93 9.60 -10.45
C THR A 292 7.00 8.51 -10.36
N GLY A 293 8.27 8.83 -10.61
CA GLY A 293 9.30 7.82 -10.72
C GLY A 293 9.22 6.93 -11.94
N LYS A 294 8.31 7.20 -12.88
CA LYS A 294 8.19 6.40 -14.10
C LYS A 294 9.22 6.85 -15.14
N VAL A 295 9.83 5.89 -15.82
CA VAL A 295 10.76 6.20 -16.89
C VAL A 295 9.97 6.35 -18.19
N HIS A 296 10.21 7.45 -18.91
CA HIS A 296 9.49 7.75 -20.15
C HIS A 296 10.39 7.95 -21.36
N VAL A 297 11.70 8.15 -21.18
CA VAL A 297 12.61 8.40 -22.29
C VAL A 297 13.86 7.52 -22.13
N THR A 298 14.21 6.79 -23.19
CA THR A 298 15.45 6.02 -23.24
C THR A 298 16.20 6.38 -24.52
N VAL A 299 17.47 5.99 -24.56
CA VAL A 299 18.36 6.33 -25.67
C VAL A 299 18.69 5.04 -26.40
N ASP A 300 18.83 5.14 -27.73
CA ASP A 300 19.21 4.00 -28.54
C ASP A 300 20.13 4.48 -29.66
N LEU A 301 21.25 3.79 -29.85
CA LEU A 301 22.23 4.16 -30.86
C LEU A 301 21.68 4.09 -32.28
N LYS A 302 20.55 3.42 -32.51
CA LYS A 302 20.10 3.37 -33.89
C LYS A 302 19.46 4.68 -34.36
N TYR A 303 19.36 5.70 -33.50
CA TYR A 303 18.91 7.03 -33.90
C TYR A 303 20.05 8.04 -33.96
N TYR A 304 21.29 7.58 -33.79
CA TYR A 304 22.45 8.44 -33.95
C TYR A 304 22.80 8.56 -35.43
N ARG A 305 23.67 9.51 -35.74
CA ARG A 305 24.06 9.57 -37.14
C ARG A 305 25.57 9.40 -37.27
N PRO A 306 26.03 8.67 -38.28
CA PRO A 306 27.47 8.42 -38.42
C PRO A 306 28.31 9.69 -38.35
N THR A 307 27.81 10.81 -38.84
CA THR A 307 28.50 12.09 -38.75
C THR A 307 27.45 13.11 -38.38
N GLU A 308 27.58 13.72 -37.21
CA GLU A 308 26.51 14.56 -36.70
C GLU A 308 26.78 16.02 -37.00
N VAL A 309 25.70 16.79 -37.04
CA VAL A 309 25.76 18.24 -37.02
C VAL A 309 25.49 18.64 -35.58
N ASP A 310 26.50 19.15 -34.89
CA ASP A 310 26.44 19.37 -33.44
C ASP A 310 25.79 20.70 -33.04
N PHE A 311 26.08 21.80 -33.73
CA PHE A 311 25.65 23.11 -33.26
C PHE A 311 25.28 23.97 -34.47
N LEU A 312 24.11 24.61 -34.41
CA LEU A 312 23.58 25.45 -35.50
C LEU A 312 22.93 26.71 -34.95
N GLN A 313 23.28 27.86 -35.52
CA GLN A 313 22.70 29.12 -35.08
C GLN A 313 22.78 30.12 -36.22
N GLY A 314 21.62 30.57 -36.69
CA GLY A 314 21.57 31.45 -37.87
C GLY A 314 21.61 32.94 -37.53
N ASP A 315 22.17 33.71 -38.44
CA ASP A 315 22.23 35.17 -38.35
C ASP A 315 21.52 35.75 -39.56
N CYS A 316 20.26 36.17 -39.41
CA CYS A 316 19.53 36.68 -40.58
C CYS A 316 19.52 38.20 -40.65
N THR A 317 20.65 38.84 -40.34
CA THR A 317 20.74 40.29 -40.44
C THR A 317 20.42 40.78 -41.85
N LYS A 318 20.98 40.10 -42.87
CA LYS A 318 20.73 40.51 -44.24
C LYS A 318 19.24 40.47 -44.58
N ALA A 319 18.55 39.43 -44.11
CA ALA A 319 17.13 39.32 -44.45
C ALA A 319 16.33 40.39 -43.71
N LYS A 320 16.70 40.69 -42.46
CA LYS A 320 15.99 41.71 -41.71
C LYS A 320 16.09 43.06 -42.40
N GLN A 321 17.28 43.43 -42.86
CA GLN A 321 17.47 44.74 -43.46
C GLN A 321 16.83 44.83 -44.85
N LYS A 322 17.14 43.87 -45.73
CA LYS A 322 16.75 43.98 -47.13
C LYS A 322 15.32 43.50 -47.40
N LEU A 323 14.73 42.69 -46.52
CA LEU A 323 13.37 42.20 -46.72
C LEU A 323 12.39 42.65 -45.65
N ASN A 324 12.87 43.32 -44.60
CA ASN A 324 12.04 43.70 -43.46
C ASN A 324 11.29 42.50 -42.89
N TRP A 325 11.95 41.33 -42.91
CA TRP A 325 11.37 40.10 -42.39
C TRP A 325 11.93 39.81 -41.01
N LYS A 326 11.07 39.36 -40.11
CA LYS A 326 11.51 38.92 -38.79
C LYS A 326 10.62 37.77 -38.36
N PRO A 327 11.14 36.85 -37.55
CA PRO A 327 10.31 35.75 -37.03
C PRO A 327 9.34 36.22 -35.96
N ARG A 328 8.12 35.68 -36.01
CA ARG A 328 7.12 36.05 -35.01
C ARG A 328 6.95 35.01 -33.91
N VAL A 329 7.38 33.76 -34.11
CA VAL A 329 7.17 32.69 -33.15
C VAL A 329 8.51 32.25 -32.59
N ALA A 330 8.60 32.21 -31.25
CA ALA A 330 9.84 31.90 -30.56
C ALA A 330 9.82 30.45 -30.06
N PHE A 331 10.95 30.01 -29.53
CA PHE A 331 11.12 28.61 -29.14
C PHE A 331 10.02 28.13 -28.19
N ASP A 332 9.84 28.84 -27.06
CA ASP A 332 8.88 28.40 -26.04
C ASP A 332 7.49 28.25 -26.61
N GLU A 333 7.00 29.28 -27.30
CA GLU A 333 5.66 29.18 -27.89
C GLU A 333 5.56 28.02 -28.86
N LEU A 334 6.66 27.68 -29.53
CA LEU A 334 6.62 26.58 -30.49
C LEU A 334 6.34 25.26 -29.79
N VAL A 335 7.04 25.00 -28.70
CA VAL A 335 6.83 23.75 -27.96
C VAL A 335 5.41 23.69 -27.43
N ARG A 336 4.95 24.79 -26.83
CA ARG A 336 3.61 24.82 -26.26
C ARG A 336 2.57 24.49 -27.33
N GLU A 337 2.73 25.05 -28.52
CA GLU A 337 1.75 24.82 -29.60
C GLU A 337 1.75 23.37 -30.05
N MET A 338 2.94 22.81 -30.30
CA MET A 338 2.99 21.43 -30.79
C MET A 338 2.40 20.47 -29.76
N VAL A 339 2.82 20.56 -28.51
CA VAL A 339 2.33 19.63 -27.50
C VAL A 339 0.82 19.73 -27.40
N HIS A 340 0.32 20.96 -27.34
CA HIS A 340 -1.12 21.19 -27.23
C HIS A 340 -1.87 20.61 -28.42
N ALA A 341 -1.36 20.81 -29.64
CA ALA A 341 -2.04 20.33 -30.84
C ALA A 341 -2.07 18.81 -30.91
N ASP A 342 -0.99 18.15 -30.50
CA ASP A 342 -1.02 16.70 -30.57
C ASP A 342 -1.92 16.11 -29.47
N VAL A 343 -2.08 16.80 -28.35
CA VAL A 343 -3.07 16.34 -27.38
C VAL A 343 -4.45 16.32 -28.00
N GLU A 344 -4.88 17.46 -28.58
CA GLU A 344 -6.20 17.49 -29.19
C GLU A 344 -6.32 16.47 -30.32
N LEU A 345 -5.24 16.30 -31.10
CA LEU A 345 -5.20 15.28 -32.14
C LEU A 345 -5.46 13.89 -31.57
N MET A 346 -4.60 13.44 -30.63
CA MET A 346 -4.68 12.09 -30.11
C MET A 346 -5.89 11.88 -29.21
N ARG A 347 -6.44 12.93 -28.62
CA ARG A 347 -7.62 12.78 -27.77
C ARG A 347 -8.84 12.39 -28.59
N THR A 348 -9.00 12.99 -29.76
CA THR A 348 -10.15 12.69 -30.60
C THR A 348 -9.90 11.51 -31.54
N ASN A 349 -8.65 11.02 -31.64
CA ASN A 349 -8.31 9.89 -32.49
C ASN A 349 -6.98 9.28 -32.04
N PRO A 350 -7.02 8.14 -31.35
CA PRO A 350 -5.76 7.53 -30.86
C PRO A 350 -4.91 6.88 -31.93
N ASN A 351 -5.40 6.70 -33.16
CA ASN A 351 -4.57 6.18 -34.24
C ASN A 351 -3.74 7.26 -34.93
N ALA A 352 -4.08 8.53 -34.73
CA ALA A 352 -3.36 9.64 -35.33
C ALA A 352 -1.87 9.55 -35.01
N ARG B 3 12.34 -23.01 -42.08
CA ARG B 3 12.66 -21.57 -42.11
C ARG B 3 12.10 -20.80 -43.32
N ASN B 4 11.08 -19.95 -43.06
CA ASN B 4 10.31 -19.28 -44.11
C ASN B 4 10.29 -17.77 -43.88
N VAL B 5 11.06 -17.03 -44.69
CA VAL B 5 11.13 -15.57 -44.56
C VAL B 5 10.93 -14.93 -45.94
N ALA B 6 9.97 -14.00 -46.00
CA ALA B 6 9.50 -13.38 -47.24
C ALA B 6 9.95 -11.93 -47.32
N LEU B 7 10.43 -11.53 -48.49
CA LEU B 7 10.64 -10.12 -48.84
C LEU B 7 9.55 -9.70 -49.82
N ILE B 8 8.78 -8.68 -49.44
CA ILE B 8 7.68 -8.18 -50.25
C ILE B 8 7.98 -6.74 -50.66
N THR B 9 8.06 -6.48 -51.97
CA THR B 9 8.08 -5.11 -52.45
C THR B 9 6.64 -4.66 -52.70
N GLY B 10 6.38 -3.37 -52.46
CA GLY B 10 5.00 -2.87 -52.58
C GLY B 10 4.06 -3.41 -51.53
N ILE B 11 4.53 -3.53 -50.28
CA ILE B 11 3.74 -4.13 -49.22
C ILE B 11 2.65 -3.19 -48.72
N THR B 12 2.69 -1.92 -49.08
CA THR B 12 1.66 -1.01 -48.61
C THR B 12 0.42 -1.01 -49.50
N GLY B 13 0.51 -1.59 -50.69
CA GLY B 13 -0.61 -1.58 -51.60
C GLY B 13 -1.62 -2.66 -51.28
N GLN B 14 -2.65 -2.71 -52.12
CA GLN B 14 -3.70 -3.72 -51.98
C GLN B 14 -3.13 -5.13 -51.81
N ASP B 15 -2.56 -5.69 -52.88
CA ASP B 15 -2.17 -7.10 -52.80
C ASP B 15 -1.18 -7.35 -51.68
N GLY B 16 -0.19 -6.47 -51.51
CA GLY B 16 0.85 -6.73 -50.53
C GLY B 16 0.33 -6.85 -49.12
N SER B 17 -0.59 -5.96 -48.74
CA SER B 17 -1.16 -6.03 -47.38
C SER B 17 -1.85 -7.37 -47.15
N TYR B 18 -2.66 -7.83 -48.10
CA TYR B 18 -3.30 -9.13 -47.95
C TYR B 18 -2.28 -10.26 -47.99
N LEU B 19 -1.23 -10.11 -48.80
CA LEU B 19 -0.19 -11.12 -48.82
C LEU B 19 0.54 -11.18 -47.48
N ALA B 20 0.85 -10.02 -46.89
CA ALA B 20 1.47 -10.04 -45.58
C ALA B 20 0.61 -10.84 -44.59
N GLU B 21 -0.69 -10.55 -44.54
CA GLU B 21 -1.58 -11.26 -43.62
C GLU B 21 -1.52 -12.76 -43.85
N PHE B 22 -1.57 -13.17 -45.13
CA PHE B 22 -1.61 -14.59 -45.47
C PHE B 22 -0.34 -15.30 -45.00
N LEU B 23 0.84 -14.73 -45.29
CA LEU B 23 2.08 -15.39 -44.92
C LEU B 23 2.31 -15.36 -43.41
N LEU B 24 1.95 -14.25 -42.75
CA LEU B 24 2.15 -14.19 -41.30
C LEU B 24 1.32 -15.26 -40.59
N GLU B 25 0.11 -15.51 -41.09
CA GLU B 25 -0.74 -16.51 -40.47
C GLU B 25 -0.11 -17.90 -40.57
N LYS B 26 0.67 -18.16 -41.61
CA LYS B 26 1.33 -19.45 -41.77
C LYS B 26 2.66 -19.52 -41.03
N GLY B 27 2.99 -18.50 -40.24
CA GLY B 27 4.21 -18.51 -39.46
C GLY B 27 5.42 -17.95 -40.15
N TYR B 28 5.29 -17.45 -41.38
CA TYR B 28 6.40 -16.82 -42.06
C TYR B 28 6.90 -15.62 -41.27
N GLU B 29 8.16 -15.28 -41.51
CA GLU B 29 8.74 -14.01 -41.10
C GLU B 29 8.73 -13.09 -42.32
N VAL B 30 8.08 -11.93 -42.20
CA VAL B 30 7.73 -11.09 -43.34
C VAL B 30 8.51 -9.78 -43.27
N HIS B 31 9.19 -9.44 -44.37
CA HIS B 31 9.86 -8.15 -44.53
C HIS B 31 9.25 -7.42 -45.72
N GLY B 32 9.15 -6.10 -45.60
CA GLY B 32 8.60 -5.29 -46.67
C GLY B 32 9.46 -4.07 -46.92
N ILE B 33 9.40 -3.57 -48.16
CA ILE B 33 10.09 -2.35 -48.55
C ILE B 33 9.04 -1.26 -48.69
N VAL B 34 9.25 -0.14 -47.99
CA VAL B 34 8.33 0.99 -48.02
C VAL B 34 9.10 2.23 -48.44
N ARG B 35 8.43 3.10 -49.20
CA ARG B 35 9.01 4.34 -49.65
C ARG B 35 8.97 5.38 -48.54
N ARG B 36 10.02 6.19 -48.44
CA ARG B 36 9.98 7.39 -47.61
C ARG B 36 8.85 8.29 -48.11
N SER B 37 8.13 8.90 -47.16
CA SER B 37 6.97 9.73 -47.46
C SER B 37 6.91 10.90 -46.50
N SER B 38 6.37 12.03 -46.94
CA SER B 38 6.23 13.13 -46.01
C SER B 38 5.01 12.99 -45.11
N SER B 39 4.23 11.93 -45.28
CA SER B 39 3.06 11.60 -44.45
C SER B 39 3.09 10.11 -44.13
N PHE B 40 2.12 9.66 -43.35
CA PHE B 40 1.92 8.23 -43.16
C PHE B 40 1.47 7.61 -44.49
N ASN B 41 2.05 6.46 -44.84
CA ASN B 41 1.61 5.71 -46.02
C ASN B 41 1.49 4.22 -45.72
N THR B 42 1.25 3.84 -44.45
CA THR B 42 1.16 2.44 -44.07
C THR B 42 -0.23 2.06 -43.55
N GLY B 43 -1.25 2.82 -43.93
CA GLY B 43 -2.60 2.56 -43.44
C GLY B 43 -3.11 1.15 -43.68
N ARG B 44 -2.70 0.52 -44.78
CA ARG B 44 -3.28 -0.78 -45.10
C ARG B 44 -2.74 -1.90 -44.22
N ILE B 45 -1.55 -1.74 -43.65
CA ILE B 45 -0.91 -2.79 -42.88
C ILE B 45 -0.65 -2.38 -41.43
N GLU B 46 -1.06 -1.17 -41.06
CA GLU B 46 -0.87 -0.66 -39.70
C GLU B 46 -1.38 -1.65 -38.64
N HIS B 47 -2.51 -2.30 -38.87
CA HIS B 47 -3.06 -3.19 -37.84
C HIS B 47 -2.14 -4.37 -37.52
N LEU B 48 -1.13 -4.67 -38.34
CA LEU B 48 -0.32 -5.88 -38.14
C LEU B 48 0.81 -5.70 -37.13
N TYR B 49 1.24 -4.46 -36.87
CA TYR B 49 2.36 -4.19 -35.97
C TYR B 49 2.00 -3.19 -34.88
N LYS B 50 0.71 -2.84 -34.75
CA LYS B 50 0.24 -1.96 -33.69
C LYS B 50 -0.47 -2.76 -32.61
N ASN B 51 -1.67 -3.27 -32.87
CA ASN B 51 -2.39 -4.12 -31.92
C ASN B 51 -2.63 -5.50 -32.54
N PRO B 52 -1.59 -6.29 -32.73
CA PRO B 52 -1.72 -7.55 -33.44
C PRO B 52 -2.12 -8.70 -32.51
N GLN B 53 -2.47 -9.83 -33.11
CA GLN B 53 -2.78 -11.03 -32.37
C GLN B 53 -1.51 -11.59 -31.71
N ALA B 54 -1.70 -12.37 -30.64
CA ALA B 54 -0.55 -12.98 -29.98
C ALA B 54 0.25 -13.83 -30.96
N HIS B 55 -0.42 -14.47 -31.92
CA HIS B 55 0.27 -15.16 -32.99
C HIS B 55 0.74 -14.14 -34.01
N ILE B 56 2.04 -14.18 -34.32
CA ILE B 56 2.61 -13.26 -35.30
C ILE B 56 2.64 -11.84 -34.75
N GLU B 57 3.32 -11.65 -33.62
CA GLU B 57 3.46 -10.32 -33.05
C GLU B 57 4.72 -9.61 -33.55
N GLY B 58 5.87 -10.28 -33.46
CA GLY B 58 7.11 -9.67 -33.91
C GLY B 58 7.62 -10.23 -35.22
N ASN B 59 6.73 -10.59 -36.13
CA ASN B 59 7.08 -11.32 -37.34
C ASN B 59 7.09 -10.46 -38.61
N MET B 60 6.89 -9.15 -38.50
CA MET B 60 6.94 -8.27 -39.67
C MET B 60 7.90 -7.12 -39.41
N LYS B 61 8.81 -6.88 -40.36
CA LYS B 61 9.81 -5.81 -40.29
C LYS B 61 9.79 -5.03 -41.59
N LEU B 62 9.91 -3.70 -41.48
CA LEU B 62 9.86 -2.81 -42.64
C LEU B 62 11.20 -2.10 -42.86
N HIS B 63 11.54 -1.88 -44.13
CA HIS B 63 12.78 -1.23 -44.52
C HIS B 63 12.50 -0.13 -45.55
N TYR B 64 13.18 1.02 -45.41
CA TYR B 64 13.08 2.09 -46.39
C TYR B 64 13.82 1.71 -47.66
N GLY B 65 13.14 1.74 -48.79
CA GLY B 65 13.84 1.51 -50.03
C GLY B 65 13.04 2.04 -51.21
N ASP B 66 13.63 1.87 -52.39
CA ASP B 66 12.97 2.25 -53.64
C ASP B 66 13.54 1.39 -54.78
N LEU B 67 12.64 0.97 -55.68
CA LEU B 67 12.99 0.11 -56.80
C LEU B 67 13.87 0.79 -57.82
N THR B 68 14.22 2.05 -57.64
CA THR B 68 15.21 2.68 -58.50
C THR B 68 16.55 2.85 -57.81
N ASP B 69 16.69 2.41 -56.55
CA ASP B 69 17.91 2.59 -55.77
C ASP B 69 18.63 1.23 -55.65
N SER B 70 19.64 1.05 -56.50
CA SER B 70 20.28 -0.25 -56.64
C SER B 70 20.98 -0.67 -55.34
N THR B 71 21.69 0.23 -54.68
CA THR B 71 22.40 -0.14 -53.45
C THR B 71 21.43 -0.60 -52.37
N CYS B 72 20.35 0.15 -52.16
CA CYS B 72 19.46 -0.21 -51.05
C CYS B 72 18.85 -1.59 -51.24
N LEU B 73 18.62 -2.00 -52.50
CA LEU B 73 18.08 -3.34 -52.74
C LEU B 73 19.11 -4.40 -52.35
N VAL B 74 20.37 -4.21 -52.76
CA VAL B 74 21.41 -5.16 -52.40
C VAL B 74 21.53 -5.28 -50.88
N LYS B 75 21.48 -4.14 -50.18
CA LYS B 75 21.69 -4.16 -48.73
C LYS B 75 20.56 -4.89 -48.03
N ILE B 76 19.31 -4.66 -48.46
CA ILE B 76 18.17 -5.31 -47.85
C ILE B 76 18.17 -6.81 -48.11
N ILE B 77 18.35 -7.20 -49.38
CA ILE B 77 18.37 -8.62 -49.74
C ILE B 77 19.50 -9.34 -49.01
N ASN B 78 20.68 -8.72 -48.94
CA ASN B 78 21.79 -9.36 -48.25
C ASN B 78 21.50 -9.49 -46.77
N GLU B 79 20.90 -8.48 -46.16
CA GLU B 79 20.65 -8.56 -44.72
C GLU B 79 19.51 -9.49 -44.39
N VAL B 80 18.51 -9.61 -45.26
CA VAL B 80 17.35 -10.41 -44.91
C VAL B 80 17.55 -11.86 -45.32
N LYS B 81 18.23 -12.09 -46.43
CA LYS B 81 18.48 -13.43 -46.95
C LYS B 81 17.18 -14.25 -47.06
N PRO B 82 16.25 -13.82 -47.90
CA PRO B 82 14.92 -14.43 -47.89
C PRO B 82 14.87 -15.75 -48.63
N THR B 83 13.82 -16.52 -48.36
CA THR B 83 13.54 -17.74 -49.11
C THR B 83 12.51 -17.54 -50.20
N GLU B 84 11.72 -16.47 -50.12
CA GLU B 84 10.73 -16.14 -51.13
C GLU B 84 10.71 -14.63 -51.30
N ILE B 85 10.66 -14.17 -52.56
CA ILE B 85 10.56 -12.75 -52.89
C ILE B 85 9.33 -12.55 -53.77
N TYR B 86 8.47 -11.63 -53.36
CA TYR B 86 7.28 -11.22 -54.13
C TYR B 86 7.46 -9.77 -54.59
N ASN B 87 7.64 -9.57 -55.91
CA ASN B 87 7.85 -8.25 -56.51
C ASN B 87 6.48 -7.69 -56.91
N LEU B 88 5.82 -7.02 -55.97
CA LEU B 88 4.52 -6.40 -56.20
C LEU B 88 4.63 -4.88 -56.30
N GLY B 89 5.80 -4.31 -56.08
CA GLY B 89 5.95 -2.87 -56.19
C GLY B 89 5.91 -2.40 -57.63
N ALA B 90 5.15 -1.33 -57.85
CA ALA B 90 5.02 -0.78 -59.19
C ALA B 90 4.17 0.46 -59.14
N GLN B 91 4.30 1.29 -60.17
CA GLN B 91 3.30 2.27 -60.54
C GLN B 91 2.21 1.50 -61.30
N SER B 92 1.04 1.35 -60.71
CA SER B 92 0.07 0.39 -61.23
C SER B 92 -1.13 0.99 -61.97
N HIS B 93 -1.24 2.32 -62.11
CA HIS B 93 -2.38 2.91 -62.80
C HIS B 93 -2.12 2.99 -64.31
N VAL B 94 -3.07 2.48 -65.10
CA VAL B 94 -2.84 2.38 -66.55
C VAL B 94 -3.00 3.75 -67.21
N LYS B 95 -3.97 4.56 -66.76
CA LYS B 95 -4.10 5.89 -67.34
C LYS B 95 -2.92 6.77 -67.00
N ILE B 96 -2.48 6.74 -65.73
CA ILE B 96 -1.37 7.59 -65.32
C ILE B 96 -0.10 7.26 -66.10
N SER B 97 0.05 6.02 -66.58
CA SER B 97 1.26 5.65 -67.31
C SER B 97 1.40 6.37 -68.64
N PHE B 98 0.30 6.89 -69.20
CA PHE B 98 0.41 7.65 -70.44
C PHE B 98 1.07 9.02 -70.23
N ASP B 99 0.99 9.57 -69.01
CA ASP B 99 1.63 10.84 -68.68
C ASP B 99 2.92 10.66 -67.91
N LEU B 100 3.21 9.45 -67.45
CA LEU B 100 4.32 9.15 -66.56
C LEU B 100 5.12 7.98 -67.10
N ALA B 101 5.29 7.94 -68.43
CA ALA B 101 5.78 6.74 -69.10
C ALA B 101 7.22 6.39 -68.70
N GLU B 102 8.10 7.40 -68.63
CA GLU B 102 9.48 7.14 -68.25
C GLU B 102 9.58 6.61 -66.82
N TYR B 103 8.94 7.28 -65.85
CA TYR B 103 8.94 6.78 -64.48
C TYR B 103 8.41 5.34 -64.42
N THR B 104 7.26 5.10 -65.07
CA THR B 104 6.68 3.76 -65.10
C THR B 104 7.62 2.73 -65.70
N ALA B 105 8.45 3.15 -66.66
CA ALA B 105 9.44 2.23 -67.23
C ALA B 105 10.53 1.91 -66.22
N ASP B 106 11.02 2.92 -65.47
CA ASP B 106 12.14 2.72 -64.55
C ASP B 106 11.76 1.86 -63.36
N VAL B 107 10.51 1.94 -62.91
CA VAL B 107 10.04 1.17 -61.77
C VAL B 107 9.50 -0.20 -62.21
N ASP B 108 8.66 -0.23 -63.23
CA ASP B 108 7.99 -1.49 -63.55
C ASP B 108 8.85 -2.40 -64.40
N GLY B 109 9.67 -1.84 -65.28
CA GLY B 109 10.54 -2.62 -66.14
C GLY B 109 11.94 -2.77 -65.59
N VAL B 110 12.72 -1.68 -65.59
CA VAL B 110 14.09 -1.79 -65.10
C VAL B 110 14.12 -2.25 -63.65
N GLY B 111 13.14 -1.80 -62.85
CA GLY B 111 13.11 -2.17 -61.44
C GLY B 111 13.11 -3.67 -61.18
N THR B 112 12.34 -4.42 -61.98
CA THR B 112 12.39 -5.87 -61.84
C THR B 112 13.81 -6.37 -62.05
N LEU B 113 14.51 -5.83 -63.06
CA LEU B 113 15.89 -6.26 -63.34
C LEU B 113 16.82 -5.91 -62.18
N ARG B 114 16.66 -4.72 -61.60
CA ARG B 114 17.48 -4.37 -60.44
C ARG B 114 17.33 -5.41 -59.34
N LEU B 115 16.10 -5.88 -59.12
CA LEU B 115 15.83 -6.79 -58.02
C LEU B 115 16.44 -8.17 -58.27
N LEU B 116 16.25 -8.72 -59.48
CA LEU B 116 16.90 -9.98 -59.82
C LEU B 116 18.42 -9.85 -59.74
N ASP B 117 18.97 -8.74 -60.25
CA ASP B 117 20.42 -8.54 -60.15
C ASP B 117 20.89 -8.56 -58.70
N ALA B 118 20.09 -8.01 -57.78
CA ALA B 118 20.48 -8.08 -56.38
C ALA B 118 20.61 -9.53 -55.92
N VAL B 119 19.65 -10.38 -56.31
CA VAL B 119 19.72 -11.78 -55.94
C VAL B 119 20.99 -12.42 -56.47
N LYS B 120 21.32 -12.15 -57.74
CA LYS B 120 22.55 -12.72 -58.30
C LYS B 120 23.79 -12.16 -57.60
N THR B 121 23.77 -10.88 -57.23
CA THR B 121 24.93 -10.26 -56.57
C THR B 121 25.18 -10.86 -55.20
N CYS B 122 24.12 -11.19 -54.46
CA CYS B 122 24.21 -11.76 -53.13
C CYS B 122 24.44 -13.27 -53.16
N GLY B 123 24.61 -13.87 -54.33
CA GLY B 123 24.81 -15.30 -54.42
C GLY B 123 23.64 -16.15 -53.95
N LEU B 124 22.42 -15.64 -54.04
CA LEU B 124 21.23 -16.35 -53.60
C LEU B 124 20.48 -16.97 -54.77
N ILE B 125 21.09 -17.00 -55.96
CA ILE B 125 20.37 -17.46 -57.14
C ILE B 125 19.74 -18.83 -56.88
N ASN B 126 20.43 -19.71 -56.14
CA ASN B 126 20.03 -21.11 -55.99
C ASN B 126 19.18 -21.38 -54.77
N SER B 127 18.96 -20.38 -53.92
CA SER B 127 18.28 -20.59 -52.65
C SER B 127 17.07 -19.68 -52.46
N VAL B 128 16.59 -19.02 -53.51
CA VAL B 128 15.46 -18.12 -53.36
C VAL B 128 14.41 -18.43 -54.42
N LYS B 129 13.16 -18.10 -54.12
CA LYS B 129 12.04 -18.30 -55.03
C LYS B 129 11.35 -16.96 -55.28
N PHE B 130 11.14 -16.64 -56.56
CA PHE B 130 10.85 -15.29 -57.02
C PHE B 130 9.52 -15.24 -57.76
N TYR B 131 8.56 -14.49 -57.21
CA TYR B 131 7.27 -14.23 -57.86
C TYR B 131 7.28 -12.84 -58.49
N GLN B 132 6.86 -12.77 -59.76
CA GLN B 132 6.71 -11.51 -60.47
C GLN B 132 5.22 -11.21 -60.71
N ALA B 133 4.81 -9.99 -60.42
CA ALA B 133 3.41 -9.58 -60.62
C ALA B 133 3.19 -9.19 -62.07
N SER B 134 2.74 -10.15 -62.87
CA SER B 134 2.34 -9.88 -64.24
C SER B 134 0.86 -9.50 -64.28
N THR B 135 0.33 -9.28 -65.47
CA THR B 135 -0.96 -8.62 -65.60
C THR B 135 -1.60 -8.97 -66.94
N ASP B 136 -2.92 -9.18 -66.93
CA ASP B 136 -3.65 -9.36 -68.18
C ASP B 136 -3.47 -8.17 -69.13
N GLU B 137 -2.95 -7.04 -68.66
CA GLU B 137 -2.64 -5.94 -69.56
C GLU B 137 -1.61 -6.35 -70.62
N LEU B 138 -0.83 -7.41 -70.38
CA LEU B 138 0.09 -7.92 -71.40
C LEU B 138 -0.65 -8.36 -72.66
N TYR B 139 -1.94 -8.71 -72.54
CA TYR B 139 -2.67 -9.22 -73.70
C TYR B 139 -3.18 -8.11 -74.61
N GLY B 140 -3.18 -6.87 -74.13
CA GLY B 140 -3.63 -5.69 -74.84
C GLY B 140 -4.67 -5.92 -75.92
N LYS B 141 -4.23 -5.95 -77.17
CA LYS B 141 -5.08 -6.32 -78.31
C LYS B 141 -5.11 -7.84 -78.32
N VAL B 142 -6.13 -8.38 -77.64
CA VAL B 142 -6.21 -9.81 -77.41
C VAL B 142 -6.09 -10.60 -78.72
N GLN B 143 -5.35 -11.70 -78.66
CA GLN B 143 -5.07 -12.55 -79.82
C GLN B 143 -5.82 -13.87 -79.80
N GLU B 144 -6.53 -14.16 -78.71
CA GLU B 144 -7.36 -15.35 -78.57
C GLU B 144 -8.45 -15.00 -77.57
N ILE B 145 -9.58 -15.71 -77.64
CA ILE B 145 -10.63 -15.56 -76.65
C ILE B 145 -11.11 -16.94 -76.23
N PRO B 146 -10.95 -17.33 -74.96
CA PRO B 146 -10.31 -16.52 -73.92
C PRO B 146 -8.78 -16.53 -74.04
N GLN B 147 -8.10 -15.88 -73.11
CA GLN B 147 -6.63 -15.88 -73.07
C GLN B 147 -6.12 -16.92 -72.08
N LYS B 148 -5.09 -17.66 -72.49
CA LYS B 148 -4.40 -18.63 -71.65
C LYS B 148 -2.90 -18.35 -71.67
N GLU B 149 -2.14 -19.20 -70.99
CA GLU B 149 -0.69 -18.96 -70.84
C GLU B 149 0.03 -18.87 -72.18
N THR B 150 -0.47 -19.54 -73.22
CA THR B 150 0.23 -19.61 -74.50
C THR B 150 -0.27 -18.58 -75.51
N THR B 151 -1.28 -17.78 -75.18
CA THR B 151 -1.68 -16.86 -76.22
C THR B 151 -0.68 -15.69 -76.28
N PRO B 152 -0.27 -15.30 -77.48
CA PRO B 152 0.79 -14.29 -77.61
C PRO B 152 0.35 -12.91 -77.13
N PHE B 153 1.34 -12.16 -76.62
CA PHE B 153 1.13 -10.83 -76.05
C PHE B 153 1.14 -9.75 -77.14
N TYR B 154 0.62 -8.56 -76.76
CA TYR B 154 0.38 -7.40 -77.61
C TYR B 154 -0.03 -6.23 -76.74
N PRO B 155 0.90 -5.60 -76.02
CA PRO B 155 0.52 -4.55 -75.05
C PRO B 155 0.01 -3.29 -75.73
N ARG B 156 -0.83 -2.53 -75.01
CA ARG B 156 -1.41 -1.31 -75.58
C ARG B 156 -1.14 -0.03 -74.78
N SER B 157 -0.23 -0.06 -73.80
CA SER B 157 0.05 1.12 -72.97
C SER B 157 1.51 1.10 -72.56
N PRO B 158 2.05 2.25 -72.12
CA PRO B 158 3.38 2.22 -71.47
C PRO B 158 3.43 1.28 -70.28
N TYR B 159 2.32 1.12 -69.55
CA TYR B 159 2.27 0.16 -68.45
C TYR B 159 2.45 -1.25 -68.97
N GLY B 160 1.70 -1.60 -70.02
CA GLY B 160 1.83 -2.92 -70.61
C GLY B 160 3.22 -3.17 -71.14
N ALA B 161 3.79 -2.22 -71.88
CA ALA B 161 5.14 -2.40 -72.40
C ALA B 161 6.14 -2.67 -71.27
N ALA B 162 6.10 -1.87 -70.21
CA ALA B 162 7.04 -2.09 -69.10
C ALA B 162 6.83 -3.47 -68.49
N LYS B 163 5.58 -3.80 -68.13
CA LYS B 163 5.32 -5.14 -67.63
C LYS B 163 5.77 -6.19 -68.63
N LEU B 164 5.68 -5.89 -69.93
CA LEU B 164 6.15 -6.85 -70.91
C LEU B 164 7.64 -7.07 -70.81
N TYR B 165 8.39 -6.01 -70.52
CA TYR B 165 9.83 -6.17 -70.31
C TYR B 165 10.12 -7.00 -69.06
N ALA B 166 9.40 -6.72 -67.97
CA ALA B 166 9.60 -7.45 -66.72
C ALA B 166 9.28 -8.93 -66.91
N TYR B 167 8.26 -9.24 -67.71
CA TYR B 167 7.92 -10.65 -67.93
C TYR B 167 9.10 -11.39 -68.56
N TRP B 168 9.70 -10.83 -69.59
CA TRP B 168 10.73 -11.55 -70.31
C TRP B 168 12.07 -11.55 -69.58
N ILE B 169 12.33 -10.50 -68.78
CA ILE B 169 13.58 -10.51 -68.04
C ILE B 169 13.52 -11.54 -66.94
N VAL B 170 12.35 -11.70 -66.32
CA VAL B 170 12.17 -12.77 -65.33
C VAL B 170 12.37 -14.14 -65.98
N VAL B 171 11.78 -14.35 -67.16
CA VAL B 171 11.95 -15.63 -67.85
C VAL B 171 13.41 -15.87 -68.20
N ASN B 172 14.15 -14.81 -68.55
CA ASN B 172 15.55 -14.99 -68.94
C ASN B 172 16.37 -15.47 -67.76
N PHE B 173 16.20 -14.82 -66.59
CA PHE B 173 16.89 -15.31 -65.40
C PHE B 173 16.53 -16.77 -65.10
N ARG B 174 15.28 -17.17 -65.39
CA ARG B 174 14.90 -18.56 -65.18
C ARG B 174 15.69 -19.50 -66.10
N GLU B 175 15.74 -19.18 -67.39
CA GLU B 175 16.34 -20.08 -68.37
C GLU B 175 17.86 -20.01 -68.36
N ALA B 176 18.44 -18.85 -68.08
CA ALA B 176 19.89 -18.70 -68.18
C ALA B 176 20.59 -19.19 -66.93
N TYR B 177 20.03 -18.91 -65.76
CA TYR B 177 20.67 -19.20 -64.50
C TYR B 177 19.91 -20.19 -63.65
N ASN B 178 18.82 -20.76 -64.15
CA ASN B 178 18.06 -21.77 -63.41
C ASN B 178 17.49 -21.21 -62.11
N LEU B 179 17.25 -19.90 -62.04
CA LEU B 179 16.57 -19.30 -60.89
C LEU B 179 15.10 -19.70 -60.87
N PHE B 180 14.57 -20.01 -59.68
CA PHE B 180 13.16 -20.38 -59.54
C PHE B 180 12.31 -19.10 -59.59
N ALA B 181 11.73 -18.83 -60.76
CA ALA B 181 11.08 -17.56 -61.03
C ALA B 181 9.80 -17.77 -61.84
N VAL B 182 8.72 -17.17 -61.38
CA VAL B 182 7.44 -17.39 -62.03
C VAL B 182 6.78 -16.04 -62.30
N ASN B 183 5.91 -16.03 -63.31
CA ASN B 183 5.07 -14.89 -63.60
C ASN B 183 3.63 -15.22 -63.24
N GLY B 184 3.04 -14.42 -62.36
CA GLY B 184 1.61 -14.49 -62.14
C GLY B 184 0.87 -13.58 -63.11
N ILE B 185 0.16 -14.17 -64.07
CA ILE B 185 -0.59 -13.41 -65.05
C ILE B 185 -1.99 -13.20 -64.47
N LEU B 186 -2.15 -12.17 -63.63
CA LEU B 186 -3.40 -11.95 -62.92
C LEU B 186 -4.29 -10.91 -63.62
N PHE B 187 -5.55 -11.27 -63.84
CA PHE B 187 -6.57 -10.34 -64.31
C PHE B 187 -6.99 -9.42 -63.16
N ASN B 188 -7.88 -8.48 -63.45
CA ASN B 188 -8.26 -7.47 -62.46
C ASN B 188 -8.72 -8.11 -61.16
N HIS B 189 -8.19 -7.63 -60.04
CA HIS B 189 -8.70 -8.07 -58.75
C HIS B 189 -8.87 -6.87 -57.80
N GLU B 190 -10.01 -6.81 -57.12
CA GLU B 190 -10.44 -5.69 -56.28
C GLU B 190 -10.72 -6.16 -54.85
N SER B 191 -11.25 -5.24 -54.02
CA SER B 191 -11.42 -5.48 -52.58
C SER B 191 -11.74 -4.18 -51.84
N PRO B 192 -12.07 -4.23 -50.54
CA PRO B 192 -12.31 -2.97 -49.80
C PRO B 192 -11.09 -2.09 -49.66
N ARG B 193 -9.90 -2.57 -50.05
CA ARG B 193 -8.66 -1.81 -49.96
C ARG B 193 -8.15 -1.32 -51.30
N ARG B 194 -8.91 -1.54 -52.39
CA ARG B 194 -8.50 -1.08 -53.71
C ARG B 194 -8.27 0.43 -53.72
N GLY B 195 -7.34 0.86 -54.57
CA GLY B 195 -7.07 2.29 -54.67
C GLY B 195 -8.25 3.05 -55.24
N ALA B 196 -8.50 4.22 -54.64
CA ALA B 196 -9.67 5.03 -55.00
C ALA B 196 -9.67 5.43 -56.47
N ASN B 197 -8.52 5.42 -57.12
CA ASN B 197 -8.45 5.85 -58.51
C ASN B 197 -8.82 4.75 -59.50
N PHE B 198 -9.16 3.53 -59.03
CA PHE B 198 -9.57 2.41 -59.88
C PHE B 198 -11.09 2.32 -59.94
N VAL B 199 -11.61 1.84 -61.08
CA VAL B 199 -13.02 2.08 -61.40
C VAL B 199 -13.94 1.54 -60.30
N THR B 200 -13.66 0.33 -59.80
CA THR B 200 -14.57 -0.31 -58.85
C THR B 200 -14.65 0.47 -57.54
N ARG B 201 -13.50 0.71 -56.89
CA ARG B 201 -13.49 1.47 -55.64
C ARG B 201 -13.99 2.90 -55.85
N LYS B 202 -13.79 3.47 -57.04
CA LYS B 202 -14.36 4.79 -57.31
C LYS B 202 -15.88 4.73 -57.26
N ILE B 203 -16.47 3.70 -57.85
CA ILE B 203 -17.93 3.59 -57.83
C ILE B 203 -18.41 3.30 -56.41
N SER B 204 -17.76 2.35 -55.74
CA SER B 204 -18.25 1.94 -54.43
C SER B 204 -18.14 3.07 -53.41
N ARG B 205 -17.06 3.85 -53.47
CA ARG B 205 -16.91 4.95 -52.51
C ARG B 205 -17.93 6.05 -52.75
N SER B 206 -18.23 6.36 -54.01
CA SER B 206 -19.16 7.43 -54.31
C SER B 206 -20.60 7.02 -54.00
N VAL B 207 -20.98 5.78 -54.36
CA VAL B 207 -22.31 5.28 -54.01
C VAL B 207 -22.53 5.33 -52.51
N ALA B 208 -21.49 4.99 -51.73
CA ALA B 208 -21.57 5.14 -50.28
C ALA B 208 -21.86 6.59 -49.90
N LYS B 209 -21.00 7.51 -50.35
CA LYS B 209 -21.15 8.91 -49.95
C LYS B 209 -22.49 9.49 -50.39
N ILE B 210 -23.06 8.98 -51.49
CA ILE B 210 -24.38 9.44 -51.89
C ILE B 210 -25.44 8.96 -50.91
N TYR B 211 -25.21 7.77 -50.33
CA TYR B 211 -26.18 7.18 -49.41
C TYR B 211 -26.28 7.96 -48.12
N LEU B 212 -25.19 8.61 -47.71
CA LEU B 212 -25.11 9.31 -46.44
C LEU B 212 -25.29 10.82 -46.59
N GLY B 213 -25.66 11.29 -47.78
CA GLY B 213 -25.86 12.71 -48.00
C GLY B 213 -24.59 13.51 -48.04
N GLN B 214 -23.46 12.86 -48.31
CA GLN B 214 -22.16 13.50 -48.41
C GLN B 214 -21.76 13.86 -49.83
N LEU B 215 -22.51 13.42 -50.82
CA LEU B 215 -22.21 13.66 -52.24
C LEU B 215 -23.50 13.52 -53.04
N GLU B 216 -23.57 14.24 -54.16
CA GLU B 216 -24.76 14.14 -55.01
C GLU B 216 -24.50 13.40 -56.32
N CYS B 217 -23.31 13.51 -56.88
CA CYS B 217 -23.14 13.09 -58.26
C CYS B 217 -21.66 12.85 -58.52
N PHE B 218 -21.38 11.87 -59.39
CA PHE B 218 -20.01 11.60 -59.83
C PHE B 218 -20.02 11.20 -61.29
N SER B 219 -18.84 11.27 -61.92
CA SER B 219 -18.74 11.00 -63.35
C SER B 219 -17.68 9.95 -63.63
N LEU B 220 -17.94 9.14 -64.66
CA LEU B 220 -17.02 8.11 -65.14
C LEU B 220 -16.60 8.42 -66.58
N GLY B 221 -15.87 7.49 -67.18
CA GLY B 221 -15.47 7.62 -68.56
C GLY B 221 -16.23 6.70 -69.48
N ASN B 222 -15.58 5.63 -69.92
CA ASN B 222 -16.21 4.64 -70.79
C ASN B 222 -17.06 3.70 -69.96
N LEU B 223 -18.38 3.87 -70.02
CA LEU B 223 -19.29 3.02 -69.26
C LEU B 223 -19.43 1.61 -69.83
N ASP B 224 -19.12 1.40 -71.10
CA ASP B 224 -19.35 0.10 -71.74
C ASP B 224 -18.11 -0.78 -71.74
N ALA B 225 -17.09 -0.40 -70.98
CA ALA B 225 -15.90 -1.23 -70.84
C ALA B 225 -16.21 -2.45 -69.99
N LYS B 226 -15.59 -3.57 -70.33
CA LYS B 226 -15.81 -4.84 -69.63
C LYS B 226 -14.51 -5.37 -69.03
N ARG B 227 -14.61 -5.98 -67.85
CA ARG B 227 -13.44 -6.57 -67.20
C ARG B 227 -13.80 -7.93 -66.61
N ASP B 228 -12.74 -8.67 -66.28
CA ASP B 228 -12.83 -9.93 -65.55
C ASP B 228 -12.38 -9.63 -64.12
N TRP B 229 -13.29 -9.76 -63.16
CA TRP B 229 -13.14 -9.15 -61.84
C TRP B 229 -13.17 -10.20 -60.75
N GLY B 230 -12.08 -10.28 -59.98
CA GLY B 230 -11.97 -11.19 -58.87
C GLY B 230 -11.61 -10.45 -57.58
N HIS B 231 -11.48 -11.23 -56.51
CA HIS B 231 -11.20 -10.66 -55.19
C HIS B 231 -9.74 -10.85 -54.80
N ALA B 232 -9.10 -9.75 -54.39
CA ALA B 232 -7.66 -9.77 -54.20
C ALA B 232 -7.26 -10.81 -53.15
N LYS B 233 -8.09 -10.98 -52.11
CA LYS B 233 -7.73 -11.91 -51.04
C LYS B 233 -7.62 -13.35 -51.57
N ASP B 234 -8.46 -13.71 -52.54
CA ASP B 234 -8.31 -15.00 -53.20
C ASP B 234 -7.00 -15.09 -53.99
N TYR B 235 -6.61 -14.00 -54.65
CA TYR B 235 -5.53 -14.07 -55.63
C TYR B 235 -4.15 -14.13 -54.98
N VAL B 236 -3.94 -13.44 -53.86
CA VAL B 236 -2.67 -13.55 -53.15
C VAL B 236 -2.38 -15.01 -52.84
N GLU B 237 -3.42 -15.79 -52.56
CA GLU B 237 -3.23 -17.20 -52.25
C GLU B 237 -2.62 -17.95 -53.42
N ALA B 238 -3.00 -17.56 -54.65
CA ALA B 238 -2.43 -18.22 -55.82
C ALA B 238 -0.96 -17.84 -56.01
N MET B 239 -0.57 -16.63 -55.59
CA MET B 239 0.85 -16.28 -55.60
C MET B 239 1.66 -17.28 -54.76
N TRP B 240 1.18 -17.54 -53.55
CA TRP B 240 1.89 -18.48 -52.67
C TRP B 240 1.92 -19.89 -53.27
N LEU B 241 0.80 -20.35 -53.83
CA LEU B 241 0.77 -21.68 -54.41
C LEU B 241 1.80 -21.81 -55.53
N MET B 242 1.91 -20.78 -56.38
CA MET B 242 2.88 -20.83 -57.48
C MET B 242 4.30 -21.05 -56.99
N LEU B 243 4.63 -20.51 -55.81
CA LEU B 243 5.96 -20.75 -55.24
C LEU B 243 6.06 -22.09 -54.54
N GLN B 244 4.93 -22.72 -54.18
CA GLN B 244 4.98 -24.06 -53.60
C GLN B 244 5.06 -25.16 -54.66
N ASN B 245 4.93 -24.80 -55.94
CA ASN B 245 4.94 -25.80 -57.00
C ASN B 245 6.32 -26.47 -57.10
N ASP B 246 6.32 -27.72 -57.53
CA ASP B 246 7.58 -28.46 -57.66
C ASP B 246 8.51 -27.79 -58.67
N GLU B 247 7.95 -27.17 -59.70
CA GLU B 247 8.73 -26.52 -60.75
C GLU B 247 8.16 -25.13 -61.05
N PRO B 248 9.00 -24.22 -61.49
CA PRO B 248 8.57 -22.84 -61.78
C PRO B 248 7.83 -22.75 -63.11
N GLU B 249 6.55 -22.42 -63.05
CA GLU B 249 5.73 -22.25 -64.23
C GLU B 249 4.91 -20.98 -64.07
N ASP B 250 4.43 -20.47 -65.21
CA ASP B 250 3.60 -19.28 -65.26
C ASP B 250 2.13 -19.68 -65.35
N PHE B 251 1.27 -18.89 -64.70
CA PHE B 251 -0.13 -19.22 -64.57
C PHE B 251 -0.98 -17.99 -64.81
N VAL B 252 -2.08 -18.19 -65.51
CA VAL B 252 -3.16 -17.22 -65.56
C VAL B 252 -4.02 -17.40 -64.32
N ILE B 253 -4.46 -16.28 -63.73
CA ILE B 253 -5.34 -16.26 -62.57
C ILE B 253 -6.50 -15.30 -62.85
N ALA B 254 -7.72 -15.82 -62.88
CA ALA B 254 -8.85 -15.00 -63.29
C ALA B 254 -10.13 -15.66 -62.81
N THR B 255 -11.25 -15.03 -63.13
CA THR B 255 -12.54 -15.62 -62.83
C THR B 255 -13.23 -16.22 -64.04
N GLY B 256 -12.88 -15.79 -65.25
CA GLY B 256 -13.53 -16.33 -66.45
C GLY B 256 -14.91 -15.77 -66.73
N GLU B 257 -15.48 -14.98 -65.82
CA GLU B 257 -16.74 -14.27 -66.05
C GLU B 257 -16.46 -12.80 -66.23
N VAL B 258 -17.10 -12.18 -67.22
CA VAL B 258 -16.82 -10.80 -67.61
C VAL B 258 -18.05 -9.93 -67.38
N HIS B 259 -17.85 -8.74 -66.83
CA HIS B 259 -18.93 -7.79 -66.55
C HIS B 259 -18.50 -6.38 -66.94
N SER B 260 -19.49 -5.52 -67.16
CA SER B 260 -19.27 -4.16 -67.61
C SER B 260 -19.33 -3.17 -66.43
N VAL B 261 -18.59 -2.07 -66.57
CA VAL B 261 -18.61 -1.05 -65.52
C VAL B 261 -20.03 -0.49 -65.38
N ARG B 262 -20.77 -0.41 -66.48
CA ARG B 262 -22.17 -0.02 -66.40
C ARG B 262 -22.94 -0.94 -65.48
N GLU B 263 -22.74 -2.25 -65.62
CA GLU B 263 -23.39 -3.22 -64.74
C GLU B 263 -22.92 -3.05 -63.30
N PHE B 264 -21.62 -2.76 -63.11
CA PHE B 264 -21.12 -2.55 -61.76
C PHE B 264 -21.85 -1.41 -61.09
N VAL B 265 -22.11 -0.32 -61.84
CA VAL B 265 -22.80 0.84 -61.28
C VAL B 265 -24.22 0.48 -60.89
N GLU B 266 -24.94 -0.17 -61.80
CA GLU B 266 -26.32 -0.56 -61.51
C GLU B 266 -26.40 -1.38 -60.23
N LYS B 267 -25.57 -2.42 -60.11
CA LYS B 267 -25.66 -3.28 -58.94
C LYS B 267 -25.24 -2.54 -57.68
N SER B 268 -24.21 -1.70 -57.75
CA SER B 268 -23.81 -0.92 -56.59
C SER B 268 -24.98 -0.09 -56.06
N PHE B 269 -25.66 0.64 -56.96
CA PHE B 269 -26.78 1.47 -56.52
C PHE B 269 -27.93 0.63 -55.96
N LEU B 270 -28.08 -0.59 -56.45
CA LEU B 270 -29.14 -1.46 -55.96
C LEU B 270 -28.98 -1.76 -54.47
N HIS B 271 -27.73 -1.89 -53.99
CA HIS B 271 -27.49 -2.13 -52.58
C HIS B 271 -27.75 -0.91 -51.72
N ILE B 272 -28.05 0.22 -52.32
CA ILE B 272 -28.35 1.42 -51.57
C ILE B 272 -29.82 1.80 -51.69
N GLY B 273 -30.62 0.95 -52.35
CA GLY B 273 -32.03 1.17 -52.48
C GLY B 273 -32.45 1.88 -53.75
N LYS B 274 -31.52 2.16 -54.67
CA LYS B 274 -31.80 2.99 -55.84
C LYS B 274 -31.67 2.19 -57.13
N THR B 275 -32.59 2.42 -58.06
CA THR B 275 -32.58 1.81 -59.39
C THR B 275 -32.15 2.85 -60.42
N ILE B 276 -31.17 2.49 -61.25
CA ILE B 276 -30.65 3.39 -62.26
C ILE B 276 -31.36 3.12 -63.58
N VAL B 277 -31.75 4.19 -64.29
CA VAL B 277 -32.14 4.09 -65.70
C VAL B 277 -31.28 5.07 -66.47
N TRP B 278 -30.75 4.64 -67.60
CA TRP B 278 -29.84 5.49 -68.36
C TRP B 278 -30.60 6.32 -69.38
N GLU B 279 -30.29 7.62 -69.45
CA GLU B 279 -30.85 8.53 -70.45
C GLU B 279 -29.72 9.15 -71.25
N GLY B 280 -30.07 9.69 -72.41
CA GLY B 280 -29.09 10.40 -73.20
C GLY B 280 -28.10 9.49 -73.90
N LYS B 281 -27.30 10.08 -74.79
CA LYS B 281 -26.36 9.30 -75.57
C LYS B 281 -24.95 9.87 -75.44
N ASN B 282 -23.96 8.98 -75.56
CA ASN B 282 -22.54 9.32 -75.66
C ASN B 282 -22.10 10.12 -74.43
N GLU B 283 -21.52 11.31 -74.58
CA GLU B 283 -20.97 12.04 -73.45
C GLU B 283 -22.07 12.72 -72.64
N ASN B 284 -23.26 12.83 -73.22
CA ASN B 284 -24.43 13.37 -72.53
C ASN B 284 -25.25 12.27 -71.89
N GLU B 285 -24.74 11.05 -71.82
CA GLU B 285 -25.45 9.99 -71.11
C GLU B 285 -25.37 10.23 -69.61
N VAL B 286 -26.48 9.94 -68.92
CA VAL B 286 -26.58 10.15 -67.48
C VAL B 286 -27.36 9.00 -66.89
N GLY B 287 -27.07 8.71 -65.62
CA GLY B 287 -27.83 7.72 -64.88
C GLY B 287 -28.66 8.35 -63.79
N ARG B 288 -29.98 8.17 -63.86
CA ARG B 288 -30.92 8.79 -62.93
C ARG B 288 -31.55 7.72 -62.05
N CYS B 289 -31.85 8.10 -60.80
CA CYS B 289 -32.51 7.20 -59.87
C CYS B 289 -34.01 7.16 -60.16
N LYS B 290 -34.55 5.95 -60.26
CA LYS B 290 -35.96 5.78 -60.59
C LYS B 290 -36.86 6.32 -59.49
N GLU B 291 -36.48 6.09 -58.23
CA GLU B 291 -37.37 6.38 -57.10
C GLU B 291 -37.36 7.85 -56.71
N THR B 292 -36.24 8.56 -56.89
CA THR B 292 -36.16 9.98 -56.57
C THR B 292 -36.18 10.89 -57.79
N GLY B 293 -35.89 10.40 -58.98
CA GLY B 293 -35.70 11.27 -60.13
C GLY B 293 -34.37 12.01 -60.17
N LYS B 294 -33.52 11.85 -59.17
CA LYS B 294 -32.28 12.60 -59.10
C LYS B 294 -31.18 11.91 -59.89
N VAL B 295 -30.40 12.70 -60.62
CA VAL B 295 -29.33 12.18 -61.48
C VAL B 295 -28.04 12.10 -60.67
N HIS B 296 -27.44 10.90 -60.62
CA HIS B 296 -26.27 10.62 -59.82
C HIS B 296 -25.01 10.29 -60.62
N VAL B 297 -25.12 9.92 -61.89
CA VAL B 297 -23.98 9.50 -62.69
C VAL B 297 -23.93 10.30 -63.98
N THR B 298 -22.80 10.91 -64.27
CA THR B 298 -22.57 11.60 -65.54
C THR B 298 -21.29 11.08 -66.19
N VAL B 299 -21.04 11.49 -67.43
CA VAL B 299 -19.89 11.05 -68.21
C VAL B 299 -18.99 12.25 -68.44
N ASP B 300 -17.68 12.02 -68.31
CA ASP B 300 -16.66 13.05 -68.52
C ASP B 300 -15.56 12.47 -69.40
N LEU B 301 -15.32 13.11 -70.55
CA LEU B 301 -14.41 12.56 -71.53
C LEU B 301 -13.01 12.39 -70.98
N LYS B 302 -12.64 13.10 -69.92
CA LYS B 302 -11.26 13.07 -69.46
C LYS B 302 -10.88 11.77 -68.75
N TYR B 303 -11.81 10.86 -68.48
CA TYR B 303 -11.49 9.55 -67.91
C TYR B 303 -11.35 8.45 -68.98
N TYR B 304 -11.32 8.83 -70.25
CA TYR B 304 -10.95 7.86 -71.26
C TYR B 304 -9.43 7.77 -71.32
N ARG B 305 -8.93 6.86 -72.15
CA ARG B 305 -7.50 6.67 -72.32
C ARG B 305 -7.17 6.72 -73.79
N PRO B 306 -5.91 7.03 -74.16
CA PRO B 306 -5.55 7.04 -75.58
C PRO B 306 -5.85 5.74 -76.30
N THR B 307 -5.88 4.63 -75.57
CA THR B 307 -6.13 3.30 -76.10
C THR B 307 -7.19 2.63 -75.21
N GLU B 308 -7.63 1.44 -75.60
CA GLU B 308 -8.56 0.70 -74.75
C GLU B 308 -8.35 -0.79 -74.94
N VAL B 309 -8.55 -1.55 -73.86
CA VAL B 309 -8.34 -3.00 -73.82
C VAL B 309 -9.68 -3.70 -73.98
N ASP B 310 -9.74 -4.68 -74.87
CA ASP B 310 -11.01 -5.12 -75.45
C ASP B 310 -11.68 -6.25 -74.68
N PHE B 311 -11.44 -7.49 -75.11
CA PHE B 311 -12.25 -8.62 -74.68
C PHE B 311 -11.45 -9.50 -73.73
N LEU B 312 -11.33 -9.06 -72.47
CA LEU B 312 -10.59 -9.81 -71.48
C LEU B 312 -11.44 -10.92 -70.88
N GLN B 313 -10.88 -12.14 -70.85
CA GLN B 313 -11.52 -13.28 -70.19
C GLN B 313 -10.47 -14.35 -69.94
N GLY B 314 -10.23 -14.66 -68.67
CA GLY B 314 -9.14 -15.57 -68.31
C GLY B 314 -9.54 -17.03 -68.32
N ASP B 315 -8.65 -17.86 -68.84
CA ASP B 315 -8.78 -19.31 -68.77
C ASP B 315 -7.69 -19.79 -67.82
N CYS B 316 -8.06 -20.10 -66.58
CA CYS B 316 -7.07 -20.57 -65.62
C CYS B 316 -7.18 -22.09 -65.40
N THR B 317 -7.48 -22.83 -66.46
CA THR B 317 -7.52 -24.28 -66.38
C THR B 317 -6.23 -24.86 -65.82
N LYS B 318 -5.08 -24.38 -66.31
CA LYS B 318 -3.80 -24.87 -65.83
C LYS B 318 -3.66 -24.70 -64.33
N ALA B 319 -4.04 -23.54 -63.81
CA ALA B 319 -3.93 -23.32 -62.37
C ALA B 319 -4.80 -24.29 -61.60
N LYS B 320 -6.00 -24.59 -62.12
CA LYS B 320 -6.87 -25.56 -61.47
C LYS B 320 -6.20 -26.92 -61.35
N GLN B 321 -5.58 -27.39 -62.43
CA GLN B 321 -4.97 -28.72 -62.41
C GLN B 321 -3.70 -28.75 -61.56
N LYS B 322 -2.74 -27.87 -61.85
CA LYS B 322 -1.44 -28.02 -61.21
C LYS B 322 -1.34 -27.38 -59.84
N LEU B 323 -2.24 -26.46 -59.48
CA LEU B 323 -2.22 -25.83 -58.17
C LEU B 323 -3.47 -26.12 -57.34
N ASN B 324 -4.51 -26.68 -57.95
CA ASN B 324 -5.78 -26.95 -57.27
C ASN B 324 -6.38 -25.69 -56.67
N TRP B 325 -6.26 -24.58 -57.38
CA TRP B 325 -6.78 -23.29 -56.94
C TRP B 325 -8.00 -22.92 -57.75
N LYS B 326 -9.02 -22.37 -57.07
CA LYS B 326 -10.22 -21.85 -57.70
C LYS B 326 -10.67 -20.62 -56.94
N PRO B 327 -11.30 -19.66 -57.62
CA PRO B 327 -11.75 -18.44 -56.92
C PRO B 327 -12.98 -18.72 -56.07
N ARG B 328 -12.99 -18.13 -54.86
CA ARG B 328 -14.06 -18.35 -53.90
C ARG B 328 -15.12 -17.26 -53.92
N VAL B 329 -14.81 -16.07 -54.44
CA VAL B 329 -15.71 -14.94 -54.42
C VAL B 329 -16.15 -14.62 -55.85
N ALA B 330 -17.44 -14.33 -56.01
CA ALA B 330 -18.06 -14.05 -57.29
C ALA B 330 -18.44 -12.57 -57.39
N PHE B 331 -18.82 -12.17 -58.60
CA PHE B 331 -19.05 -10.76 -58.90
C PHE B 331 -20.08 -10.16 -57.95
N ASP B 332 -21.21 -10.85 -57.77
CA ASP B 332 -22.26 -10.31 -56.92
C ASP B 332 -21.74 -9.98 -55.53
N GLU B 333 -21.00 -10.91 -54.92
CA GLU B 333 -20.52 -10.69 -53.56
C GLU B 333 -19.44 -9.61 -53.51
N LEU B 334 -18.65 -9.47 -54.58
CA LEU B 334 -17.63 -8.44 -54.60
C LEU B 334 -18.25 -7.05 -54.50
N VAL B 335 -19.25 -6.77 -55.33
CA VAL B 335 -19.97 -5.51 -55.25
C VAL B 335 -20.61 -5.33 -53.88
N ARG B 336 -21.41 -6.32 -53.47
CA ARG B 336 -22.03 -6.29 -52.15
C ARG B 336 -21.01 -5.93 -51.08
N GLU B 337 -19.90 -6.66 -51.01
CA GLU B 337 -18.92 -6.43 -49.94
C GLU B 337 -18.33 -5.03 -50.03
N MET B 338 -17.91 -4.62 -51.22
CA MET B 338 -17.26 -3.33 -51.36
C MET B 338 -18.18 -2.20 -50.94
N VAL B 339 -19.39 -2.18 -51.48
CA VAL B 339 -20.33 -1.10 -51.14
C VAL B 339 -20.59 -1.08 -49.64
N HIS B 340 -20.92 -2.24 -49.06
CA HIS B 340 -21.15 -2.32 -47.62
C HIS B 340 -19.95 -1.77 -46.86
N ALA B 341 -18.74 -2.10 -47.30
CA ALA B 341 -17.55 -1.72 -46.53
C ALA B 341 -17.37 -0.21 -46.51
N ASP B 342 -17.65 0.45 -47.63
CA ASP B 342 -17.41 1.88 -47.73
C ASP B 342 -18.48 2.70 -47.01
N VAL B 343 -19.70 2.17 -46.90
CA VAL B 343 -20.69 2.84 -46.05
C VAL B 343 -20.21 2.85 -44.60
N GLU B 344 -19.82 1.69 -44.09
CA GLU B 344 -19.34 1.61 -42.71
C GLU B 344 -18.14 2.53 -42.47
N LEU B 345 -17.25 2.61 -43.47
CA LEU B 345 -16.07 3.46 -43.36
C LEU B 345 -16.46 4.95 -43.39
N MET B 346 -17.28 5.33 -44.38
CA MET B 346 -17.65 6.73 -44.57
C MET B 346 -18.66 7.20 -43.52
N ARG B 347 -19.40 6.28 -42.91
CA ARG B 347 -20.30 6.63 -41.83
C ARG B 347 -19.51 7.12 -40.62
N THR B 348 -18.47 6.36 -40.21
CA THR B 348 -17.68 6.73 -39.04
C THR B 348 -16.71 7.87 -39.32
N ASN B 349 -16.35 8.10 -40.57
CA ASN B 349 -15.45 9.18 -40.93
C ASN B 349 -15.71 9.63 -42.37
N PRO B 350 -16.01 10.92 -42.60
CA PRO B 350 -16.42 11.36 -43.94
C PRO B 350 -15.28 11.68 -44.89
N ASN B 351 -14.04 11.28 -44.61
CA ASN B 351 -12.93 11.55 -45.51
C ASN B 351 -12.60 10.36 -46.41
N ALA B 352 -12.14 9.26 -45.82
CA ALA B 352 -11.80 8.10 -46.64
C ALA B 352 -11.22 6.98 -45.79
N ARG C 3 -29.03 -2.53 -28.98
CA ARG C 3 -27.91 -2.48 -28.01
C ARG C 3 -28.31 -2.98 -26.60
N ASN C 4 -27.75 -4.13 -26.17
CA ASN C 4 -28.04 -4.74 -24.87
C ASN C 4 -26.77 -4.91 -24.06
N VAL C 5 -26.65 -4.20 -22.94
CA VAL C 5 -25.45 -4.24 -22.10
C VAL C 5 -25.87 -4.39 -20.63
N ALA C 6 -25.40 -5.44 -19.97
CA ALA C 6 -25.80 -5.81 -18.62
C ALA C 6 -24.63 -5.76 -17.64
N LEU C 7 -24.87 -5.19 -16.47
CA LEU C 7 -23.92 -5.18 -15.37
C LEU C 7 -24.48 -6.01 -14.23
N ILE C 8 -23.69 -6.96 -13.73
CA ILE C 8 -24.11 -7.91 -12.70
C ILE C 8 -23.20 -7.77 -11.50
N THR C 9 -23.78 -7.46 -10.34
CA THR C 9 -23.06 -7.58 -9.10
C THR C 9 -23.23 -9.00 -8.56
N GLY C 10 -22.19 -9.49 -7.88
CA GLY C 10 -22.20 -10.88 -7.46
C GLY C 10 -22.23 -11.86 -8.62
N ILE C 11 -21.47 -11.59 -9.68
CA ILE C 11 -21.44 -12.48 -10.83
C ILE C 11 -20.71 -13.78 -10.52
N THR C 12 -19.96 -13.84 -9.42
CA THR C 12 -19.28 -15.08 -9.09
C THR C 12 -20.17 -16.05 -8.30
N GLY C 13 -21.28 -15.58 -7.74
CA GLY C 13 -22.18 -16.44 -6.98
C GLY C 13 -22.91 -17.44 -7.87
N GLN C 14 -23.84 -18.17 -7.24
CA GLN C 14 -24.64 -19.17 -7.95
C GLN C 14 -25.51 -18.52 -9.03
N ASP C 15 -26.41 -17.64 -8.63
CA ASP C 15 -27.33 -17.03 -9.58
C ASP C 15 -26.57 -16.24 -10.64
N GLY C 16 -25.63 -15.40 -10.22
CA GLY C 16 -24.86 -14.61 -11.18
C GLY C 16 -24.17 -15.44 -12.25
N SER C 17 -23.69 -16.64 -11.89
CA SER C 17 -23.02 -17.45 -12.90
C SER C 17 -24.00 -17.94 -13.96
N TYR C 18 -25.17 -18.41 -13.53
CA TYR C 18 -26.18 -18.83 -14.51
C TYR C 18 -26.73 -17.64 -15.30
N LEU C 19 -27.02 -16.53 -14.62
CA LEU C 19 -27.61 -15.40 -15.34
C LEU C 19 -26.69 -14.92 -16.46
N ALA C 20 -25.38 -14.94 -16.20
CA ALA C 20 -24.43 -14.53 -17.23
C ALA C 20 -24.47 -15.47 -18.43
N GLU C 21 -24.58 -16.79 -18.19
CA GLU C 21 -24.78 -17.72 -19.30
C GLU C 21 -26.05 -17.38 -20.07
N PHE C 22 -27.13 -17.06 -19.35
CA PHE C 22 -28.43 -16.82 -19.98
C PHE C 22 -28.38 -15.60 -20.90
N LEU C 23 -27.79 -14.50 -20.43
CA LEU C 23 -27.71 -13.28 -21.25
C LEU C 23 -26.68 -13.41 -22.36
N LEU C 24 -25.60 -14.17 -22.13
CA LEU C 24 -24.63 -14.39 -23.20
C LEU C 24 -25.25 -15.14 -24.38
N GLU C 25 -26.12 -16.11 -24.10
CA GLU C 25 -26.80 -16.83 -25.17
C GLU C 25 -27.79 -15.95 -25.93
N LYS C 26 -28.24 -14.85 -25.34
CA LYS C 26 -29.15 -13.94 -26.03
C LYS C 26 -28.43 -12.82 -26.77
N GLY C 27 -27.10 -12.76 -26.72
CA GLY C 27 -26.35 -11.76 -27.46
C GLY C 27 -25.92 -10.56 -26.66
N TYR C 28 -26.22 -10.52 -25.36
CA TYR C 28 -25.89 -9.39 -24.51
C TYR C 28 -24.38 -9.24 -24.36
N GLU C 29 -23.96 -8.03 -24.07
CA GLU C 29 -22.63 -7.77 -23.54
C GLU C 29 -22.74 -7.79 -22.02
N VAL C 30 -21.92 -8.61 -21.36
CA VAL C 30 -22.10 -8.92 -19.93
C VAL C 30 -20.91 -8.40 -19.14
N HIS C 31 -21.17 -7.52 -18.17
CA HIS C 31 -20.14 -6.97 -17.31
C HIS C 31 -20.42 -7.36 -15.87
N GLY C 32 -19.39 -7.78 -15.14
CA GLY C 32 -19.55 -8.18 -13.76
C GLY C 32 -18.59 -7.47 -12.83
N ILE C 33 -19.02 -7.33 -11.58
CA ILE C 33 -18.18 -6.77 -10.52
C ILE C 33 -17.71 -7.92 -9.62
N VAL C 34 -16.41 -8.08 -9.52
CA VAL C 34 -15.80 -9.15 -8.72
C VAL C 34 -14.96 -8.52 -7.63
N ARG C 35 -14.97 -9.13 -6.45
CA ARG C 35 -14.11 -8.73 -5.34
C ARG C 35 -12.70 -9.22 -5.55
N ARG C 36 -11.72 -8.38 -5.17
CA ARG C 36 -10.34 -8.85 -5.05
C ARG C 36 -10.26 -9.97 -4.03
N SER C 37 -9.40 -10.96 -4.31
CA SER C 37 -9.22 -12.13 -3.47
C SER C 37 -7.77 -12.58 -3.50
N SER C 38 -7.26 -13.09 -2.37
CA SER C 38 -5.88 -13.55 -2.38
C SER C 38 -5.71 -14.87 -3.11
N SER C 39 -6.81 -15.54 -3.47
CA SER C 39 -6.87 -16.78 -4.23
C SER C 39 -7.92 -16.65 -5.31
N PHE C 40 -8.13 -17.71 -6.09
CA PHE C 40 -9.09 -17.63 -7.17
C PHE C 40 -10.52 -17.69 -6.65
N ASN C 41 -11.38 -16.82 -7.18
CA ASN C 41 -12.79 -16.79 -6.81
C ASN C 41 -13.71 -16.79 -8.01
N THR C 42 -13.22 -17.10 -9.20
CA THR C 42 -14.03 -17.09 -10.40
C THR C 42 -14.38 -18.51 -10.88
N GLY C 43 -14.33 -19.50 -9.99
CA GLY C 43 -14.57 -20.87 -10.40
C GLY C 43 -15.86 -21.06 -11.18
N ARG C 44 -16.91 -20.32 -10.85
CA ARG C 44 -18.19 -20.59 -11.50
C ARG C 44 -18.25 -20.03 -12.93
N ILE C 45 -17.46 -19.01 -13.24
CA ILE C 45 -17.58 -18.31 -14.51
C ILE C 45 -16.32 -18.45 -15.36
N GLU C 46 -15.39 -19.32 -14.98
CA GLU C 46 -14.14 -19.34 -15.72
C GLU C 46 -14.33 -19.93 -17.11
N HIS C 47 -15.34 -20.77 -17.30
CA HIS C 47 -15.60 -21.35 -18.61
C HIS C 47 -16.24 -20.36 -19.57
N LEU C 48 -16.38 -19.09 -19.20
CA LEU C 48 -16.99 -18.09 -20.06
C LEU C 48 -15.98 -17.12 -20.68
N TYR C 49 -14.69 -17.31 -20.42
CA TYR C 49 -13.69 -16.57 -21.17
C TYR C 49 -13.61 -17.12 -22.59
N LYS C 50 -13.17 -16.28 -23.52
CA LYS C 50 -12.94 -16.74 -24.89
C LYS C 50 -11.90 -17.86 -24.91
N ASN C 51 -10.85 -17.73 -24.09
CA ASN C 51 -9.81 -18.75 -23.92
C ASN C 51 -9.14 -18.59 -22.55
N PRO C 52 -9.43 -19.48 -21.59
CA PRO C 52 -8.72 -19.46 -20.29
C PRO C 52 -7.33 -20.10 -20.36
N HIS C 55 -6.24 -16.34 -20.10
CA HIS C 55 -7.42 -15.73 -19.47
C HIS C 55 -8.00 -14.57 -20.29
N ILE C 56 -7.90 -14.65 -21.63
CA ILE C 56 -8.36 -13.59 -22.53
C ILE C 56 -9.89 -13.54 -22.54
N GLU C 57 -10.45 -12.32 -22.56
CA GLU C 57 -11.89 -12.11 -22.45
C GLU C 57 -12.54 -11.86 -23.81
N GLY C 58 -13.83 -12.18 -23.89
CA GLY C 58 -14.62 -11.97 -25.10
C GLY C 58 -15.85 -11.10 -24.89
N ASN C 59 -17.01 -11.73 -24.70
CA ASN C 59 -18.25 -11.00 -24.44
C ASN C 59 -18.58 -10.84 -22.97
N MET C 60 -17.68 -11.26 -22.08
CA MET C 60 -17.82 -11.06 -20.65
C MET C 60 -16.61 -10.29 -20.16
N LYS C 61 -16.86 -9.22 -19.39
CA LYS C 61 -15.81 -8.39 -18.84
C LYS C 61 -16.02 -8.20 -17.36
N LEU C 62 -14.97 -8.40 -16.57
CA LEU C 62 -15.02 -8.28 -15.13
C LEU C 62 -14.25 -7.04 -14.68
N HIS C 63 -14.71 -6.44 -13.58
CA HIS C 63 -14.13 -5.23 -13.03
C HIS C 63 -14.00 -5.43 -11.53
N TYR C 64 -12.88 -5.02 -10.95
CA TYR C 64 -12.74 -5.10 -9.51
C TYR C 64 -13.63 -4.07 -8.86
N GLY C 65 -14.25 -4.45 -7.76
CA GLY C 65 -15.02 -3.48 -7.00
C GLY C 65 -15.68 -4.14 -5.82
N ASP C 66 -16.46 -3.34 -5.10
CA ASP C 66 -17.09 -3.75 -3.86
C ASP C 66 -18.35 -2.91 -3.63
N LEU C 67 -19.39 -3.54 -3.12
CA LEU C 67 -20.58 -2.76 -2.83
C LEU C 67 -20.39 -1.78 -1.63
N THR C 68 -19.22 -1.63 -1.02
CA THR C 68 -19.01 -0.62 0.02
C THR C 68 -18.05 0.49 -0.39
N ASP C 69 -17.55 0.47 -1.63
CA ASP C 69 -16.64 1.50 -2.14
C ASP C 69 -17.40 2.36 -3.14
N SER C 70 -17.86 3.52 -2.66
CA SER C 70 -18.73 4.37 -3.47
C SER C 70 -18.06 4.74 -4.80
N THR C 71 -16.84 5.29 -4.75
CA THR C 71 -16.20 5.77 -5.98
C THR C 71 -16.18 4.69 -7.05
N CYS C 72 -15.76 3.47 -6.68
CA CYS C 72 -15.61 2.43 -7.69
C CYS C 72 -16.94 2.09 -8.35
N LEU C 73 -18.05 2.23 -7.61
CA LEU C 73 -19.35 1.95 -8.22
C LEU C 73 -19.67 2.95 -9.33
N VAL C 74 -19.52 4.25 -9.07
CA VAL C 74 -19.85 5.20 -10.13
C VAL C 74 -18.85 5.07 -11.28
N LYS C 75 -17.58 4.78 -10.98
CA LYS C 75 -16.62 4.66 -12.07
C LYS C 75 -17.00 3.53 -13.02
N ILE C 76 -17.43 2.39 -12.47
CA ILE C 76 -17.81 1.25 -13.31
C ILE C 76 -19.08 1.55 -14.09
N ILE C 77 -20.11 2.07 -13.42
CA ILE C 77 -21.36 2.33 -14.11
C ILE C 77 -21.14 3.34 -15.24
N ASN C 78 -20.33 4.37 -14.97
CA ASN C 78 -20.03 5.35 -16.00
C ASN C 78 -19.28 4.75 -17.18
N GLU C 79 -18.33 3.85 -16.92
CA GLU C 79 -17.58 3.23 -18.01
C GLU C 79 -18.46 2.35 -18.87
N VAL C 80 -19.42 1.68 -18.26
CA VAL C 80 -20.17 0.62 -18.94
C VAL C 80 -21.47 1.15 -19.54
N LYS C 81 -22.07 2.17 -18.95
CA LYS C 81 -23.36 2.68 -19.39
C LYS C 81 -24.31 1.49 -19.64
N PRO C 82 -24.67 0.76 -18.60
CA PRO C 82 -25.49 -0.44 -18.80
C PRO C 82 -26.93 -0.11 -19.15
N THR C 83 -27.56 -1.00 -19.92
CA THR C 83 -28.99 -0.89 -20.11
C THR C 83 -29.79 -1.68 -19.07
N GLU C 84 -29.19 -2.69 -18.44
CA GLU C 84 -29.79 -3.48 -17.36
C GLU C 84 -28.77 -3.71 -16.25
N ILE C 85 -29.18 -3.50 -15.01
CA ILE C 85 -28.35 -3.79 -13.84
C ILE C 85 -29.07 -4.83 -12.99
N TYR C 86 -28.34 -5.89 -12.61
CA TYR C 86 -28.82 -6.90 -11.67
C TYR C 86 -27.93 -6.87 -10.43
N ASN C 87 -28.52 -6.52 -9.30
CA ASN C 87 -27.80 -6.43 -8.03
C ASN C 87 -27.95 -7.74 -7.27
N LEU C 88 -27.21 -8.74 -7.73
CA LEU C 88 -27.20 -10.03 -7.09
C LEU C 88 -26.21 -10.09 -5.94
N GLY C 89 -25.33 -9.11 -5.82
CA GLY C 89 -24.34 -9.13 -4.76
C GLY C 89 -24.98 -8.94 -3.39
N ALA C 90 -24.51 -9.73 -2.43
CA ALA C 90 -24.98 -9.77 -1.05
C ALA C 90 -24.09 -10.72 -0.27
N GLN C 91 -24.12 -10.57 1.05
CA GLN C 91 -23.73 -11.61 1.99
C GLN C 91 -25.01 -12.42 2.24
N SER C 92 -25.08 -13.63 1.67
CA SER C 92 -26.37 -14.30 1.52
C SER C 92 -26.67 -15.33 2.61
N HIS C 93 -25.78 -15.57 3.55
CA HIS C 93 -25.99 -16.69 4.47
C HIS C 93 -26.72 -16.22 5.72
N VAL C 94 -27.87 -16.84 6.00
CA VAL C 94 -28.70 -16.38 7.12
C VAL C 94 -28.01 -16.65 8.45
N LYS C 95 -27.45 -17.85 8.62
CA LYS C 95 -26.82 -18.17 9.89
C LYS C 95 -25.67 -17.22 10.19
N ILE C 96 -24.84 -16.94 9.20
CA ILE C 96 -23.65 -16.14 9.45
C ILE C 96 -24.04 -14.73 9.86
N SER C 97 -25.21 -14.27 9.39
CA SER C 97 -25.62 -12.89 9.63
C SER C 97 -25.82 -12.58 11.11
N PHE C 98 -26.02 -13.60 11.94
CA PHE C 98 -26.23 -13.32 13.36
C PHE C 98 -24.94 -12.87 14.03
N ASP C 99 -23.79 -13.33 13.53
CA ASP C 99 -22.48 -12.95 14.03
C ASP C 99 -21.76 -12.01 13.09
N LEU C 100 -22.36 -11.70 11.95
CA LEU C 100 -21.85 -10.73 10.99
C LEU C 100 -22.93 -9.71 10.67
N ALA C 101 -23.66 -9.25 11.68
CA ALA C 101 -24.84 -8.43 11.44
C ALA C 101 -24.48 -7.07 10.86
N GLU C 102 -23.37 -6.48 11.33
CA GLU C 102 -23.04 -5.13 10.90
C GLU C 102 -22.51 -5.12 9.47
N TYR C 103 -21.66 -6.10 9.12
CA TYR C 103 -21.17 -6.19 7.75
C TYR C 103 -22.31 -6.57 6.80
N THR C 104 -23.25 -7.40 7.27
CA THR C 104 -24.38 -7.75 6.42
C THR C 104 -25.24 -6.54 6.12
N ALA C 105 -25.41 -5.65 7.09
CA ALA C 105 -26.20 -4.45 6.83
C ALA C 105 -25.50 -3.54 5.82
N ASP C 106 -24.17 -3.45 5.89
CA ASP C 106 -23.44 -2.55 4.99
C ASP C 106 -23.55 -3.03 3.55
N VAL C 107 -23.34 -4.33 3.32
CA VAL C 107 -23.38 -4.88 1.98
C VAL C 107 -24.82 -5.05 1.50
N ASP C 108 -25.68 -5.68 2.30
CA ASP C 108 -27.00 -6.02 1.78
C ASP C 108 -27.95 -4.83 1.81
N GLY C 109 -27.78 -3.93 2.79
CA GLY C 109 -28.71 -2.84 3.00
C GLY C 109 -28.19 -1.56 2.39
N VAL C 110 -27.12 -1.01 2.96
CA VAL C 110 -26.63 0.26 2.44
C VAL C 110 -26.05 0.09 1.04
N GLY C 111 -25.44 -1.07 0.74
CA GLY C 111 -24.89 -1.29 -0.58
C GLY C 111 -25.89 -1.11 -1.70
N THR C 112 -27.15 -1.52 -1.46
CA THR C 112 -28.17 -1.32 -2.48
C THR C 112 -28.44 0.16 -2.74
N LEU C 113 -28.42 0.99 -1.68
CA LEU C 113 -28.56 2.42 -1.89
C LEU C 113 -27.34 2.98 -2.62
N ARG C 114 -26.14 2.53 -2.25
CA ARG C 114 -24.95 2.97 -2.97
C ARG C 114 -25.07 2.72 -4.46
N LEU C 115 -25.66 1.58 -4.84
CA LEU C 115 -25.72 1.26 -6.27
C LEU C 115 -26.69 2.19 -7.01
N LEU C 116 -27.86 2.47 -6.42
CA LEU C 116 -28.83 3.35 -7.07
C LEU C 116 -28.32 4.79 -7.11
N ASP C 117 -27.68 5.25 -6.03
CA ASP C 117 -27.10 6.59 -6.04
C ASP C 117 -26.10 6.74 -7.18
N ALA C 118 -25.30 5.70 -7.46
CA ALA C 118 -24.39 5.76 -8.60
C ALA C 118 -25.16 5.88 -9.91
N VAL C 119 -26.28 5.16 -10.05
CA VAL C 119 -27.12 5.31 -11.23
C VAL C 119 -27.55 6.77 -11.37
N LYS C 120 -28.09 7.34 -10.29
CA LYS C 120 -28.54 8.72 -10.33
C LYS C 120 -27.37 9.69 -10.56
N THR C 121 -26.20 9.39 -10.00
CA THR C 121 -25.07 10.29 -10.18
C THR C 121 -24.56 10.28 -11.63
N CYS C 122 -24.66 9.15 -12.32
CA CYS C 122 -24.25 9.02 -13.71
C CYS C 122 -25.34 9.44 -14.68
N GLY C 123 -26.44 10.00 -14.19
CA GLY C 123 -27.52 10.48 -15.02
C GLY C 123 -28.26 9.43 -15.82
N LEU C 124 -28.27 8.18 -15.37
CA LEU C 124 -28.87 7.07 -16.09
C LEU C 124 -30.27 6.71 -15.59
N ILE C 125 -30.88 7.53 -14.74
CA ILE C 125 -32.16 7.19 -14.13
C ILE C 125 -33.21 6.83 -15.18
N ASN C 126 -33.23 7.56 -16.30
CA ASN C 126 -34.28 7.40 -17.29
C ASN C 126 -33.95 6.33 -18.35
N SER C 127 -32.77 5.71 -18.30
CA SER C 127 -32.33 4.86 -19.40
C SER C 127 -31.78 3.53 -18.93
N VAL C 128 -32.08 3.12 -17.70
CA VAL C 128 -31.58 1.86 -17.18
C VAL C 128 -32.73 1.14 -16.49
N LYS C 129 -32.70 -0.19 -16.54
CA LYS C 129 -33.61 -1.03 -15.78
C LYS C 129 -32.83 -1.78 -14.70
N PHE C 130 -33.39 -1.80 -13.49
CA PHE C 130 -32.70 -2.20 -12.25
C PHE C 130 -33.46 -3.32 -11.55
N TYR C 131 -32.82 -4.48 -11.41
CA TYR C 131 -33.41 -5.60 -10.70
C TYR C 131 -32.73 -5.77 -9.34
N GLN C 132 -33.52 -5.86 -8.28
CA GLN C 132 -33.01 -6.06 -6.93
C GLN C 132 -33.30 -7.47 -6.46
N ALA C 133 -32.30 -8.11 -5.84
CA ALA C 133 -32.39 -9.50 -5.43
C ALA C 133 -33.10 -9.58 -4.09
N SER C 134 -34.43 -9.59 -4.13
CA SER C 134 -35.24 -9.77 -2.93
C SER C 134 -35.49 -11.26 -2.67
N THR C 135 -36.01 -11.56 -1.48
CA THR C 135 -35.99 -12.91 -0.90
C THR C 135 -37.26 -13.18 -0.10
N ASP C 136 -37.63 -14.47 -0.02
CA ASP C 136 -38.75 -14.87 0.83
C ASP C 136 -38.42 -14.67 2.31
N GLU C 137 -37.15 -14.51 2.65
CA GLU C 137 -36.79 -14.16 4.02
C GLU C 137 -37.51 -12.91 4.51
N LEU C 138 -38.00 -12.06 3.60
CA LEU C 138 -38.79 -10.91 4.04
C LEU C 138 -40.04 -11.35 4.79
N TYR C 139 -40.55 -12.54 4.46
CA TYR C 139 -41.77 -13.00 5.12
C TYR C 139 -41.52 -13.53 6.53
N GLY C 140 -40.32 -14.05 6.80
CA GLY C 140 -39.94 -14.56 8.13
C GLY C 140 -40.93 -15.45 8.84
N LYS C 141 -41.47 -14.96 9.96
CA LYS C 141 -42.62 -15.61 10.61
C LYS C 141 -43.84 -15.29 9.77
N VAL C 142 -44.23 -16.22 8.89
CA VAL C 142 -45.24 -15.92 7.88
C VAL C 142 -46.54 -15.43 8.53
N GLN C 143 -47.13 -14.39 7.92
CA GLN C 143 -48.43 -13.86 8.31
C GLN C 143 -49.59 -14.45 7.50
N GLU C 144 -49.34 -14.90 6.27
CA GLU C 144 -50.32 -15.60 5.46
C GLU C 144 -49.68 -16.87 4.93
N ILE C 145 -50.50 -17.90 4.68
CA ILE C 145 -50.05 -19.13 4.05
C ILE C 145 -51.02 -19.46 2.92
N PRO C 146 -50.56 -19.54 1.66
CA PRO C 146 -49.19 -19.25 1.22
C PRO C 146 -48.85 -17.75 1.22
N GLN C 147 -47.61 -17.40 0.84
CA GLN C 147 -47.16 -16.01 0.81
C GLN C 147 -47.29 -15.44 -0.60
N LYS C 148 -47.88 -14.25 -0.71
CA LYS C 148 -48.02 -13.58 -1.99
C LYS C 148 -47.49 -12.15 -1.89
N GLU C 149 -47.47 -11.45 -3.03
CA GLU C 149 -46.86 -10.13 -3.07
C GLU C 149 -47.43 -9.20 -2.02
N THR C 150 -48.68 -9.42 -1.60
CA THR C 150 -49.35 -8.50 -0.69
C THR C 150 -49.23 -8.93 0.78
N THR C 151 -48.62 -10.07 1.05
CA THR C 151 -48.51 -10.56 2.41
C THR C 151 -47.56 -9.69 3.21
N PRO C 152 -47.92 -9.33 4.45
CA PRO C 152 -47.06 -8.42 5.22
C PRO C 152 -45.76 -9.07 5.64
N PHE C 153 -44.69 -8.28 5.59
CA PHE C 153 -43.36 -8.78 5.90
C PHE C 153 -43.14 -8.89 7.41
N TYR C 154 -42.14 -9.66 7.80
CA TYR C 154 -41.83 -9.93 9.20
C TYR C 154 -40.48 -10.62 9.29
N PRO C 155 -39.39 -9.90 9.05
CA PRO C 155 -38.06 -10.53 8.96
C PRO C 155 -37.61 -11.10 10.30
N ARG C 156 -36.75 -12.13 10.23
CA ARG C 156 -36.37 -12.92 11.40
C ARG C 156 -34.86 -13.09 11.60
N SER C 157 -34.03 -12.32 10.90
CA SER C 157 -32.58 -12.40 11.06
C SER C 157 -31.99 -11.08 10.59
N PRO C 158 -30.80 -10.71 11.07
CA PRO C 158 -30.13 -9.52 10.54
C PRO C 158 -30.02 -9.50 9.03
N TYR C 159 -29.90 -10.66 8.39
CA TYR C 159 -30.00 -10.73 6.93
C TYR C 159 -31.34 -10.24 6.45
N GLY C 160 -32.43 -10.71 7.07
CA GLY C 160 -33.76 -10.32 6.62
C GLY C 160 -34.04 -8.84 6.84
N ALA C 161 -33.61 -8.29 7.97
CA ALA C 161 -33.74 -6.86 8.19
C ALA C 161 -32.99 -6.07 7.13
N ALA C 162 -31.72 -6.43 6.87
CA ALA C 162 -30.97 -5.77 5.81
C ALA C 162 -31.73 -5.83 4.48
N LYS C 163 -32.22 -7.02 4.11
CA LYS C 163 -32.91 -7.15 2.83
C LYS C 163 -34.22 -6.35 2.82
N LEU C 164 -34.89 -6.23 3.97
CA LEU C 164 -36.11 -5.43 4.02
C LEU C 164 -35.82 -3.97 3.68
N TYR C 165 -34.69 -3.45 4.14
CA TYR C 165 -34.31 -2.08 3.81
C TYR C 165 -34.07 -1.94 2.31
N ALA C 166 -33.26 -2.85 1.76
CA ALA C 166 -33.04 -2.86 0.31
C ALA C 166 -34.36 -2.78 -0.46
N TYR C 167 -35.32 -3.62 -0.09
CA TYR C 167 -36.59 -3.66 -0.81
C TYR C 167 -37.24 -2.28 -0.89
N TRP C 168 -37.34 -1.59 0.25
CA TRP C 168 -38.09 -0.36 0.27
C TRP C 168 -37.33 0.79 -0.39
N ILE C 169 -36.02 0.84 -0.20
CA ILE C 169 -35.22 1.88 -0.86
C ILE C 169 -35.31 1.78 -2.37
N VAL C 170 -35.50 0.56 -2.90
CA VAL C 170 -35.69 0.38 -4.33
C VAL C 170 -37.06 0.86 -4.75
N VAL C 171 -38.08 0.59 -3.93
CA VAL C 171 -39.40 1.13 -4.20
C VAL C 171 -39.36 2.64 -4.23
N ASN C 172 -38.59 3.24 -3.33
CA ASN C 172 -38.60 4.69 -3.23
C ASN C 172 -38.00 5.33 -4.47
N PHE C 173 -36.91 4.75 -4.99
CA PHE C 173 -36.35 5.27 -6.23
C PHE C 173 -37.33 5.10 -7.38
N ARG C 174 -38.12 4.02 -7.39
CA ARG C 174 -39.11 3.89 -8.46
C ARG C 174 -40.19 4.97 -8.32
N GLU C 175 -40.68 5.19 -7.11
CA GLU C 175 -41.79 6.14 -6.99
C GLU C 175 -41.32 7.60 -7.05
N ALA C 176 -40.08 7.90 -6.67
CA ALA C 176 -39.64 9.29 -6.58
C ALA C 176 -38.94 9.78 -7.84
N TYR C 177 -38.18 8.93 -8.52
CA TYR C 177 -37.45 9.38 -9.70
C TYR C 177 -37.89 8.66 -10.96
N ASN C 178 -38.88 7.78 -10.87
CA ASN C 178 -39.39 7.08 -12.04
C ASN C 178 -38.37 6.12 -12.64
N LEU C 179 -37.48 5.60 -11.80
CA LEU C 179 -36.56 4.56 -12.22
C LEU C 179 -37.32 3.24 -12.44
N PHE C 180 -37.09 2.61 -13.58
CA PHE C 180 -37.63 1.28 -13.84
C PHE C 180 -36.89 0.27 -12.96
N ALA C 181 -37.45 -0.02 -11.77
CA ALA C 181 -36.79 -0.85 -10.75
C ALA C 181 -37.80 -1.84 -10.18
N VAL C 182 -37.37 -3.09 -10.02
CA VAL C 182 -38.24 -4.18 -9.64
C VAL C 182 -37.60 -5.00 -8.52
N ASN C 183 -38.43 -5.59 -7.66
CA ASN C 183 -37.99 -6.52 -6.62
C ASN C 183 -38.38 -7.94 -7.01
N GLY C 184 -37.40 -8.82 -7.20
CA GLY C 184 -37.67 -10.24 -7.34
C GLY C 184 -37.79 -10.90 -5.97
N ILE C 185 -38.99 -11.31 -5.59
CA ILE C 185 -39.21 -11.94 -4.27
C ILE C 185 -39.05 -13.44 -4.48
N LEU C 186 -37.81 -13.89 -4.57
CA LEU C 186 -37.52 -15.26 -4.93
C LEU C 186 -37.32 -16.14 -3.72
N PHE C 187 -37.88 -17.34 -3.77
CA PHE C 187 -37.72 -18.35 -2.74
C PHE C 187 -36.51 -19.24 -3.04
N ASN C 188 -36.20 -20.13 -2.11
CA ASN C 188 -34.98 -20.93 -2.20
C ASN C 188 -34.84 -21.54 -3.58
N HIS C 189 -33.68 -21.33 -4.20
CA HIS C 189 -33.37 -21.99 -5.45
C HIS C 189 -31.96 -22.58 -5.36
N GLU C 190 -31.82 -23.86 -5.69
CA GLU C 190 -30.57 -24.61 -5.50
C GLU C 190 -30.03 -25.07 -6.86
N SER C 191 -28.89 -25.77 -6.81
CA SER C 191 -28.24 -26.27 -8.01
C SER C 191 -26.96 -27.02 -7.69
N PRO C 192 -26.31 -27.66 -8.67
CA PRO C 192 -24.97 -28.20 -8.42
C PRO C 192 -23.93 -27.14 -8.07
N ARG C 193 -24.20 -25.85 -8.33
CA ARG C 193 -23.27 -24.78 -8.00
C ARG C 193 -23.63 -24.08 -6.70
N ARG C 194 -24.66 -24.54 -6.00
CA ARG C 194 -25.03 -23.97 -4.72
C ARG C 194 -23.86 -24.00 -3.74
N GLY C 195 -23.77 -22.97 -2.90
CA GLY C 195 -22.66 -22.88 -1.98
C GLY C 195 -22.69 -23.99 -0.94
N ALA C 196 -21.50 -24.50 -0.61
CA ALA C 196 -21.41 -25.69 0.23
C ALA C 196 -22.09 -25.52 1.57
N ASN C 197 -22.28 -24.28 2.03
CA ASN C 197 -22.75 -23.96 3.38
C ASN C 197 -24.26 -23.95 3.52
N PHE C 198 -25.01 -24.10 2.42
CA PHE C 198 -26.47 -24.15 2.49
C PHE C 198 -26.95 -25.60 2.63
N VAL C 199 -28.17 -25.75 3.16
CA VAL C 199 -28.57 -27.04 3.70
C VAL C 199 -28.53 -28.11 2.63
N THR C 200 -29.01 -27.79 1.43
CA THR C 200 -29.18 -28.82 0.40
C THR C 200 -27.83 -29.29 -0.15
N ARG C 201 -26.90 -28.37 -0.36
CA ARG C 201 -25.58 -28.77 -0.87
C ARG C 201 -24.77 -29.50 0.21
N LYS C 202 -24.89 -29.06 1.47
CA LYS C 202 -24.24 -29.78 2.56
C LYS C 202 -24.68 -31.24 2.58
N ILE C 203 -25.98 -31.48 2.42
CA ILE C 203 -26.49 -32.84 2.40
C ILE C 203 -25.92 -33.60 1.21
N SER C 204 -26.05 -33.03 0.01
CA SER C 204 -25.65 -33.79 -1.18
C SER C 204 -24.13 -33.99 -1.23
N ARG C 205 -23.36 -32.98 -0.83
CA ARG C 205 -21.92 -33.17 -0.79
C ARG C 205 -21.52 -34.28 0.18
N SER C 206 -22.18 -34.36 1.33
CA SER C 206 -21.83 -35.37 2.34
C SER C 206 -22.32 -36.75 1.93
N VAL C 207 -23.56 -36.85 1.43
CA VAL C 207 -24.05 -38.15 0.98
C VAL C 207 -23.14 -38.71 -0.12
N ALA C 208 -22.67 -37.85 -1.02
CA ALA C 208 -21.78 -38.31 -2.08
C ALA C 208 -20.50 -38.90 -1.48
N LYS C 209 -19.89 -38.18 -0.54
CA LYS C 209 -18.62 -38.64 0.02
C LYS C 209 -18.79 -39.91 0.84
N ILE C 210 -19.93 -40.09 1.51
CA ILE C 210 -20.19 -41.35 2.20
C ILE C 210 -20.27 -42.50 1.21
N TYR C 211 -20.98 -42.31 0.10
CA TYR C 211 -21.08 -43.33 -0.93
C TYR C 211 -19.71 -43.82 -1.40
N LEU C 212 -18.69 -42.96 -1.33
CA LEU C 212 -17.40 -43.26 -1.91
C LEU C 212 -16.34 -43.52 -0.86
N GLY C 213 -16.74 -43.73 0.39
CA GLY C 213 -15.79 -44.00 1.45
C GLY C 213 -14.87 -42.84 1.75
N GLN C 214 -15.32 -41.61 1.52
CA GLN C 214 -14.52 -40.45 1.87
C GLN C 214 -15.02 -39.77 3.15
N LEU C 215 -16.14 -40.23 3.69
CA LEU C 215 -16.71 -39.62 4.88
C LEU C 215 -17.56 -40.68 5.57
N GLU C 216 -17.76 -40.50 6.88
CA GLU C 216 -18.63 -41.39 7.62
C GLU C 216 -19.79 -40.71 8.31
N CYS C 217 -19.65 -39.47 8.74
CA CYS C 217 -20.77 -38.85 9.42
C CYS C 217 -20.74 -37.33 9.23
N PHE C 218 -21.92 -36.71 9.24
CA PHE C 218 -22.02 -35.26 9.25
C PHE C 218 -23.21 -34.86 10.11
N SER C 219 -23.23 -33.59 10.51
CA SER C 219 -24.25 -33.08 11.44
C SER C 219 -25.05 -31.93 10.82
N LEU C 220 -26.36 -31.98 11.03
CA LEU C 220 -27.30 -30.93 10.66
C LEU C 220 -27.82 -30.25 11.93
N GLY C 221 -28.67 -29.24 11.75
CA GLY C 221 -29.33 -28.54 12.84
C GLY C 221 -30.81 -28.86 13.04
N ASN C 222 -31.70 -27.96 12.62
CA ASN C 222 -33.15 -28.15 12.74
C ASN C 222 -33.67 -28.99 11.58
N LEU C 223 -34.12 -30.22 11.87
CA LEU C 223 -34.52 -31.14 10.81
C LEU C 223 -35.97 -30.92 10.36
N ASP C 224 -36.78 -30.22 11.15
CA ASP C 224 -38.20 -30.07 10.89
C ASP C 224 -38.55 -28.79 10.11
N ALA C 225 -37.56 -27.98 9.75
CA ALA C 225 -37.84 -26.81 8.92
C ALA C 225 -38.37 -27.23 7.55
N LYS C 226 -39.26 -26.40 6.99
CA LYS C 226 -39.86 -26.63 5.68
C LYS C 226 -39.50 -25.50 4.72
N ARG C 227 -39.24 -25.86 3.47
CA ARG C 227 -38.78 -24.91 2.47
C ARG C 227 -39.47 -25.15 1.13
N ASP C 228 -39.56 -24.08 0.34
CA ASP C 228 -40.01 -24.13 -1.05
C ASP C 228 -38.75 -24.09 -1.91
N TRP C 229 -38.43 -25.22 -2.53
CA TRP C 229 -37.16 -25.39 -3.24
C TRP C 229 -37.38 -25.44 -4.75
N GLY C 230 -36.67 -24.58 -5.47
CA GLY C 230 -36.64 -24.59 -6.92
C GLY C 230 -35.21 -24.65 -7.41
N HIS C 231 -35.06 -24.58 -8.73
CA HIS C 231 -33.75 -24.66 -9.37
C HIS C 231 -33.28 -23.28 -9.85
N ALA C 232 -32.06 -22.90 -9.46
CA ALA C 232 -31.54 -21.57 -9.79
C ALA C 232 -31.56 -21.31 -11.30
N LYS C 233 -31.23 -22.31 -12.11
CA LYS C 233 -31.20 -22.10 -13.56
C LYS C 233 -32.54 -21.61 -14.08
N ASP C 234 -33.64 -22.11 -13.52
CA ASP C 234 -34.96 -21.64 -13.93
C ASP C 234 -35.21 -20.21 -13.46
N TYR C 235 -34.77 -19.87 -12.25
CA TYR C 235 -35.17 -18.61 -11.65
C TYR C 235 -34.48 -17.42 -12.28
N VAL C 236 -33.25 -17.59 -12.79
CA VAL C 236 -32.58 -16.43 -13.37
C VAL C 236 -33.36 -15.90 -14.55
N GLU C 237 -33.92 -16.80 -15.36
CA GLU C 237 -34.73 -16.36 -16.50
C GLU C 237 -35.92 -15.53 -16.04
N ALA C 238 -36.48 -15.84 -14.87
CA ALA C 238 -37.56 -15.01 -14.35
C ALA C 238 -37.06 -13.60 -14.08
N MET C 239 -35.83 -13.47 -13.58
CA MET C 239 -35.24 -12.15 -13.39
C MET C 239 -35.28 -11.33 -14.67
N TRP C 240 -34.78 -11.88 -15.77
CA TRP C 240 -34.74 -11.17 -17.03
C TRP C 240 -36.15 -10.81 -17.51
N LEU C 241 -37.12 -11.71 -17.30
CA LEU C 241 -38.50 -11.42 -17.70
C LEU C 241 -39.08 -10.26 -16.92
N MET C 242 -38.64 -10.05 -15.68
CA MET C 242 -39.19 -8.94 -14.92
C MET C 242 -38.75 -7.60 -15.50
N LEU C 243 -37.60 -7.57 -16.18
CA LEU C 243 -37.14 -6.35 -16.83
C LEU C 243 -37.68 -6.18 -18.26
N GLN C 244 -38.22 -7.22 -18.87
CA GLN C 244 -38.84 -7.09 -20.19
C GLN C 244 -40.29 -6.67 -20.11
N ASN C 245 -40.86 -6.58 -18.91
CA ASN C 245 -42.23 -6.14 -18.75
C ASN C 245 -42.35 -4.67 -19.17
N ASP C 246 -43.58 -4.28 -19.52
CA ASP C 246 -43.80 -2.89 -19.91
C ASP C 246 -43.70 -1.95 -18.71
N GLU C 247 -44.17 -2.38 -17.54
CA GLU C 247 -44.13 -1.61 -16.32
C GLU C 247 -43.25 -2.28 -15.27
N PRO C 248 -42.67 -1.51 -14.34
CA PRO C 248 -41.89 -2.11 -13.25
C PRO C 248 -42.80 -2.64 -12.14
N GLU C 249 -42.81 -3.95 -11.96
CA GLU C 249 -43.63 -4.63 -10.97
C GLU C 249 -42.82 -5.66 -10.18
N ASP C 250 -43.23 -5.89 -8.93
CA ASP C 250 -42.59 -6.88 -8.05
C ASP C 250 -43.31 -8.22 -8.15
N PHE C 251 -42.52 -9.30 -8.16
CA PHE C 251 -43.04 -10.63 -8.41
C PHE C 251 -42.53 -11.62 -7.39
N VAL C 252 -43.42 -12.51 -6.94
CA VAL C 252 -43.03 -13.67 -6.16
C VAL C 252 -42.72 -14.81 -7.12
N ILE C 253 -41.57 -15.46 -6.90
CA ILE C 253 -41.08 -16.53 -7.76
C ILE C 253 -40.81 -17.75 -6.89
N ALA C 254 -41.57 -18.82 -7.09
CA ALA C 254 -41.48 -20.00 -6.24
C ALA C 254 -42.09 -21.19 -6.99
N THR C 255 -42.02 -22.37 -6.35
CA THR C 255 -42.64 -23.60 -6.85
C THR C 255 -43.98 -23.89 -6.20
N GLY C 256 -44.19 -23.41 -4.98
CA GLY C 256 -45.41 -23.69 -4.25
C GLY C 256 -45.45 -25.03 -3.54
N GLU C 257 -44.43 -25.87 -3.71
CA GLU C 257 -44.37 -27.20 -3.08
C GLU C 257 -43.39 -27.16 -1.92
N VAL C 258 -43.83 -27.66 -0.77
CA VAL C 258 -43.09 -27.55 0.48
C VAL C 258 -42.65 -28.94 0.95
N HIS C 259 -41.42 -29.01 1.45
CA HIS C 259 -40.82 -30.22 1.97
C HIS C 259 -39.91 -29.84 3.13
N SER C 260 -39.65 -30.83 4.00
CA SER C 260 -38.82 -30.65 5.18
C SER C 260 -37.37 -30.99 4.89
N VAL C 261 -36.48 -30.43 5.72
CA VAL C 261 -35.07 -30.79 5.66
C VAL C 261 -34.90 -32.28 5.85
N ARG C 262 -35.69 -32.88 6.75
CA ARG C 262 -35.65 -34.33 6.97
C ARG C 262 -35.86 -35.08 5.65
N GLU C 263 -36.89 -34.72 4.87
CA GLU C 263 -37.15 -35.36 3.59
C GLU C 263 -35.94 -35.30 2.68
N PHE C 264 -35.35 -34.12 2.56
CA PHE C 264 -34.18 -33.98 1.69
C PHE C 264 -33.10 -34.99 2.05
N VAL C 265 -32.85 -35.16 3.36
CA VAL C 265 -31.90 -36.18 3.82
C VAL C 265 -32.37 -37.57 3.38
N GLU C 266 -33.60 -37.93 3.75
CA GLU C 266 -34.13 -39.25 3.41
C GLU C 266 -34.00 -39.54 1.92
N LYS C 267 -34.48 -38.63 1.07
CA LYS C 267 -34.43 -38.85 -0.37
C LYS C 267 -33.01 -38.89 -0.90
N SER C 268 -32.11 -38.07 -0.34
CA SER C 268 -30.73 -38.05 -0.84
C SER C 268 -30.03 -39.38 -0.58
N PHE C 269 -30.24 -39.98 0.60
CA PHE C 269 -29.64 -41.27 0.88
C PHE C 269 -30.28 -42.37 0.05
N LEU C 270 -31.57 -42.25 -0.27
CA LEU C 270 -32.19 -43.25 -1.13
C LEU C 270 -31.43 -43.40 -2.44
N HIS C 271 -31.11 -42.29 -3.11
CA HIS C 271 -30.36 -42.33 -4.37
C HIS C 271 -28.97 -42.92 -4.21
N ILE C 272 -28.54 -43.15 -2.98
CA ILE C 272 -27.26 -43.79 -2.69
C ILE C 272 -27.44 -45.22 -2.23
N GLY C 273 -28.68 -45.73 -2.21
CA GLY C 273 -28.97 -47.09 -1.81
C GLY C 273 -29.19 -47.29 -0.34
N LYS C 274 -29.34 -46.22 0.43
CA LYS C 274 -29.37 -46.31 1.89
C LYS C 274 -30.69 -45.77 2.42
N THR C 275 -31.23 -46.45 3.43
CA THR C 275 -32.50 -46.08 4.06
C THR C 275 -32.26 -45.59 5.47
N ILE C 276 -32.70 -44.37 5.76
CA ILE C 276 -32.43 -43.72 7.03
C ILE C 276 -33.61 -43.94 7.96
N VAL C 277 -33.35 -44.51 9.14
CA VAL C 277 -34.35 -44.64 10.20
C VAL C 277 -33.87 -43.80 11.38
N TRP C 278 -34.76 -42.97 11.92
CA TRP C 278 -34.35 -42.01 12.93
C TRP C 278 -34.57 -42.59 14.32
N GLU C 279 -33.63 -42.30 15.22
CA GLU C 279 -33.74 -42.69 16.62
C GLU C 279 -33.32 -41.51 17.49
N GLY C 280 -33.97 -41.38 18.65
CA GLY C 280 -33.66 -40.30 19.57
C GLY C 280 -34.53 -39.07 19.37
N LYS C 281 -34.27 -38.06 20.20
CA LYS C 281 -35.08 -36.83 20.21
C LYS C 281 -34.18 -35.61 20.23
N ASN C 282 -34.67 -34.53 19.63
CA ASN C 282 -34.08 -33.19 19.76
C ASN C 282 -32.63 -33.23 19.31
N GLU C 283 -31.68 -32.74 20.11
CA GLU C 283 -30.28 -32.67 19.69
C GLU C 283 -29.57 -34.00 19.77
N ASN C 284 -30.19 -35.00 20.41
CA ASN C 284 -29.66 -36.34 20.47
C ASN C 284 -30.25 -37.24 19.41
N GLU C 285 -30.96 -36.68 18.44
CA GLU C 285 -31.46 -37.51 17.35
C GLU C 285 -30.33 -37.87 16.41
N VAL C 286 -30.48 -39.01 15.74
CA VAL C 286 -29.44 -39.58 14.89
C VAL C 286 -30.11 -40.34 13.75
N GLY C 287 -29.44 -40.37 12.61
CA GLY C 287 -29.92 -41.14 11.47
C GLY C 287 -29.02 -42.33 11.18
N ARG C 288 -29.60 -43.53 11.16
CA ARG C 288 -28.83 -44.77 11.00
C ARG C 288 -29.23 -45.45 9.70
N CYS C 289 -28.25 -46.07 9.04
CA CYS C 289 -28.51 -46.79 7.80
C CYS C 289 -29.07 -48.17 8.13
N LYS C 290 -30.23 -48.48 7.54
CA LYS C 290 -30.88 -49.75 7.83
C LYS C 290 -30.03 -50.92 7.36
N GLU C 291 -29.35 -50.76 6.22
CA GLU C 291 -28.67 -51.91 5.61
C GLU C 291 -27.32 -52.19 6.24
N THR C 292 -26.69 -51.19 6.85
CA THR C 292 -25.38 -51.39 7.45
C THR C 292 -25.37 -51.21 8.96
N GLY C 293 -26.28 -50.41 9.52
CA GLY C 293 -26.27 -50.12 10.93
C GLY C 293 -25.38 -48.96 11.33
N LYS C 294 -24.73 -48.30 10.38
CA LYS C 294 -23.81 -47.22 10.71
C LYS C 294 -24.54 -45.88 10.78
N VAL C 295 -24.16 -45.06 11.75
CA VAL C 295 -24.71 -43.70 11.86
C VAL C 295 -23.99 -42.81 10.87
N HIS C 296 -24.76 -41.96 10.17
CA HIS C 296 -24.22 -41.03 9.19
C HIS C 296 -24.59 -39.57 9.43
N VAL C 297 -25.66 -39.27 10.16
CA VAL C 297 -26.04 -37.88 10.44
C VAL C 297 -26.42 -37.74 11.91
N THR C 298 -25.84 -36.75 12.57
CA THR C 298 -26.21 -36.35 13.93
C THR C 298 -26.66 -34.90 13.94
N VAL C 299 -27.08 -34.42 15.09
CA VAL C 299 -27.67 -33.10 15.25
C VAL C 299 -26.87 -32.33 16.28
N ASP C 300 -26.61 -31.05 16.00
CA ASP C 300 -25.81 -30.19 16.86
C ASP C 300 -26.42 -28.81 16.94
N LEU C 301 -26.54 -28.28 18.16
CA LEU C 301 -27.18 -26.99 18.38
C LEU C 301 -26.47 -25.84 17.69
N LYS C 302 -25.17 -26.00 17.38
CA LYS C 302 -24.45 -24.90 16.75
C LYS C 302 -24.98 -24.57 15.35
N TYR C 303 -25.87 -25.39 14.79
CA TYR C 303 -26.48 -25.12 13.49
C TYR C 303 -27.93 -24.64 13.59
N TYR C 304 -28.46 -24.46 14.78
CA TYR C 304 -29.77 -23.84 14.89
C TYR C 304 -29.64 -22.34 14.68
N ARG C 305 -30.78 -21.66 14.65
CA ARG C 305 -30.76 -20.22 14.56
C ARG C 305 -31.52 -19.61 15.72
N PRO C 306 -31.03 -18.51 16.28
CA PRO C 306 -31.71 -17.95 17.47
C PRO C 306 -33.21 -17.71 17.23
N THR C 307 -33.61 -17.36 16.01
CA THR C 307 -35.02 -17.18 15.65
C THR C 307 -35.23 -17.74 14.26
N GLU C 308 -35.95 -18.86 14.17
CA GLU C 308 -36.02 -19.65 12.96
C GLU C 308 -37.20 -19.23 12.07
N VAL C 309 -37.06 -19.53 10.77
CA VAL C 309 -38.13 -19.41 9.80
C VAL C 309 -38.64 -20.82 9.58
N ASP C 310 -39.83 -21.12 10.11
CA ASP C 310 -40.28 -22.51 10.22
C ASP C 310 -40.93 -23.03 8.94
N PHE C 311 -41.63 -22.18 8.21
CA PHE C 311 -42.45 -22.62 7.09
C PHE C 311 -42.48 -21.53 6.03
N LEU C 312 -42.40 -21.96 4.76
CA LEU C 312 -42.34 -21.03 3.62
C LEU C 312 -42.98 -21.70 2.42
N GLN C 313 -43.93 -21.00 1.78
CA GLN C 313 -44.58 -21.52 0.58
C GLN C 313 -45.07 -20.35 -0.26
N GLY C 314 -44.64 -20.30 -1.53
CA GLY C 314 -44.90 -19.16 -2.39
C GLY C 314 -46.07 -19.38 -3.34
N ASP C 315 -46.86 -18.32 -3.52
CA ASP C 315 -47.93 -18.28 -4.51
C ASP C 315 -47.49 -17.35 -5.64
N CYS C 316 -47.04 -17.92 -6.76
CA CYS C 316 -46.55 -17.14 -7.89
C CYS C 316 -47.61 -16.99 -8.98
N THR C 317 -48.87 -16.83 -8.59
CA THR C 317 -49.93 -16.60 -9.56
C THR C 317 -49.66 -15.34 -10.37
N LYS C 318 -49.39 -14.23 -9.68
CA LYS C 318 -49.12 -12.98 -10.39
C LYS C 318 -48.01 -13.18 -11.42
N ALA C 319 -46.94 -13.90 -11.03
CA ALA C 319 -45.88 -14.16 -11.99
C ALA C 319 -46.38 -14.97 -13.17
N LYS C 320 -47.16 -16.02 -12.90
CA LYS C 320 -47.60 -16.90 -13.98
C LYS C 320 -48.43 -16.15 -15.02
N GLN C 321 -49.30 -15.24 -14.57
CA GLN C 321 -50.21 -14.55 -15.48
C GLN C 321 -49.51 -13.43 -16.27
N LYS C 322 -48.69 -12.62 -15.60
CA LYS C 322 -48.14 -11.44 -16.24
C LYS C 322 -46.88 -11.73 -17.04
N LEU C 323 -46.04 -12.65 -16.59
CA LEU C 323 -44.79 -13.00 -17.27
C LEU C 323 -44.87 -14.29 -18.08
N ASN C 324 -45.89 -15.12 -17.87
CA ASN C 324 -45.97 -16.41 -18.55
C ASN C 324 -44.79 -17.31 -18.16
N TRP C 325 -44.41 -17.23 -16.88
CA TRP C 325 -43.30 -17.99 -16.32
C TRP C 325 -43.83 -19.09 -15.42
N LYS C 326 -43.28 -20.28 -15.59
CA LYS C 326 -43.63 -21.39 -14.72
C LYS C 326 -42.36 -22.08 -14.28
N PRO C 327 -42.37 -22.70 -13.11
CA PRO C 327 -41.23 -23.51 -12.67
C PRO C 327 -41.11 -24.77 -13.52
N ARG C 328 -39.87 -25.20 -13.73
CA ARG C 328 -39.58 -26.32 -14.60
C ARG C 328 -39.02 -27.54 -13.88
N VAL C 329 -38.43 -27.39 -12.69
CA VAL C 329 -37.82 -28.51 -11.96
C VAL C 329 -38.51 -28.66 -10.62
N ALA C 330 -38.91 -29.89 -10.30
CA ALA C 330 -39.63 -30.22 -9.08
C ALA C 330 -38.67 -30.80 -8.04
N PHE C 331 -39.22 -31.00 -6.83
CA PHE C 331 -38.39 -31.35 -5.68
C PHE C 331 -37.59 -32.62 -5.93
N ASP C 332 -38.26 -33.68 -6.38
CA ASP C 332 -37.58 -34.96 -6.52
C ASP C 332 -36.44 -34.86 -7.52
N GLU C 333 -36.65 -34.16 -8.63
CA GLU C 333 -35.59 -34.08 -9.64
C GLU C 333 -34.39 -33.28 -9.12
N LEU C 334 -34.64 -32.25 -8.31
CA LEU C 334 -33.54 -31.46 -7.76
C LEU C 334 -32.63 -32.32 -6.87
N VAL C 335 -33.22 -33.12 -5.98
CA VAL C 335 -32.44 -33.99 -5.10
C VAL C 335 -31.61 -34.98 -5.91
N ARG C 336 -32.20 -35.54 -6.98
CA ARG C 336 -31.46 -36.48 -7.81
C ARG C 336 -30.29 -35.80 -8.51
N GLU C 337 -30.54 -34.65 -9.14
CA GLU C 337 -29.49 -33.98 -9.90
C GLU C 337 -28.32 -33.58 -9.01
N MET C 338 -28.61 -33.03 -7.83
CA MET C 338 -27.53 -32.60 -6.95
C MET C 338 -26.72 -33.78 -6.43
N VAL C 339 -27.36 -34.88 -6.02
CA VAL C 339 -26.57 -35.99 -5.48
C VAL C 339 -25.76 -36.64 -6.59
N HIS C 340 -26.32 -36.74 -7.80
CA HIS C 340 -25.58 -37.35 -8.92
C HIS C 340 -24.38 -36.49 -9.30
N ALA C 341 -24.59 -35.17 -9.44
CA ALA C 341 -23.48 -34.28 -9.75
C ALA C 341 -22.35 -34.41 -8.73
N ASP C 342 -22.70 -34.36 -7.44
CA ASP C 342 -21.67 -34.37 -6.40
C ASP C 342 -20.94 -35.72 -6.31
N VAL C 343 -21.60 -36.82 -6.70
CA VAL C 343 -20.89 -38.09 -6.75
C VAL C 343 -19.86 -38.09 -7.88
N GLU C 344 -20.26 -37.60 -9.07
CA GLU C 344 -19.29 -37.52 -10.16
C GLU C 344 -18.16 -36.56 -9.81
N LEU C 345 -18.48 -35.49 -9.08
CA LEU C 345 -17.46 -34.52 -8.69
C LEU C 345 -16.46 -35.15 -7.73
N MET C 346 -16.94 -35.69 -6.60
CA MET C 346 -16.06 -36.26 -5.60
C MET C 346 -15.30 -37.49 -6.10
N ARG C 347 -15.83 -38.19 -7.10
CA ARG C 347 -15.07 -39.31 -7.67
C ARG C 347 -13.90 -38.82 -8.52
N THR C 348 -14.03 -37.65 -9.13
CA THR C 348 -12.98 -37.11 -10.00
C THR C 348 -11.92 -36.36 -9.21
N ASN C 349 -12.29 -35.77 -8.10
CA ASN C 349 -11.41 -34.97 -7.26
C ASN C 349 -11.86 -35.07 -5.81
N PRO C 350 -11.14 -35.80 -4.96
CA PRO C 350 -11.60 -35.99 -3.58
C PRO C 350 -11.48 -34.77 -2.69
N ASN C 351 -10.92 -33.67 -3.16
CA ASN C 351 -10.82 -32.44 -2.36
C ASN C 351 -11.85 -31.43 -2.86
N ALA C 352 -13.06 -31.51 -2.32
CA ALA C 352 -14.15 -30.62 -2.71
C ALA C 352 -14.30 -30.58 -4.23
N ARG D 3 -30.20 3.41 42.27
CA ARG D 3 -30.91 2.23 41.76
C ARG D 3 -31.22 2.35 40.26
N ASN D 4 -31.43 3.57 39.77
CA ASN D 4 -31.93 3.86 38.42
C ASN D 4 -30.93 4.72 37.65
N VAL D 5 -30.37 4.18 36.57
CA VAL D 5 -29.38 4.90 35.74
C VAL D 5 -29.78 4.78 34.28
N ALA D 6 -29.96 5.92 33.61
CA ALA D 6 -30.45 5.98 32.22
C ALA D 6 -29.42 6.62 31.31
N LEU D 7 -29.30 6.08 30.10
CA LEU D 7 -28.39 6.59 29.08
C LEU D 7 -29.22 6.97 27.86
N ILE D 8 -29.02 8.21 27.38
CA ILE D 8 -29.89 8.79 26.35
C ILE D 8 -29.02 9.19 25.17
N THR D 9 -29.30 8.63 23.99
CA THR D 9 -28.71 9.17 22.76
C THR D 9 -29.63 10.23 22.17
N GLY D 10 -29.00 11.25 21.56
CA GLY D 10 -29.77 12.38 21.10
C GLY D 10 -30.31 13.24 22.22
N ILE D 11 -29.54 13.38 23.31
CA ILE D 11 -30.03 14.12 24.45
C ILE D 11 -30.10 15.63 24.18
N THR D 12 -29.37 16.12 23.18
CA THR D 12 -29.43 17.54 22.86
C THR D 12 -30.66 17.90 22.03
N GLY D 13 -31.31 16.92 21.41
CA GLY D 13 -32.49 17.20 20.60
C GLY D 13 -33.70 17.58 21.45
N GLN D 14 -34.79 17.88 20.75
CA GLN D 14 -36.06 18.20 21.41
C GLN D 14 -36.44 17.14 22.44
N ASP D 15 -36.79 15.94 21.97
CA ASP D 15 -37.29 14.91 22.88
C ASP D 15 -36.28 14.59 23.97
N GLY D 16 -34.99 14.68 23.68
CA GLY D 16 -34.00 14.36 24.69
C GLY D 16 -33.97 15.36 25.81
N SER D 17 -34.14 16.64 25.50
CA SER D 17 -34.17 17.66 26.54
C SER D 17 -35.33 17.44 27.51
N TYR D 18 -36.51 17.10 27.00
CA TYR D 18 -37.65 16.87 27.89
C TYR D 18 -37.45 15.58 28.69
N LEU D 19 -37.06 14.49 28.01
CA LEU D 19 -36.85 13.23 28.71
C LEU D 19 -35.86 13.39 29.85
N ALA D 20 -34.78 14.14 29.63
CA ALA D 20 -33.80 14.34 30.69
C ALA D 20 -34.42 15.03 31.90
N GLU D 21 -35.20 16.09 31.68
CA GLU D 21 -35.89 16.73 32.80
C GLU D 21 -36.81 15.74 33.50
N PHE D 22 -37.66 15.05 32.74
CA PHE D 22 -38.60 14.10 33.31
C PHE D 22 -37.89 13.12 34.24
N LEU D 23 -36.79 12.52 33.77
CA LEU D 23 -36.12 11.48 34.55
C LEU D 23 -35.37 12.07 35.74
N LEU D 24 -34.71 13.22 35.55
CA LEU D 24 -34.06 13.88 36.68
C LEU D 24 -35.03 14.12 37.83
N GLU D 25 -36.28 14.44 37.50
CA GLU D 25 -37.27 14.72 38.54
C GLU D 25 -37.56 13.48 39.37
N LYS D 26 -37.52 12.30 38.75
CA LYS D 26 -37.80 11.05 39.44
C LYS D 26 -36.57 10.50 40.16
N GLY D 27 -35.48 11.24 40.21
CA GLY D 27 -34.31 10.82 40.95
C GLY D 27 -33.33 9.97 40.19
N TYR D 28 -33.55 9.74 38.90
CA TYR D 28 -32.60 9.02 38.09
C TYR D 28 -31.25 9.74 38.03
N GLU D 29 -30.20 8.97 37.78
CA GLU D 29 -28.90 9.49 37.36
C GLU D 29 -28.85 9.43 35.83
N VAL D 30 -28.68 10.58 35.17
CA VAL D 30 -28.87 10.69 33.72
C VAL D 30 -27.54 10.88 33.01
N HIS D 31 -27.23 9.99 32.07
CA HIS D 31 -26.08 10.08 31.19
C HIS D 31 -26.54 10.26 29.76
N GLY D 32 -25.83 11.09 29.00
CA GLY D 32 -26.17 11.31 27.61
C GLY D 32 -24.94 11.30 26.72
N ILE D 33 -25.14 10.94 25.46
CA ILE D 33 -24.10 10.98 24.43
C ILE D 33 -24.33 12.22 23.57
N VAL D 34 -23.31 13.07 23.46
CA VAL D 34 -23.38 14.24 22.60
C VAL D 34 -22.23 14.20 21.60
N ARG D 35 -22.50 14.73 20.40
CA ARG D 35 -21.52 14.79 19.32
C ARG D 35 -20.55 15.95 19.56
N ARG D 36 -19.29 15.76 19.18
CA ARG D 36 -18.39 16.91 19.21
C ARG D 36 -18.84 17.93 18.19
N SER D 37 -18.64 19.20 18.52
CA SER D 37 -19.05 20.29 17.65
C SER D 37 -18.07 21.44 17.80
N SER D 38 -17.84 22.18 16.71
CA SER D 38 -16.90 23.29 16.79
C SER D 38 -17.48 24.46 17.58
N SER D 39 -18.77 24.44 17.84
CA SER D 39 -19.44 25.41 18.70
C SER D 39 -20.24 24.65 19.75
N PHE D 40 -20.79 25.38 20.70
CA PHE D 40 -21.60 24.74 21.73
C PHE D 40 -22.90 24.24 21.12
N ASN D 41 -23.26 22.97 21.40
CA ASN D 41 -24.51 22.41 20.89
C ASN D 41 -25.42 21.90 21.99
N THR D 42 -25.20 22.31 23.24
CA THR D 42 -25.94 21.81 24.38
C THR D 42 -27.05 22.76 24.81
N GLY D 43 -27.55 23.57 23.87
CA GLY D 43 -28.42 24.67 24.24
C GLY D 43 -29.65 24.23 25.00
N ARG D 44 -30.24 23.10 24.61
CA ARG D 44 -31.51 22.72 25.20
C ARG D 44 -31.36 22.16 26.61
N ILE D 45 -30.15 21.76 27.01
CA ILE D 45 -29.92 21.17 28.33
C ILE D 45 -28.93 21.95 29.17
N GLU D 46 -28.43 23.09 28.68
CA GLU D 46 -27.41 23.82 29.42
C GLU D 46 -27.85 24.12 30.85
N HIS D 47 -29.16 24.30 31.07
CA HIS D 47 -29.65 24.71 32.38
C HIS D 47 -29.71 23.57 33.39
N LEU D 48 -29.38 22.35 33.02
CA LEU D 48 -29.49 21.23 33.94
C LEU D 48 -28.20 20.98 34.72
N TYR D 49 -27.33 21.98 34.81
CA TYR D 49 -26.10 21.87 35.58
C TYR D 49 -26.28 22.47 36.98
N LYS D 50 -25.21 22.45 37.76
CA LYS D 50 -25.13 23.23 38.99
C LYS D 50 -24.56 24.61 38.65
N ASN D 51 -25.34 25.34 37.83
CA ASN D 51 -24.95 26.62 37.24
C ASN D 51 -24.11 26.42 35.98
N ASN D 59 -25.37 16.03 38.47
CA ASN D 59 -26.30 14.91 38.52
C ASN D 59 -26.65 14.40 37.13
N MET D 60 -26.35 15.20 36.10
CA MET D 60 -26.47 14.80 34.71
C MET D 60 -25.10 14.91 34.06
N LYS D 61 -24.60 13.80 33.51
CA LYS D 61 -23.27 13.80 32.94
C LYS D 61 -23.32 13.44 31.47
N LEU D 62 -22.51 14.15 30.67
CA LEU D 62 -22.45 13.98 29.23
C LEU D 62 -21.15 13.29 28.83
N HIS D 63 -21.21 12.50 27.74
CA HIS D 63 -20.06 11.79 27.16
C HIS D 63 -20.02 12.04 25.65
N TYR D 64 -18.81 12.26 25.11
CA TYR D 64 -18.67 12.40 23.66
C TYR D 64 -18.89 11.06 22.99
N GLY D 65 -19.48 11.08 21.80
CA GLY D 65 -19.69 9.82 21.10
C GLY D 65 -20.37 10.06 19.77
N ASP D 66 -20.70 8.96 19.09
CA ASP D 66 -21.37 9.05 17.80
C ASP D 66 -21.97 7.70 17.44
N LEU D 67 -23.19 7.70 16.92
CA LEU D 67 -23.81 6.45 16.52
C LEU D 67 -23.07 5.78 15.39
N THR D 68 -21.98 6.39 14.90
CA THR D 68 -21.14 5.88 13.83
C THR D 68 -19.91 5.11 14.33
N ASP D 69 -19.57 5.22 15.61
CA ASP D 69 -18.31 4.73 16.17
C ASP D 69 -18.62 3.58 17.14
N SER D 70 -18.38 2.35 16.67
CA SER D 70 -18.71 1.17 17.45
C SER D 70 -18.01 1.16 18.81
N THR D 71 -16.70 1.43 18.82
CA THR D 71 -15.94 1.33 20.06
C THR D 71 -16.44 2.30 21.11
N CYS D 72 -16.74 3.54 20.74
CA CYS D 72 -17.08 4.50 21.77
C CYS D 72 -18.38 4.12 22.46
N LEU D 73 -19.31 3.51 21.72
CA LEU D 73 -20.57 3.08 22.33
C LEU D 73 -20.32 2.04 23.41
N VAL D 74 -19.42 1.09 23.14
CA VAL D 74 -19.12 0.05 24.12
C VAL D 74 -18.43 0.64 25.34
N LYS D 75 -17.51 1.59 25.14
CA LYS D 75 -16.80 2.15 26.29
C LYS D 75 -17.74 2.96 27.18
N ILE D 76 -18.69 3.68 26.57
CA ILE D 76 -19.62 4.46 27.39
C ILE D 76 -20.54 3.54 28.18
N ILE D 77 -21.18 2.59 27.50
CA ILE D 77 -22.15 1.71 28.16
C ILE D 77 -21.50 0.91 29.29
N ASN D 78 -20.28 0.43 29.06
CA ASN D 78 -19.55 -0.25 30.13
C ASN D 78 -19.31 0.69 31.31
N GLU D 79 -18.93 1.94 31.02
CA GLU D 79 -18.70 2.92 32.08
C GLU D 79 -19.96 3.17 32.90
N VAL D 80 -21.11 3.32 32.23
CA VAL D 80 -22.32 3.72 32.91
C VAL D 80 -23.10 2.54 33.49
N LYS D 81 -23.05 1.38 32.85
CA LYS D 81 -23.84 0.22 33.26
C LYS D 81 -25.29 0.63 33.49
N PRO D 82 -25.95 1.21 32.48
CA PRO D 82 -27.29 1.76 32.69
C PRO D 82 -28.33 0.66 32.94
N THR D 83 -29.44 1.07 33.57
CA THR D 83 -30.61 0.21 33.69
C THR D 83 -31.67 0.49 32.63
N GLU D 84 -31.64 1.68 32.01
CA GLU D 84 -32.52 2.02 30.90
C GLU D 84 -31.69 2.75 29.83
N ILE D 85 -31.96 2.43 28.57
CA ILE D 85 -31.35 3.12 27.42
C ILE D 85 -32.46 3.61 26.49
N TYR D 86 -32.38 4.87 26.11
CA TYR D 86 -33.32 5.52 25.20
C TYR D 86 -32.57 5.94 23.94
N ASN D 87 -32.82 5.25 22.83
CA ASN D 87 -32.15 5.57 21.57
C ASN D 87 -32.98 6.62 20.84
N LEU D 88 -32.73 7.89 21.17
CA LEU D 88 -33.41 8.98 20.49
C LEU D 88 -32.56 9.62 19.41
N GLY D 89 -31.25 9.35 19.38
CA GLY D 89 -30.39 10.02 18.42
C GLY D 89 -30.71 9.62 16.99
N ALA D 90 -30.55 10.56 16.07
CA ALA D 90 -30.91 10.32 14.68
C ALA D 90 -30.70 11.60 13.88
N GLN D 91 -30.59 11.42 12.56
CA GLN D 91 -30.85 12.47 11.59
C GLN D 91 -32.34 12.42 11.30
N SER D 92 -33.09 13.43 11.75
CA SER D 92 -34.54 13.30 11.89
C SER D 92 -35.36 14.04 10.84
N HIS D 93 -34.73 14.68 9.87
CA HIS D 93 -35.45 15.56 8.93
C HIS D 93 -35.73 14.82 7.64
N VAL D 94 -37.02 14.62 7.33
CA VAL D 94 -37.39 13.79 6.18
C VAL D 94 -36.85 14.40 4.89
N LYS D 95 -37.02 15.71 4.72
CA LYS D 95 -36.63 16.30 3.45
C LYS D 95 -35.14 16.13 3.21
N ILE D 96 -34.32 16.46 4.21
CA ILE D 96 -32.87 16.38 4.05
C ILE D 96 -32.44 14.95 3.75
N SER D 97 -33.20 13.95 4.22
CA SER D 97 -32.83 12.58 3.96
C SER D 97 -32.79 12.26 2.47
N PHE D 98 -33.40 13.07 1.63
CA PHE D 98 -33.39 12.76 0.20
C PHE D 98 -32.05 13.11 -0.45
N ASP D 99 -31.30 14.04 0.14
CA ASP D 99 -29.95 14.36 -0.30
C ASP D 99 -28.88 13.89 0.68
N LEU D 100 -29.25 13.18 1.74
CA LEU D 100 -28.33 12.61 2.71
C LEU D 100 -28.66 11.14 2.94
N ALA D 101 -29.15 10.48 1.89
CA ALA D 101 -29.66 9.12 2.04
C ALA D 101 -28.69 8.22 2.82
N GLU D 102 -27.41 8.26 2.46
CA GLU D 102 -26.47 7.28 2.99
C GLU D 102 -26.11 7.59 4.45
N TYR D 103 -25.76 8.84 4.76
CA TYR D 103 -25.51 9.21 6.15
C TYR D 103 -26.70 8.82 7.02
N THR D 104 -27.91 9.20 6.57
CA THR D 104 -29.13 8.84 7.28
C THR D 104 -29.21 7.34 7.53
N ALA D 105 -28.96 6.54 6.51
CA ALA D 105 -28.94 5.10 6.71
C ALA D 105 -27.92 4.70 7.78
N ASP D 106 -26.74 5.31 7.75
CA ASP D 106 -25.67 4.87 8.63
C ASP D 106 -26.03 5.10 10.09
N VAL D 107 -26.54 6.28 10.42
CA VAL D 107 -26.85 6.57 11.81
C VAL D 107 -28.24 6.10 12.21
N ASP D 108 -29.23 6.19 11.30
CA ASP D 108 -30.60 5.89 11.69
C ASP D 108 -30.88 4.39 11.71
N GLY D 109 -30.41 3.66 10.70
CA GLY D 109 -30.55 2.22 10.62
C GLY D 109 -29.41 1.46 11.29
N VAL D 110 -28.24 1.40 10.63
CA VAL D 110 -27.10 0.66 11.19
C VAL D 110 -26.81 1.11 12.61
N GLY D 111 -26.97 2.40 12.90
CA GLY D 111 -26.56 2.93 14.19
C GLY D 111 -27.37 2.35 15.32
N THR D 112 -28.63 2.04 15.06
CA THR D 112 -29.40 1.29 16.06
C THR D 112 -28.76 -0.07 16.32
N LEU D 113 -28.36 -0.76 15.25
CA LEU D 113 -27.69 -2.04 15.43
C LEU D 113 -26.42 -1.88 16.26
N ARG D 114 -25.64 -0.82 16.02
CA ARG D 114 -24.43 -0.64 16.81
C ARG D 114 -24.77 -0.53 18.29
N LEU D 115 -25.84 0.18 18.61
CA LEU D 115 -26.19 0.35 20.02
C LEU D 115 -26.62 -0.97 20.65
N LEU D 116 -27.47 -1.74 19.98
CA LEU D 116 -27.84 -3.06 20.49
C LEU D 116 -26.60 -3.94 20.67
N ASP D 117 -25.69 -3.96 19.70
CA ASP D 117 -24.52 -4.82 19.81
C ASP D 117 -23.63 -4.42 20.98
N ALA D 118 -23.54 -3.12 21.27
CA ALA D 118 -22.82 -2.70 22.47
C ALA D 118 -23.44 -3.29 23.73
N VAL D 119 -24.77 -3.38 23.78
CA VAL D 119 -25.41 -3.95 24.96
C VAL D 119 -25.04 -5.42 25.11
N LYS D 120 -25.09 -6.16 24.00
CA LYS D 120 -24.72 -7.57 24.03
C LYS D 120 -23.24 -7.73 24.35
N THR D 121 -22.38 -6.88 23.79
CA THR D 121 -20.94 -7.03 24.02
C THR D 121 -20.56 -6.81 25.48
N CYS D 122 -21.29 -5.95 26.20
CA CYS D 122 -20.98 -5.64 27.59
C CYS D 122 -21.62 -6.62 28.56
N GLY D 123 -22.34 -7.61 28.06
CA GLY D 123 -22.97 -8.56 28.95
C GLY D 123 -24.16 -8.02 29.68
N LEU D 124 -24.75 -6.93 29.20
CA LEU D 124 -25.91 -6.35 29.86
C LEU D 124 -27.22 -6.77 29.21
N ILE D 125 -27.20 -7.88 28.48
CA ILE D 125 -28.33 -8.24 27.63
C ILE D 125 -29.59 -8.46 28.47
N ASN D 126 -29.44 -9.04 29.67
CA ASN D 126 -30.60 -9.40 30.48
C ASN D 126 -30.95 -8.37 31.55
N SER D 127 -30.15 -7.32 31.70
CA SER D 127 -30.30 -6.38 32.80
C SER D 127 -30.58 -4.95 32.34
N VAL D 128 -30.84 -4.74 31.05
CA VAL D 128 -31.13 -3.41 30.54
C VAL D 128 -32.48 -3.46 29.83
N LYS D 129 -33.15 -2.30 29.81
CA LYS D 129 -34.39 -2.11 29.05
C LYS D 129 -34.13 -1.07 27.97
N PHE D 130 -34.59 -1.36 26.76
CA PHE D 130 -34.19 -0.62 25.56
C PHE D 130 -35.41 0.00 24.90
N TYR D 131 -35.44 1.34 24.85
CA TYR D 131 -36.46 2.08 24.11
C TYR D 131 -35.85 2.60 22.81
N GLN D 132 -36.53 2.34 21.69
CA GLN D 132 -36.16 2.85 20.36
C GLN D 132 -37.20 3.86 19.88
N ALA D 133 -36.72 4.94 19.24
CA ALA D 133 -37.60 6.02 18.80
C ALA D 133 -38.07 5.70 17.38
N SER D 134 -39.19 4.98 17.29
CA SER D 134 -39.86 4.75 16.01
C SER D 134 -40.84 5.90 15.73
N THR D 135 -41.40 5.92 14.52
CA THR D 135 -42.18 7.06 14.05
C THR D 135 -43.32 6.63 13.13
N ASP D 136 -44.29 7.53 12.98
CA ASP D 136 -45.42 7.25 12.09
C ASP D 136 -44.99 7.19 10.64
N GLU D 137 -43.78 7.69 10.34
CA GLU D 137 -43.23 7.61 8.99
C GLU D 137 -43.14 6.19 8.47
N LEU D 138 -43.20 5.20 9.36
CA LEU D 138 -43.24 3.80 8.94
C LEU D 138 -44.49 3.52 8.12
N TYR D 139 -45.59 4.23 8.39
CA TYR D 139 -46.82 3.94 7.66
C TYR D 139 -46.81 4.57 6.27
N GLY D 140 -46.04 5.64 6.08
CA GLY D 140 -45.95 6.32 4.80
C GLY D 140 -47.27 6.44 4.06
N LYS D 141 -47.35 5.81 2.88
CA LYS D 141 -48.59 5.71 2.12
C LYS D 141 -49.54 4.79 2.89
N VAL D 142 -50.27 5.38 3.85
CA VAL D 142 -50.99 4.59 4.83
C VAL D 142 -51.90 3.57 4.16
N GLN D 143 -51.86 2.34 4.69
CA GLN D 143 -52.74 1.24 4.28
C GLN D 143 -54.00 1.10 5.11
N GLU D 144 -54.14 1.88 6.19
CA GLU D 144 -55.36 1.91 7.00
C GLU D 144 -55.53 3.31 7.57
N ILE D 145 -56.79 3.66 7.87
CA ILE D 145 -57.10 4.93 8.52
C ILE D 145 -58.09 4.65 9.64
N PRO D 146 -57.74 4.90 10.91
CA PRO D 146 -56.43 5.42 11.31
C PRO D 146 -55.36 4.32 11.34
N GLN D 147 -54.15 4.65 11.74
CA GLN D 147 -53.05 3.70 11.76
C GLN D 147 -52.93 3.11 13.17
N LYS D 148 -52.81 1.79 13.26
CA LYS D 148 -52.61 1.12 14.54
C LYS D 148 -51.38 0.22 14.44
N GLU D 149 -51.10 -0.52 15.52
CA GLU D 149 -49.89 -1.34 15.58
C GLU D 149 -49.89 -2.46 14.55
N THR D 150 -51.06 -2.91 14.10
CA THR D 150 -51.18 -3.99 13.13
C THR D 150 -51.24 -3.49 11.70
N THR D 151 -51.05 -2.20 11.47
CA THR D 151 -51.18 -1.66 10.13
C THR D 151 -49.89 -1.88 9.35
N PRO D 152 -49.96 -2.47 8.16
CA PRO D 152 -48.74 -2.68 7.38
C PRO D 152 -47.98 -1.39 7.13
N PHE D 153 -46.65 -1.51 7.12
CA PHE D 153 -45.75 -0.39 6.88
C PHE D 153 -45.53 -0.19 5.38
N TYR D 154 -45.17 1.06 5.02
CA TYR D 154 -44.97 1.47 3.63
C TYR D 154 -44.18 2.78 3.63
N PRO D 155 -42.86 2.72 3.81
CA PRO D 155 -42.06 3.95 3.88
C PRO D 155 -42.12 4.76 2.59
N ARG D 156 -41.71 6.04 2.70
CA ARG D 156 -41.78 6.96 1.58
C ARG D 156 -40.57 7.90 1.50
N SER D 157 -39.48 7.60 2.20
CA SER D 157 -38.26 8.38 2.08
C SER D 157 -37.10 7.54 2.59
N PRO D 158 -35.87 7.91 2.24
CA PRO D 158 -34.70 7.28 2.88
C PRO D 158 -34.75 7.33 4.41
N TYR D 159 -35.39 8.35 4.98
CA TYR D 159 -35.60 8.37 6.44
C TYR D 159 -36.51 7.23 6.87
N GLY D 160 -37.66 7.07 6.21
CA GLY D 160 -38.60 6.04 6.61
C GLY D 160 -38.04 4.64 6.42
N ALA D 161 -37.39 4.39 5.29
CA ALA D 161 -36.75 3.09 5.07
C ALA D 161 -35.76 2.78 6.18
N ALA D 162 -34.88 3.73 6.49
CA ALA D 162 -33.87 3.49 7.51
C ALA D 162 -34.51 3.18 8.86
N LYS D 163 -35.53 3.95 9.24
CA LYS D 163 -36.20 3.70 10.51
C LYS D 163 -36.94 2.36 10.51
N LEU D 164 -37.42 1.94 9.35
CA LEU D 164 -38.01 0.60 9.23
C LEU D 164 -36.99 -0.49 9.55
N TYR D 165 -35.74 -0.33 9.08
CA TYR D 165 -34.69 -1.28 9.45
C TYR D 165 -34.49 -1.28 10.95
N ALA D 166 -34.37 -0.10 11.56
CA ALA D 166 -34.16 -0.03 13.00
C ALA D 166 -35.31 -0.67 13.76
N TYR D 167 -36.54 -0.54 13.26
CA TYR D 167 -37.67 -1.16 13.93
C TYR D 167 -37.49 -2.67 14.03
N TRP D 168 -37.16 -3.32 12.90
CA TRP D 168 -37.11 -4.78 12.87
C TRP D 168 -35.88 -5.36 13.57
N ILE D 169 -34.73 -4.71 13.43
CA ILE D 169 -33.55 -5.19 14.15
C ILE D 169 -33.75 -5.07 15.64
N VAL D 170 -34.59 -4.13 16.08
CA VAL D 170 -34.99 -4.07 17.49
C VAL D 170 -35.86 -5.27 17.83
N VAL D 171 -36.81 -5.60 16.95
CA VAL D 171 -37.70 -6.74 17.21
C VAL D 171 -36.93 -8.06 17.16
N ASN D 172 -35.88 -8.12 16.36
CA ASN D 172 -35.12 -9.37 16.29
C ASN D 172 -34.35 -9.63 17.57
N PHE D 173 -33.75 -8.58 18.15
CA PHE D 173 -33.06 -8.74 19.42
C PHE D 173 -34.01 -9.15 20.55
N ARG D 174 -35.23 -8.63 20.55
CA ARG D 174 -36.20 -9.06 21.56
C ARG D 174 -36.48 -10.56 21.45
N GLU D 175 -36.64 -11.07 20.22
CA GLU D 175 -37.06 -12.46 20.05
C GLU D 175 -35.88 -13.43 20.14
N ALA D 176 -34.69 -13.02 19.70
CA ALA D 176 -33.57 -13.96 19.66
C ALA D 176 -32.85 -14.05 21.00
N TYR D 177 -32.75 -12.94 21.73
CA TYR D 177 -31.95 -12.87 22.95
C TYR D 177 -32.78 -12.46 24.17
N ASN D 178 -34.10 -12.30 24.02
CA ASN D 178 -34.99 -11.97 25.14
C ASN D 178 -34.58 -10.68 25.83
N LEU D 179 -34.11 -9.71 25.05
CA LEU D 179 -33.83 -8.38 25.57
C LEU D 179 -35.13 -7.60 25.71
N PHE D 180 -35.30 -6.92 26.84
CA PHE D 180 -36.47 -6.05 27.01
C PHE D 180 -36.29 -4.84 26.11
N ALA D 181 -36.93 -4.87 24.94
CA ALA D 181 -36.78 -3.82 23.95
C ALA D 181 -38.12 -3.49 23.31
N VAL D 182 -38.43 -2.19 23.18
CA VAL D 182 -39.71 -1.76 22.65
C VAL D 182 -39.53 -0.70 21.56
N ASN D 183 -40.49 -0.64 20.64
CA ASN D 183 -40.60 0.42 19.64
C ASN D 183 -41.69 1.39 20.04
N GLY D 184 -41.32 2.66 20.23
CA GLY D 184 -42.33 3.69 20.40
C GLY D 184 -42.69 4.32 19.07
N ILE D 185 -43.91 4.07 18.60
CA ILE D 185 -44.34 4.52 17.25
C ILE D 185 -45.03 5.87 17.45
N LEU D 186 -44.21 6.89 17.68
CA LEU D 186 -44.68 8.22 18.05
C LEU D 186 -44.97 9.04 16.81
N PHE D 187 -46.17 9.63 16.76
CA PHE D 187 -46.55 10.58 15.71
C PHE D 187 -45.95 11.95 16.00
N ASN D 188 -46.14 12.88 15.07
CA ASN D 188 -45.54 14.20 15.20
C ASN D 188 -45.80 14.75 16.60
N HIS D 189 -44.73 15.19 17.26
CA HIS D 189 -44.82 15.95 18.49
C HIS D 189 -43.93 17.18 18.39
N GLU D 190 -44.47 18.33 18.76
CA GLU D 190 -43.80 19.61 18.60
C GLU D 190 -43.71 20.30 19.96
N SER D 191 -43.09 21.49 19.95
CA SER D 191 -42.93 22.32 21.15
C SER D 191 -42.12 23.57 20.87
N PRO D 192 -41.98 24.48 21.84
CA PRO D 192 -41.11 25.65 21.65
C PRO D 192 -39.65 25.31 21.48
N ARG D 193 -39.26 24.05 21.61
CA ARG D 193 -37.90 23.60 21.32
C ARG D 193 -37.82 22.80 20.04
N ARG D 194 -38.92 22.73 19.29
CA ARG D 194 -38.90 22.02 18.02
C ARG D 194 -37.88 22.66 17.08
N GLY D 195 -37.22 21.83 16.29
CA GLY D 195 -36.18 22.33 15.41
C GLY D 195 -36.74 23.36 14.45
N ALA D 196 -35.96 24.42 14.22
CA ALA D 196 -36.44 25.51 13.39
C ALA D 196 -36.85 25.06 11.98
N ASN D 197 -36.37 23.88 11.53
CA ASN D 197 -36.52 23.42 10.14
C ASN D 197 -37.82 22.69 9.85
N PHE D 198 -38.60 22.32 10.87
CA PHE D 198 -39.86 21.62 10.67
C PHE D 198 -41.01 22.61 10.57
N VAL D 199 -42.09 22.17 9.90
CA VAL D 199 -43.09 23.12 9.40
C VAL D 199 -43.74 23.91 10.53
N THR D 200 -44.07 23.24 11.64
CA THR D 200 -44.77 23.92 12.75
C THR D 200 -43.93 25.04 13.34
N ARG D 201 -42.67 24.75 13.72
CA ARG D 201 -41.83 25.81 14.28
C ARG D 201 -41.42 26.83 13.23
N LYS D 202 -41.20 26.40 11.99
CA LYS D 202 -40.94 27.35 10.92
C LYS D 202 -42.05 28.38 10.84
N ILE D 203 -43.31 27.93 10.96
CA ILE D 203 -44.43 28.86 10.91
C ILE D 203 -44.46 29.76 12.15
N SER D 204 -44.17 29.20 13.32
CA SER D 204 -44.27 30.00 14.54
C SER D 204 -43.15 31.03 14.62
N ARG D 205 -41.95 30.69 14.13
CA ARG D 205 -40.86 31.66 14.09
C ARG D 205 -41.20 32.81 13.13
N SER D 206 -41.69 32.47 11.93
CA SER D 206 -41.93 33.49 10.92
C SER D 206 -43.06 34.43 11.32
N VAL D 207 -44.15 33.89 11.87
CA VAL D 207 -45.29 34.72 12.23
C VAL D 207 -44.93 35.64 13.38
N ALA D 208 -44.09 35.16 14.30
CA ALA D 208 -43.66 36.02 15.40
C ALA D 208 -42.87 37.22 14.89
N LYS D 209 -41.93 36.98 13.97
CA LYS D 209 -41.09 38.07 13.47
C LYS D 209 -41.88 39.05 12.59
N ILE D 210 -42.89 38.55 11.85
CA ILE D 210 -43.74 39.44 11.08
C ILE D 210 -44.49 40.36 12.03
N TYR D 211 -44.98 39.82 13.15
CA TYR D 211 -45.69 40.63 14.11
C TYR D 211 -44.80 41.71 14.72
N LEU D 212 -43.50 41.46 14.80
CA LEU D 212 -42.55 42.40 15.38
C LEU D 212 -41.87 43.30 14.35
N GLY D 213 -42.29 43.23 13.09
CA GLY D 213 -41.66 44.03 12.06
C GLY D 213 -40.25 43.60 11.72
N GLN D 214 -39.92 42.32 11.91
CA GLN D 214 -38.59 41.80 11.60
C GLN D 214 -38.56 40.97 10.33
N LEU D 215 -39.65 40.93 9.56
CA LEU D 215 -39.80 39.98 8.47
C LEU D 215 -41.13 40.25 7.77
N GLU D 216 -41.16 40.08 6.45
CA GLU D 216 -42.38 40.31 5.69
C GLU D 216 -42.97 39.06 5.05
N CYS D 217 -42.16 38.08 4.67
CA CYS D 217 -42.68 36.97 3.90
C CYS D 217 -41.74 35.77 4.01
N PHE D 218 -42.32 34.56 3.99
CA PHE D 218 -41.57 33.31 4.02
C PHE D 218 -42.25 32.30 3.11
N SER D 219 -41.56 31.19 2.82
CA SER D 219 -42.03 30.24 1.83
C SER D 219 -42.19 28.84 2.43
N LEU D 220 -43.27 28.16 2.03
CA LEU D 220 -43.55 26.78 2.40
C LEU D 220 -43.63 25.91 1.15
N GLY D 221 -43.84 24.61 1.37
CA GLY D 221 -44.00 23.65 0.30
C GLY D 221 -45.44 23.22 0.09
N ASN D 222 -45.77 21.98 0.47
CA ASN D 222 -47.11 21.44 0.24
C ASN D 222 -48.03 21.89 1.36
N LEU D 223 -48.91 22.84 1.08
CA LEU D 223 -49.79 23.36 2.11
C LEU D 223 -50.88 22.35 2.52
N ASP D 224 -51.10 21.31 1.71
CA ASP D 224 -52.29 20.48 1.87
C ASP D 224 -52.00 19.14 2.54
N ALA D 225 -50.81 18.94 3.07
CA ALA D 225 -50.54 17.74 3.85
C ALA D 225 -51.25 17.82 5.20
N LYS D 226 -51.73 16.67 5.67
CA LYS D 226 -52.42 16.60 6.95
C LYS D 226 -51.59 15.76 7.93
N ARG D 227 -51.49 16.24 9.18
CA ARG D 227 -50.63 15.62 10.17
C ARG D 227 -51.35 15.47 11.51
N ASP D 228 -50.84 14.57 12.34
CA ASP D 228 -51.32 14.38 13.70
C ASP D 228 -50.28 15.00 14.63
N TRP D 229 -50.61 16.15 15.21
CA TRP D 229 -49.67 16.95 15.99
C TRP D 229 -50.00 16.87 17.47
N GLY D 230 -49.02 16.45 18.27
CA GLY D 230 -49.11 16.49 19.72
C GLY D 230 -47.93 17.25 20.30
N HIS D 231 -47.90 17.30 21.63
CA HIS D 231 -46.88 18.04 22.35
C HIS D 231 -45.79 17.10 22.85
N ALA D 232 -44.53 17.46 22.58
CA ALA D 232 -43.41 16.57 22.90
C ALA D 232 -43.31 16.27 24.40
N LYS D 233 -43.72 17.21 25.25
CA LYS D 233 -43.60 16.97 26.70
C LYS D 233 -44.55 15.87 27.16
N ASP D 234 -45.73 15.74 26.55
CA ASP D 234 -46.58 14.60 26.86
C ASP D 234 -45.96 13.31 26.36
N TYR D 235 -45.47 13.30 25.12
CA TYR D 235 -45.05 12.06 24.47
C TYR D 235 -43.84 11.44 25.17
N VAL D 236 -42.92 12.26 25.67
CA VAL D 236 -41.75 11.71 26.36
C VAL D 236 -42.17 10.89 27.56
N GLU D 237 -43.25 11.29 28.23
CA GLU D 237 -43.77 10.51 29.34
C GLU D 237 -44.10 9.08 28.90
N ALA D 238 -44.74 8.93 27.73
CA ALA D 238 -45.11 7.60 27.26
C ALA D 238 -43.89 6.73 26.98
N MET D 239 -42.75 7.34 26.64
CA MET D 239 -41.52 6.56 26.48
C MET D 239 -41.18 5.85 27.79
N TRP D 240 -41.20 6.59 28.90
CA TRP D 240 -40.88 6.02 30.21
C TRP D 240 -41.89 4.95 30.61
N LEU D 241 -43.18 5.17 30.33
CA LEU D 241 -44.20 4.19 30.67
C LEU D 241 -43.94 2.87 29.94
N MET D 242 -43.44 2.93 28.69
CA MET D 242 -43.25 1.71 27.93
C MET D 242 -42.16 0.83 28.52
N LEU D 243 -41.19 1.42 29.21
CA LEU D 243 -40.20 0.64 29.93
C LEU D 243 -40.64 0.27 31.34
N GLN D 244 -41.79 0.78 31.80
CA GLN D 244 -42.34 0.35 33.08
C GLN D 244 -43.30 -0.82 32.93
N ASN D 245 -43.72 -1.14 31.70
CA ASN D 245 -44.68 -2.22 31.50
C ASN D 245 -44.11 -3.54 32.01
N ASP D 246 -45.02 -4.45 32.38
CA ASP D 246 -44.56 -5.75 32.87
C ASP D 246 -43.87 -6.54 31.76
N GLU D 247 -44.37 -6.46 30.54
CA GLU D 247 -43.73 -7.11 29.42
C GLU D 247 -43.49 -6.13 28.28
N PRO D 248 -42.44 -6.36 27.45
CA PRO D 248 -42.07 -5.42 26.38
C PRO D 248 -43.01 -5.53 25.18
N GLU D 249 -43.79 -4.47 24.94
CA GLU D 249 -44.69 -4.39 23.81
C GLU D 249 -44.41 -3.11 23.02
N ASP D 250 -44.88 -3.07 21.77
CA ASP D 250 -44.79 -1.86 20.96
C ASP D 250 -46.10 -1.09 21.07
N PHE D 251 -46.01 0.25 21.05
CA PHE D 251 -47.19 1.10 21.21
C PHE D 251 -47.20 2.24 20.20
N VAL D 252 -48.39 2.66 19.82
CA VAL D 252 -48.61 3.87 19.04
C VAL D 252 -48.92 5.01 20.01
N ILE D 253 -48.39 6.19 19.73
CA ILE D 253 -48.66 7.40 20.52
C ILE D 253 -49.07 8.50 19.55
N ALA D 254 -50.27 9.05 19.74
CA ALA D 254 -50.80 10.08 18.86
C ALA D 254 -51.96 10.79 19.56
N THR D 255 -52.48 11.84 18.91
CA THR D 255 -53.65 12.55 19.44
C THR D 255 -54.96 12.17 18.76
N GLY D 256 -54.89 11.52 17.60
CA GLY D 256 -56.08 11.12 16.89
C GLY D 256 -56.78 12.22 16.12
N GLU D 257 -56.36 13.47 16.23
CA GLU D 257 -56.98 14.59 15.51
C GLU D 257 -56.07 15.04 14.37
N VAL D 258 -56.68 15.27 13.21
CA VAL D 258 -55.97 15.60 11.97
C VAL D 258 -56.17 17.06 11.63
N HIS D 259 -55.11 17.71 11.13
CA HIS D 259 -55.19 19.07 10.61
C HIS D 259 -54.16 19.25 9.52
N SER D 260 -54.42 20.20 8.62
CA SER D 260 -53.53 20.42 7.48
C SER D 260 -52.47 21.49 7.79
N VAL D 261 -51.39 21.45 7.01
CA VAL D 261 -50.39 22.52 7.08
C VAL D 261 -51.06 23.87 6.86
N ARG D 262 -51.93 23.95 5.86
CA ARG D 262 -52.69 25.17 5.60
C ARG D 262 -53.39 25.66 6.85
N GLU D 263 -54.12 24.78 7.53
CA GLU D 263 -54.84 25.16 8.74
C GLU D 263 -53.87 25.66 9.81
N PHE D 264 -52.72 24.99 9.97
CA PHE D 264 -51.73 25.46 10.94
C PHE D 264 -51.31 26.90 10.64
N VAL D 265 -51.12 27.21 9.35
CA VAL D 265 -50.77 28.58 8.97
C VAL D 265 -51.89 29.55 9.36
N GLU D 266 -53.13 29.21 8.99
CA GLU D 266 -54.24 30.14 9.19
C GLU D 266 -54.40 30.49 10.67
N LYS D 267 -54.48 29.46 11.52
CA LYS D 267 -54.67 29.71 12.94
C LYS D 267 -53.48 30.45 13.56
N SER D 268 -52.27 30.21 13.07
CA SER D 268 -51.11 30.89 13.63
C SER D 268 -51.24 32.39 13.46
N PHE D 269 -51.50 32.84 12.24
CA PHE D 269 -51.59 34.28 11.99
C PHE D 269 -52.70 34.91 12.82
N LEU D 270 -53.82 34.22 12.98
CA LEU D 270 -54.89 34.78 13.80
C LEU D 270 -54.34 35.28 15.13
N HIS D 271 -53.41 34.52 15.72
CA HIS D 271 -52.93 34.87 17.04
C HIS D 271 -52.09 36.14 17.06
N ILE D 272 -51.80 36.73 15.90
CA ILE D 272 -51.19 38.04 15.83
C ILE D 272 -52.13 39.06 15.19
N GLY D 273 -53.39 38.69 14.99
CA GLY D 273 -54.39 39.64 14.52
C GLY D 273 -54.63 39.66 13.03
N LYS D 274 -54.07 38.73 12.28
CA LYS D 274 -54.08 38.75 10.83
C LYS D 274 -54.86 37.56 10.27
N THR D 275 -55.81 37.84 9.38
CA THR D 275 -56.56 36.82 8.66
C THR D 275 -55.96 36.60 7.27
N ILE D 276 -55.70 35.34 6.92
CA ILE D 276 -55.05 34.99 5.65
C ILE D 276 -56.10 34.54 4.65
N VAL D 277 -56.06 35.10 3.46
CA VAL D 277 -56.93 34.69 2.36
C VAL D 277 -56.02 34.25 1.21
N TRP D 278 -56.30 33.07 0.65
CA TRP D 278 -55.42 32.50 -0.35
C TRP D 278 -55.79 32.97 -1.75
N GLU D 279 -54.76 33.11 -2.61
CA GLU D 279 -54.91 33.42 -4.03
C GLU D 279 -53.97 32.54 -4.84
N GLY D 280 -54.38 32.23 -6.09
CA GLY D 280 -53.56 31.44 -6.99
C GLY D 280 -53.64 29.93 -6.77
N LYS D 281 -52.83 29.19 -7.54
CA LYS D 281 -52.81 27.73 -7.50
C LYS D 281 -51.37 27.20 -7.47
N ASN D 282 -51.22 25.99 -6.92
CA ASN D 282 -49.97 25.21 -7.04
C ASN D 282 -48.80 26.04 -6.49
N GLU D 283 -47.67 26.10 -7.19
CA GLU D 283 -46.51 26.85 -6.73
C GLU D 283 -46.67 28.35 -6.89
N ASN D 284 -47.76 28.80 -7.50
CA ASN D 284 -48.05 30.22 -7.59
C ASN D 284 -49.00 30.69 -6.50
N GLU D 285 -49.48 29.80 -5.64
CA GLU D 285 -50.41 30.20 -4.58
C GLU D 285 -49.70 31.06 -3.54
N VAL D 286 -50.45 32.01 -2.97
CA VAL D 286 -49.93 32.99 -2.03
C VAL D 286 -50.93 33.22 -0.91
N GLY D 287 -50.45 33.80 0.18
CA GLY D 287 -51.33 34.13 1.29
C GLY D 287 -51.31 35.61 1.62
N ARG D 288 -52.45 36.28 1.54
CA ARG D 288 -52.52 37.72 1.77
C ARG D 288 -53.33 38.01 3.03
N CYS D 289 -52.84 38.96 3.84
CA CYS D 289 -53.56 39.41 5.02
C CYS D 289 -54.73 40.30 4.59
N LYS D 290 -55.95 39.86 4.89
CA LYS D 290 -57.16 40.59 4.47
C LYS D 290 -57.14 42.03 4.96
N GLU D 291 -56.64 42.25 6.19
CA GLU D 291 -56.78 43.57 6.83
C GLU D 291 -55.79 44.59 6.27
N THR D 292 -54.57 44.17 5.95
CA THR D 292 -53.57 45.06 5.39
C THR D 292 -53.39 44.92 3.89
N GLY D 293 -53.76 43.79 3.31
CA GLY D 293 -53.49 43.52 1.91
C GLY D 293 -52.06 43.09 1.60
N LYS D 294 -51.19 42.96 2.61
CA LYS D 294 -49.80 42.56 2.38
C LYS D 294 -49.70 41.04 2.18
N VAL D 295 -48.84 40.63 1.26
CA VAL D 295 -48.56 39.21 1.03
C VAL D 295 -47.52 38.75 2.04
N HIS D 296 -47.81 37.65 2.75
CA HIS D 296 -46.90 37.17 3.79
C HIS D 296 -46.38 35.75 3.60
N VAL D 297 -47.02 34.92 2.76
CA VAL D 297 -46.56 33.54 2.58
C VAL D 297 -46.65 33.18 1.10
N THR D 298 -45.58 32.58 0.58
CA THR D 298 -45.52 32.07 -0.79
C THR D 298 -45.06 30.63 -0.75
N VAL D 299 -45.19 29.95 -1.88
CA VAL D 299 -44.88 28.53 -1.98
C VAL D 299 -43.78 28.33 -3.02
N ASP D 300 -42.84 27.46 -2.71
CA ASP D 300 -41.72 27.15 -3.58
C ASP D 300 -41.57 25.65 -3.70
N LEU D 301 -41.37 25.16 -4.94
CA LEU D 301 -41.24 23.73 -5.17
C LEU D 301 -40.04 23.13 -4.45
N LYS D 302 -39.05 23.95 -4.09
CA LYS D 302 -37.86 23.42 -3.45
C LYS D 302 -38.11 22.92 -2.02
N TYR D 303 -39.34 23.00 -1.49
CA TYR D 303 -39.68 22.44 -0.19
C TYR D 303 -40.66 21.28 -0.32
N TYR D 304 -40.97 20.86 -1.54
CA TYR D 304 -41.75 19.64 -1.70
C TYR D 304 -40.84 18.43 -1.47
N ARG D 305 -41.44 17.24 -1.50
CA ARG D 305 -40.67 16.02 -1.41
C ARG D 305 -41.04 15.11 -2.57
N PRO D 306 -40.07 14.37 -3.13
CA PRO D 306 -40.37 13.60 -4.34
C PRO D 306 -41.48 12.59 -4.12
N THR D 307 -41.63 12.09 -2.89
CA THR D 307 -42.71 11.18 -2.50
C THR D 307 -43.25 11.64 -1.15
N GLU D 308 -44.48 12.15 -1.14
CA GLU D 308 -45.03 12.79 0.04
C GLU D 308 -45.84 11.82 0.89
N VAL D 309 -45.89 12.09 2.19
CA VAL D 309 -46.81 11.44 3.11
C VAL D 309 -48.01 12.37 3.26
N ASP D 310 -49.15 11.98 2.69
CA ASP D 310 -50.27 12.89 2.52
C ASP D 310 -51.20 12.98 3.74
N PHE D 311 -51.40 11.89 4.47
CA PHE D 311 -52.39 11.86 5.54
C PHE D 311 -51.90 10.95 6.65
N LEU D 312 -51.93 11.42 7.89
CA LEU D 312 -51.50 10.64 9.04
C LEU D 312 -52.48 10.86 10.20
N GLN D 313 -52.98 9.76 10.78
CA GLN D 313 -53.91 9.84 11.89
C GLN D 313 -53.68 8.64 12.81
N GLY D 314 -53.33 8.91 14.06
CA GLY D 314 -52.95 7.85 14.98
C GLY D 314 -54.11 7.32 15.81
N ASP D 315 -54.00 6.06 16.20
CA ASP D 315 -54.98 5.36 17.04
C ASP D 315 -54.22 4.74 18.21
N CYS D 316 -54.24 5.39 19.37
CA CYS D 316 -53.48 4.92 20.52
C CYS D 316 -54.35 4.15 21.52
N THR D 317 -55.36 3.41 21.03
CA THR D 317 -56.24 2.69 21.94
C THR D 317 -55.44 1.72 22.81
N LYS D 318 -54.58 0.93 22.21
CA LYS D 318 -53.75 0.00 22.97
C LYS D 318 -52.95 0.74 24.04
N ALA D 319 -52.42 1.92 23.71
CA ALA D 319 -51.67 2.68 24.70
C ALA D 319 -52.55 3.07 25.89
N LYS D 320 -53.79 3.52 25.62
CA LYS D 320 -54.67 3.93 26.71
C LYS D 320 -55.00 2.75 27.63
N GLN D 321 -55.30 1.59 27.06
CA GLN D 321 -55.67 0.43 27.87
C GLN D 321 -54.52 -0.03 28.75
N LYS D 322 -53.39 -0.41 28.15
CA LYS D 322 -52.31 -1.06 28.89
C LYS D 322 -51.37 -0.09 29.60
N LEU D 323 -51.43 1.22 29.29
CA LEU D 323 -50.59 2.22 29.96
C LEU D 323 -51.39 3.35 30.57
N ASN D 324 -52.71 3.37 30.37
CA ASN D 324 -53.60 4.47 30.75
C ASN D 324 -52.97 5.84 30.51
N TRP D 325 -52.28 5.98 29.38
CA TRP D 325 -51.75 7.26 28.95
C TRP D 325 -52.74 7.92 28.01
N LYS D 326 -52.87 9.25 28.12
CA LYS D 326 -53.72 10.03 27.25
C LYS D 326 -52.99 11.31 26.86
N PRO D 327 -53.22 11.81 25.65
CA PRO D 327 -52.65 13.12 25.29
C PRO D 327 -53.26 14.22 26.14
N ARG D 328 -52.40 15.13 26.61
CA ARG D 328 -52.83 16.21 27.48
C ARG D 328 -52.93 17.56 26.77
N VAL D 329 -52.42 17.69 25.54
CA VAL D 329 -52.38 18.96 24.83
C VAL D 329 -52.96 18.78 23.43
N ALA D 330 -53.92 19.62 23.08
CA ALA D 330 -54.65 19.56 21.82
C ALA D 330 -54.02 20.50 20.79
N PHE D 331 -54.48 20.35 19.55
CA PHE D 331 -53.95 21.13 18.43
C PHE D 331 -53.99 22.63 18.70
N ASP D 332 -55.14 23.13 19.15
CA ASP D 332 -55.32 24.58 19.31
C ASP D 332 -54.37 25.13 20.38
N GLU D 333 -54.28 24.44 21.52
CA GLU D 333 -53.34 24.86 22.55
C GLU D 333 -51.91 24.82 22.07
N LEU D 334 -51.59 23.86 21.17
CA LEU D 334 -50.22 23.73 20.70
C LEU D 334 -49.80 24.97 19.90
N VAL D 335 -50.58 25.32 18.87
CA VAL D 335 -50.16 26.43 18.04
C VAL D 335 -50.20 27.73 18.83
N ARG D 336 -51.16 27.87 19.75
CA ARG D 336 -51.16 29.03 20.63
C ARG D 336 -49.87 29.09 21.44
N GLU D 337 -49.45 27.97 22.03
CA GLU D 337 -48.26 27.97 22.88
C GLU D 337 -47.00 28.29 22.07
N MET D 338 -46.92 27.76 20.84
CA MET D 338 -45.71 27.95 20.05
C MET D 338 -45.60 29.39 19.56
N VAL D 339 -46.71 29.99 19.13
CA VAL D 339 -46.66 31.36 18.63
C VAL D 339 -46.33 32.33 19.76
N HIS D 340 -46.93 32.13 20.93
CA HIS D 340 -46.64 33.00 22.06
C HIS D 340 -45.19 32.86 22.49
N ALA D 341 -44.69 31.63 22.54
CA ALA D 341 -43.32 31.40 22.97
C ALA D 341 -42.31 32.10 22.07
N ASP D 342 -42.61 32.18 20.77
CA ASP D 342 -41.62 32.73 19.85
C ASP D 342 -41.73 34.25 19.74
N VAL D 343 -42.91 34.84 20.00
CA VAL D 343 -42.97 36.30 20.09
C VAL D 343 -42.11 36.80 21.23
N GLU D 344 -42.23 36.20 22.41
CA GLU D 344 -41.39 36.60 23.52
C GLU D 344 -39.92 36.33 23.21
N LEU D 345 -39.65 35.21 22.56
CA LEU D 345 -38.27 34.86 22.21
C LEU D 345 -37.66 35.90 21.27
N MET D 346 -38.35 36.20 20.16
CA MET D 346 -37.80 37.13 19.17
C MET D 346 -37.79 38.56 19.68
N ARG D 347 -38.74 38.93 20.55
CA ARG D 347 -38.78 40.29 21.06
C ARG D 347 -37.57 40.60 21.93
N THR D 348 -37.02 39.60 22.63
CA THR D 348 -35.85 39.78 23.48
C THR D 348 -34.54 39.64 22.72
N ASN D 349 -34.55 38.92 21.60
CA ASN D 349 -33.35 38.70 20.79
C ASN D 349 -33.76 38.48 19.33
N PRO D 350 -33.67 39.51 18.48
CA PRO D 350 -34.05 39.35 17.07
C PRO D 350 -33.11 38.49 16.24
N ASN D 351 -32.00 38.00 16.80
CA ASN D 351 -31.05 37.22 16.01
C ASN D 351 -31.36 35.73 16.00
N ALA D 352 -32.24 35.28 16.89
CA ALA D 352 -32.75 33.92 16.81
C ALA D 352 -33.70 33.62 17.95
N ARG E 3 1.14 -22.73 27.08
CA ARG E 3 -0.14 -22.03 26.94
C ARG E 3 -0.09 -20.91 25.89
N ASN E 4 0.24 -21.25 24.64
CA ASN E 4 0.49 -20.27 23.58
C ASN E 4 -0.65 -20.30 22.56
N VAL E 5 -1.33 -19.16 22.42
CA VAL E 5 -2.48 -19.03 21.53
C VAL E 5 -2.28 -17.79 20.65
N ALA E 6 -2.33 -17.99 19.33
CA ALA E 6 -2.10 -16.92 18.38
C ALA E 6 -3.34 -16.70 17.51
N LEU E 7 -3.59 -15.43 17.18
CA LEU E 7 -4.69 -15.00 16.33
C LEU E 7 -4.11 -14.41 15.05
N ILE E 8 -4.53 -14.94 13.91
CA ILE E 8 -4.03 -14.54 12.61
C ILE E 8 -5.17 -13.97 11.79
N THR E 9 -5.14 -12.67 11.50
CA THR E 9 -6.00 -12.09 10.46
C THR E 9 -5.34 -12.26 9.10
N GLY E 10 -6.18 -12.43 8.09
CA GLY E 10 -5.70 -12.85 6.77
C GLY E 10 -4.93 -14.15 6.76
N ILE E 11 -5.41 -15.16 7.49
CA ILE E 11 -4.72 -16.44 7.52
C ILE E 11 -4.84 -17.22 6.23
N THR E 12 -5.73 -16.84 5.31
CA THR E 12 -5.86 -17.56 4.06
C THR E 12 -4.87 -17.10 2.99
N GLY E 13 -4.15 -16.01 3.21
CA GLY E 13 -3.23 -15.50 2.21
C GLY E 13 -1.93 -16.28 2.18
N GLN E 14 -1.02 -15.84 1.30
CA GLN E 14 0.30 -16.44 1.25
C GLN E 14 0.97 -16.49 2.64
N ASP E 15 1.33 -15.31 3.19
CA ASP E 15 2.06 -15.31 4.46
C ASP E 15 1.28 -16.03 5.56
N GLY E 16 -0.03 -15.80 5.64
CA GLY E 16 -0.82 -16.45 6.67
C GLY E 16 -0.63 -17.96 6.72
N SER E 17 -0.66 -18.61 5.55
CA SER E 17 -0.54 -20.07 5.53
C SER E 17 0.80 -20.53 6.09
N TYR E 18 1.90 -19.94 5.63
CA TYR E 18 3.19 -20.33 6.17
C TYR E 18 3.33 -19.98 7.65
N LEU E 19 2.71 -18.87 8.08
CA LEU E 19 2.78 -18.54 9.49
C LEU E 19 2.08 -19.59 10.33
N ALA E 20 0.95 -20.12 9.84
CA ALA E 20 0.18 -21.08 10.63
C ALA E 20 0.96 -22.38 10.79
N GLU E 21 1.55 -22.89 9.71
CA GLU E 21 2.35 -24.10 9.79
C GLU E 21 3.50 -23.92 10.77
N PHE E 22 4.19 -22.78 10.68
CA PHE E 22 5.31 -22.50 11.57
C PHE E 22 4.88 -22.55 13.04
N LEU E 23 3.74 -21.95 13.37
CA LEU E 23 3.33 -21.91 14.77
C LEU E 23 2.72 -23.22 15.23
N LEU E 24 2.03 -23.95 14.36
CA LEU E 24 1.59 -25.29 14.76
C LEU E 24 2.78 -26.21 15.00
N GLU E 25 3.88 -26.02 14.26
CA GLU E 25 5.06 -26.84 14.48
C GLU E 25 5.61 -26.64 15.89
N LYS E 26 5.36 -25.48 16.49
CA LYS E 26 5.84 -25.18 17.82
C LYS E 26 4.78 -25.45 18.89
N GLY E 27 3.71 -26.16 18.53
CA GLY E 27 2.67 -26.52 19.47
C GLY E 27 1.68 -25.42 19.82
N TYR E 28 1.65 -24.32 19.07
CA TYR E 28 0.69 -23.26 19.29
C TYR E 28 -0.74 -23.73 19.01
N GLU E 29 -1.69 -23.06 19.66
CA GLU E 29 -3.08 -23.08 19.25
C GLU E 29 -3.30 -21.86 18.36
N VAL E 30 -3.72 -22.08 17.12
CA VAL E 30 -3.77 -21.03 16.11
C VAL E 30 -5.22 -20.78 15.68
N HIS E 31 -5.67 -19.54 15.85
CA HIS E 31 -6.97 -19.09 15.38
C HIS E 31 -6.78 -18.10 14.23
N GLY E 32 -7.62 -18.23 13.21
CA GLY E 32 -7.62 -17.28 12.11
C GLY E 32 -9.01 -16.75 11.83
N ILE E 33 -9.05 -15.53 11.27
CA ILE E 33 -10.29 -14.90 10.82
C ILE E 33 -10.39 -15.04 9.31
N VAL E 34 -11.46 -15.67 8.85
CA VAL E 34 -11.66 -15.87 7.43
C VAL E 34 -12.94 -15.15 6.98
N ARG E 35 -12.89 -14.53 5.79
CA ARG E 35 -14.04 -13.83 5.24
C ARG E 35 -15.06 -14.81 4.69
N ARG E 36 -16.34 -14.46 4.84
CA ARG E 36 -17.40 -15.21 4.16
C ARG E 36 -17.17 -15.15 2.65
N SER E 37 -17.41 -16.26 1.98
CA SER E 37 -17.18 -16.32 0.54
C SER E 37 -18.28 -17.16 -0.08
N SER E 38 -18.66 -16.85 -1.32
CA SER E 38 -19.65 -17.67 -2.00
C SER E 38 -19.06 -18.96 -2.57
N SER E 39 -17.75 -19.15 -2.43
CA SER E 39 -17.05 -20.34 -2.85
C SER E 39 -15.94 -20.63 -1.86
N PHE E 40 -15.32 -21.78 -2.00
CA PHE E 40 -14.25 -22.16 -1.10
C PHE E 40 -13.05 -21.23 -1.31
N ASN E 41 -12.51 -20.68 -0.20
CA ASN E 41 -11.38 -19.75 -0.27
C ASN E 41 -10.25 -20.10 0.70
N THR E 42 -10.20 -21.34 1.20
CA THR E 42 -9.20 -21.74 2.18
C THR E 42 -8.16 -22.69 1.60
N GLY E 43 -7.86 -22.59 0.30
CA GLY E 43 -7.06 -23.60 -0.36
C GLY E 43 -5.63 -23.68 0.16
N ARG E 44 -5.10 -22.59 0.70
CA ARG E 44 -3.73 -22.60 1.19
C ARG E 44 -3.59 -23.30 2.54
N ILE E 45 -4.67 -23.48 3.31
CA ILE E 45 -4.61 -24.05 4.64
C ILE E 45 -5.47 -25.31 4.77
N GLU E 46 -6.11 -25.75 3.68
CA GLU E 46 -7.00 -26.91 3.76
C GLU E 46 -6.28 -28.17 4.24
N HIS E 47 -4.96 -28.26 4.04
CA HIS E 47 -4.23 -29.45 4.42
C HIS E 47 -3.89 -29.51 5.91
N LEU E 48 -3.99 -28.39 6.63
CA LEU E 48 -3.90 -28.45 8.08
C LEU E 48 -5.24 -28.89 8.67
N TYR E 49 -6.34 -28.48 8.06
CA TYR E 49 -7.69 -28.81 8.55
C TYR E 49 -8.06 -30.24 8.20
N LYS E 50 -7.65 -30.71 7.02
CA LYS E 50 -7.83 -32.12 6.68
C LYS E 50 -7.01 -33.00 7.62
N ASN E 51 -5.83 -32.53 8.00
CA ASN E 51 -4.95 -33.17 8.98
C ASN E 51 -4.44 -34.52 8.51
N PRO E 52 -3.98 -34.66 7.26
CA PRO E 52 -3.18 -35.85 6.93
C PRO E 52 -1.99 -35.98 7.88
N GLN E 53 -1.30 -34.87 8.13
CA GLN E 53 -0.37 -34.77 9.24
C GLN E 53 -1.17 -34.49 10.51
N ALA E 54 -0.79 -35.17 11.60
CA ALA E 54 -1.45 -35.00 12.90
C ALA E 54 -0.45 -34.73 14.03
N HIS E 55 0.76 -34.25 13.71
CA HIS E 55 1.68 -33.84 14.76
C HIS E 55 1.08 -32.77 15.66
N ILE E 56 0.26 -31.90 15.09
CA ILE E 56 -0.58 -30.94 15.80
C ILE E 56 -1.94 -30.93 15.09
N GLU E 57 -2.92 -31.63 15.66
CA GLU E 57 -4.20 -31.86 14.99
C GLU E 57 -5.26 -30.85 15.42
N GLY E 58 -5.99 -31.11 16.50
CA GLY E 58 -7.10 -30.25 16.85
C GLY E 58 -6.76 -28.82 17.27
N ASN E 59 -5.71 -28.24 16.70
CA ASN E 59 -5.11 -27.01 17.22
C ASN E 59 -5.40 -25.77 16.38
N MET E 60 -6.14 -25.89 15.27
CA MET E 60 -6.44 -24.76 14.39
C MET E 60 -7.94 -24.59 14.22
N LYS E 61 -8.44 -23.38 14.51
CA LYS E 61 -9.87 -23.09 14.39
C LYS E 61 -10.09 -21.75 13.69
N LEU E 62 -11.17 -21.68 12.90
CA LEU E 62 -11.47 -20.52 12.07
C LEU E 62 -12.71 -19.82 12.57
N HIS E 63 -12.76 -18.50 12.36
CA HIS E 63 -13.89 -17.67 12.75
C HIS E 63 -14.23 -16.75 11.58
N TYR E 64 -15.52 -16.59 11.30
CA TYR E 64 -15.91 -15.60 10.30
C TYR E 64 -15.73 -14.21 10.87
N GLY E 65 -15.12 -13.32 10.09
CA GLY E 65 -15.00 -11.94 10.51
C GLY E 65 -14.64 -11.06 9.34
N ASP E 66 -14.42 -9.78 9.65
CA ASP E 66 -14.00 -8.82 8.63
C ASP E 66 -13.35 -7.63 9.31
N LEU E 67 -12.24 -7.17 8.74
CA LEU E 67 -11.51 -6.05 9.31
C LEU E 67 -12.29 -4.74 9.23
N THR E 68 -13.49 -4.76 8.66
CA THR E 68 -14.37 -3.60 8.66
C THR E 68 -15.56 -3.72 9.61
N ASP E 69 -15.73 -4.88 10.26
CA ASP E 69 -16.82 -5.09 11.21
C ASP E 69 -16.24 -5.05 12.62
N SER E 70 -16.63 -4.03 13.40
CA SER E 70 -16.01 -3.82 14.70
C SER E 70 -16.49 -4.84 15.72
N THR E 71 -17.80 -5.10 15.74
CA THR E 71 -18.32 -6.01 16.76
C THR E 71 -17.69 -7.39 16.63
N CYS E 72 -17.52 -7.87 15.39
CA CYS E 72 -17.04 -9.24 15.21
C CYS E 72 -15.62 -9.41 15.76
N LEU E 73 -14.74 -8.43 15.51
CA LEU E 73 -13.38 -8.49 16.04
C LEU E 73 -13.37 -8.62 17.56
N VAL E 74 -14.12 -7.73 18.24
CA VAL E 74 -14.17 -7.78 19.69
C VAL E 74 -14.66 -9.14 20.16
N LYS E 75 -15.63 -9.72 19.45
CA LYS E 75 -16.19 -10.98 19.91
C LYS E 75 -15.19 -12.12 19.82
N ILE E 76 -14.42 -12.21 18.72
CA ILE E 76 -13.47 -13.29 18.59
C ILE E 76 -12.30 -13.09 19.54
N ILE E 77 -11.72 -11.89 19.53
CA ILE E 77 -10.60 -11.64 20.45
C ILE E 77 -11.01 -11.97 21.88
N ASN E 78 -12.24 -11.64 22.27
CA ASN E 78 -12.67 -11.97 23.63
C ASN E 78 -12.88 -13.47 23.79
N GLU E 79 -13.46 -14.10 22.78
CA GLU E 79 -13.70 -15.54 22.84
C GLU E 79 -12.39 -16.33 22.80
N VAL E 80 -11.38 -15.83 22.08
CA VAL E 80 -10.14 -16.59 21.90
C VAL E 80 -9.10 -16.26 22.97
N LYS E 81 -9.13 -15.03 23.50
CA LYS E 81 -8.14 -14.55 24.45
C LYS E 81 -6.75 -14.97 23.96
N PRO E 82 -6.21 -14.33 22.93
CA PRO E 82 -4.93 -14.78 22.40
C PRO E 82 -3.76 -14.25 23.22
N THR E 83 -2.60 -14.84 23.01
CA THR E 83 -1.37 -14.29 23.56
C THR E 83 -0.52 -13.59 22.51
N GLU E 84 -0.69 -13.92 21.23
CA GLU E 84 -0.04 -13.22 20.13
C GLU E 84 -1.05 -12.96 19.02
N ILE E 85 -0.96 -11.77 18.43
CA ILE E 85 -1.83 -11.35 17.34
C ILE E 85 -0.96 -10.91 16.16
N TYR E 86 -1.19 -11.51 15.00
CA TYR E 86 -0.48 -11.21 13.77
C TYR E 86 -1.48 -10.60 12.78
N ASN E 87 -1.35 -9.31 12.50
CA ASN E 87 -2.26 -8.63 11.59
C ASN E 87 -1.68 -8.70 10.19
N LEU E 88 -2.09 -9.71 9.43
CA LEU E 88 -1.64 -9.84 8.06
C LEU E 88 -2.76 -9.56 7.05
N GLY E 89 -4.00 -9.47 7.49
CA GLY E 89 -5.09 -9.20 6.57
C GLY E 89 -4.97 -7.82 5.96
N ALA E 90 -5.33 -7.71 4.69
CA ALA E 90 -5.23 -6.49 3.93
C ALA E 90 -5.58 -6.77 2.49
N GLN E 91 -6.11 -5.74 1.82
CA GLN E 91 -6.07 -5.65 0.37
C GLN E 91 -4.65 -5.27 -0.01
N SER E 92 -3.94 -6.19 -0.67
CA SER E 92 -2.49 -6.07 -0.78
C SER E 92 -1.98 -5.87 -2.21
N HIS E 93 -2.86 -5.68 -3.19
CA HIS E 93 -2.40 -5.41 -4.55
C HIS E 93 -2.25 -3.91 -4.72
N VAL E 94 -1.07 -3.49 -5.19
CA VAL E 94 -0.75 -2.07 -5.20
C VAL E 94 -1.36 -1.40 -6.43
N LYS E 95 -1.40 -2.10 -7.55
CA LYS E 95 -2.16 -1.60 -8.69
C LYS E 95 -3.62 -1.40 -8.32
N ILE E 96 -4.23 -2.42 -7.70
CA ILE E 96 -5.66 -2.39 -7.46
C ILE E 96 -6.01 -1.32 -6.42
N SER E 97 -5.05 -0.87 -5.63
CA SER E 97 -5.36 0.20 -4.68
C SER E 97 -5.68 1.52 -5.38
N PHE E 98 -5.19 1.73 -6.62
CA PHE E 98 -5.58 2.93 -7.36
C PHE E 98 -7.06 2.87 -7.78
N ASP E 99 -7.62 1.68 -8.00
CA ASP E 99 -9.02 1.57 -8.38
C ASP E 99 -9.95 1.39 -7.19
N LEU E 100 -9.42 0.88 -6.07
CA LEU E 100 -10.17 0.64 -4.83
C LEU E 100 -9.54 1.41 -3.67
N ALA E 101 -9.16 2.66 -3.93
CA ALA E 101 -8.46 3.47 -2.94
C ALA E 101 -9.23 3.55 -1.63
N GLU E 102 -10.54 3.74 -1.70
CA GLU E 102 -11.30 3.99 -0.48
C GLU E 102 -11.40 2.70 0.35
N TYR E 103 -11.75 1.58 -0.30
CA TYR E 103 -11.79 0.28 0.37
C TYR E 103 -10.44 -0.08 0.95
N THR E 104 -9.36 0.11 0.17
CA THR E 104 -8.02 -0.20 0.67
C THR E 104 -7.69 0.58 1.94
N ALA E 105 -8.15 1.83 2.05
CA ALA E 105 -7.91 2.59 3.27
C ALA E 105 -8.75 2.06 4.44
N ASP E 106 -10.02 1.75 4.18
CA ASP E 106 -10.88 1.25 5.26
C ASP E 106 -10.30 -0.04 5.87
N VAL E 107 -9.77 -0.94 5.03
CA VAL E 107 -9.25 -2.23 5.50
C VAL E 107 -7.80 -2.11 6.00
N ASP E 108 -6.91 -1.55 5.18
CA ASP E 108 -5.50 -1.53 5.57
C ASP E 108 -5.19 -0.44 6.56
N GLY E 109 -5.93 0.67 6.53
CA GLY E 109 -5.67 1.77 7.43
C GLY E 109 -6.52 1.73 8.68
N VAL E 110 -7.84 1.84 8.51
CA VAL E 110 -8.71 1.85 9.68
C VAL E 110 -8.81 0.45 10.30
N GLY E 111 -8.63 -0.59 9.48
CA GLY E 111 -8.69 -1.95 10.01
C GLY E 111 -7.68 -2.18 11.13
N THR E 112 -6.44 -1.75 10.95
CA THR E 112 -5.46 -1.88 12.02
C THR E 112 -5.97 -1.24 13.30
N LEU E 113 -6.53 -0.03 13.21
CA LEU E 113 -7.07 0.65 14.39
C LEU E 113 -8.20 -0.14 15.02
N ARG E 114 -9.17 -0.58 14.21
CA ARG E 114 -10.25 -1.41 14.73
C ARG E 114 -9.70 -2.58 15.55
N LEU E 115 -8.64 -3.24 15.07
CA LEU E 115 -8.10 -4.39 15.77
C LEU E 115 -7.45 -3.99 17.10
N LEU E 116 -6.60 -2.96 17.09
CA LEU E 116 -6.04 -2.47 18.36
C LEU E 116 -7.14 -2.08 19.34
N ASP E 117 -8.14 -1.30 18.88
CA ASP E 117 -9.24 -0.93 19.77
C ASP E 117 -9.90 -2.16 20.39
N ALA E 118 -10.07 -3.25 19.61
CA ALA E 118 -10.70 -4.45 20.15
C ALA E 118 -9.89 -5.02 21.31
N VAL E 119 -8.57 -5.09 21.16
CA VAL E 119 -7.69 -5.57 22.23
C VAL E 119 -7.91 -4.74 23.48
N LYS E 120 -7.86 -3.41 23.35
CA LYS E 120 -8.03 -2.53 24.50
C LYS E 120 -9.44 -2.66 25.09
N THR E 121 -10.45 -2.88 24.26
CA THR E 121 -11.81 -3.08 24.77
C THR E 121 -11.90 -4.36 25.60
N CYS E 122 -11.21 -5.41 25.19
CA CYS E 122 -11.25 -6.68 25.89
C CYS E 122 -10.32 -6.72 27.11
N GLY E 123 -9.56 -5.66 27.37
CA GLY E 123 -8.65 -5.62 28.50
C GLY E 123 -7.36 -6.40 28.34
N LEU E 124 -7.04 -6.89 27.14
CA LEU E 124 -5.84 -7.67 26.88
C LEU E 124 -4.63 -6.81 26.53
N ILE E 125 -4.73 -5.50 26.73
CA ILE E 125 -3.67 -4.57 26.33
C ILE E 125 -2.34 -4.93 26.98
N ASN E 126 -2.34 -5.50 28.17
CA ASN E 126 -1.10 -5.80 28.88
C ASN E 126 -0.70 -7.27 28.78
N SER E 127 -1.47 -8.11 28.09
CA SER E 127 -1.18 -9.53 27.99
C SER E 127 -1.06 -10.02 26.55
N VAL E 128 -0.89 -9.12 25.59
CA VAL E 128 -0.83 -9.50 24.18
C VAL E 128 0.41 -8.88 23.55
N LYS E 129 0.99 -9.61 22.60
CA LYS E 129 2.03 -9.09 21.72
C LYS E 129 1.47 -8.97 20.31
N PHE E 130 1.80 -7.88 19.62
CA PHE E 130 1.11 -7.47 18.40
C PHE E 130 2.10 -7.22 17.25
N TYR E 131 2.02 -8.05 16.19
CA TYR E 131 2.80 -7.86 14.97
C TYR E 131 1.94 -7.20 13.89
N GLN E 132 2.42 -6.09 13.33
CA GLN E 132 1.79 -5.41 12.20
C GLN E 132 2.58 -5.68 10.92
N ALA E 133 1.87 -5.96 9.83
CA ALA E 133 2.51 -6.31 8.56
C ALA E 133 2.79 -5.02 7.76
N SER E 134 3.95 -4.42 8.03
CA SER E 134 4.42 -3.30 7.25
C SER E 134 5.12 -3.78 5.98
N THR E 135 5.67 -2.84 5.22
CA THR E 135 6.05 -3.12 3.84
C THR E 135 7.02 -2.05 3.37
N ASP E 136 7.91 -2.44 2.45
CA ASP E 136 8.82 -1.46 1.85
C ASP E 136 8.10 -0.41 1.02
N GLU E 137 6.81 -0.60 0.71
CA GLU E 137 6.08 0.43 -0.03
C GLU E 137 6.02 1.75 0.75
N LEU E 138 6.26 1.71 2.05
CA LEU E 138 6.40 2.95 2.81
C LEU E 138 7.57 3.79 2.33
N TYR E 139 8.55 3.22 1.64
CA TYR E 139 9.69 4.01 1.22
C TYR E 139 9.44 4.70 -0.11
N GLY E 140 8.51 4.21 -0.92
CA GLY E 140 8.09 4.82 -2.17
C GLY E 140 9.17 5.55 -2.93
N LYS E 141 9.20 6.88 -2.84
CA LYS E 141 10.32 7.63 -3.39
C LYS E 141 11.46 7.51 -2.41
N VAL E 142 12.32 6.52 -2.61
CA VAL E 142 13.30 6.16 -1.60
C VAL E 142 14.13 7.38 -1.21
N GLN E 143 14.27 7.59 0.11
CA GLN E 143 15.07 8.68 0.69
C GLN E 143 16.53 8.31 0.92
N GLU E 144 16.86 7.01 0.97
CA GLU E 144 18.24 6.57 1.10
C GLU E 144 18.41 5.30 0.27
N ILE E 145 19.66 4.97 -0.03
CA ILE E 145 19.95 3.71 -0.71
C ILE E 145 21.18 3.10 -0.05
N PRO E 146 21.05 1.95 0.63
CA PRO E 146 19.80 1.23 0.83
C PRO E 146 18.90 1.81 1.93
N GLN E 147 17.76 1.16 2.16
CA GLN E 147 16.75 1.67 3.08
C GLN E 147 16.80 0.90 4.40
N LYS E 148 16.81 1.62 5.52
CA LYS E 148 16.85 0.97 6.83
C LYS E 148 15.73 1.50 7.72
N GLU E 149 15.75 1.06 8.99
CA GLU E 149 14.65 1.36 9.90
C GLU E 149 14.45 2.86 10.10
N THR E 150 15.53 3.63 10.09
CA THR E 150 15.52 5.08 10.29
C THR E 150 15.29 5.87 9.01
N THR E 151 15.05 5.20 7.88
CA THR E 151 14.89 5.91 6.62
C THR E 151 13.51 6.58 6.56
N PRO E 152 13.43 7.87 6.23
CA PRO E 152 12.13 8.55 6.19
C PRO E 152 11.20 7.98 5.13
N PHE E 153 9.94 7.83 5.50
CA PHE E 153 8.91 7.32 4.60
C PHE E 153 8.42 8.42 3.64
N TYR E 154 7.85 7.98 2.50
CA TYR E 154 7.39 8.75 1.35
C TYR E 154 6.57 7.81 0.47
N PRO E 155 5.37 7.44 0.87
CA PRO E 155 4.59 6.47 0.08
C PRO E 155 4.17 7.05 -1.26
N ARG E 156 3.85 6.16 -2.23
CA ARG E 156 3.43 6.59 -3.57
C ARG E 156 2.25 5.80 -4.14
N SER E 157 1.43 5.18 -3.31
CA SER E 157 0.18 4.60 -3.77
C SER E 157 -0.85 4.76 -2.67
N PRO E 158 -2.14 4.70 -3.00
CA PRO E 158 -3.16 4.56 -1.95
C PRO E 158 -2.82 3.43 -0.98
N TYR E 159 -2.33 2.29 -1.48
CA TYR E 159 -1.88 1.20 -0.61
C TYR E 159 -0.79 1.66 0.35
N GLY E 160 0.24 2.32 -0.18
CA GLY E 160 1.30 2.82 0.67
C GLY E 160 0.79 3.77 1.74
N ALA E 161 -0.07 4.71 1.36
CA ALA E 161 -0.56 5.69 2.34
C ALA E 161 -1.34 5.01 3.45
N ALA E 162 -2.21 4.05 3.09
CA ALA E 162 -3.00 3.33 4.09
C ALA E 162 -2.11 2.64 5.10
N LYS E 163 -1.14 1.87 4.60
CA LYS E 163 -0.21 1.17 5.48
C LYS E 163 0.57 2.17 6.34
N LEU E 164 0.96 3.31 5.76
CA LEU E 164 1.60 4.34 6.56
C LEU E 164 0.74 4.75 7.74
N TYR E 165 -0.58 4.87 7.55
CA TYR E 165 -1.44 5.19 8.68
C TYR E 165 -1.33 4.11 9.74
N ALA E 166 -1.32 2.84 9.31
CA ALA E 166 -1.34 1.73 10.24
C ALA E 166 -0.05 1.67 11.06
N TYR E 167 1.10 1.80 10.40
CA TYR E 167 2.37 1.90 11.12
C TYR E 167 2.28 2.89 12.27
N TRP E 168 1.75 4.09 12.02
CA TRP E 168 1.84 5.12 13.06
C TRP E 168 0.81 4.92 14.17
N ILE E 169 -0.39 4.44 13.85
CA ILE E 169 -1.34 4.16 14.91
C ILE E 169 -0.83 3.02 15.78
N VAL E 170 -0.13 2.06 15.17
CA VAL E 170 0.48 0.98 15.93
C VAL E 170 1.50 1.54 16.91
N VAL E 171 2.42 2.37 16.45
CA VAL E 171 3.40 2.87 17.40
C VAL E 171 2.73 3.79 18.40
N ASN E 172 1.60 4.40 18.05
CA ASN E 172 0.93 5.25 19.02
C ASN E 172 0.36 4.44 20.17
N PHE E 173 -0.24 3.29 19.85
CA PHE E 173 -0.71 2.43 20.94
C PHE E 173 0.45 1.95 21.80
N ARG E 174 1.63 1.76 21.19
CA ARG E 174 2.80 1.40 21.98
C ARG E 174 3.17 2.50 22.96
N GLU E 175 3.29 3.74 22.46
CA GLU E 175 3.83 4.83 23.28
C GLU E 175 2.82 5.34 24.32
N ALA E 176 1.52 5.15 24.07
CA ALA E 176 0.47 5.71 24.91
C ALA E 176 -0.01 4.75 25.99
N TYR E 177 -0.03 3.45 25.70
CA TYR E 177 -0.59 2.44 26.60
C TYR E 177 0.39 1.32 26.89
N ASN E 178 1.65 1.47 26.51
CA ASN E 178 2.69 0.47 26.78
C ASN E 178 2.30 -0.92 26.27
N LEU E 179 1.65 -0.97 25.11
CA LEU E 179 1.34 -2.23 24.48
C LEU E 179 2.55 -2.75 23.71
N PHE E 180 2.75 -4.06 23.75
CA PHE E 180 3.87 -4.69 23.04
C PHE E 180 3.49 -4.84 21.57
N ALA E 181 3.91 -3.91 20.72
CA ALA E 181 3.53 -3.95 19.31
C ALA E 181 4.68 -3.52 18.41
N VAL E 182 4.87 -4.25 17.31
CA VAL E 182 6.01 -4.07 16.43
C VAL E 182 5.59 -4.00 14.97
N ASN E 183 6.36 -3.25 14.19
CA ASN E 183 6.17 -3.09 12.77
C ASN E 183 7.23 -3.92 12.04
N GLY E 184 6.78 -4.84 11.17
CA GLY E 184 7.67 -5.58 10.31
C GLY E 184 7.77 -5.02 8.91
N ILE E 185 8.83 -4.29 8.63
CA ILE E 185 9.00 -3.61 7.33
C ILE E 185 9.59 -4.66 6.39
N LEU E 186 8.72 -5.49 5.82
CA LEU E 186 9.15 -6.61 5.00
C LEU E 186 9.11 -6.25 3.51
N PHE E 187 10.24 -6.46 2.83
CA PHE E 187 10.30 -6.31 1.39
C PHE E 187 9.60 -7.49 0.70
N ASN E 188 9.58 -7.48 -0.63
CA ASN E 188 8.81 -8.48 -1.37
C ASN E 188 9.25 -9.87 -0.96
N HIS E 189 8.28 -10.76 -0.78
CA HIS E 189 8.57 -12.17 -0.57
C HIS E 189 7.57 -13.02 -1.34
N GLU E 190 8.09 -14.08 -1.98
CA GLU E 190 7.35 -14.92 -2.89
C GLU E 190 7.41 -16.39 -2.44
N SER E 191 6.77 -17.26 -3.22
CA SER E 191 6.63 -18.68 -2.90
C SER E 191 5.70 -19.37 -3.90
N PRO E 192 5.60 -20.71 -3.89
CA PRO E 192 4.59 -21.37 -4.72
C PRO E 192 3.15 -21.05 -4.29
N ARG E 193 2.93 -20.42 -3.14
CA ARG E 193 1.60 -19.98 -2.72
C ARG E 193 1.32 -18.52 -3.08
N ARG E 194 2.31 -17.80 -3.61
CA ARG E 194 2.12 -16.42 -3.98
C ARG E 194 0.94 -16.28 -4.93
N GLY E 195 0.09 -15.28 -4.68
CA GLY E 195 -1.08 -15.12 -5.52
C GLY E 195 -0.71 -14.86 -6.98
N ALA E 196 -1.52 -15.41 -7.88
CA ALA E 196 -1.23 -15.40 -9.30
C ALA E 196 -1.10 -14.00 -9.89
N ASN E 197 -1.55 -12.97 -9.19
CA ASN E 197 -1.65 -11.62 -9.73
C ASN E 197 -0.38 -10.80 -9.53
N PHE E 198 0.62 -11.37 -8.88
CA PHE E 198 1.90 -10.70 -8.70
C PHE E 198 2.90 -11.21 -9.74
N VAL E 199 3.87 -10.36 -10.06
CA VAL E 199 4.65 -10.54 -11.27
C VAL E 199 5.39 -11.88 -11.28
N THR E 200 5.89 -12.32 -10.12
CA THR E 200 6.70 -13.54 -10.08
C THR E 200 5.86 -14.78 -10.29
N ARG E 201 4.74 -14.89 -9.58
CA ARG E 201 3.86 -16.05 -9.77
C ARG E 201 3.22 -16.02 -11.14
N LYS E 202 2.88 -14.82 -11.64
CA LYS E 202 2.37 -14.70 -13.00
C LYS E 202 3.36 -15.24 -14.03
N ILE E 203 4.67 -14.98 -13.82
CA ILE E 203 5.69 -15.48 -14.73
C ILE E 203 5.85 -16.99 -14.59
N SER E 204 5.89 -17.48 -13.36
CA SER E 204 6.11 -18.91 -13.18
C SER E 204 4.95 -19.72 -13.72
N ARG E 205 3.71 -19.31 -13.42
CA ARG E 205 2.56 -20.07 -13.91
C ARG E 205 2.54 -20.10 -15.43
N SER E 206 2.82 -18.96 -16.08
CA SER E 206 2.73 -18.93 -17.53
C SER E 206 3.80 -19.81 -18.17
N VAL E 207 5.05 -19.70 -17.70
CA VAL E 207 6.11 -20.54 -18.24
C VAL E 207 5.73 -22.01 -18.13
N ALA E 208 5.13 -22.40 -16.99
CA ALA E 208 4.71 -23.78 -16.78
C ALA E 208 3.73 -24.24 -17.86
N LYS E 209 2.65 -23.49 -18.06
CA LYS E 209 1.67 -23.89 -19.06
C LYS E 209 2.27 -23.89 -20.46
N ILE E 210 3.12 -22.92 -20.77
CA ILE E 210 3.83 -22.93 -22.05
C ILE E 210 4.58 -24.24 -22.22
N TYR E 211 5.33 -24.64 -21.19
CA TYR E 211 6.09 -25.88 -21.26
C TYR E 211 5.20 -27.07 -21.56
N LEU E 212 3.96 -27.07 -21.04
CA LEU E 212 3.06 -28.20 -21.19
C LEU E 212 2.11 -28.05 -22.37
N GLY E 213 2.31 -27.05 -23.23
CA GLY E 213 1.43 -26.88 -24.37
C GLY E 213 0.02 -26.44 -24.04
N GLN E 214 -0.19 -25.87 -22.86
CA GLN E 214 -1.47 -25.29 -22.44
C GLN E 214 -1.56 -23.80 -22.71
N LEU E 215 -0.50 -23.19 -23.22
CA LEU E 215 -0.43 -21.75 -23.44
C LEU E 215 0.71 -21.48 -24.41
N GLU E 216 0.62 -20.37 -25.14
CA GLU E 216 1.67 -20.01 -26.08
C GLU E 216 2.38 -18.72 -25.75
N CYS E 217 1.71 -17.76 -25.10
CA CYS E 217 2.21 -16.40 -24.98
C CYS E 217 1.49 -15.68 -23.83
N PHE E 218 2.19 -14.77 -23.17
CA PHE E 218 1.57 -13.93 -22.14
C PHE E 218 2.23 -12.55 -22.13
N SER E 219 1.60 -11.61 -21.42
CA SER E 219 1.99 -10.20 -21.45
C SER E 219 2.34 -9.65 -20.07
N LEU E 220 3.40 -8.85 -20.02
CA LEU E 220 3.79 -8.11 -18.83
C LEU E 220 3.68 -6.59 -19.09
N GLY E 221 3.88 -5.80 -18.04
CA GLY E 221 4.02 -4.37 -18.20
C GLY E 221 5.46 -3.87 -18.25
N ASN E 222 5.90 -3.25 -17.16
CA ASN E 222 7.22 -2.63 -17.08
C ASN E 222 8.26 -3.74 -16.84
N LEU E 223 8.97 -4.11 -17.91
CA LEU E 223 9.95 -5.19 -17.85
C LEU E 223 11.19 -4.85 -17.05
N ASP E 224 11.44 -3.58 -16.77
CA ASP E 224 12.69 -3.18 -16.13
C ASP E 224 12.51 -2.77 -14.69
N ALA E 225 11.33 -3.00 -14.12
CA ALA E 225 11.15 -2.89 -12.69
C ALA E 225 12.14 -3.81 -11.97
N LYS E 226 12.72 -3.31 -10.88
CA LYS E 226 13.62 -4.09 -10.04
C LYS E 226 13.02 -4.25 -8.64
N ARG E 227 13.21 -5.43 -8.06
CA ARG E 227 12.73 -5.69 -6.70
C ARG E 227 13.80 -6.48 -5.93
N ASP E 228 13.71 -6.36 -4.61
CA ASP E 228 14.44 -7.21 -3.67
C ASP E 228 13.50 -8.37 -3.37
N TRP E 229 13.87 -9.59 -3.78
CA TRP E 229 12.99 -10.75 -3.67
C TRP E 229 13.52 -11.76 -2.66
N GLY E 230 12.62 -12.28 -1.82
CA GLY E 230 12.94 -13.33 -0.87
C GLY E 230 11.82 -14.35 -0.81
N HIS E 231 11.98 -15.33 0.07
CA HIS E 231 11.01 -16.42 0.19
C HIS E 231 10.09 -16.18 1.37
N ALA E 232 8.79 -16.29 1.15
CA ALA E 232 7.82 -16.06 2.21
C ALA E 232 8.09 -16.96 3.42
N LYS E 233 8.50 -18.21 3.19
CA LYS E 233 8.66 -19.13 4.32
C LYS E 233 9.75 -18.64 5.27
N ASP E 234 10.86 -18.14 4.74
CA ASP E 234 11.90 -17.56 5.59
C ASP E 234 11.39 -16.36 6.37
N TYR E 235 10.51 -15.56 5.75
CA TYR E 235 10.11 -14.26 6.29
C TYR E 235 9.10 -14.37 7.43
N VAL E 236 8.17 -15.33 7.38
CA VAL E 236 7.26 -15.51 8.51
C VAL E 236 8.05 -15.84 9.77
N GLU E 237 9.14 -16.59 9.63
CA GLU E 237 9.99 -16.91 10.78
C GLU E 237 10.48 -15.64 11.47
N ALA E 238 10.75 -14.58 10.69
CA ALA E 238 11.17 -13.34 11.30
C ALA E 238 10.04 -12.65 12.04
N MET E 239 8.79 -12.80 11.57
CA MET E 239 7.65 -12.23 12.29
C MET E 239 7.59 -12.77 13.72
N TRP E 240 7.72 -14.09 13.87
CA TRP E 240 7.70 -14.72 15.19
C TRP E 240 8.88 -14.25 16.04
N LEU E 241 10.08 -14.17 15.45
CA LEU E 241 11.24 -13.67 16.18
C LEU E 241 10.94 -12.32 16.81
N MET E 242 10.43 -11.37 16.03
CA MET E 242 10.28 -10.01 16.53
C MET E 242 9.39 -9.96 17.76
N LEU E 243 8.51 -10.96 17.93
CA LEU E 243 7.69 -11.03 19.12
C LEU E 243 8.35 -11.77 20.27
N GLN E 244 9.40 -12.56 20.01
CA GLN E 244 10.17 -13.18 21.08
C GLN E 244 11.25 -12.25 21.63
N ASN E 245 11.42 -11.07 21.06
CA ASN E 245 12.37 -10.10 21.59
C ASN E 245 11.87 -9.58 22.94
N ASP E 246 12.81 -9.19 23.81
CA ASP E 246 12.41 -8.75 25.13
C ASP E 246 11.80 -7.36 25.09
N GLU E 247 12.18 -6.55 24.10
CA GLU E 247 11.59 -5.25 23.88
C GLU E 247 10.93 -5.19 22.50
N PRO E 248 9.88 -4.39 22.33
CA PRO E 248 9.25 -4.27 21.01
C PRO E 248 10.01 -3.29 20.13
N GLU E 249 10.57 -3.80 19.03
CA GLU E 249 11.29 -2.95 18.10
C GLU E 249 10.74 -3.15 16.69
N ASP E 250 11.08 -2.22 15.82
CA ASP E 250 10.75 -2.33 14.40
C ASP E 250 11.99 -2.84 13.65
N PHE E 251 11.77 -3.73 12.68
CA PHE E 251 12.86 -4.28 11.88
C PHE E 251 12.47 -4.28 10.41
N VAL E 252 13.46 -4.11 9.54
CA VAL E 252 13.25 -4.40 8.12
C VAL E 252 13.81 -5.79 7.84
N ILE E 253 13.14 -6.49 6.92
CA ILE E 253 13.48 -7.86 6.53
C ILE E 253 13.60 -7.88 5.01
N ALA E 254 14.76 -8.30 4.50
CA ALA E 254 15.04 -8.22 3.07
C ALA E 254 16.27 -9.07 2.76
N THR E 255 16.58 -9.20 1.47
CA THR E 255 17.79 -9.89 1.06
C THR E 255 18.92 -8.93 0.71
N GLY E 256 18.61 -7.66 0.45
CA GLY E 256 19.61 -6.70 0.04
C GLY E 256 20.24 -6.93 -1.31
N GLU E 257 19.70 -7.86 -2.09
CA GLU E 257 20.13 -8.11 -3.48
C GLU E 257 18.96 -7.81 -4.40
N VAL E 258 19.26 -7.18 -5.55
CA VAL E 258 18.22 -6.67 -6.44
C VAL E 258 18.29 -7.37 -7.78
N HIS E 259 17.12 -7.60 -8.38
CA HIS E 259 17.01 -8.20 -9.71
C HIS E 259 15.78 -7.65 -10.41
N SER E 260 15.79 -7.77 -11.74
CA SER E 260 14.77 -7.19 -12.59
C SER E 260 13.70 -8.21 -12.98
N VAL E 261 12.50 -7.70 -13.28
CA VAL E 261 11.46 -8.55 -13.82
C VAL E 261 11.98 -9.30 -15.05
N ARG E 262 12.60 -8.56 -15.97
CA ARG E 262 13.16 -9.17 -17.16
C ARG E 262 14.15 -10.27 -16.82
N GLU E 263 14.97 -10.03 -15.78
CA GLU E 263 15.92 -11.05 -15.36
C GLU E 263 15.19 -12.28 -14.83
N PHE E 264 14.05 -12.07 -14.18
CA PHE E 264 13.25 -13.18 -13.68
C PHE E 264 12.72 -14.03 -14.84
N VAL E 265 12.10 -13.38 -15.84
CA VAL E 265 11.60 -14.11 -17.00
C VAL E 265 12.70 -14.96 -17.61
N GLU E 266 13.89 -14.38 -17.77
CA GLU E 266 14.98 -15.10 -18.41
C GLU E 266 15.30 -16.39 -17.66
N LYS E 267 15.47 -16.30 -16.34
CA LYS E 267 15.82 -17.51 -15.60
C LYS E 267 14.66 -18.50 -15.56
N SER E 268 13.42 -18.01 -15.61
CA SER E 268 12.29 -18.93 -15.55
C SER E 268 12.25 -19.81 -16.78
N PHE E 269 12.43 -19.21 -17.96
CA PHE E 269 12.45 -19.99 -19.20
C PHE E 269 13.64 -20.92 -19.29
N LEU E 270 14.76 -20.60 -18.62
CA LEU E 270 15.91 -21.50 -18.68
C LEU E 270 15.55 -22.87 -18.09
N HIS E 271 14.98 -22.89 -16.88
CA HIS E 271 14.58 -24.15 -16.27
C HIS E 271 13.60 -24.93 -17.12
N ILE E 272 13.06 -24.32 -18.18
CA ILE E 272 12.14 -24.99 -19.07
C ILE E 272 12.78 -25.34 -20.41
N GLY E 273 14.07 -25.03 -20.59
CA GLY E 273 14.80 -25.41 -21.78
C GLY E 273 14.92 -24.33 -22.83
N LYS E 274 14.26 -23.20 -22.64
CA LYS E 274 14.16 -22.17 -23.67
C LYS E 274 14.98 -20.95 -23.27
N THR E 275 15.66 -20.33 -24.24
CA THR E 275 16.43 -19.13 -23.99
C THR E 275 15.80 -17.95 -24.73
N ILE E 276 15.53 -16.88 -24.00
CA ILE E 276 14.79 -15.73 -24.49
C ILE E 276 15.78 -14.72 -25.06
N VAL E 277 15.39 -14.09 -26.17
CA VAL E 277 16.12 -12.99 -26.79
C VAL E 277 15.13 -11.87 -27.09
N TRP E 278 15.46 -10.65 -26.69
CA TRP E 278 14.53 -9.52 -26.79
C TRP E 278 14.72 -8.76 -28.11
N GLU E 279 13.59 -8.41 -28.73
CA GLU E 279 13.54 -7.61 -29.96
C GLU E 279 12.56 -6.46 -29.76
N GLY E 280 12.70 -5.44 -30.60
CA GLY E 280 11.81 -4.31 -30.53
C GLY E 280 12.11 -3.40 -29.35
N LYS E 281 11.35 -2.30 -29.30
CA LYS E 281 11.54 -1.28 -28.28
C LYS E 281 10.21 -0.87 -27.68
N ASN E 282 10.23 -0.59 -26.37
CA ASN E 282 9.10 0.00 -25.63
C ASN E 282 7.90 -0.97 -25.68
N GLU E 283 6.71 -0.52 -26.07
CA GLU E 283 5.49 -1.30 -26.09
C GLU E 283 5.48 -2.41 -27.15
N ASN E 284 6.39 -2.34 -28.11
CA ASN E 284 6.54 -3.37 -29.13
C ASN E 284 7.62 -4.37 -28.81
N GLU E 285 8.29 -4.25 -27.65
CA GLU E 285 9.30 -5.24 -27.31
C GLU E 285 8.64 -6.60 -27.11
N VAL E 286 9.42 -7.65 -27.33
CA VAL E 286 8.87 -9.00 -27.46
C VAL E 286 9.96 -10.00 -27.12
N GLY E 287 9.56 -11.16 -26.57
CA GLY E 287 10.49 -12.17 -26.14
C GLY E 287 10.38 -13.47 -26.92
N ARG E 288 11.46 -13.84 -27.60
CA ARG E 288 11.48 -14.93 -28.58
C ARG E 288 12.37 -16.06 -28.10
N CYS E 289 11.89 -17.28 -28.26
CA CYS E 289 12.68 -18.47 -27.91
C CYS E 289 13.70 -18.76 -28.99
N LYS E 290 14.99 -18.73 -28.63
CA LYS E 290 16.05 -18.94 -29.60
C LYS E 290 15.95 -20.31 -30.27
N GLU E 291 15.55 -21.34 -29.51
CA GLU E 291 15.55 -22.69 -30.05
C GLU E 291 14.44 -22.91 -31.06
N THR E 292 13.27 -22.30 -30.84
CA THR E 292 12.12 -22.52 -31.70
C THR E 292 11.76 -21.32 -32.57
N GLY E 293 12.10 -20.11 -32.14
CA GLY E 293 11.75 -18.94 -32.90
C GLY E 293 10.37 -18.39 -32.64
N LYS E 294 9.61 -18.98 -31.72
CA LYS E 294 8.28 -18.53 -31.36
C LYS E 294 8.36 -17.50 -30.24
N VAL E 295 7.48 -16.51 -30.29
CA VAL E 295 7.41 -15.51 -29.24
C VAL E 295 6.58 -16.04 -28.09
N HIS E 296 6.94 -15.64 -26.86
CA HIS E 296 6.23 -16.11 -25.67
C HIS E 296 5.90 -15.01 -24.66
N VAL E 297 6.53 -13.84 -24.73
CA VAL E 297 6.17 -12.71 -23.89
C VAL E 297 6.03 -11.48 -24.77
N THR E 298 5.02 -10.66 -24.47
CA THR E 298 4.78 -9.36 -25.10
C THR E 298 4.57 -8.33 -24.01
N VAL E 299 4.42 -7.07 -24.39
CA VAL E 299 4.20 -5.99 -23.45
C VAL E 299 2.83 -5.38 -23.68
N ASP E 300 2.13 -5.05 -22.59
CA ASP E 300 0.80 -4.49 -22.65
C ASP E 300 0.71 -3.30 -21.70
N LEU E 301 0.41 -2.12 -22.23
CA LEU E 301 0.48 -0.91 -21.42
C LEU E 301 -0.44 -0.95 -20.20
N LYS E 302 -1.43 -1.85 -20.19
CA LYS E 302 -2.39 -1.84 -19.09
C LYS E 302 -1.88 -2.50 -17.80
N TYR E 303 -0.66 -3.04 -17.78
CA TYR E 303 -0.09 -3.59 -16.56
C TYR E 303 0.88 -2.64 -15.88
N TYR E 304 1.01 -1.40 -16.39
CA TYR E 304 1.75 -0.35 -15.72
C TYR E 304 0.88 0.25 -14.63
N ARG E 305 1.43 1.20 -13.90
CA ARG E 305 0.66 1.82 -12.83
C ARG E 305 0.83 3.32 -12.83
N PRO E 306 -0.08 4.07 -12.19
CA PRO E 306 0.05 5.53 -12.20
C PRO E 306 1.36 6.00 -11.64
N THR E 307 2.01 5.17 -10.83
CA THR E 307 3.26 5.51 -10.19
C THR E 307 4.16 4.28 -10.25
N GLU E 308 5.44 4.44 -9.94
CA GLU E 308 6.36 3.31 -9.85
C GLU E 308 7.39 3.58 -8.76
N VAL E 309 7.78 2.50 -8.07
CA VAL E 309 8.83 2.57 -7.05
C VAL E 309 10.11 2.01 -7.65
N ASP E 310 11.21 2.75 -7.48
CA ASP E 310 12.36 2.56 -8.36
C ASP E 310 13.48 1.74 -7.72
N PHE E 311 14.03 2.20 -6.59
CA PHE E 311 15.32 1.67 -6.14
C PHE E 311 15.27 0.95 -4.79
N LEU E 312 14.39 -0.04 -4.64
CA LEU E 312 14.32 -0.79 -3.39
C LEU E 312 15.61 -1.57 -3.15
N GLN E 313 16.10 -1.53 -1.89
CA GLN E 313 17.18 -2.41 -1.43
C GLN E 313 17.22 -2.36 0.09
N GLY E 314 16.90 -3.48 0.73
CA GLY E 314 16.77 -3.52 2.19
C GLY E 314 18.07 -3.78 2.92
N ASP E 315 18.26 -3.05 4.03
CA ASP E 315 19.43 -3.17 4.89
C ASP E 315 18.95 -3.77 6.21
N CYS E 316 18.93 -5.10 6.28
CA CYS E 316 18.46 -5.77 7.48
C CYS E 316 19.62 -6.25 8.35
N THR E 317 20.69 -5.46 8.46
CA THR E 317 21.75 -5.84 9.39
C THR E 317 21.22 -5.80 10.82
N LYS E 318 20.27 -4.92 11.11
CA LYS E 318 19.71 -4.87 12.45
C LYS E 318 19.01 -6.18 12.81
N ALA E 319 18.26 -6.78 11.88
CA ALA E 319 17.61 -8.05 12.15
C ALA E 319 18.63 -9.18 12.24
N LYS E 320 19.67 -9.12 11.42
CA LYS E 320 20.73 -10.12 11.50
C LYS E 320 21.37 -10.13 12.88
N GLN E 321 21.71 -8.95 13.40
CA GLN E 321 22.50 -8.86 14.63
C GLN E 321 21.62 -9.00 15.87
N LYS E 322 20.50 -8.28 15.92
CA LYS E 322 19.65 -8.31 17.11
C LYS E 322 18.75 -9.55 17.19
N LEU E 323 18.43 -10.19 16.05
CA LEU E 323 17.52 -11.34 16.02
C LEU E 323 18.13 -12.61 15.46
N ASN E 324 19.37 -12.56 14.96
CA ASN E 324 20.05 -13.72 14.39
C ASN E 324 19.29 -14.34 13.21
N TRP E 325 18.56 -13.52 12.48
CA TRP E 325 17.77 -13.97 11.34
C TRP E 325 18.55 -13.77 10.05
N LYS E 326 18.51 -14.78 9.17
CA LYS E 326 19.11 -14.64 7.87
C LYS E 326 18.32 -15.44 6.84
N PRO E 327 18.22 -14.94 5.59
CA PRO E 327 17.48 -15.67 4.56
C PRO E 327 18.20 -16.95 4.13
N ARG E 328 17.40 -17.98 3.81
CA ARG E 328 17.92 -19.28 3.43
C ARG E 328 17.87 -19.55 1.93
N VAL E 329 17.08 -18.78 1.18
CA VAL E 329 16.89 -19.01 -0.25
C VAL E 329 17.34 -17.76 -1.01
N ALA E 330 18.20 -17.97 -2.01
CA ALA E 330 18.65 -16.89 -2.87
C ALA E 330 17.82 -16.85 -4.15
N PHE E 331 18.00 -15.76 -4.91
CA PHE E 331 17.18 -15.51 -6.09
C PHE E 331 17.14 -16.72 -7.03
N ASP E 332 18.31 -17.24 -7.40
CA ASP E 332 18.37 -18.29 -8.43
C ASP E 332 17.54 -19.50 -8.05
N GLU E 333 17.52 -19.85 -6.76
CA GLU E 333 16.80 -21.03 -6.31
C GLU E 333 15.31 -20.74 -6.07
N LEU E 334 14.98 -19.50 -5.75
CA LEU E 334 13.57 -19.10 -5.68
C LEU E 334 12.89 -19.28 -7.04
N VAL E 335 13.53 -18.83 -8.12
CA VAL E 335 12.95 -19.02 -9.44
C VAL E 335 12.81 -20.50 -9.74
N ARG E 336 13.82 -21.29 -9.40
CA ARG E 336 13.81 -22.73 -9.67
C ARG E 336 12.66 -23.40 -8.93
N GLU E 337 12.53 -23.14 -7.62
CA GLU E 337 11.44 -23.75 -6.87
C GLU E 337 10.08 -23.39 -7.46
N MET E 338 9.88 -22.12 -7.81
CA MET E 338 8.55 -21.69 -8.25
C MET E 338 8.16 -22.31 -9.58
N VAL E 339 9.08 -22.33 -10.55
CA VAL E 339 8.76 -22.94 -11.84
C VAL E 339 8.41 -24.41 -11.66
N HIS E 340 9.25 -25.15 -10.92
CA HIS E 340 9.02 -26.58 -10.75
C HIS E 340 7.66 -26.86 -10.11
N ALA E 341 7.33 -26.11 -9.06
CA ALA E 341 6.07 -26.34 -8.35
C ALA E 341 4.87 -26.17 -9.26
N ASP E 342 4.91 -25.17 -10.15
CA ASP E 342 3.79 -24.90 -11.05
C ASP E 342 3.75 -25.86 -12.24
N VAL E 343 4.90 -26.38 -12.68
CA VAL E 343 4.87 -27.47 -13.65
C VAL E 343 4.19 -28.69 -13.04
N GLU E 344 4.55 -29.04 -11.80
CA GLU E 344 3.90 -30.17 -11.15
C GLU E 344 2.42 -29.90 -10.92
N LEU E 345 2.09 -28.65 -10.56
CA LEU E 345 0.70 -28.28 -10.33
C LEU E 345 -0.14 -28.41 -11.59
N MET E 346 0.32 -27.85 -12.71
CA MET E 346 -0.48 -27.87 -13.93
C MET E 346 -0.44 -29.23 -14.63
N ARG E 347 0.60 -30.03 -14.38
CA ARG E 347 0.65 -31.35 -14.99
C ARG E 347 -0.45 -32.25 -14.45
N THR E 348 -0.74 -32.15 -13.16
CA THR E 348 -1.79 -32.95 -12.55
C THR E 348 -3.17 -32.34 -12.74
N ASN E 349 -3.25 -31.06 -13.15
CA ASN E 349 -4.50 -30.35 -13.30
C ASN E 349 -4.32 -29.14 -14.22
N PRO E 350 -4.84 -29.19 -15.45
CA PRO E 350 -4.61 -28.09 -16.41
C PRO E 350 -5.43 -26.83 -16.17
N ASN E 351 -6.33 -26.80 -15.17
CA ASN E 351 -7.15 -25.62 -14.92
C ASN E 351 -6.75 -24.85 -13.67
N ALA E 352 -5.81 -25.37 -12.88
CA ALA E 352 -5.35 -24.64 -11.70
C ALA E 352 -4.57 -23.39 -12.10
N ARG F 3 -13.42 34.28 -13.36
CA ARG F 3 -14.26 33.43 -12.51
C ARG F 3 -13.52 32.79 -11.30
N ASN F 4 -13.96 33.15 -10.10
CA ASN F 4 -13.37 32.74 -8.82
C ASN F 4 -14.49 32.23 -7.90
N VAL F 5 -14.59 30.91 -7.80
CA VAL F 5 -15.61 30.23 -6.99
C VAL F 5 -14.92 29.25 -6.05
N ALA F 6 -15.21 29.36 -4.76
CA ALA F 6 -14.58 28.57 -3.71
C ALA F 6 -15.59 27.65 -3.04
N LEU F 7 -15.16 26.42 -2.77
CA LEU F 7 -15.90 25.46 -1.95
C LEU F 7 -15.11 25.23 -0.68
N ILE F 8 -15.75 25.43 0.48
CA ILE F 8 -15.11 25.34 1.79
C ILE F 8 -15.80 24.24 2.60
N THR F 9 -15.06 23.20 2.97
CA THR F 9 -15.52 22.30 4.01
C THR F 9 -15.19 22.89 5.37
N GLY F 10 -16.03 22.58 6.36
CA GLY F 10 -15.83 23.12 7.69
C GLY F 10 -16.01 24.62 7.77
N ILE F 11 -16.97 25.16 7.02
CA ILE F 11 -17.06 26.62 6.94
C ILE F 11 -17.51 27.21 8.25
N THR F 12 -18.14 26.42 9.13
CA THR F 12 -18.61 27.01 10.37
C THR F 12 -17.53 27.06 11.45
N GLY F 13 -16.35 26.49 11.20
CA GLY F 13 -15.30 26.49 12.19
C GLY F 13 -14.60 27.83 12.31
N GLN F 14 -13.57 27.86 13.16
CA GLN F 14 -12.82 29.10 13.34
C GLN F 14 -12.22 29.58 12.02
N ASP F 15 -11.39 28.77 11.39
CA ASP F 15 -10.69 29.21 10.18
C ASP F 15 -11.68 29.43 9.03
N GLY F 16 -12.71 28.59 8.94
CA GLY F 16 -13.61 28.68 7.82
C GLY F 16 -14.41 29.97 7.82
N SER F 17 -14.73 30.49 9.00
CA SER F 17 -15.48 31.74 9.08
C SER F 17 -14.61 32.92 8.66
N TYR F 18 -13.31 32.90 9.01
CA TYR F 18 -12.42 33.98 8.58
C TYR F 18 -12.07 33.86 7.10
N LEU F 19 -11.87 32.63 6.60
CA LEU F 19 -11.60 32.47 5.18
C LEU F 19 -12.76 32.97 4.33
N ALA F 20 -13.99 32.62 4.70
CA ALA F 20 -15.15 33.11 3.96
C ALA F 20 -15.11 34.63 3.82
N GLU F 21 -14.93 35.34 4.94
CA GLU F 21 -14.88 36.80 4.87
C GLU F 21 -13.81 37.27 3.89
N PHE F 22 -12.60 36.71 4.03
CA PHE F 22 -11.47 37.15 3.22
C PHE F 22 -11.73 36.89 1.74
N LEU F 23 -12.29 35.73 1.40
CA LEU F 23 -12.62 35.47 0.01
C LEU F 23 -13.80 36.35 -0.46
N LEU F 24 -14.82 36.53 0.38
CA LEU F 24 -15.96 37.35 -0.03
C LEU F 24 -15.51 38.76 -0.39
N GLU F 25 -14.62 39.35 0.44
CA GLU F 25 -14.17 40.72 0.23
C GLU F 25 -13.40 40.88 -1.08
N LYS F 26 -12.81 39.81 -1.60
CA LYS F 26 -12.14 39.84 -2.89
C LYS F 26 -13.08 39.56 -4.06
N GLY F 27 -14.39 39.47 -3.81
CA GLY F 27 -15.37 39.25 -4.87
C GLY F 27 -15.67 37.81 -5.17
N TYR F 28 -15.06 36.85 -4.45
CA TYR F 28 -15.28 35.44 -4.71
C TYR F 28 -16.74 35.07 -4.53
N GLU F 29 -17.13 33.97 -5.16
CA GLU F 29 -18.38 33.29 -4.85
C GLU F 29 -18.03 32.14 -3.90
N VAL F 30 -18.60 32.14 -2.70
CA VAL F 30 -18.19 31.21 -1.65
C VAL F 30 -19.34 30.27 -1.31
N HIS F 31 -19.10 28.96 -1.45
CA HIS F 31 -20.00 27.92 -0.97
C HIS F 31 -19.34 27.17 0.17
N GLY F 32 -20.16 26.72 1.13
CA GLY F 32 -19.66 25.90 2.21
C GLY F 32 -20.57 24.71 2.44
N ILE F 33 -19.99 23.66 3.04
CA ILE F 33 -20.75 22.48 3.42
C ILE F 33 -21.01 22.53 4.92
N VAL F 34 -22.27 22.38 5.31
CA VAL F 34 -22.70 22.47 6.70
C VAL F 34 -23.30 21.15 7.14
N ARG F 35 -23.13 20.81 8.42
CA ARG F 35 -23.73 19.61 8.99
C ARG F 35 -25.14 19.88 9.50
N ARG F 36 -26.07 18.97 9.16
CA ARG F 36 -27.39 18.96 9.76
C ARG F 36 -27.27 18.94 11.28
N SER F 37 -28.16 19.66 11.97
CA SER F 37 -28.02 19.80 13.41
C SER F 37 -29.41 19.98 14.03
N SER F 38 -29.63 19.41 15.20
CA SER F 38 -30.94 19.57 15.82
C SER F 38 -31.14 20.98 16.33
N SER F 39 -30.07 21.78 16.35
CA SER F 39 -30.01 23.13 16.85
C SER F 39 -29.11 23.93 15.90
N PHE F 40 -29.06 25.25 16.07
CA PHE F 40 -28.29 26.10 15.16
C PHE F 40 -26.79 25.89 15.34
N ASN F 41 -26.06 25.86 14.24
CA ASN F 41 -24.60 25.68 14.28
C ASN F 41 -23.87 26.63 13.35
N THR F 42 -24.52 27.70 12.89
CA THR F 42 -23.90 28.66 11.98
C THR F 42 -23.52 29.97 12.68
N GLY F 43 -23.34 29.94 14.00
CA GLY F 43 -23.11 31.17 14.75
C GLY F 43 -21.93 31.99 14.24
N ARG F 44 -20.88 31.33 13.75
CA ARG F 44 -19.70 32.09 13.34
C ARG F 44 -19.86 32.80 12.01
N ILE F 45 -20.83 32.43 11.17
CA ILE F 45 -20.97 33.02 9.85
C ILE F 45 -22.32 33.68 9.65
N GLU F 46 -23.15 33.74 10.70
CA GLU F 46 -24.48 34.34 10.56
C GLU F 46 -24.40 35.78 10.05
N HIS F 47 -23.38 36.54 10.45
CA HIS F 47 -23.32 37.97 10.12
C HIS F 47 -23.08 38.23 8.63
N LEU F 48 -22.51 37.28 7.89
CA LEU F 48 -22.43 37.39 6.43
C LEU F 48 -23.78 37.11 5.78
N TYR F 49 -24.70 36.48 6.49
CA TYR F 49 -26.01 36.11 5.95
C TYR F 49 -27.08 37.17 6.19
N LYS F 50 -26.94 38.00 7.23
CA LYS F 50 -28.04 38.83 7.71
C LYS F 50 -27.74 40.32 7.75
N ASN F 51 -26.54 40.76 7.38
CA ASN F 51 -26.29 42.19 7.33
C ASN F 51 -25.19 42.53 6.32
N PRO F 52 -25.21 41.92 5.12
CA PRO F 52 -24.10 42.08 4.17
C PRO F 52 -23.53 43.49 4.04
N GLN F 53 -22.20 43.59 3.93
CA GLN F 53 -21.45 44.80 3.61
C GLN F 53 -20.84 44.65 2.22
N ALA F 54 -19.97 45.58 1.84
CA ALA F 54 -19.29 45.58 0.53
C ALA F 54 -20.24 45.22 -0.62
N HIS F 55 -21.34 46.00 -0.72
CA HIS F 55 -22.34 45.87 -1.78
C HIS F 55 -23.42 44.84 -1.46
N ILE F 56 -23.71 44.64 -0.16
CA ILE F 56 -24.80 43.79 0.33
C ILE F 56 -25.01 42.54 -0.52
N GLU F 57 -23.91 42.00 -1.04
CA GLU F 57 -23.95 40.88 -1.99
C GLU F 57 -24.71 39.69 -1.40
N GLY F 58 -25.15 38.82 -2.30
CA GLY F 58 -25.66 37.52 -1.94
C GLY F 58 -24.75 36.49 -2.57
N ASN F 59 -23.50 36.44 -2.10
CA ASN F 59 -22.43 35.70 -2.77
C ASN F 59 -22.04 34.45 -2.03
N MET F 60 -22.81 34.02 -1.04
CA MET F 60 -22.46 32.87 -0.21
C MET F 60 -23.66 31.95 -0.09
N LYS F 61 -23.47 30.70 -0.52
CA LYS F 61 -24.47 29.65 -0.41
C LYS F 61 -23.95 28.51 0.48
N LEU F 62 -24.84 27.96 1.30
CA LEU F 62 -24.53 26.79 2.12
C LEU F 62 -25.27 25.56 1.60
N HIS F 63 -24.64 24.40 1.79
CA HIS F 63 -25.17 23.11 1.37
C HIS F 63 -25.03 22.11 2.51
N TYR F 64 -26.07 21.32 2.72
CA TYR F 64 -25.98 20.21 3.67
C TYR F 64 -25.06 19.13 3.12
N GLY F 65 -24.15 18.64 3.95
CA GLY F 65 -23.35 17.49 3.59
C GLY F 65 -22.50 17.04 4.76
N ASP F 66 -21.68 16.02 4.50
CA ASP F 66 -20.81 15.40 5.51
C ASP F 66 -19.62 14.73 4.81
N LEU F 67 -18.42 14.95 5.36
CA LEU F 67 -17.20 14.33 4.82
C LEU F 67 -17.25 12.81 4.83
N THR F 68 -18.36 12.22 5.30
CA THR F 68 -18.54 10.79 5.48
C THR F 68 -19.51 10.21 4.46
N ASP F 69 -20.21 11.05 3.69
CA ASP F 69 -21.27 10.70 2.75
C ASP F 69 -20.74 10.96 1.33
N SER F 70 -20.27 9.89 0.68
CA SER F 70 -19.63 9.99 -0.64
C SER F 70 -20.54 10.67 -1.67
N THR F 71 -21.82 10.29 -1.71
CA THR F 71 -22.67 10.81 -2.77
C THR F 71 -22.87 12.32 -2.64
N CYS F 72 -23.23 12.80 -1.44
CA CYS F 72 -23.44 14.24 -1.28
C CYS F 72 -22.21 15.05 -1.69
N LEU F 73 -21.01 14.46 -1.62
CA LEU F 73 -19.82 15.19 -2.01
C LEU F 73 -19.72 15.31 -3.53
N VAL F 74 -20.02 14.22 -4.25
CA VAL F 74 -20.08 14.32 -5.70
C VAL F 74 -21.15 15.33 -6.13
N LYS F 75 -22.30 15.32 -5.45
CA LYS F 75 -23.40 16.15 -5.92
C LYS F 75 -23.07 17.63 -5.78
N ILE F 76 -22.46 18.01 -4.67
CA ILE F 76 -22.14 19.41 -4.46
C ILE F 76 -21.03 19.87 -5.41
N ILE F 77 -19.93 19.11 -5.47
CA ILE F 77 -18.83 19.54 -6.32
C ILE F 77 -19.29 19.63 -7.77
N ASN F 78 -20.14 18.71 -8.22
CA ASN F 78 -20.63 18.76 -9.59
C ASN F 78 -21.53 19.98 -9.82
N GLU F 79 -22.40 20.28 -8.85
CA GLU F 79 -23.32 21.39 -9.00
C GLU F 79 -22.67 22.75 -8.81
N VAL F 80 -21.47 22.82 -8.23
CA VAL F 80 -20.90 24.14 -7.96
C VAL F 80 -19.76 24.39 -8.96
N LYS F 81 -19.04 23.33 -9.32
CA LYS F 81 -17.91 23.42 -10.23
C LYS F 81 -16.91 24.46 -9.72
N PRO F 82 -16.30 24.23 -8.57
CA PRO F 82 -15.43 25.25 -7.98
C PRO F 82 -14.11 25.42 -8.73
N THR F 83 -13.47 26.55 -8.45
CA THR F 83 -12.12 26.81 -8.92
C THR F 83 -11.09 26.68 -7.81
N GLU F 84 -11.54 26.78 -6.55
CA GLU F 84 -10.67 26.63 -5.39
C GLU F 84 -11.44 25.86 -4.32
N ILE F 85 -10.85 24.80 -3.81
CA ILE F 85 -11.44 23.99 -2.74
C ILE F 85 -10.53 24.09 -1.52
N TYR F 86 -11.12 24.45 -0.37
CA TYR F 86 -10.42 24.49 0.91
C TYR F 86 -11.05 23.46 1.83
N ASN F 87 -10.28 22.45 2.22
CA ASN F 87 -10.76 21.35 3.05
C ASN F 87 -10.39 21.64 4.51
N LEU F 88 -11.23 22.41 5.19
CA LEU F 88 -11.01 22.74 6.58
C LEU F 88 -11.82 21.89 7.55
N GLY F 89 -12.77 21.10 7.04
CA GLY F 89 -13.54 20.24 7.90
C GLY F 89 -12.68 19.18 8.56
N ALA F 90 -13.06 18.83 9.79
CA ALA F 90 -12.32 17.87 10.60
C ALA F 90 -12.94 17.81 11.99
N GLN F 91 -12.65 16.71 12.68
CA GLN F 91 -12.73 16.63 14.12
C GLN F 91 -11.36 17.08 14.65
N SER F 92 -11.30 18.31 15.19
CA SER F 92 -10.03 18.98 15.39
C SER F 92 -9.44 18.85 16.80
N HIS F 93 -10.16 18.29 17.77
CA HIS F 93 -9.68 18.27 19.16
C HIS F 93 -8.77 17.06 19.41
N VAL F 94 -7.55 17.33 19.87
CA VAL F 94 -6.53 16.30 20.01
C VAL F 94 -6.83 15.39 21.19
N LYS F 95 -7.18 15.99 22.33
CA LYS F 95 -7.55 15.18 23.50
C LYS F 95 -8.74 14.29 23.18
N ILE F 96 -9.71 14.82 22.44
CA ILE F 96 -10.90 14.01 22.16
C ILE F 96 -10.57 12.84 21.23
N SER F 97 -9.66 13.01 20.28
CA SER F 97 -9.39 11.92 19.34
C SER F 97 -8.95 10.63 20.03
N PHE F 98 -8.38 10.71 21.24
CA PHE F 98 -7.93 9.49 21.93
C PHE F 98 -9.11 8.60 22.32
N ASP F 99 -10.28 9.18 22.55
CA ASP F 99 -11.47 8.42 22.86
C ASP F 99 -12.42 8.31 21.69
N LEU F 100 -12.17 9.03 20.60
CA LEU F 100 -13.01 9.01 19.41
C LEU F 100 -12.17 8.76 18.18
N ALA F 101 -11.22 7.83 18.28
CA ALA F 101 -10.17 7.71 17.27
C ALA F 101 -10.69 7.18 15.95
N GLU F 102 -11.63 6.23 16.00
CA GLU F 102 -12.18 5.66 14.77
C GLU F 102 -12.93 6.72 13.96
N TYR F 103 -13.88 7.44 14.59
CA TYR F 103 -14.55 8.54 13.91
C TYR F 103 -13.55 9.56 13.39
N THR F 104 -12.47 9.80 14.15
CA THR F 104 -11.49 10.80 13.74
C THR F 104 -10.75 10.35 12.49
N ALA F 105 -10.46 9.05 12.37
CA ALA F 105 -9.82 8.56 11.14
C ALA F 105 -10.77 8.68 9.96
N ASP F 106 -12.06 8.43 10.16
CA ASP F 106 -12.99 8.44 9.04
C ASP F 106 -13.17 9.86 8.50
N VAL F 107 -13.21 10.86 9.38
CA VAL F 107 -13.41 12.23 8.94
C VAL F 107 -12.10 12.85 8.46
N ASP F 108 -11.06 12.79 9.29
CA ASP F 108 -9.83 13.48 8.95
C ASP F 108 -9.02 12.71 7.91
N GLY F 109 -9.04 11.40 7.97
CA GLY F 109 -8.22 10.61 7.09
C GLY F 109 -8.95 10.31 5.81
N VAL F 110 -9.81 9.28 5.88
CA VAL F 110 -10.59 8.86 4.72
C VAL F 110 -11.38 10.03 4.11
N GLY F 111 -11.83 10.98 4.93
CA GLY F 111 -12.63 12.08 4.40
C GLY F 111 -11.88 12.91 3.38
N THR F 112 -10.55 13.01 3.52
CA THR F 112 -9.76 13.70 2.52
C THR F 112 -9.70 12.91 1.22
N LEU F 113 -9.61 11.58 1.31
CA LEU F 113 -9.69 10.76 0.10
C LEU F 113 -11.06 10.88 -0.55
N ARG F 114 -12.13 10.90 0.24
CA ARG F 114 -13.45 11.05 -0.37
C ARG F 114 -13.54 12.34 -1.19
N LEU F 115 -13.03 13.44 -0.65
CA LEU F 115 -13.18 14.71 -1.35
C LEU F 115 -12.31 14.77 -2.60
N LEU F 116 -11.09 14.22 -2.55
CA LEU F 116 -10.26 14.15 -3.75
C LEU F 116 -10.90 13.26 -4.82
N ASP F 117 -11.35 12.07 -4.43
CA ASP F 117 -12.01 11.19 -5.39
C ASP F 117 -13.18 11.91 -6.07
N ALA F 118 -13.92 12.73 -5.33
CA ALA F 118 -15.00 13.49 -5.92
C ALA F 118 -14.48 14.41 -7.03
N VAL F 119 -13.45 15.19 -6.73
CA VAL F 119 -12.89 16.06 -7.75
C VAL F 119 -12.58 15.26 -9.01
N LYS F 120 -12.02 14.05 -8.85
CA LYS F 120 -11.67 13.24 -10.01
C LYS F 120 -12.89 12.63 -10.69
N THR F 121 -13.90 12.25 -9.92
CA THR F 121 -15.13 11.69 -10.47
C THR F 121 -15.90 12.73 -11.30
N CYS F 122 -15.82 14.00 -10.95
CA CYS F 122 -16.50 15.05 -11.67
C CYS F 122 -15.70 15.55 -12.87
N GLY F 123 -14.52 14.99 -13.13
CA GLY F 123 -13.72 15.43 -14.25
C GLY F 123 -13.05 16.77 -14.07
N LEU F 124 -12.84 17.21 -12.83
CA LEU F 124 -12.26 18.52 -12.53
C LEU F 124 -10.82 18.43 -12.06
N ILE F 125 -10.10 17.34 -12.36
CA ILE F 125 -8.70 17.24 -11.91
C ILE F 125 -7.87 18.40 -12.44
N ASN F 126 -8.12 18.84 -13.68
CA ASN F 126 -7.27 19.83 -14.34
C ASN F 126 -7.77 21.25 -14.17
N SER F 127 -8.91 21.46 -13.50
CA SER F 127 -9.49 22.78 -13.38
C SER F 127 -9.65 23.29 -11.95
N VAL F 128 -9.31 22.52 -10.92
CA VAL F 128 -9.45 23.01 -9.56
C VAL F 128 -8.08 23.04 -8.88
N LYS F 129 -7.97 23.91 -7.88
CA LYS F 129 -6.87 23.91 -6.93
C LYS F 129 -7.40 23.52 -5.56
N PHE F 130 -6.64 22.67 -4.86
CA PHE F 130 -7.07 21.98 -3.65
C PHE F 130 -6.15 22.36 -2.49
N TYR F 131 -6.72 22.97 -1.43
CA TYR F 131 -5.99 23.26 -0.20
C TYR F 131 -6.38 22.25 0.87
N GLN F 132 -5.38 21.58 1.46
CA GLN F 132 -5.60 20.65 2.57
C GLN F 132 -5.12 21.29 3.86
N ALA F 133 -5.94 21.19 4.91
CA ALA F 133 -5.60 21.77 6.21
C ALA F 133 -4.68 20.81 6.97
N SER F 134 -3.39 20.91 6.66
CA SER F 134 -2.43 20.18 7.44
C SER F 134 -2.15 20.93 8.74
N THR F 135 -1.24 20.40 9.57
CA THR F 135 -1.15 20.81 10.96
C THR F 135 0.24 20.51 11.49
N ASP F 136 0.69 21.32 12.46
CA ASP F 136 1.99 21.09 13.08
C ASP F 136 2.04 19.80 13.89
N GLU F 137 0.89 19.19 14.17
CA GLU F 137 0.87 17.94 14.91
C GLU F 137 1.55 16.82 14.15
N LEU F 138 1.75 16.98 12.84
CA LEU F 138 2.53 16.00 12.10
C LEU F 138 3.92 15.82 12.67
N TYR F 139 4.45 16.84 13.37
CA TYR F 139 5.81 16.71 13.87
C TYR F 139 5.88 16.00 15.23
N GLY F 140 4.74 15.87 15.91
CA GLY F 140 4.63 15.22 17.21
C GLY F 140 5.85 15.37 18.10
N LYS F 141 6.52 14.23 18.34
CA LYS F 141 7.81 14.26 19.02
C LYS F 141 8.85 14.81 18.06
N VAL F 142 9.05 16.12 18.13
CA VAL F 142 9.77 16.83 17.07
C VAL F 142 11.14 16.21 16.85
N GLN F 143 11.51 16.09 15.57
CA GLN F 143 12.82 15.56 15.19
C GLN F 143 13.85 16.64 14.93
N GLU F 144 13.42 17.90 14.79
CA GLU F 144 14.34 19.02 14.62
C GLU F 144 13.75 20.24 15.31
N ILE F 145 14.63 21.16 15.69
CA ILE F 145 14.20 22.43 16.24
C ILE F 145 14.97 23.53 15.51
N PRO F 146 14.30 24.39 14.74
CA PRO F 146 12.85 24.34 14.55
C PRO F 146 12.40 23.37 13.46
N GLN F 147 11.09 23.23 13.29
CA GLN F 147 10.52 22.32 12.30
C GLN F 147 10.29 23.09 11.00
N LYS F 148 10.70 22.50 9.88
CA LYS F 148 10.47 23.09 8.57
C LYS F 148 9.90 22.05 7.62
N GLU F 149 9.72 22.46 6.36
CA GLU F 149 9.10 21.59 5.38
C GLU F 149 9.82 20.25 5.24
N THR F 150 11.11 20.20 5.52
CA THR F 150 11.89 18.98 5.31
C THR F 150 12.10 18.16 6.59
N THR F 151 11.48 18.55 7.69
CA THR F 151 11.70 17.80 8.93
C THR F 151 10.89 16.51 8.92
N PRO F 152 11.43 15.43 9.46
CA PRO F 152 10.70 14.16 9.47
C PRO F 152 9.49 14.24 10.40
N PHE F 153 8.41 13.60 9.96
CA PHE F 153 7.17 13.55 10.72
C PHE F 153 7.21 12.45 11.78
N TYR F 154 6.54 12.72 12.91
CA TYR F 154 6.41 11.79 14.03
C TYR F 154 5.09 12.06 14.74
N PRO F 155 3.98 11.55 14.24
CA PRO F 155 2.67 11.84 14.87
C PRO F 155 2.62 11.26 16.28
N ARG F 156 1.73 11.84 17.12
CA ARG F 156 1.60 11.38 18.50
C ARG F 156 0.16 11.32 18.99
N SER F 157 -0.81 11.26 18.09
CA SER F 157 -2.21 11.20 18.47
C SER F 157 -2.96 10.52 17.35
N PRO F 158 -4.07 9.85 17.65
CA PRO F 158 -4.92 9.35 16.56
C PRO F 158 -5.33 10.45 15.59
N TYR F 159 -5.50 11.68 16.10
CA TYR F 159 -5.65 12.83 15.22
C TYR F 159 -4.42 12.99 14.33
N GLY F 160 -3.23 13.03 14.95
CA GLY F 160 -2.02 13.18 14.18
C GLY F 160 -1.88 12.13 13.10
N ALA F 161 -2.23 10.89 13.43
CA ALA F 161 -2.10 9.81 12.44
C ALA F 161 -3.05 10.04 11.27
N ALA F 162 -4.32 10.37 11.56
CA ALA F 162 -5.26 10.64 10.47
C ALA F 162 -4.76 11.75 9.58
N LYS F 163 -4.46 12.90 10.18
CA LYS F 163 -3.89 13.99 9.41
C LYS F 163 -2.67 13.55 8.62
N LEU F 164 -1.82 12.69 9.20
CA LEU F 164 -0.66 12.22 8.45
C LEU F 164 -1.10 11.46 7.20
N TYR F 165 -2.11 10.60 7.32
CA TYR F 165 -2.63 9.93 6.14
C TYR F 165 -3.19 10.93 5.14
N ALA F 166 -3.92 11.94 5.62
CA ALA F 166 -4.46 12.96 4.72
C ALA F 166 -3.33 13.71 4.01
N TYR F 167 -2.24 13.99 4.72
CA TYR F 167 -1.15 14.73 4.09
C TYR F 167 -0.62 14.01 2.86
N TRP F 168 -0.34 12.71 2.99
CA TRP F 168 0.29 11.98 1.90
C TRP F 168 -0.67 11.60 0.77
N ILE F 169 -1.96 11.37 1.06
CA ILE F 169 -2.90 11.11 -0.02
C ILE F 169 -3.06 12.35 -0.89
N VAL F 170 -3.08 13.53 -0.29
CA VAL F 170 -3.08 14.75 -1.09
C VAL F 170 -1.84 14.81 -1.96
N VAL F 171 -0.68 14.50 -1.39
CA VAL F 171 0.55 14.49 -2.18
C VAL F 171 0.45 13.45 -3.29
N ASN F 172 -0.25 12.34 -3.06
CA ASN F 172 -0.34 11.32 -4.10
C ASN F 172 -1.18 11.78 -5.28
N PHE F 173 -2.32 12.43 -5.01
CA PHE F 173 -3.11 12.99 -6.12
C PHE F 173 -2.30 14.02 -6.91
N ARG F 174 -1.46 14.80 -6.22
CA ARG F 174 -0.65 15.78 -6.94
C ARG F 174 0.37 15.07 -7.84
N GLU F 175 0.99 14.01 -7.33
CA GLU F 175 2.04 13.34 -8.08
C GLU F 175 1.50 12.37 -9.12
N ALA F 176 0.39 11.67 -8.85
CA ALA F 176 -0.06 10.69 -9.82
C ALA F 176 -0.96 11.26 -10.92
N TYR F 177 -1.65 12.37 -10.65
CA TYR F 177 -2.63 12.95 -11.57
C TYR F 177 -2.39 14.43 -11.88
N ASN F 178 -1.31 15.03 -11.37
CA ASN F 178 -1.02 16.44 -11.60
C ASN F 178 -2.17 17.34 -11.12
N LEU F 179 -2.76 17.02 -9.97
CA LEU F 179 -3.74 17.91 -9.37
C LEU F 179 -3.03 19.03 -8.62
N PHE F 180 -3.43 20.27 -8.87
CA PHE F 180 -2.88 21.39 -8.10
C PHE F 180 -3.38 21.24 -6.67
N ALA F 181 -2.51 20.78 -5.77
CA ALA F 181 -2.94 20.46 -4.42
C ALA F 181 -1.79 20.67 -3.44
N VAL F 182 -2.05 21.44 -2.39
CA VAL F 182 -1.00 21.86 -1.46
C VAL F 182 -1.40 21.51 -0.04
N ASN F 183 -0.39 21.28 0.80
CA ASN F 183 -0.56 21.06 2.22
C ASN F 183 -0.15 22.32 2.96
N GLY F 184 -1.11 22.98 3.61
CA GLY F 184 -0.76 24.04 4.53
C GLY F 184 -0.39 23.52 5.91
N ILE F 185 0.90 23.51 6.23
CA ILE F 185 1.37 22.97 7.53
C ILE F 185 1.34 24.13 8.51
N LEU F 186 0.16 24.38 9.06
CA LEU F 186 -0.05 25.52 9.95
C LEU F 186 0.16 25.14 11.41
N PHE F 187 0.85 25.99 12.15
CA PHE F 187 0.96 25.77 13.59
C PHE F 187 -0.21 26.43 14.32
N ASN F 188 -0.33 26.15 15.62
CA ASN F 188 -1.46 26.62 16.42
C ASN F 188 -1.81 28.07 16.11
N HIS F 189 -3.08 28.32 15.79
CA HIS F 189 -3.59 29.68 15.60
C HIS F 189 -4.90 29.86 16.35
N GLU F 190 -5.03 31.01 17.01
CA GLU F 190 -6.13 31.29 17.93
C GLU F 190 -6.88 32.55 17.48
N SER F 191 -7.93 32.88 18.22
CA SER F 191 -8.84 33.95 17.81
C SER F 191 -9.95 34.09 18.85
N PRO F 192 -10.69 35.21 18.88
CA PRO F 192 -11.86 35.28 19.75
C PRO F 192 -13.02 34.39 19.31
N ARG F 193 -12.81 33.53 18.31
CA ARG F 193 -13.78 32.47 17.99
C ARG F 193 -13.19 31.09 18.17
N ARG F 194 -12.00 30.99 18.73
CA ARG F 194 -11.46 29.69 19.10
C ARG F 194 -12.42 28.98 20.02
N GLY F 195 -12.67 27.69 19.71
CA GLY F 195 -13.61 26.92 20.49
C GLY F 195 -13.22 26.84 21.94
N ALA F 196 -14.24 26.78 22.80
CA ALA F 196 -14.01 26.86 24.24
C ALA F 196 -13.20 25.67 24.75
N ASN F 197 -13.10 24.60 23.96
CA ASN F 197 -12.38 23.39 24.35
C ASN F 197 -10.87 23.54 24.37
N PHE F 198 -10.32 24.44 23.56
CA PHE F 198 -8.88 24.56 23.43
C PHE F 198 -8.32 25.48 24.51
N VAL F 199 -7.02 25.31 24.79
CA VAL F 199 -6.47 25.78 26.05
C VAL F 199 -6.53 27.31 26.13
N THR F 200 -6.12 28.01 25.06
CA THR F 200 -6.05 29.46 25.13
C THR F 200 -7.43 30.08 25.35
N ARG F 201 -8.42 29.70 24.54
CA ARG F 201 -9.75 30.26 24.72
C ARG F 201 -10.37 29.82 26.05
N LYS F 202 -10.08 28.59 26.50
CA LYS F 202 -10.53 28.17 27.83
C LYS F 202 -9.98 29.09 28.90
N ILE F 203 -8.71 29.47 28.78
CA ILE F 203 -8.11 30.39 29.75
C ILE F 203 -8.78 31.76 29.70
N SER F 204 -8.99 32.30 28.49
CA SER F 204 -9.56 33.63 28.38
C SER F 204 -10.99 33.66 28.91
N ARG F 205 -11.83 32.71 28.48
CA ARG F 205 -13.21 32.68 28.95
C ARG F 205 -13.26 32.61 30.46
N SER F 206 -12.49 31.70 31.05
CA SER F 206 -12.54 31.50 32.50
C SER F 206 -11.98 32.69 33.26
N VAL F 207 -10.86 33.25 32.81
CA VAL F 207 -10.30 34.42 33.49
C VAL F 207 -11.30 35.57 33.46
N ALA F 208 -12.05 35.69 32.37
CA ALA F 208 -13.06 36.74 32.29
C ALA F 208 -14.15 36.52 33.31
N LYS F 209 -14.71 35.31 33.39
CA LYS F 209 -15.77 35.06 34.36
C LYS F 209 -15.32 35.36 35.78
N ILE F 210 -14.04 35.11 36.09
CA ILE F 210 -13.51 35.45 37.41
C ILE F 210 -13.60 36.95 37.65
N TYR F 211 -13.24 37.75 36.64
CA TYR F 211 -13.26 39.21 36.78
C TYR F 211 -14.66 39.72 37.07
N LEU F 212 -15.70 39.02 36.60
CA LEU F 212 -17.08 39.48 36.75
C LEU F 212 -17.79 38.82 37.93
N GLY F 213 -17.08 38.06 38.76
CA GLY F 213 -17.72 37.36 39.86
C GLY F 213 -18.62 36.22 39.45
N GLN F 214 -18.51 35.74 38.21
CA GLN F 214 -19.30 34.62 37.74
C GLN F 214 -18.62 33.27 37.97
N LEU F 215 -17.40 33.26 38.50
CA LEU F 215 -16.66 32.03 38.71
C LEU F 215 -15.52 32.32 39.66
N GLU F 216 -15.11 31.30 40.40
CA GLU F 216 -14.00 31.41 41.33
C GLU F 216 -12.73 30.72 40.84
N CYS F 217 -12.84 29.59 40.15
CA CYS F 217 -11.70 28.71 39.93
C CYS F 217 -11.95 27.84 38.71
N PHE F 218 -10.87 27.45 38.04
CA PHE F 218 -10.94 26.45 36.97
C PHE F 218 -9.70 25.58 37.05
N SER F 219 -9.67 24.55 36.21
CA SER F 219 -8.55 23.62 36.21
C SER F 219 -8.03 23.39 34.80
N LEU F 220 -6.71 23.29 34.68
CA LEU F 220 -6.01 22.97 33.46
C LEU F 220 -5.33 21.61 33.61
N GLY F 221 -4.59 21.21 32.58
CA GLY F 221 -3.84 19.96 32.61
C GLY F 221 -2.34 20.15 32.67
N ASN F 222 -1.66 19.87 31.57
CA ASN F 222 -0.20 20.03 31.50
C ASN F 222 0.12 21.51 31.31
N LEU F 223 0.58 22.17 32.37
CA LEU F 223 0.88 23.60 32.30
C LEU F 223 2.24 23.91 31.70
N ASP F 224 3.08 22.90 31.48
CA ASP F 224 4.44 23.13 31.01
C ASP F 224 4.61 22.89 29.51
N ALA F 225 3.52 22.65 28.79
CA ALA F 225 3.61 22.46 27.35
C ALA F 225 3.98 23.77 26.66
N LYS F 226 4.61 23.66 25.50
CA LYS F 226 5.06 24.83 24.74
C LYS F 226 4.47 24.80 23.34
N ARG F 227 3.92 25.95 22.92
CA ARG F 227 3.19 26.04 21.66
C ARG F 227 3.58 27.32 20.93
N ASP F 228 3.43 27.27 19.60
CA ASP F 228 3.66 28.41 18.71
C ASP F 228 2.30 28.97 18.33
N TRP F 229 1.94 30.12 18.91
CA TRP F 229 0.59 30.66 18.81
C TRP F 229 0.56 31.89 17.90
N GLY F 230 -0.31 31.84 16.89
CA GLY F 230 -0.59 32.98 16.04
C GLY F 230 -2.09 33.26 15.98
N HIS F 231 -2.44 34.31 15.25
CA HIS F 231 -3.84 34.74 15.11
C HIS F 231 -4.44 34.18 13.81
N ALA F 232 -5.60 33.55 13.93
CA ALA F 232 -6.18 32.86 12.78
C ALA F 232 -6.47 33.82 11.63
N LYS F 233 -6.75 35.09 11.91
CA LYS F 233 -7.05 36.03 10.83
C LYS F 233 -5.86 36.19 9.89
N ASP F 234 -4.63 36.22 10.43
CA ASP F 234 -3.45 36.29 9.57
C ASP F 234 -3.19 35.00 8.81
N TYR F 235 -3.56 33.85 9.37
CA TYR F 235 -3.20 32.56 8.78
C TYR F 235 -4.08 32.22 7.58
N VAL F 236 -5.37 32.55 7.62
CA VAL F 236 -6.24 32.24 6.49
C VAL F 236 -5.76 32.93 5.22
N GLU F 237 -5.19 34.14 5.36
CA GLU F 237 -4.58 34.82 4.22
C GLU F 237 -3.52 33.93 3.57
N ALA F 238 -2.76 33.21 4.40
CA ALA F 238 -1.71 32.35 3.86
C ALA F 238 -2.27 31.19 3.05
N MET F 239 -3.46 30.69 3.43
CA MET F 239 -4.08 29.61 2.65
C MET F 239 -4.40 30.08 1.23
N TRP F 240 -4.94 31.29 1.11
CA TRP F 240 -5.24 31.82 -0.22
C TRP F 240 -3.96 32.09 -1.02
N LEU F 241 -2.92 32.60 -0.35
CA LEU F 241 -1.67 32.89 -1.05
C LEU F 241 -1.07 31.63 -1.64
N MET F 242 -1.21 30.49 -0.95
CA MET F 242 -0.64 29.24 -1.44
C MET F 242 -1.35 28.77 -2.70
N LEU F 243 -2.62 29.13 -2.88
CA LEU F 243 -3.34 28.77 -4.10
C LEU F 243 -3.15 29.79 -5.21
N GLN F 244 -2.48 30.91 -4.97
CA GLN F 244 -2.12 31.82 -6.05
C GLN F 244 -0.74 31.52 -6.63
N ASN F 245 0.07 30.73 -5.93
CA ASN F 245 1.40 30.43 -6.41
C ASN F 245 1.34 29.77 -7.77
N ASP F 246 2.43 29.94 -8.55
CA ASP F 246 2.53 29.28 -9.85
C ASP F 246 2.65 27.77 -9.69
N GLU F 247 3.43 27.32 -8.72
CA GLU F 247 3.68 25.91 -8.48
C GLU F 247 3.06 25.50 -7.15
N PRO F 248 2.48 24.30 -7.08
CA PRO F 248 1.88 23.82 -5.83
C PRO F 248 2.94 23.24 -4.89
N GLU F 249 3.25 23.98 -3.83
CA GLU F 249 4.23 23.56 -2.85
C GLU F 249 3.58 23.52 -1.47
N ASP F 250 4.23 22.82 -0.56
CA ASP F 250 3.77 22.77 0.83
C ASP F 250 4.55 23.80 1.64
N PHE F 251 3.87 24.44 2.60
CA PHE F 251 4.44 25.53 3.40
C PHE F 251 4.12 25.33 4.86
N VAL F 252 5.07 25.65 5.73
CA VAL F 252 4.76 25.80 7.16
C VAL F 252 4.42 27.26 7.42
N ILE F 253 3.44 27.49 8.30
CA ILE F 253 2.99 28.83 8.66
C ILE F 253 2.99 28.95 10.17
N ALA F 254 3.84 29.83 10.70
CA ALA F 254 4.00 29.99 12.15
C ALA F 254 4.60 31.37 12.43
N THR F 255 4.99 31.59 13.69
CA THR F 255 5.57 32.84 14.16
C THR F 255 7.04 32.72 14.55
N GLY F 256 7.51 31.54 14.92
CA GLY F 256 8.86 31.37 15.40
C GLY F 256 9.08 31.69 16.86
N GLU F 257 8.08 32.18 17.57
CA GLU F 257 8.18 32.47 19.00
C GLU F 257 7.42 31.39 19.77
N VAL F 258 8.03 30.87 20.81
CA VAL F 258 7.46 29.78 21.60
C VAL F 258 7.10 30.33 22.98
N HIS F 259 5.99 29.83 23.54
CA HIS F 259 5.62 30.16 24.91
C HIS F 259 4.89 28.98 25.52
N SER F 260 4.76 29.01 26.84
CA SER F 260 4.19 27.92 27.62
C SER F 260 2.73 28.19 27.96
N VAL F 261 2.02 27.13 28.36
CA VAL F 261 0.66 27.29 28.84
C VAL F 261 0.63 28.12 30.11
N ARG F 262 1.64 27.98 30.97
CA ARG F 262 1.75 28.83 32.15
C ARG F 262 1.70 30.30 31.76
N GLU F 263 2.61 30.72 30.88
CA GLU F 263 2.69 32.14 30.55
C GLU F 263 1.32 32.68 30.16
N PHE F 264 0.61 31.95 29.30
CA PHE F 264 -0.71 32.38 28.89
C PHE F 264 -1.61 32.58 30.09
N VAL F 265 -1.60 31.61 31.01
CA VAL F 265 -2.33 31.78 32.27
C VAL F 265 -1.86 33.04 32.98
N GLU F 266 -0.53 33.25 33.06
CA GLU F 266 0.02 34.37 33.80
C GLU F 266 -0.28 35.71 33.14
N LYS F 267 -0.01 35.82 31.84
CA LYS F 267 -0.25 37.08 31.14
C LYS F 267 -1.73 37.39 31.01
N SER F 268 -2.58 36.38 30.87
CA SER F 268 -4.02 36.64 30.78
C SER F 268 -4.53 37.30 32.05
N PHE F 269 -4.04 36.85 33.21
CA PHE F 269 -4.47 37.47 34.47
C PHE F 269 -3.95 38.89 34.61
N LEU F 270 -2.85 39.22 33.95
CA LEU F 270 -2.31 40.58 34.05
C LEU F 270 -3.34 41.60 33.56
N HIS F 271 -3.98 41.33 32.42
CA HIS F 271 -4.98 42.25 31.87
C HIS F 271 -6.21 42.37 32.75
N ILE F 272 -6.28 41.59 33.82
CA ILE F 272 -7.39 41.61 34.76
C ILE F 272 -7.06 42.30 36.06
N GLY F 273 -5.79 42.70 36.25
CA GLY F 273 -5.37 43.29 37.50
C GLY F 273 -4.82 42.33 38.53
N LYS F 274 -4.86 41.03 38.25
CA LYS F 274 -4.43 40.00 39.19
C LYS F 274 -3.14 39.35 38.71
N THR F 275 -2.22 39.10 39.64
CA THR F 275 -0.93 38.50 39.33
C THR F 275 -0.85 37.11 39.95
N ILE F 276 -0.52 36.12 39.14
CA ILE F 276 -0.54 34.72 39.56
C ILE F 276 0.85 34.31 40.01
N VAL F 277 0.92 33.71 41.20
CA VAL F 277 2.13 33.09 41.73
C VAL F 277 1.85 31.61 41.89
N TRP F 278 2.79 30.77 41.48
CA TRP F 278 2.57 29.33 41.46
C TRP F 278 3.06 28.67 42.75
N GLU F 279 2.27 27.73 43.25
CA GLU F 279 2.65 26.96 44.42
C GLU F 279 2.30 25.49 44.22
N GLY F 280 2.98 24.63 44.96
CA GLY F 280 2.76 23.20 44.86
C GLY F 280 3.48 22.59 43.67
N LYS F 281 3.23 21.29 43.48
CA LYS F 281 3.89 20.51 42.43
C LYS F 281 2.93 19.48 41.85
N ASN F 282 3.25 19.01 40.65
CA ASN F 282 2.59 17.83 40.05
C ASN F 282 1.10 18.15 39.84
N GLU F 283 0.20 17.19 40.10
CA GLU F 283 -1.24 17.38 39.98
C GLU F 283 -1.84 18.20 41.11
N ASN F 284 -1.08 18.45 42.18
CA ASN F 284 -1.52 19.32 43.26
C ASN F 284 -1.03 20.75 43.09
N GLU F 285 -0.29 21.05 42.02
CA GLU F 285 0.12 22.43 41.80
C GLU F 285 -1.11 23.32 41.67
N VAL F 286 -0.97 24.56 42.11
CA VAL F 286 -2.07 25.52 42.12
C VAL F 286 -1.51 26.92 41.92
N GLY F 287 -2.32 27.81 41.36
CA GLY F 287 -1.96 29.22 41.21
C GLY F 287 -2.85 30.15 42.00
N ARG F 288 -2.27 30.98 42.86
CA ARG F 288 -3.02 31.86 43.76
C ARG F 288 -2.71 33.32 43.46
N CYS F 289 -3.73 34.16 43.61
CA CYS F 289 -3.57 35.60 43.38
C CYS F 289 -2.74 36.22 44.50
N LYS F 290 -1.66 36.91 44.14
CA LYS F 290 -0.79 37.51 45.14
C LYS F 290 -1.54 38.50 46.02
N GLU F 291 -2.30 39.40 45.40
CA GLU F 291 -2.91 40.49 46.16
C GLU F 291 -3.99 39.98 47.10
N THR F 292 -4.85 39.08 46.63
CA THR F 292 -5.97 38.59 47.42
C THR F 292 -5.67 37.29 48.15
N GLY F 293 -4.68 36.52 47.72
CA GLY F 293 -4.34 35.27 48.36
C GLY F 293 -5.20 34.09 47.98
N LYS F 294 -6.25 34.31 47.20
CA LYS F 294 -7.15 33.24 46.80
C LYS F 294 -6.62 32.49 45.60
N VAL F 295 -6.83 31.18 45.59
CA VAL F 295 -6.41 30.34 44.46
C VAL F 295 -7.46 30.42 43.37
N HIS F 296 -7.02 30.47 42.11
CA HIS F 296 -7.93 30.52 40.97
C HIS F 296 -7.70 29.44 39.91
N VAL F 297 -6.56 28.73 39.93
CA VAL F 297 -6.26 27.72 38.92
C VAL F 297 -5.77 26.45 39.63
N THR F 298 -6.37 25.31 39.29
CA THR F 298 -5.98 24.01 39.80
C THR F 298 -5.61 23.11 38.63
N VAL F 299 -5.13 21.91 38.95
CA VAL F 299 -4.73 20.92 37.95
C VAL F 299 -5.56 19.66 38.15
N ASP F 300 -5.94 19.02 37.04
CA ASP F 300 -6.69 17.76 37.06
C ASP F 300 -6.14 16.84 35.98
N LEU F 301 -5.82 15.61 36.37
CA LEU F 301 -5.22 14.66 35.43
C LEU F 301 -6.09 14.42 34.20
N LYS F 302 -7.40 14.65 34.30
CA LYS F 302 -8.30 14.29 33.19
C LYS F 302 -8.07 15.13 31.94
N TYR F 303 -7.24 16.17 32.00
CA TYR F 303 -6.87 16.99 30.85
C TYR F 303 -5.47 16.66 30.33
N TYR F 304 -4.83 15.64 30.88
CA TYR F 304 -3.58 15.18 30.31
C TYR F 304 -3.86 14.33 29.07
N ARG F 305 -2.89 14.28 28.17
CA ARG F 305 -3.00 13.37 27.04
C ARG F 305 -2.01 12.22 27.17
N PRO F 306 -2.42 10.99 26.89
CA PRO F 306 -1.50 9.83 27.05
C PRO F 306 -0.11 10.07 26.47
N THR F 307 -0.02 10.79 25.34
CA THR F 307 1.24 11.07 24.64
C THR F 307 1.27 12.56 24.27
N GLU F 308 1.72 13.40 25.20
CA GLU F 308 1.75 14.83 24.96
C GLU F 308 2.69 15.15 23.79
N VAL F 309 2.43 16.27 23.13
CA VAL F 309 3.40 16.84 22.20
C VAL F 309 4.02 18.00 22.96
N ASP F 310 5.26 17.80 23.40
CA ASP F 310 5.80 18.67 24.45
C ASP F 310 6.21 20.02 23.91
N PHE F 311 6.84 20.05 22.73
CA PHE F 311 7.47 21.26 22.25
C PHE F 311 7.19 21.41 20.75
N LEU F 312 6.96 22.65 20.31
CA LEU F 312 6.71 22.95 18.91
C LEU F 312 7.22 24.35 18.57
N GLN F 313 7.90 24.48 17.43
CA GLN F 313 8.34 25.79 16.96
C GLN F 313 8.60 25.73 15.46
N GLY F 314 7.89 26.56 14.69
CA GLY F 314 7.95 26.52 13.25
C GLY F 314 8.85 27.56 12.59
N ASP F 315 9.37 27.22 11.41
CA ASP F 315 10.30 28.04 10.63
C ASP F 315 9.66 28.33 9.27
N CYS F 316 9.03 29.50 9.12
CA CYS F 316 8.33 29.84 7.89
C CYS F 316 9.20 30.65 6.93
N THR F 317 10.50 30.37 6.87
CA THR F 317 11.35 31.04 5.89
C THR F 317 10.84 30.77 4.48
N LYS F 318 10.49 29.53 4.17
CA LYS F 318 10.03 29.20 2.81
C LYS F 318 8.78 30.01 2.45
N ALA F 319 7.87 30.20 3.40
CA ALA F 319 6.67 30.99 3.11
C ALA F 319 6.97 32.49 3.04
N LYS F 320 7.97 32.95 3.78
CA LYS F 320 8.34 34.36 3.68
C LYS F 320 8.87 34.68 2.28
N GLN F 321 9.74 33.82 1.75
CA GLN F 321 10.39 34.13 0.47
C GLN F 321 9.45 33.94 -0.70
N LYS F 322 8.77 32.79 -0.78
CA LYS F 322 8.00 32.47 -1.97
C LYS F 322 6.59 33.04 -1.96
N LEU F 323 6.05 33.41 -0.80
CA LEU F 323 4.70 33.95 -0.70
C LEU F 323 4.66 35.40 -0.23
N ASN F 324 5.74 35.90 0.36
CA ASN F 324 5.79 37.26 0.89
C ASN F 324 4.74 37.45 1.97
N TRP F 325 4.49 36.40 2.73
CA TRP F 325 3.58 36.45 3.86
C TRP F 325 4.37 36.65 5.14
N LYS F 326 3.80 37.41 6.07
CA LYS F 326 4.42 37.62 7.37
C LYS F 326 3.31 37.81 8.39
N PRO F 327 3.44 37.22 9.57
CA PRO F 327 2.39 37.39 10.59
C PRO F 327 2.36 38.82 11.11
N ARG F 328 1.15 39.34 11.30
CA ARG F 328 0.96 40.71 11.71
C ARG F 328 0.63 40.87 13.18
N VAL F 329 0.21 39.80 13.85
CA VAL F 329 -0.26 39.86 15.23
C VAL F 329 0.69 39.06 16.12
N ALA F 330 1.13 39.68 17.22
CA ALA F 330 2.11 39.09 18.12
C ALA F 330 1.43 38.38 19.29
N PHE F 331 2.25 37.65 20.04
CA PHE F 331 1.74 36.92 21.21
C PHE F 331 1.04 37.85 22.19
N ASP F 332 1.69 38.98 22.53
CA ASP F 332 1.10 39.89 23.52
C ASP F 332 -0.26 40.41 23.05
N GLU F 333 -0.33 40.91 21.83
CA GLU F 333 -1.60 41.43 21.32
C GLU F 333 -2.68 40.35 21.31
N LEU F 334 -2.31 39.09 21.03
CA LEU F 334 -3.30 38.03 20.92
C LEU F 334 -4.03 37.83 22.25
N VAL F 335 -3.27 37.63 23.33
CA VAL F 335 -3.88 37.37 24.63
C VAL F 335 -4.65 38.59 25.12
N ARG F 336 -4.16 39.80 24.83
CA ARG F 336 -4.93 40.99 25.17
C ARG F 336 -6.26 40.98 24.43
N GLU F 337 -6.22 40.76 23.11
CA GLU F 337 -7.45 40.74 22.33
C GLU F 337 -8.44 39.68 22.85
N MET F 338 -7.95 38.47 23.12
CA MET F 338 -8.84 37.39 23.53
C MET F 338 -9.44 37.64 24.90
N VAL F 339 -8.66 38.19 25.83
CA VAL F 339 -9.18 38.46 27.18
C VAL F 339 -10.20 39.58 27.15
N HIS F 340 -9.87 40.68 26.47
CA HIS F 340 -10.85 41.77 26.36
C HIS F 340 -12.10 41.30 25.63
N ALA F 341 -11.91 40.53 24.55
CA ALA F 341 -13.05 40.09 23.74
C ALA F 341 -14.07 39.32 24.58
N ASP F 342 -13.61 38.41 25.43
CA ASP F 342 -14.51 37.60 26.23
C ASP F 342 -15.09 38.35 27.42
N VAL F 343 -14.42 39.40 27.88
CA VAL F 343 -15.00 40.19 28.97
C VAL F 343 -16.24 40.92 28.49
N GLU F 344 -16.09 41.74 27.45
CA GLU F 344 -17.25 42.35 26.82
C GLU F 344 -18.35 41.33 26.55
N LEU F 345 -17.98 40.15 26.06
CA LEU F 345 -18.99 39.15 25.70
C LEU F 345 -19.75 38.66 26.92
N MET F 346 -19.02 38.21 27.95
CA MET F 346 -19.64 37.59 29.12
C MET F 346 -20.40 38.60 29.98
N ARG F 347 -20.04 39.88 29.90
CA ARG F 347 -20.77 40.90 30.63
C ARG F 347 -22.16 41.12 30.05
N THR F 348 -22.29 41.06 28.72
CA THR F 348 -23.59 41.23 28.06
C THR F 348 -24.41 39.95 28.03
N ASN F 349 -23.79 38.80 28.27
CA ASN F 349 -24.57 37.57 28.35
C ASN F 349 -23.79 36.55 29.15
N PRO F 350 -24.14 36.36 30.44
CA PRO F 350 -23.30 35.53 31.31
C PRO F 350 -23.47 34.02 31.15
N ASN F 351 -24.43 33.55 30.37
CA ASN F 351 -24.57 32.13 30.12
C ASN F 351 -23.70 31.64 28.98
N ALA F 352 -23.04 32.55 28.26
CA ALA F 352 -22.14 32.18 27.18
C ALA F 352 -20.84 31.62 27.75
N ARG G 3 23.43 16.92 28.15
CA ARG G 3 24.47 15.89 28.30
C ARG G 3 24.17 14.95 29.48
N ASN G 4 23.72 13.72 29.18
CA ASN G 4 23.33 12.74 30.21
C ASN G 4 24.17 11.48 30.07
N VAL G 5 25.20 11.37 30.92
CA VAL G 5 26.15 10.26 30.92
C VAL G 5 26.09 9.56 32.26
N ALA G 6 25.86 8.25 32.24
CA ALA G 6 25.64 7.45 33.44
C ALA G 6 26.69 6.35 33.56
N LEU G 7 27.15 6.13 34.79
CA LEU G 7 28.10 5.06 35.11
C LEU G 7 27.43 4.10 36.07
N ILE G 8 27.43 2.81 35.73
CA ILE G 8 26.72 1.78 36.50
C ILE G 8 27.73 0.76 36.99
N THR G 9 27.77 0.54 38.31
CA THR G 9 28.47 -0.60 38.86
C THR G 9 27.51 -1.76 38.98
N GLY G 10 28.04 -2.96 38.74
CA GLY G 10 27.18 -4.13 38.68
C GLY G 10 26.30 -4.16 37.47
N ILE G 11 26.77 -3.60 36.35
CA ILE G 11 25.97 -3.55 35.14
C ILE G 11 25.62 -4.94 34.63
N THR G 12 26.36 -5.96 35.05
CA THR G 12 26.03 -7.30 34.57
C THR G 12 24.94 -7.99 35.38
N GLY G 13 24.53 -7.43 36.51
CA GLY G 13 23.56 -8.08 37.36
C GLY G 13 22.14 -7.90 36.88
N GLN G 14 21.20 -8.47 37.65
CA GLN G 14 19.78 -8.32 37.32
C GLN G 14 19.39 -6.87 37.17
N ASP G 15 19.48 -6.10 38.27
CA ASP G 15 19.01 -4.73 38.22
C ASP G 15 19.81 -3.89 37.22
N GLY G 16 21.10 -4.19 37.03
CA GLY G 16 21.90 -3.40 36.11
C GLY G 16 21.49 -3.58 34.66
N SER G 17 21.13 -4.80 34.29
CA SER G 17 20.72 -5.02 32.90
C SER G 17 19.45 -4.25 32.57
N TYR G 18 18.50 -4.17 33.52
CA TYR G 18 17.27 -3.43 33.27
C TYR G 18 17.53 -1.93 33.25
N LEU G 19 18.35 -1.43 34.18
CA LEU G 19 18.60 0.01 34.27
C LEU G 19 19.29 0.52 33.02
N ALA G 20 20.23 -0.25 32.46
CA ALA G 20 20.88 0.15 31.22
C ALA G 20 19.86 0.34 30.11
N GLU G 21 18.97 -0.64 29.93
CA GLU G 21 17.92 -0.51 28.91
C GLU G 21 17.11 0.77 29.12
N PHE G 22 16.66 1.00 30.36
CA PHE G 22 15.88 2.18 30.68
C PHE G 22 16.62 3.46 30.34
N LEU G 23 17.91 3.53 30.65
CA LEU G 23 18.64 4.77 30.41
C LEU G 23 18.96 4.96 28.93
N LEU G 24 19.19 3.88 28.19
CA LEU G 24 19.46 4.04 26.76
C LEU G 24 18.22 4.54 26.02
N GLU G 25 17.05 3.97 26.33
CA GLU G 25 15.82 4.41 25.70
C GLU G 25 15.61 5.90 25.86
N LYS G 26 16.10 6.48 26.96
CA LYS G 26 15.99 7.93 27.17
C LYS G 26 17.13 8.69 26.53
N GLY G 27 18.04 8.00 25.85
CA GLY G 27 19.07 8.66 25.08
C GLY G 27 20.36 8.88 25.83
N TYR G 28 20.50 8.34 27.03
CA TYR G 28 21.73 8.45 27.79
C TYR G 28 22.88 7.76 27.07
N GLU G 29 24.09 8.18 27.41
CA GLU G 29 25.32 7.42 27.16
C GLU G 29 25.65 6.69 28.46
N VAL G 30 25.73 5.36 28.41
CA VAL G 30 25.88 4.56 29.63
C VAL G 30 27.20 3.80 29.61
N HIS G 31 27.97 3.95 30.69
CA HIS G 31 29.17 3.19 30.96
C HIS G 31 28.94 2.26 32.16
N GLY G 32 29.48 1.05 32.07
CA GLY G 32 29.40 0.10 33.16
C GLY G 32 30.77 -0.46 33.48
N ILE G 33 30.90 -0.95 34.72
CA ILE G 33 32.12 -1.59 35.19
C ILE G 33 31.88 -3.08 35.33
N VAL G 34 32.69 -3.87 34.63
CA VAL G 34 32.56 -5.31 34.61
C VAL G 34 33.86 -5.93 35.10
N ARG G 35 33.75 -7.08 35.76
CA ARG G 35 34.91 -7.77 36.31
C ARG G 35 35.57 -8.66 35.26
N ARG G 36 36.89 -8.74 35.29
CA ARG G 36 37.60 -9.74 34.50
C ARG G 36 37.06 -11.11 34.84
N SER G 37 36.91 -11.95 33.82
CA SER G 37 36.37 -13.29 34.01
C SER G 37 37.12 -14.26 33.12
N SER G 38 37.28 -15.50 33.60
CA SER G 38 37.85 -16.52 32.74
C SER G 38 36.87 -16.97 31.66
N SER G 39 35.59 -16.68 31.84
CA SER G 39 34.55 -16.89 30.84
C SER G 39 33.72 -15.61 30.71
N PHE G 40 32.74 -15.64 29.81
CA PHE G 40 31.86 -14.48 29.67
C PHE G 40 30.94 -14.34 30.88
N ASN G 41 30.75 -13.10 31.32
CA ASN G 41 29.81 -12.77 32.39
C ASN G 41 28.85 -11.67 31.94
N THR G 42 28.57 -11.61 30.64
CA THR G 42 27.81 -10.52 30.05
C THR G 42 26.48 -10.97 29.44
N GLY G 43 26.02 -12.16 29.77
CA GLY G 43 24.85 -12.70 29.11
C GLY G 43 23.59 -11.87 29.30
N ARG G 44 23.51 -11.10 30.38
CA ARG G 44 22.32 -10.29 30.62
C ARG G 44 22.30 -9.07 29.70
N ILE G 45 23.45 -8.53 29.33
CA ILE G 45 23.51 -7.28 28.61
C ILE G 45 24.11 -7.44 27.22
N GLU G 46 24.36 -8.68 26.79
CA GLU G 46 25.03 -8.86 25.50
C GLU G 46 24.24 -8.24 24.36
N HIS G 47 22.91 -8.20 24.45
CA HIS G 47 22.06 -7.68 23.38
C HIS G 47 22.07 -6.15 23.29
N LEU G 48 22.88 -5.47 24.10
CA LEU G 48 22.99 -4.02 24.07
C LEU G 48 24.26 -3.54 23.36
N TYR G 49 25.01 -4.45 22.75
CA TYR G 49 26.04 -4.07 21.80
C TYR G 49 25.39 -3.53 20.54
N LYS G 50 26.02 -2.53 19.92
CA LYS G 50 25.60 -2.10 18.59
C LYS G 50 25.57 -3.28 17.63
N ASN G 51 26.50 -4.23 17.81
CA ASN G 51 26.62 -5.42 16.97
C ASN G 51 26.84 -6.61 17.90
N PRO G 52 25.77 -7.27 18.35
CA PRO G 52 25.95 -8.37 19.32
C PRO G 52 26.62 -9.61 18.76
N GLN G 53 26.55 -9.88 17.45
CA GLN G 53 27.19 -11.09 16.93
C GLN G 53 28.71 -11.01 16.94
N ALA G 54 29.28 -9.80 16.94
CA ALA G 54 30.73 -9.60 16.96
C ALA G 54 31.22 -8.76 18.13
N HIS G 55 30.33 -8.36 19.05
CA HIS G 55 30.73 -7.63 20.25
C HIS G 55 31.47 -6.33 19.91
N ILE G 56 30.94 -5.59 18.92
CA ILE G 56 31.32 -4.20 18.64
C ILE G 56 30.36 -3.31 19.42
N GLU G 57 30.88 -2.18 19.91
CA GLU G 57 30.16 -1.37 20.90
C GLU G 57 29.58 -0.10 20.29
N GLY G 58 28.44 0.33 20.83
CA GLY G 58 27.76 1.53 20.43
C GLY G 58 27.57 2.49 21.58
N ASN G 59 26.31 2.71 21.99
CA ASN G 59 25.98 3.66 23.05
C ASN G 59 26.09 3.09 24.47
N MET G 60 26.42 1.82 24.63
CA MET G 60 26.79 1.26 25.93
C MET G 60 28.23 0.81 25.84
N LYS G 61 29.07 1.26 26.77
CA LYS G 61 30.48 0.90 26.73
C LYS G 61 30.98 0.48 28.11
N LEU G 62 31.75 -0.61 28.14
CA LEU G 62 32.13 -1.31 29.37
C LEU G 62 33.62 -1.14 29.67
N HIS G 63 33.94 -1.05 30.97
CA HIS G 63 35.32 -0.92 31.46
C HIS G 63 35.63 -2.03 32.46
N TYR G 64 36.83 -2.58 32.38
CA TYR G 64 37.27 -3.59 33.35
C TYR G 64 37.58 -2.93 34.68
N GLY G 65 37.00 -3.45 35.76
CA GLY G 65 37.30 -2.87 37.06
C GLY G 65 36.78 -3.77 38.16
N ASP G 66 36.87 -3.24 39.39
CA ASP G 66 36.47 -3.98 40.58
C ASP G 66 36.28 -2.99 41.72
N LEU G 67 35.28 -3.25 42.57
CA LEU G 67 35.01 -2.36 43.70
C LEU G 67 36.08 -2.45 44.79
N THR G 68 37.13 -3.24 44.55
CA THR G 68 38.26 -3.42 45.44
C THR G 68 39.47 -2.59 45.04
N ASP G 69 39.48 -2.04 43.83
CA ASP G 69 40.67 -1.43 43.24
C ASP G 69 40.44 0.08 43.17
N SER G 70 41.03 0.81 44.11
CA SER G 70 40.86 2.25 44.17
C SER G 70 41.24 2.93 42.85
N THR G 71 42.44 2.64 42.34
CA THR G 71 42.95 3.37 41.18
C THR G 71 42.06 3.17 39.96
N CYS G 72 41.58 1.94 39.73
CA CYS G 72 40.75 1.71 38.56
C CYS G 72 39.43 2.49 38.64
N LEU G 73 38.97 2.83 39.85
CA LEU G 73 37.72 3.59 39.94
C LEU G 73 37.98 5.05 39.65
N VAL G 74 39.06 5.61 40.20
CA VAL G 74 39.38 7.01 39.94
C VAL G 74 39.68 7.20 38.45
N LYS G 75 40.34 6.23 37.83
CA LYS G 75 40.60 6.32 36.40
C LYS G 75 39.30 6.36 35.62
N ILE G 76 38.42 5.37 35.84
CA ILE G 76 37.21 5.26 35.07
C ILE G 76 36.34 6.50 35.25
N ILE G 77 36.11 6.91 36.50
CA ILE G 77 35.31 8.10 36.75
C ILE G 77 35.93 9.33 36.10
N ASN G 78 37.26 9.44 36.12
CA ASN G 78 37.90 10.62 35.57
C ASN G 78 37.80 10.68 34.04
N GLU G 79 37.81 9.51 33.38
CA GLU G 79 37.67 9.50 31.93
C GLU G 79 36.23 9.76 31.51
N VAL G 80 35.26 9.16 32.21
CA VAL G 80 33.86 9.28 31.79
C VAL G 80 33.24 10.60 32.20
N LYS G 81 33.64 11.18 33.33
CA LYS G 81 33.05 12.40 33.85
C LYS G 81 31.53 12.27 33.82
N PRO G 82 30.98 11.26 34.49
CA PRO G 82 29.53 11.02 34.43
C PRO G 82 28.76 12.09 35.18
N THR G 83 27.48 12.22 34.81
CA THR G 83 26.55 13.08 35.51
C THR G 83 25.68 12.33 36.49
N GLU G 84 25.63 11.00 36.39
CA GLU G 84 24.85 10.14 37.27
C GLU G 84 25.64 8.87 37.56
N ILE G 85 25.55 8.40 38.80
CA ILE G 85 26.25 7.19 39.21
C ILE G 85 25.28 6.28 39.95
N TYR G 86 25.15 5.04 39.48
CA TYR G 86 24.31 4.03 40.12
C TYR G 86 25.24 2.94 40.65
N ASN G 87 25.38 2.86 41.98
CA ASN G 87 26.23 1.83 42.59
C ASN G 87 25.36 0.61 42.89
N LEU G 88 25.34 -0.32 41.94
CA LEU G 88 24.62 -1.56 42.12
C LEU G 88 25.56 -2.75 42.34
N GLY G 89 26.87 -2.56 42.23
CA GLY G 89 27.80 -3.67 42.40
C GLY G 89 27.85 -4.14 43.85
N ALA G 90 27.78 -5.46 44.04
CA ALA G 90 27.70 -6.01 45.38
C ALA G 90 27.78 -7.53 45.29
N GLN G 91 28.26 -8.13 46.37
CA GLN G 91 28.01 -9.53 46.67
C GLN G 91 26.65 -9.58 47.33
N SER G 92 25.64 -10.08 46.61
CA SER G 92 24.24 -9.82 46.98
C SER G 92 23.50 -11.01 47.60
N HIS G 93 24.14 -12.17 47.79
CA HIS G 93 23.45 -13.34 48.34
C HIS G 93 23.63 -13.42 49.85
N VAL G 94 22.52 -13.42 50.58
CA VAL G 94 22.56 -13.27 52.02
C VAL G 94 23.19 -14.49 52.69
N LYS G 95 22.75 -15.69 52.31
CA LYS G 95 23.32 -16.89 52.91
C LYS G 95 24.82 -16.94 52.69
N ILE G 96 25.28 -16.65 51.47
CA ILE G 96 26.72 -16.71 51.18
C ILE G 96 27.51 -15.72 52.04
N SER G 97 26.91 -14.59 52.41
CA SER G 97 27.63 -13.64 53.25
C SER G 97 27.98 -14.22 54.64
N PHE G 98 27.34 -15.32 55.05
CA PHE G 98 27.74 -15.94 56.32
C PHE G 98 29.08 -16.64 56.21
N ASP G 99 29.38 -17.24 55.05
CA ASP G 99 30.66 -17.85 54.78
C ASP G 99 31.67 -16.90 54.12
N LEU G 100 31.23 -15.76 53.58
CA LEU G 100 32.12 -14.79 52.95
C LEU G 100 31.97 -13.40 53.56
N ALA G 101 31.91 -13.33 54.89
CA ALA G 101 31.66 -12.07 55.57
C ALA G 101 32.74 -11.03 55.24
N GLU G 102 34.01 -11.44 55.21
CA GLU G 102 35.08 -10.48 54.99
C GLU G 102 35.05 -9.93 53.57
N TYR G 103 34.89 -10.79 52.57
CA TYR G 103 34.80 -10.31 51.18
C TYR G 103 33.55 -9.46 50.99
N THR G 104 32.45 -9.85 51.63
CA THR G 104 31.22 -9.08 51.55
C THR G 104 31.41 -7.69 52.16
N ALA G 105 32.17 -7.60 53.24
CA ALA G 105 32.46 -6.29 53.82
C ALA G 105 33.33 -5.45 52.89
N ASP G 106 34.34 -6.04 52.26
CA ASP G 106 35.23 -5.26 51.41
C ASP G 106 34.49 -4.69 50.20
N VAL G 107 33.63 -5.49 49.57
CA VAL G 107 32.95 -5.03 48.37
C VAL G 107 31.73 -4.18 48.72
N ASP G 108 30.81 -4.74 49.50
CA ASP G 108 29.54 -4.04 49.69
C ASP G 108 29.69 -2.82 50.58
N GLY G 109 30.63 -2.84 51.53
CA GLY G 109 30.75 -1.80 52.52
C GLY G 109 31.89 -0.86 52.17
N VAL G 110 33.13 -1.31 52.32
CA VAL G 110 34.26 -0.47 51.97
C VAL G 110 34.17 -0.02 50.50
N GLY G 111 33.60 -0.86 49.63
CA GLY G 111 33.53 -0.51 48.22
C GLY G 111 32.72 0.74 47.93
N THR G 112 31.61 0.93 48.66
CA THR G 112 30.86 2.18 48.52
C THR G 112 31.72 3.38 48.87
N LEU G 113 32.57 3.25 49.90
CA LEU G 113 33.38 4.40 50.28
C LEU G 113 34.45 4.69 49.24
N ARG G 114 35.04 3.65 48.64
CA ARG G 114 35.99 3.86 47.54
C ARG G 114 35.33 4.67 46.41
N LEU G 115 34.09 4.33 46.06
CA LEU G 115 33.44 5.01 44.95
C LEU G 115 33.24 6.49 45.26
N LEU G 116 32.69 6.79 46.44
CA LEU G 116 32.51 8.18 46.84
C LEU G 116 33.85 8.93 46.87
N ASP G 117 34.87 8.33 47.49
CA ASP G 117 36.17 8.97 47.53
C ASP G 117 36.68 9.30 46.12
N ALA G 118 36.38 8.43 45.14
CA ALA G 118 36.85 8.67 43.78
C ALA G 118 36.13 9.84 43.13
N VAL G 119 34.84 10.00 43.44
CA VAL G 119 34.12 11.21 43.05
C VAL G 119 34.83 12.43 43.63
N LYS G 120 35.01 12.47 44.95
CA LYS G 120 35.68 13.60 45.58
C LYS G 120 37.06 13.84 44.98
N THR G 121 37.83 12.77 44.76
CA THR G 121 39.19 12.92 44.23
C THR G 121 39.18 13.57 42.84
N CYS G 122 38.15 13.33 42.04
CA CYS G 122 38.06 13.89 40.70
C CYS G 122 37.35 15.24 40.66
N GLY G 123 37.07 15.86 41.81
CA GLY G 123 36.40 17.14 41.83
C GLY G 123 34.98 17.18 41.29
N LEU G 124 34.27 16.04 41.30
CA LEU G 124 32.92 15.97 40.76
C LEU G 124 31.84 16.05 41.83
N ILE G 125 32.21 16.46 43.05
CA ILE G 125 31.23 16.48 44.15
C ILE G 125 30.00 17.31 43.79
N ASN G 126 30.20 18.47 43.17
CA ASN G 126 29.10 19.39 42.91
C ASN G 126 28.42 19.15 41.57
N SER G 127 28.91 18.20 40.77
CA SER G 127 28.40 18.01 39.42
C SER G 127 27.94 16.58 39.13
N VAL G 128 27.76 15.74 40.15
CA VAL G 128 27.34 14.35 39.95
C VAL G 128 26.21 14.04 40.92
N LYS G 129 25.37 13.07 40.53
CA LYS G 129 24.31 12.52 41.37
C LYS G 129 24.55 11.04 41.61
N PHE G 130 24.35 10.59 42.85
CA PHE G 130 24.84 9.30 43.32
C PHE G 130 23.71 8.49 43.94
N TYR G 131 23.39 7.35 43.31
CA TYR G 131 22.38 6.40 43.80
C TYR G 131 23.05 5.20 44.45
N GLN G 132 22.71 4.92 45.70
CA GLN G 132 23.22 3.79 46.44
C GLN G 132 22.12 2.75 46.62
N ALA G 133 22.50 1.47 46.55
CA ALA G 133 21.52 0.38 46.55
C ALA G 133 21.38 -0.18 47.95
N SER G 134 20.47 0.41 48.72
CA SER G 134 20.15 -0.12 50.03
C SER G 134 19.10 -1.22 49.89
N THR G 135 18.72 -1.82 51.01
CA THR G 135 17.96 -3.06 51.00
C THR G 135 17.03 -3.10 52.21
N ASP G 136 15.90 -3.80 52.08
CA ASP G 136 15.06 -4.06 53.25
C ASP G 136 15.77 -4.92 54.29
N GLU G 137 16.94 -5.48 53.95
CA GLU G 137 17.75 -6.21 54.92
C GLU G 137 18.26 -5.30 56.03
N LEU G 138 18.31 -3.99 55.83
CA LEU G 138 18.65 -3.09 56.93
C LEU G 138 17.66 -3.18 58.09
N TYR G 139 16.45 -3.71 57.88
CA TYR G 139 15.46 -3.71 58.94
C TYR G 139 15.55 -4.95 59.82
N GLY G 140 15.99 -6.08 59.26
CA GLY G 140 16.34 -7.27 60.00
C GLY G 140 15.33 -7.72 61.04
N LYS G 141 15.50 -7.26 62.28
CA LYS G 141 14.48 -7.50 63.31
C LYS G 141 13.56 -6.28 63.27
N VAL G 142 12.51 -6.37 62.46
CA VAL G 142 11.74 -5.19 62.10
C VAL G 142 11.26 -4.47 63.34
N GLN G 143 11.52 -3.17 63.39
CA GLN G 143 11.19 -2.36 64.55
C GLN G 143 9.79 -1.74 64.44
N GLU G 144 9.13 -1.89 63.29
CA GLU G 144 7.76 -1.48 63.09
C GLU G 144 7.16 -2.32 61.98
N ILE G 145 5.83 -2.31 61.91
CA ILE G 145 5.11 -3.00 60.84
C ILE G 145 3.98 -2.08 60.39
N PRO G 146 3.96 -1.63 59.12
CA PRO G 146 5.02 -1.91 58.15
C PRO G 146 6.27 -1.08 58.41
N GLN G 147 7.25 -1.14 57.50
CA GLN G 147 8.52 -0.43 57.62
C GLN G 147 8.53 0.78 56.70
N LYS G 148 8.99 1.93 57.21
CA LYS G 148 9.08 3.14 56.40
C LYS G 148 10.47 3.74 56.56
N GLU G 149 10.67 4.88 55.88
CA GLU G 149 11.99 5.51 55.85
C GLU G 149 12.52 5.79 57.26
N THR G 150 11.64 6.07 58.22
CA THR G 150 12.06 6.49 59.56
C THR G 150 12.21 5.32 60.52
N THR G 151 11.94 4.11 60.09
CA THR G 151 11.99 2.96 60.99
C THR G 151 13.44 2.59 61.31
N PRO G 152 13.83 2.55 62.58
CA PRO G 152 15.22 2.23 62.92
C PRO G 152 15.66 0.89 62.33
N PHE G 153 16.93 0.85 61.90
CA PHE G 153 17.54 -0.35 61.34
C PHE G 153 18.08 -1.25 62.45
N TYR G 154 18.17 -2.56 62.14
CA TYR G 154 18.61 -3.68 62.99
C TYR G 154 19.09 -4.84 62.10
N PRO G 155 20.26 -4.74 61.47
CA PRO G 155 20.68 -5.81 60.56
C PRO G 155 20.85 -7.12 61.31
N ARG G 156 20.78 -8.25 60.55
CA ARG G 156 20.92 -9.58 61.13
C ARG G 156 21.80 -10.52 60.30
N SER G 157 22.64 -9.98 59.43
CA SER G 157 23.55 -10.81 58.64
C SER G 157 24.76 -9.97 58.27
N PRO G 158 25.92 -10.61 58.05
CA PRO G 158 27.09 -9.85 57.58
C PRO G 158 26.82 -9.00 56.35
N TYR G 159 25.95 -9.48 55.44
CA TYR G 159 25.47 -8.63 54.35
C TYR G 159 24.74 -7.41 54.91
N GLY G 160 23.71 -7.64 55.73
CA GLY G 160 23.01 -6.52 56.33
C GLY G 160 23.95 -5.54 57.00
N ALA G 161 24.89 -6.04 57.81
CA ALA G 161 25.86 -5.17 58.44
C ALA G 161 26.60 -4.33 57.40
N ALA G 162 27.23 -4.97 56.40
CA ALA G 162 27.97 -4.23 55.40
C ALA G 162 27.10 -3.19 54.69
N LYS G 163 25.86 -3.57 54.37
CA LYS G 163 24.97 -2.62 53.71
C LYS G 163 24.65 -1.44 54.63
N LEU G 164 24.51 -1.67 55.93
CA LEU G 164 24.27 -0.56 56.85
C LEU G 164 25.44 0.42 56.82
N TYR G 165 26.67 -0.09 56.69
CA TYR G 165 27.81 0.79 56.55
C TYR G 165 27.68 1.66 55.30
N ALA G 166 27.36 1.03 54.17
CA ALA G 166 27.17 1.77 52.93
C ALA G 166 26.11 2.84 53.06
N TYR G 167 25.00 2.52 53.73
CA TYR G 167 23.90 3.48 53.88
C TYR G 167 24.39 4.75 54.54
N TRP G 168 25.18 4.62 55.62
CA TRP G 168 25.54 5.80 56.39
C TRP G 168 26.72 6.56 55.80
N ILE G 169 27.74 5.85 55.28
CA ILE G 169 28.83 6.56 54.63
C ILE G 169 28.29 7.43 53.49
N VAL G 170 27.28 6.93 52.77
CA VAL G 170 26.61 7.73 51.75
C VAL G 170 25.90 8.93 52.39
N VAL G 171 25.10 8.68 53.42
CA VAL G 171 24.46 9.79 54.12
C VAL G 171 25.50 10.81 54.52
N ASN G 172 26.68 10.36 54.91
CA ASN G 172 27.67 11.26 55.46
C ASN G 172 28.20 12.22 54.39
N PHE G 173 28.47 11.71 53.18
CA PHE G 173 28.95 12.58 52.11
C PHE G 173 27.92 13.65 51.77
N ARG G 174 26.63 13.27 51.76
CA ARG G 174 25.58 14.24 51.53
C ARG G 174 25.62 15.35 52.58
N GLU G 175 25.56 14.96 53.86
CA GLU G 175 25.50 15.97 54.92
C GLU G 175 26.81 16.76 55.03
N ALA G 176 27.95 16.12 54.81
CA ALA G 176 29.24 16.77 55.06
C ALA G 176 29.72 17.64 53.91
N TYR G 177 29.42 17.22 52.67
CA TYR G 177 29.95 17.84 51.47
C TYR G 177 28.86 18.31 50.49
N ASN G 178 27.60 18.06 50.79
CA ASN G 178 26.48 18.48 49.95
C ASN G 178 26.48 17.74 48.60
N LEU G 179 26.99 16.51 48.56
CA LEU G 179 26.84 15.66 47.38
C LEU G 179 25.41 15.19 47.24
N PHE G 180 24.88 15.27 46.02
CA PHE G 180 23.53 14.79 45.73
C PHE G 180 23.58 13.27 45.67
N ALA G 181 23.19 12.62 46.75
CA ALA G 181 23.26 11.16 46.83
C ALA G 181 22.13 10.65 47.71
N VAL G 182 21.46 9.58 47.25
CA VAL G 182 20.26 9.07 47.87
C VAL G 182 20.42 7.59 48.16
N ASN G 183 19.74 7.13 49.20
CA ASN G 183 19.65 5.71 49.51
C ASN G 183 18.30 5.18 49.04
N GLY G 184 18.33 4.17 48.18
CA GLY G 184 17.15 3.45 47.76
C GLY G 184 16.95 2.15 48.53
N ILE G 185 16.10 2.22 49.55
CA ILE G 185 15.83 1.08 50.42
C ILE G 185 14.84 0.17 49.69
N LEU G 186 15.33 -0.59 48.72
CA LEU G 186 14.45 -1.43 47.92
C LEU G 186 14.21 -2.78 48.60
N PHE G 187 12.95 -3.18 48.67
CA PHE G 187 12.57 -4.52 49.08
C PHE G 187 12.82 -5.50 47.93
N ASN G 188 12.50 -6.77 48.16
CA ASN G 188 12.85 -7.82 47.21
C ASN G 188 12.21 -7.55 45.87
N HIS G 189 13.01 -7.69 44.80
CA HIS G 189 12.52 -7.60 43.44
C HIS G 189 13.10 -8.70 42.57
N GLU G 190 12.25 -9.27 41.72
CA GLU G 190 12.56 -10.42 40.89
C GLU G 190 12.26 -10.14 39.43
N SER G 191 12.68 -11.08 38.58
CA SER G 191 12.48 -11.01 37.14
C SER G 191 12.92 -12.32 36.51
N PRO G 192 12.65 -12.54 35.22
CA PRO G 192 13.18 -13.75 34.56
C PRO G 192 14.70 -13.79 34.47
N ARG G 193 15.40 -12.69 34.71
CA ARG G 193 16.86 -12.71 34.76
C ARG G 193 17.43 -12.68 36.17
N ARG G 194 16.59 -12.84 37.20
CA ARG G 194 17.11 -12.96 38.55
C ARG G 194 18.00 -14.19 38.68
N GLY G 195 19.03 -14.09 39.53
CA GLY G 195 19.97 -15.19 39.67
C GLY G 195 19.30 -16.46 40.19
N ALA G 196 19.67 -17.59 39.59
CA ALA G 196 19.14 -18.90 39.96
C ALA G 196 19.37 -19.25 41.42
N ASN G 197 20.23 -18.50 42.11
CA ASN G 197 20.58 -18.79 43.50
C ASN G 197 19.51 -18.35 44.50
N PHE G 198 18.63 -17.44 44.11
CA PHE G 198 17.58 -16.91 44.98
C PHE G 198 16.32 -17.76 44.84
N VAL G 199 15.40 -17.60 45.80
CA VAL G 199 14.41 -18.65 46.00
C VAL G 199 13.42 -18.69 44.83
N THR G 200 13.00 -17.52 44.36
CA THR G 200 11.97 -17.42 43.32
C THR G 200 12.45 -18.02 42.00
N ARG G 201 13.67 -17.68 41.58
CA ARG G 201 14.24 -18.25 40.36
C ARG G 201 14.55 -19.74 40.53
N LYS G 202 15.12 -20.10 41.70
CA LYS G 202 15.31 -21.52 41.99
C LYS G 202 13.99 -22.28 41.83
N ILE G 203 12.89 -21.71 42.29
CA ILE G 203 11.60 -22.38 42.12
C ILE G 203 11.21 -22.41 40.66
N SER G 204 11.25 -21.25 39.99
CA SER G 204 10.70 -21.15 38.65
C SER G 204 11.50 -21.96 37.64
N ARG G 205 12.84 -21.97 37.78
CA ARG G 205 13.64 -22.82 36.92
C ARG G 205 13.38 -24.29 37.21
N SER G 206 13.25 -24.65 38.49
CA SER G 206 13.01 -26.05 38.84
C SER G 206 11.68 -26.52 38.29
N VAL G 207 10.61 -25.79 38.58
CA VAL G 207 9.29 -26.16 38.09
C VAL G 207 9.30 -26.30 36.58
N ALA G 208 9.99 -25.38 35.90
CA ALA G 208 10.15 -25.47 34.46
C ALA G 208 10.71 -26.82 34.05
N LYS G 209 11.87 -27.17 34.60
CA LYS G 209 12.51 -28.42 34.20
C LYS G 209 11.63 -29.63 34.49
N ILE G 210 10.84 -29.58 35.57
CA ILE G 210 9.94 -30.70 35.85
C ILE G 210 8.93 -30.86 34.72
N TYR G 211 8.40 -29.74 34.22
CA TYR G 211 7.34 -29.79 33.20
C TYR G 211 7.81 -30.47 31.92
N LEU G 212 9.08 -30.28 31.54
CA LEU G 212 9.62 -30.83 30.30
C LEU G 212 10.25 -32.22 30.48
N GLY G 213 10.23 -32.77 31.70
CA GLY G 213 10.85 -34.05 31.94
C GLY G 213 12.36 -33.99 32.08
N GLN G 214 12.90 -32.87 32.57
CA GLN G 214 14.34 -32.71 32.76
C GLN G 214 14.77 -32.78 34.22
N LEU G 215 13.82 -32.86 35.15
CA LEU G 215 14.13 -32.92 36.56
C LEU G 215 12.94 -33.55 37.27
N GLU G 216 13.20 -34.28 38.35
CA GLU G 216 12.15 -34.93 39.13
C GLU G 216 11.82 -34.22 40.43
N CYS G 217 12.80 -33.67 41.13
CA CYS G 217 12.45 -32.92 42.34
C CYS G 217 13.63 -32.07 42.78
N PHE G 218 13.34 -31.04 43.57
CA PHE G 218 14.34 -30.13 44.13
C PHE G 218 14.02 -29.92 45.59
N SER G 219 14.97 -29.35 46.33
CA SER G 219 14.72 -29.13 47.75
C SER G 219 14.92 -27.67 48.12
N LEU G 220 14.13 -27.22 49.08
CA LEU G 220 14.17 -25.86 49.59
C LEU G 220 14.64 -25.89 51.04
N GLY G 221 14.63 -24.73 51.68
CA GLY G 221 14.90 -24.62 53.11
C GLY G 221 13.65 -24.27 53.91
N ASN G 222 13.62 -23.05 54.46
CA ASN G 222 12.48 -22.58 55.24
C ASN G 222 11.30 -22.26 54.32
N LEU G 223 10.27 -23.11 54.34
CA LEU G 223 9.12 -22.95 53.45
C LEU G 223 8.18 -21.85 53.88
N ASP G 224 8.18 -21.44 55.14
CA ASP G 224 7.19 -20.52 55.66
C ASP G 224 7.74 -19.09 55.78
N ALA G 225 8.87 -18.82 55.15
CA ALA G 225 9.37 -17.46 55.07
C ALA G 225 8.42 -16.58 54.27
N LYS G 226 8.30 -15.32 54.71
CA LYS G 226 7.44 -14.31 54.08
C LYS G 226 8.30 -13.18 53.50
N ARG G 227 7.87 -12.65 52.35
CA ARG G 227 8.57 -11.58 51.66
C ARG G 227 7.59 -10.59 51.02
N ASP G 228 8.07 -9.36 50.83
CA ASP G 228 7.43 -8.37 49.97
C ASP G 228 8.09 -8.54 48.61
N TRP G 229 7.32 -8.92 47.60
CA TRP G 229 7.87 -9.28 46.29
C TRP G 229 7.30 -8.37 45.21
N GLY G 230 8.19 -7.66 44.50
CA GLY G 230 7.89 -6.78 43.40
C GLY G 230 8.73 -7.14 42.17
N HIS G 231 8.64 -6.35 41.10
CA HIS G 231 9.30 -6.68 39.84
C HIS G 231 10.46 -5.73 39.57
N ALA G 232 11.65 -6.27 39.35
CA ALA G 232 12.83 -5.42 39.22
C ALA G 232 12.68 -4.42 38.08
N LYS G 233 12.00 -4.79 37.00
CA LYS G 233 11.85 -3.82 35.92
C LYS G 233 11.09 -2.59 36.39
N ASP G 234 10.17 -2.73 37.33
CA ASP G 234 9.51 -1.56 37.90
C ASP G 234 10.47 -0.76 38.77
N TYR G 235 11.35 -1.44 39.51
CA TYR G 235 12.17 -0.75 40.50
C TYR G 235 13.32 0.03 39.89
N VAL G 236 13.82 -0.37 38.71
CA VAL G 236 14.84 0.44 38.06
C VAL G 236 14.29 1.82 37.71
N GLU G 237 13.03 1.87 37.26
CA GLU G 237 12.38 3.15 37.03
C GLU G 237 12.45 4.04 38.27
N ALA G 238 12.13 3.48 39.44
CA ALA G 238 12.15 4.26 40.68
C ALA G 238 13.55 4.77 41.03
N MET G 239 14.60 4.00 40.73
CA MET G 239 15.96 4.48 40.94
C MET G 239 16.19 5.79 40.19
N TRP G 240 15.78 5.82 38.92
CA TRP G 240 15.99 7.01 38.10
C TRP G 240 15.20 8.19 38.65
N LEU G 241 13.96 7.95 39.09
CA LEU G 241 13.16 9.04 39.63
C LEU G 241 13.83 9.70 40.83
N MET G 242 14.44 8.92 41.71
CA MET G 242 15.01 9.53 42.90
C MET G 242 16.12 10.52 42.55
N LEU G 243 16.81 10.32 41.42
CA LEU G 243 17.83 11.28 41.03
C LEU G 243 17.29 12.45 40.21
N GLN G 244 16.03 12.41 39.76
CA GLN G 244 15.40 13.57 39.14
C GLN G 244 14.66 14.46 40.14
N ASN G 245 14.66 14.12 41.42
CA ASN G 245 14.05 14.98 42.43
C ASN G 245 14.90 16.22 42.61
N ASP G 246 14.28 17.32 43.03
CA ASP G 246 15.04 18.56 43.19
C ASP G 246 15.94 18.51 44.41
N GLU G 247 15.62 17.66 45.38
CA GLU G 247 16.37 17.48 46.60
C GLU G 247 16.64 16.01 46.82
N PRO G 248 17.83 15.66 47.32
CA PRO G 248 18.19 14.23 47.47
C PRO G 248 17.58 13.66 48.74
N GLU G 249 16.69 12.69 48.57
CA GLU G 249 16.04 12.04 49.70
C GLU G 249 16.16 10.53 49.57
N ASP G 250 15.99 9.84 50.70
CA ASP G 250 15.97 8.38 50.71
C ASP G 250 14.53 7.90 50.61
N PHE G 251 14.33 6.79 49.90
CA PHE G 251 12.99 6.25 49.65
C PHE G 251 12.95 4.75 49.84
N VAL G 252 11.86 4.28 50.45
CA VAL G 252 11.51 2.87 50.49
C VAL G 252 10.72 2.54 49.23
N ILE G 253 11.07 1.42 48.59
CA ILE G 253 10.38 0.97 47.38
C ILE G 253 9.95 -0.49 47.59
N ALA G 254 8.67 -0.76 47.43
CA ALA G 254 8.11 -2.08 47.77
C ALA G 254 6.69 -2.14 47.26
N THR G 255 5.99 -3.24 47.57
CA THR G 255 4.59 -3.40 47.18
C THR G 255 3.63 -3.40 48.36
N GLY G 256 4.11 -3.62 49.58
CA GLY G 256 3.24 -3.77 50.72
C GLY G 256 2.41 -5.02 50.74
N GLU G 257 2.59 -5.91 49.77
CA GLU G 257 1.93 -7.22 49.74
C GLU G 257 2.94 -8.26 50.15
N VAL G 258 2.55 -9.10 51.10
CA VAL G 258 3.47 -10.09 51.66
C VAL G 258 2.95 -11.49 51.35
N HIS G 259 3.87 -12.38 50.95
CA HIS G 259 3.57 -13.77 50.62
C HIS G 259 4.72 -14.67 51.09
N SER G 260 4.40 -15.96 51.27
CA SER G 260 5.36 -16.96 51.72
C SER G 260 6.04 -17.64 50.54
N VAL G 261 7.16 -18.30 50.83
CA VAL G 261 7.81 -19.08 49.78
C VAL G 261 6.99 -20.33 49.48
N ARG G 262 6.27 -20.86 50.46
CA ARG G 262 5.37 -21.97 50.20
C ARG G 262 4.29 -21.59 49.21
N GLU G 263 3.73 -20.38 49.34
CA GLU G 263 2.71 -19.94 48.41
C GLU G 263 3.27 -19.78 47.01
N PHE G 264 4.47 -19.21 46.89
CA PHE G 264 5.15 -19.15 45.60
C PHE G 264 5.25 -20.53 44.98
N VAL G 265 5.69 -21.53 45.74
CA VAL G 265 5.88 -22.85 45.11
C VAL G 265 4.54 -23.45 44.72
N GLU G 266 3.50 -23.22 45.52
CA GLU G 266 2.17 -23.72 45.13
C GLU G 266 1.74 -23.14 43.80
N LYS G 267 1.83 -21.82 43.62
CA LYS G 267 1.27 -21.19 42.43
C LYS G 267 2.07 -21.53 41.19
N SER G 268 3.40 -21.67 41.32
CA SER G 268 4.21 -22.02 40.16
C SER G 268 3.83 -23.40 39.62
N PHE G 269 3.54 -24.35 40.52
CA PHE G 269 3.11 -25.66 40.05
C PHE G 269 1.73 -25.60 39.40
N LEU G 270 0.84 -24.76 39.92
CA LEU G 270 -0.49 -24.64 39.31
C LEU G 270 -0.40 -24.26 37.84
N HIS G 271 0.46 -23.30 37.50
CA HIS G 271 0.64 -22.88 36.11
C HIS G 271 1.10 -24.03 35.20
N ILE G 272 1.42 -25.19 35.77
CA ILE G 272 1.92 -26.32 35.01
C ILE G 272 0.97 -27.50 35.06
N GLY G 273 -0.17 -27.35 35.73
CA GLY G 273 -1.20 -28.37 35.76
C GLY G 273 -1.15 -29.31 36.94
N LYS G 274 -0.39 -28.98 37.97
CA LYS G 274 -0.15 -29.86 39.10
C LYS G 274 -0.56 -29.16 40.39
N THR G 275 -1.36 -29.83 41.21
CA THR G 275 -1.75 -29.35 42.52
C THR G 275 -0.81 -29.94 43.57
N ILE G 276 -0.26 -29.09 44.44
CA ILE G 276 0.68 -29.52 45.47
C ILE G 276 -0.06 -29.66 46.80
N VAL G 277 0.14 -30.79 47.44
CA VAL G 277 -0.41 -31.09 48.76
C VAL G 277 0.74 -31.55 49.64
N TRP G 278 0.84 -30.99 50.83
CA TRP G 278 2.03 -31.16 51.66
C TRP G 278 1.82 -32.29 52.65
N GLU G 279 2.84 -33.15 52.76
CA GLU G 279 2.89 -34.24 53.72
C GLU G 279 4.07 -34.03 54.66
N GLY G 280 4.03 -34.71 55.79
CA GLY G 280 5.16 -34.68 56.71
C GLY G 280 5.24 -33.39 57.49
N LYS G 281 6.10 -33.41 58.51
CA LYS G 281 6.30 -32.28 59.39
C LYS G 281 7.78 -31.94 59.46
N ASN G 282 8.10 -30.65 59.43
CA ASN G 282 9.46 -30.14 59.69
C ASN G 282 10.40 -30.72 58.62
N GLU G 283 11.59 -31.20 59.00
CA GLU G 283 12.60 -31.53 57.99
C GLU G 283 12.20 -32.71 57.11
N ASN G 284 11.18 -33.46 57.51
CA ASN G 284 10.68 -34.55 56.69
C ASN G 284 9.47 -34.14 55.87
N GLU G 285 9.15 -32.85 55.82
CA GLU G 285 8.03 -32.41 55.02
C GLU G 285 8.36 -32.55 53.53
N VAL G 286 7.32 -32.71 52.73
CA VAL G 286 7.49 -33.04 51.33
C VAL G 286 6.28 -32.50 50.56
N GLY G 287 6.52 -32.15 49.29
CA GLY G 287 5.48 -31.63 48.42
C GLY G 287 5.11 -32.58 47.30
N ARG G 288 3.89 -33.14 47.36
CA ARG G 288 3.45 -34.18 46.44
C ARG G 288 2.42 -33.65 45.45
N CYS G 289 2.53 -34.12 44.21
CA CYS G 289 1.58 -33.77 43.15
C CYS G 289 0.33 -34.63 43.26
N LYS G 290 -0.83 -33.98 43.38
CA LYS G 290 -2.08 -34.72 43.55
C LYS G 290 -2.40 -35.58 42.33
N GLU G 291 -2.12 -35.10 41.13
CA GLU G 291 -2.52 -35.86 39.95
C GLU G 291 -1.60 -37.04 39.68
N THR G 292 -0.28 -36.82 39.72
CA THR G 292 0.68 -37.87 39.41
C THR G 292 1.06 -38.72 40.61
N GLY G 293 1.09 -38.13 41.80
CA GLY G 293 1.53 -38.82 43.00
C GLY G 293 3.01 -38.71 43.29
N LYS G 294 3.78 -38.05 42.43
CA LYS G 294 5.20 -37.87 42.64
C LYS G 294 5.46 -36.70 43.57
N VAL G 295 6.48 -36.83 44.40
CA VAL G 295 6.96 -35.70 45.20
C VAL G 295 7.96 -34.93 44.35
N HIS G 296 7.79 -33.62 44.29
CA HIS G 296 8.68 -32.76 43.55
C HIS G 296 9.47 -31.82 44.45
N VAL G 297 9.00 -31.58 45.66
CA VAL G 297 9.60 -30.63 46.59
C VAL G 297 9.98 -31.38 47.87
N THR G 298 11.21 -31.19 48.34
CA THR G 298 11.65 -31.73 49.62
C THR G 298 12.39 -30.64 50.39
N VAL G 299 12.61 -30.90 51.67
CA VAL G 299 13.27 -29.94 52.55
C VAL G 299 14.69 -30.44 52.81
N ASP G 300 15.62 -29.49 52.89
CA ASP G 300 17.01 -29.81 53.18
C ASP G 300 17.56 -28.75 54.12
N LEU G 301 18.05 -29.19 55.27
CA LEU G 301 18.41 -28.28 56.36
C LEU G 301 19.56 -27.35 55.97
N LYS G 302 20.31 -27.67 54.92
CA LYS G 302 21.45 -26.84 54.56
C LYS G 302 21.06 -25.54 53.85
N TYR G 303 19.78 -25.31 53.56
CA TYR G 303 19.32 -24.07 52.95
C TYR G 303 18.71 -23.11 53.97
N TYR G 304 18.77 -23.43 55.26
CA TYR G 304 18.41 -22.46 56.28
C TYR G 304 19.58 -21.51 56.49
N ARG G 305 19.35 -20.45 57.26
CA ARG G 305 20.41 -19.48 57.54
C ARG G 305 20.57 -19.28 59.04
N PRO G 306 21.79 -18.96 59.51
CA PRO G 306 22.00 -18.77 60.95
C PRO G 306 20.95 -17.91 61.60
N THR G 307 20.30 -17.03 60.82
CA THR G 307 19.22 -16.19 61.31
C THR G 307 18.18 -16.07 60.21
N GLU G 308 17.09 -15.35 60.50
CA GLU G 308 16.04 -15.18 59.51
C GLU G 308 15.33 -13.85 59.77
N VAL G 309 14.82 -13.25 58.70
CA VAL G 309 14.12 -11.96 58.76
C VAL G 309 12.63 -12.25 58.85
N ASP G 310 11.98 -11.67 59.85
CA ASP G 310 10.70 -12.22 60.30
C ASP G 310 9.52 -11.73 59.48
N PHE G 311 9.19 -10.45 59.57
CA PHE G 311 7.99 -9.95 58.89
C PHE G 311 8.30 -8.65 58.17
N LEU G 312 8.27 -8.69 56.84
CA LEU G 312 8.59 -7.54 56.00
C LEU G 312 7.34 -7.05 55.28
N GLN G 313 7.14 -5.74 55.32
CA GLN G 313 6.04 -5.09 54.60
C GLN G 313 6.45 -3.64 54.43
N GLY G 314 6.61 -3.19 53.19
CA GLY G 314 7.10 -1.84 52.92
C GLY G 314 5.99 -0.82 52.79
N ASP G 315 6.24 0.38 53.31
CA ASP G 315 5.32 1.52 53.21
C ASP G 315 5.94 2.54 52.27
N CYS G 316 5.72 2.36 50.99
CA CYS G 316 6.25 3.31 50.01
C CYS G 316 5.31 4.51 49.82
N THR G 317 4.76 5.04 50.92
CA THR G 317 3.90 6.22 50.84
C THR G 317 4.68 7.46 50.43
N LYS G 318 5.81 7.70 51.09
CA LYS G 318 6.64 8.87 50.77
C LYS G 318 7.04 8.88 49.30
N ALA G 319 7.20 7.71 48.67
CA ALA G 319 7.59 7.70 47.27
C ALA G 319 6.40 8.03 46.37
N LYS G 320 5.20 7.60 46.77
CA LYS G 320 3.99 7.90 46.00
C LYS G 320 3.75 9.40 45.93
N GLN G 321 3.92 10.10 47.04
CA GLN G 321 3.65 11.53 47.09
C GLN G 321 4.76 12.36 46.45
N LYS G 322 6.03 12.00 46.69
CA LYS G 322 7.13 12.84 46.22
C LYS G 322 7.59 12.51 44.81
N LEU G 323 7.45 11.26 44.33
CA LEU G 323 7.85 10.90 42.97
C LEU G 323 6.72 10.36 42.10
N ASN G 324 5.51 10.18 42.64
CA ASN G 324 4.38 9.68 41.87
C ASN G 324 4.68 8.32 41.23
N TRP G 325 5.32 7.44 42.00
CA TRP G 325 5.64 6.09 41.56
C TRP G 325 4.68 5.11 42.19
N LYS G 326 4.34 4.07 41.44
CA LYS G 326 3.44 3.04 41.93
C LYS G 326 3.88 1.75 41.25
N PRO G 327 3.87 0.63 41.96
CA PRO G 327 4.23 -0.64 41.35
C PRO G 327 3.18 -1.07 40.33
N ARG G 328 3.64 -1.59 39.19
CA ARG G 328 2.75 -1.97 38.11
C ARG G 328 2.47 -3.47 38.06
N VAL G 329 3.30 -4.28 38.69
CA VAL G 329 3.23 -5.73 38.60
C VAL G 329 2.97 -6.30 39.99
N ALA G 330 1.93 -7.12 40.12
CA ALA G 330 1.54 -7.74 41.37
C ALA G 330 2.02 -9.20 41.43
N PHE G 331 1.86 -9.80 42.61
CA PHE G 331 2.51 -11.08 42.92
C PHE G 331 2.11 -12.18 41.95
N ASP G 332 0.81 -12.30 41.65
CA ASP G 332 0.34 -13.40 40.82
C ASP G 332 0.86 -13.28 39.38
N GLU G 333 0.89 -12.07 38.83
CA GLU G 333 1.47 -11.89 37.49
C GLU G 333 2.97 -12.14 37.49
N LEU G 334 3.68 -11.78 38.55
CA LEU G 334 5.13 -12.03 38.58
C LEU G 334 5.43 -13.51 38.43
N VAL G 335 4.77 -14.35 39.22
CA VAL G 335 5.07 -15.77 39.18
C VAL G 335 4.74 -16.34 37.80
N ARG G 336 3.65 -15.87 37.19
CA ARG G 336 3.28 -16.36 35.86
C ARG G 336 4.39 -16.06 34.86
N GLU G 337 4.94 -14.84 34.87
CA GLU G 337 5.98 -14.47 33.91
C GLU G 337 7.25 -15.28 34.11
N MET G 338 7.62 -15.54 35.37
CA MET G 338 8.90 -16.22 35.60
C MET G 338 8.84 -17.68 35.15
N VAL G 339 7.72 -18.35 35.40
CA VAL G 339 7.61 -19.75 35.00
C VAL G 339 7.51 -19.86 33.48
N HIS G 340 6.66 -19.02 32.86
CA HIS G 340 6.56 -19.03 31.40
C HIS G 340 7.94 -18.79 30.78
N ALA G 341 8.72 -17.86 31.34
CA ALA G 341 10.01 -17.53 30.72
C ALA G 341 10.99 -18.70 30.84
N ASP G 342 11.05 -19.33 32.01
CA ASP G 342 12.00 -20.42 32.18
C ASP G 342 11.54 -21.70 31.51
N VAL G 343 10.23 -21.85 31.25
CA VAL G 343 9.77 -22.98 30.46
C VAL G 343 10.24 -22.86 29.02
N GLU G 344 10.07 -21.68 28.42
CA GLU G 344 10.53 -21.48 27.05
C GLU G 344 12.05 -21.50 26.98
N LEU G 345 12.74 -21.01 28.00
CA LEU G 345 14.20 -21.03 27.99
C LEU G 345 14.71 -22.47 28.04
N MET G 346 14.28 -23.23 29.05
CA MET G 346 14.65 -24.64 29.16
C MET G 346 14.29 -25.41 27.90
N ARG G 347 13.16 -25.08 27.27
CA ARG G 347 12.68 -25.88 26.15
C ARG G 347 13.63 -25.80 24.96
N THR G 348 14.09 -24.59 24.64
CA THR G 348 15.00 -24.41 23.51
C THR G 348 16.43 -24.81 23.85
N ASN G 349 16.74 -25.08 25.13
CA ASN G 349 18.09 -25.43 25.55
C ASN G 349 18.10 -26.03 26.96
N PRO G 350 18.24 -27.34 27.09
CA PRO G 350 18.26 -27.97 28.42
C PRO G 350 19.50 -27.67 29.25
N ASN G 351 20.43 -26.84 28.76
CA ASN G 351 21.66 -26.52 29.50
C ASN G 351 21.52 -25.32 30.42
N ALA G 352 20.35 -24.66 30.42
CA ALA G 352 19.96 -23.76 31.49
C ALA G 352 20.71 -22.44 31.46
N ARG H 3 43.76 -42.91 49.98
CA ARG H 3 43.09 -41.62 50.10
C ARG H 3 43.80 -40.49 49.34
N ASN H 4 43.28 -40.13 48.17
CA ASN H 4 43.83 -39.05 47.34
C ASN H 4 42.79 -37.95 47.23
N VAL H 5 43.07 -36.78 47.81
CA VAL H 5 42.14 -35.66 47.82
C VAL H 5 42.87 -34.43 47.31
N ALA H 6 42.35 -33.82 46.24
CA ALA H 6 42.97 -32.68 45.59
C ALA H 6 42.10 -31.43 45.76
N LEU H 7 42.75 -30.30 46.02
CA LEU H 7 42.10 -29.01 46.11
C LEU H 7 42.64 -28.10 45.01
N ILE H 8 41.76 -27.60 44.15
CA ILE H 8 42.16 -26.81 43.00
C ILE H 8 41.57 -25.41 43.14
N THR H 9 42.42 -24.40 42.98
CA THR H 9 41.94 -23.04 42.79
C THR H 9 41.96 -22.72 41.30
N GLY H 10 41.07 -21.81 40.89
CA GLY H 10 40.93 -21.56 39.46
C GLY H 10 40.41 -22.77 38.72
N ILE H 11 39.51 -23.53 39.36
CA ILE H 11 38.94 -24.72 38.74
C ILE H 11 37.93 -24.40 37.63
N THR H 12 37.56 -23.14 37.44
CA THR H 12 36.66 -22.78 36.36
C THR H 12 37.38 -22.33 35.10
N GLY H 13 38.71 -22.21 35.14
CA GLY H 13 39.49 -21.77 34.00
C GLY H 13 39.90 -22.93 33.12
N GLN H 14 40.76 -22.62 32.15
CA GLN H 14 41.20 -23.64 31.19
C GLN H 14 41.97 -24.75 31.90
N ASP H 15 43.13 -24.43 32.46
CA ASP H 15 43.96 -25.46 33.11
C ASP H 15 43.18 -26.22 34.16
N GLY H 16 42.29 -25.54 34.89
CA GLY H 16 41.60 -26.19 35.99
C GLY H 16 40.61 -27.25 35.55
N SER H 17 39.90 -26.98 34.45
CA SER H 17 38.89 -27.93 34.00
C SER H 17 39.53 -29.25 33.55
N TYR H 18 40.61 -29.16 32.76
CA TYR H 18 41.28 -30.38 32.32
C TYR H 18 41.90 -31.14 33.51
N LEU H 19 42.60 -30.41 34.38
CA LEU H 19 43.19 -31.02 35.57
C LEU H 19 42.14 -31.76 36.38
N ALA H 20 40.94 -31.18 36.50
CA ALA H 20 39.86 -31.86 37.19
C ALA H 20 39.55 -33.20 36.52
N GLU H 21 39.34 -33.21 35.21
CA GLU H 21 39.11 -34.47 34.51
C GLU H 21 40.26 -35.45 34.77
N PHE H 22 41.48 -34.99 34.50
CA PHE H 22 42.66 -35.85 34.67
C PHE H 22 42.70 -36.49 36.05
N LEU H 23 42.39 -35.73 37.10
CA LEU H 23 42.48 -36.24 38.47
C LEU H 23 41.31 -37.14 38.82
N LEU H 24 40.11 -36.83 38.34
CA LEU H 24 39.00 -37.74 38.53
C LEU H 24 39.25 -39.08 37.84
N GLU H 25 39.89 -39.04 36.67
CA GLU H 25 40.17 -40.26 35.92
C GLU H 25 40.94 -41.28 36.77
N LYS H 26 41.76 -40.80 37.71
CA LYS H 26 42.60 -41.64 38.54
C LYS H 26 41.98 -41.98 39.88
N GLY H 27 40.73 -41.62 40.12
CA GLY H 27 40.07 -41.97 41.36
C GLY H 27 40.29 -41.01 42.50
N TYR H 28 40.87 -39.84 42.25
CA TYR H 28 41.02 -38.81 43.28
C TYR H 28 39.67 -38.32 43.78
N GLU H 29 39.71 -37.61 44.89
CA GLU H 29 38.60 -36.78 45.33
C GLU H 29 38.98 -35.33 45.05
N VAL H 30 38.17 -34.62 44.26
CA VAL H 30 38.54 -33.31 43.71
C VAL H 30 37.63 -32.23 44.27
N HIS H 31 38.22 -31.27 44.98
CA HIS H 31 37.54 -30.06 45.42
C HIS H 31 38.10 -28.85 44.70
N GLY H 32 37.28 -27.82 44.57
CA GLY H 32 37.70 -26.59 43.94
C GLY H 32 36.93 -25.41 44.51
N ILE H 33 37.58 -24.24 44.47
CA ILE H 33 37.02 -23.00 44.98
C ILE H 33 36.50 -22.18 43.81
N VAL H 34 35.22 -21.84 43.86
CA VAL H 34 34.60 -21.02 42.83
C VAL H 34 34.16 -19.71 43.46
N ARG H 35 34.26 -18.60 42.72
CA ARG H 35 33.80 -17.30 43.18
C ARG H 35 32.32 -17.14 42.88
N ARG H 36 31.60 -16.52 43.83
CA ARG H 36 30.21 -16.15 43.61
C ARG H 36 30.10 -15.23 42.41
N SER H 37 29.09 -15.47 41.58
CA SER H 37 28.85 -14.68 40.38
C SER H 37 27.36 -14.48 40.19
N SER H 38 26.97 -13.33 39.60
CA SER H 38 25.55 -13.03 39.47
C SER H 38 24.87 -13.88 38.40
N SER H 39 25.63 -14.53 37.53
CA SER H 39 25.15 -15.57 36.61
C SER H 39 26.20 -16.67 36.60
N PHE H 40 25.96 -17.71 35.78
CA PHE H 40 26.79 -18.91 35.88
C PHE H 40 28.23 -18.62 35.47
N ASN H 41 29.17 -19.24 36.18
CA ASN H 41 30.57 -19.23 35.79
C ASN H 41 31.16 -20.63 35.85
N THR H 42 30.34 -21.67 35.73
CA THR H 42 30.79 -23.05 35.81
C THR H 42 30.58 -23.80 34.49
N GLY H 43 30.60 -23.08 33.37
CA GLY H 43 30.34 -23.72 32.09
C GLY H 43 31.40 -24.73 31.69
N ARG H 44 32.63 -24.56 32.18
CA ARG H 44 33.68 -25.46 31.73
C ARG H 44 33.64 -26.81 32.45
N ILE H 45 33.06 -26.86 33.63
CA ILE H 45 33.12 -28.06 34.46
C ILE H 45 31.74 -28.61 34.77
N GLU H 46 30.68 -28.00 34.21
CA GLU H 46 29.33 -28.45 34.56
C GLU H 46 29.12 -29.91 34.18
N HIS H 47 29.82 -30.41 33.15
CA HIS H 47 29.65 -31.76 32.67
C HIS H 47 30.21 -32.82 33.60
N LEU H 48 30.77 -32.44 34.74
CA LEU H 48 31.36 -33.37 35.70
C LEU H 48 30.44 -33.63 36.90
N TYR H 49 29.13 -33.67 36.70
CA TYR H 49 28.22 -33.99 37.79
C TYR H 49 27.82 -35.47 37.70
N ASN H 59 31.41 -36.81 43.17
CA ASN H 59 32.80 -37.07 43.55
C ASN H 59 33.68 -35.86 43.22
N MET H 60 33.07 -34.80 42.70
CA MET H 60 33.70 -33.49 42.61
C MET H 60 32.90 -32.52 43.46
N LYS H 61 33.59 -31.70 44.25
CA LYS H 61 32.89 -30.78 45.14
C LYS H 61 33.46 -29.38 45.06
N LEU H 62 32.57 -28.38 45.07
CA LEU H 62 32.90 -26.97 44.91
C LEU H 62 32.50 -26.19 46.16
N HIS H 63 33.37 -25.26 46.59
CA HIS H 63 33.15 -24.38 47.73
C HIS H 63 33.33 -22.93 47.30
N TYR H 64 32.40 -22.05 47.70
CA TYR H 64 32.55 -20.63 47.41
C TYR H 64 33.77 -20.09 48.14
N GLY H 65 34.63 -19.39 47.42
CA GLY H 65 35.83 -18.85 48.05
C GLY H 65 36.43 -17.78 47.16
N ASP H 66 37.51 -17.19 47.66
CA ASP H 66 38.17 -16.14 46.91
C ASP H 66 39.57 -15.99 47.45
N LEU H 67 40.54 -15.84 46.55
CA LEU H 67 41.93 -15.75 46.96
C LEU H 67 42.24 -14.45 47.71
N THR H 68 41.23 -13.62 48.01
CA THR H 68 41.42 -12.41 48.79
C THR H 68 40.69 -12.43 50.12
N ASP H 69 40.22 -13.60 50.57
CA ASP H 69 39.46 -13.75 51.82
C ASP H 69 40.17 -14.78 52.71
N SER H 70 40.99 -14.32 53.65
CA SER H 70 41.86 -15.24 54.39
C SER H 70 41.04 -16.24 55.20
N THR H 71 39.92 -15.81 55.77
CA THR H 71 39.10 -16.73 56.55
C THR H 71 38.63 -17.90 55.70
N CYS H 72 38.08 -17.61 54.52
CA CYS H 72 37.42 -18.65 53.75
C CYS H 72 38.41 -19.73 53.31
N LEU H 73 39.68 -19.38 53.15
CA LEU H 73 40.66 -20.38 52.74
C LEU H 73 40.91 -21.39 53.86
N VAL H 74 41.30 -20.92 55.04
CA VAL H 74 41.58 -21.87 56.11
C VAL H 74 40.33 -22.70 56.43
N LYS H 75 39.15 -22.08 56.42
CA LYS H 75 37.94 -22.85 56.66
C LYS H 75 37.80 -23.97 55.65
N ILE H 76 38.06 -23.69 54.38
CA ILE H 76 38.00 -24.70 53.32
C ILE H 76 39.13 -25.71 53.46
N ILE H 77 40.36 -25.22 53.70
CA ILE H 77 41.49 -26.14 53.77
C ILE H 77 41.37 -27.04 54.98
N ASN H 78 40.88 -26.48 56.09
CA ASN H 78 40.62 -27.29 57.26
C ASN H 78 39.53 -28.33 57.00
N GLU H 79 38.47 -27.96 56.28
CA GLU H 79 37.35 -28.88 56.09
C GLU H 79 37.70 -30.04 55.16
N VAL H 80 38.69 -29.87 54.29
CA VAL H 80 38.95 -30.89 53.28
C VAL H 80 40.16 -31.75 53.64
N LYS H 81 41.17 -31.15 54.28
CA LYS H 81 42.38 -31.86 54.65
C LYS H 81 43.01 -32.49 53.41
N PRO H 82 43.35 -31.69 52.40
CA PRO H 82 43.71 -32.24 51.10
C PRO H 82 45.12 -32.83 51.08
N THR H 83 45.31 -33.76 50.14
CA THR H 83 46.61 -34.39 49.88
C THR H 83 47.49 -33.57 48.95
N GLU H 84 46.89 -32.90 47.99
CA GLU H 84 47.60 -32.09 47.01
C GLU H 84 46.79 -30.82 46.77
N ILE H 85 47.50 -29.70 46.56
CA ILE H 85 46.87 -28.42 46.26
C ILE H 85 47.51 -27.86 45.00
N TYR H 86 46.68 -27.42 44.06
CA TYR H 86 47.10 -26.79 42.80
C TYR H 86 46.54 -25.37 42.75
N ASN H 87 47.42 -24.38 42.93
CA ASN H 87 47.04 -22.97 42.90
C ASN H 87 47.02 -22.49 41.45
N LEU H 88 45.90 -22.71 40.76
CA LEU H 88 45.77 -22.27 39.38
C LEU H 88 44.98 -20.98 39.24
N GLY H 89 44.26 -20.55 40.26
CA GLY H 89 43.41 -19.38 40.13
C GLY H 89 44.23 -18.09 40.16
N ALA H 90 43.79 -17.13 39.35
CA ALA H 90 44.54 -15.88 39.20
C ALA H 90 43.82 -15.00 38.17
N GLN H 91 44.19 -13.72 38.17
CA GLN H 91 43.89 -12.82 37.07
C GLN H 91 44.97 -13.03 36.03
N SER H 92 44.64 -13.66 34.89
CA SER H 92 45.66 -14.23 34.02
C SER H 92 45.90 -13.49 32.72
N HIS H 93 45.21 -12.37 32.46
CA HIS H 93 45.32 -11.70 31.16
C HIS H 93 46.34 -10.56 31.25
N VAL H 94 47.39 -10.67 30.43
CA VAL H 94 48.54 -9.76 30.55
C VAL H 94 48.14 -8.33 30.22
N LYS H 95 47.43 -8.13 29.11
CA LYS H 95 47.02 -6.79 28.73
C LYS H 95 46.15 -6.15 29.81
N ILE H 96 45.20 -6.91 30.35
CA ILE H 96 44.32 -6.32 31.36
C ILE H 96 45.08 -5.93 32.61
N SER H 97 46.21 -6.58 32.89
CA SER H 97 46.91 -6.27 34.13
C SER H 97 47.50 -4.86 34.15
N PHE H 98 47.70 -4.24 32.99
CA PHE H 98 48.28 -2.91 32.98
C PHE H 98 47.31 -1.88 33.56
N ASP H 99 46.01 -2.07 33.32
CA ASP H 99 44.95 -1.24 33.87
C ASP H 99 44.27 -1.87 35.10
N LEU H 100 44.72 -3.03 35.55
CA LEU H 100 44.18 -3.68 36.73
C LEU H 100 45.32 -4.18 37.62
N ALA H 101 46.32 -3.32 37.84
CA ALA H 101 47.55 -3.81 38.46
C ALA H 101 47.37 -4.10 39.94
N GLU H 102 46.67 -3.22 40.65
CA GLU H 102 46.50 -3.42 42.09
C GLU H 102 45.71 -4.69 42.38
N TYR H 103 44.56 -4.86 41.71
CA TYR H 103 43.81 -6.09 41.87
C TYR H 103 44.66 -7.31 41.52
N THR H 104 45.39 -7.22 40.41
CA THR H 104 46.24 -8.34 39.98
C THR H 104 47.29 -8.69 41.02
N ALA H 105 47.91 -7.67 41.63
CA ALA H 105 48.90 -7.94 42.67
C ALA H 105 48.28 -8.69 43.83
N ASP H 106 47.14 -8.20 44.33
CA ASP H 106 46.47 -8.85 45.46
C ASP H 106 46.23 -10.32 45.19
N VAL H 107 45.72 -10.67 44.02
CA VAL H 107 45.30 -12.04 43.73
C VAL H 107 46.47 -12.90 43.30
N ASP H 108 47.21 -12.46 42.28
CA ASP H 108 48.25 -13.31 41.70
C ASP H 108 49.46 -13.41 42.62
N GLY H 109 49.74 -12.34 43.38
CA GLY H 109 50.87 -12.34 44.29
C GLY H 109 50.51 -12.66 45.73
N VAL H 110 49.87 -11.72 46.43
CA VAL H 110 49.52 -11.93 47.83
C VAL H 110 48.63 -13.14 48.00
N GLY H 111 47.85 -13.48 46.97
CA GLY H 111 46.98 -14.64 47.06
C GLY H 111 47.73 -15.92 47.32
N THR H 112 48.86 -16.12 46.63
CA THR H 112 49.65 -17.32 46.87
C THR H 112 50.13 -17.37 48.32
N LEU H 113 50.53 -16.21 48.86
CA LEU H 113 50.95 -16.17 50.26
C LEU H 113 49.82 -16.61 51.18
N ARG H 114 48.61 -16.05 50.98
CA ARG H 114 47.47 -16.45 51.80
C ARG H 114 47.28 -17.95 51.76
N LEU H 115 47.32 -18.53 50.56
CA LEU H 115 47.11 -19.97 50.43
C LEU H 115 48.17 -20.74 51.22
N LEU H 116 49.43 -20.39 51.03
CA LEU H 116 50.48 -21.06 51.80
C LEU H 116 50.30 -20.86 53.31
N ASP H 117 49.93 -19.65 53.72
CA ASP H 117 49.71 -19.41 55.14
C ASP H 117 48.58 -20.27 55.69
N ALA H 118 47.47 -20.38 54.95
CA ALA H 118 46.36 -21.20 55.44
C ALA H 118 46.82 -22.63 55.67
N VAL H 119 47.70 -23.13 54.80
CA VAL H 119 48.25 -24.48 54.95
C VAL H 119 49.02 -24.59 56.25
N LYS H 120 49.92 -23.64 56.50
CA LYS H 120 50.69 -23.63 57.75
C LYS H 120 49.76 -23.50 58.96
N THR H 121 48.74 -22.61 58.86
CA THR H 121 47.80 -22.39 59.96
C THR H 121 47.04 -23.66 60.31
N CYS H 122 46.63 -24.45 59.30
CA CYS H 122 45.93 -25.71 59.51
C CYS H 122 46.85 -26.86 59.92
N GLY H 123 48.16 -26.63 59.98
CA GLY H 123 49.07 -27.65 60.46
C GLY H 123 49.35 -28.74 59.46
N LEU H 124 49.19 -28.48 58.17
CA LEU H 124 49.41 -29.45 57.11
C LEU H 124 50.71 -29.20 56.37
N ILE H 125 51.70 -28.58 57.01
CA ILE H 125 52.94 -28.26 56.33
C ILE H 125 53.72 -29.51 56.00
N ASN H 126 53.61 -30.55 56.83
CA ASN H 126 54.37 -31.78 56.60
C ASN H 126 53.54 -32.87 55.93
N SER H 127 52.27 -32.62 55.63
CA SER H 127 51.40 -33.64 55.08
C SER H 127 50.72 -33.24 53.78
N VAL H 128 51.16 -32.15 53.13
CA VAL H 128 50.52 -31.66 51.93
C VAL H 128 51.56 -31.41 50.85
N LYS H 129 51.09 -31.44 49.60
CA LYS H 129 51.90 -31.14 48.43
C LYS H 129 51.27 -29.96 47.67
N PHE H 130 52.11 -29.02 47.23
CA PHE H 130 51.65 -27.71 46.76
C PHE H 130 52.22 -27.41 45.38
N TYR H 131 51.35 -27.22 44.40
CA TYR H 131 51.74 -26.83 43.04
C TYR H 131 51.40 -25.36 42.80
N GLN H 132 52.36 -24.62 42.25
CA GLN H 132 52.16 -23.21 41.91
C GLN H 132 52.16 -23.04 40.40
N ALA H 133 51.19 -22.28 39.89
CA ALA H 133 51.07 -22.07 38.44
C ALA H 133 51.98 -20.93 38.06
N SER H 134 53.23 -21.27 37.73
CA SER H 134 54.18 -20.28 37.25
C SER H 134 54.13 -20.22 35.72
N THR H 135 54.84 -19.25 35.15
CA THR H 135 54.68 -18.92 33.74
C THR H 135 56.01 -18.48 33.14
N ASP H 136 56.09 -18.60 31.81
CA ASP H 136 57.21 -18.05 31.05
C ASP H 136 57.27 -16.53 31.11
N GLU H 137 56.16 -15.86 31.45
CA GLU H 137 56.18 -14.41 31.64
C GLU H 137 57.21 -13.95 32.66
N LEU H 138 57.77 -14.89 33.44
CA LEU H 138 58.87 -14.56 34.35
C LEU H 138 60.14 -14.21 33.60
N TYR H 139 60.36 -14.85 32.44
CA TYR H 139 61.56 -14.52 31.68
C TYR H 139 61.44 -13.18 30.97
N GLY H 140 60.23 -12.73 30.66
CA GLY H 140 59.98 -11.41 30.11
C GLY H 140 60.85 -11.01 28.94
N LYS H 141 61.76 -10.06 29.15
CA LYS H 141 62.79 -9.72 28.17
C LYS H 141 63.88 -10.78 28.28
N VAL H 142 63.69 -11.87 27.52
CA VAL H 142 64.48 -13.08 27.71
C VAL H 142 65.96 -12.78 27.70
N GLN H 143 66.66 -13.25 28.75
CA GLN H 143 68.09 -13.05 28.91
C GLN H 143 68.91 -14.20 28.33
N GLU H 144 68.34 -15.39 28.20
CA GLU H 144 68.98 -16.48 27.49
C GLU H 144 68.05 -16.97 26.39
N ILE H 145 68.64 -17.48 25.31
CA ILE H 145 67.85 -18.09 24.26
C ILE H 145 68.43 -19.47 23.93
N PRO H 146 67.70 -20.57 24.17
CA PRO H 146 66.36 -20.58 24.78
C PRO H 146 66.41 -20.27 26.27
N GLN H 147 65.28 -20.39 26.98
CA GLN H 147 65.19 -20.09 28.41
C GLN H 147 64.93 -21.38 29.18
N LYS H 148 65.73 -21.61 30.23
CA LYS H 148 65.48 -22.75 31.11
C LYS H 148 65.56 -22.33 32.59
N GLU H 149 65.50 -23.31 33.49
CA GLU H 149 65.31 -23.02 34.92
C GLU H 149 66.32 -22.02 35.45
N THR H 150 67.56 -22.08 34.98
CA THR H 150 68.63 -21.22 35.48
C THR H 150 68.70 -19.89 34.75
N THR H 151 67.70 -19.54 33.95
CA THR H 151 67.74 -18.26 33.24
C THR H 151 67.35 -17.13 34.19
N PRO H 152 68.09 -16.02 34.19
CA PRO H 152 67.70 -14.86 34.99
C PRO H 152 66.33 -14.33 34.57
N PHE H 153 65.53 -13.94 35.56
CA PHE H 153 64.20 -13.41 35.30
C PHE H 153 64.25 -11.92 34.95
N TYR H 154 63.22 -11.47 34.26
CA TYR H 154 63.10 -10.08 33.84
C TYR H 154 61.65 -9.82 33.42
N PRO H 155 60.75 -9.61 34.36
CA PRO H 155 59.33 -9.44 34.01
C PRO H 155 59.11 -8.16 33.21
N ARG H 156 57.97 -8.10 32.51
CA ARG H 156 57.68 -6.90 31.72
C ARG H 156 56.20 -6.51 31.76
N SER H 157 55.46 -6.94 32.78
CA SER H 157 54.10 -6.46 32.96
C SER H 157 53.70 -6.65 34.41
N PRO H 158 52.81 -5.81 34.95
CA PRO H 158 52.34 -6.02 36.32
C PRO H 158 51.91 -7.45 36.59
N TYR H 159 51.44 -8.16 35.56
CA TYR H 159 51.21 -9.59 35.69
C TYR H 159 52.46 -10.31 36.16
N GLY H 160 53.55 -10.19 35.40
CA GLY H 160 54.76 -10.94 35.72
C GLY H 160 55.38 -10.51 37.03
N ALA H 161 55.43 -9.21 37.29
CA ALA H 161 55.92 -8.74 38.58
C ALA H 161 55.27 -9.53 39.71
N ALA H 162 53.94 -9.56 39.75
CA ALA H 162 53.23 -10.25 40.82
C ALA H 162 53.49 -11.76 40.80
N LYS H 163 53.57 -12.36 39.61
CA LYS H 163 53.86 -13.79 39.53
C LYS H 163 55.29 -14.08 39.98
N LEU H 164 56.20 -13.12 39.78
CA LEU H 164 57.55 -13.25 40.33
C LEU H 164 57.53 -13.29 41.84
N TYR H 165 56.71 -12.44 42.46
CA TYR H 165 56.56 -12.52 43.91
C TYR H 165 56.00 -13.89 44.31
N ALA H 166 54.99 -14.39 43.59
CA ALA H 166 54.43 -15.69 43.93
C ALA H 166 55.48 -16.78 43.83
N TYR H 167 56.34 -16.71 42.82
CA TYR H 167 57.38 -17.72 42.67
C TYR H 167 58.26 -17.79 43.91
N TRP H 168 58.81 -16.65 44.32
CA TRP H 168 59.82 -16.67 45.39
C TRP H 168 59.20 -16.95 46.75
N ILE H 169 58.00 -16.42 47.02
CA ILE H 169 57.37 -16.72 48.30
C ILE H 169 57.10 -18.22 48.44
N VAL H 170 56.83 -18.90 47.32
CA VAL H 170 56.66 -20.35 47.35
C VAL H 170 57.99 -21.03 47.69
N VAL H 171 59.06 -20.69 46.99
CA VAL H 171 60.33 -21.33 47.29
C VAL H 171 60.74 -21.04 48.73
N ASN H 172 60.32 -19.88 49.28
CA ASN H 172 60.70 -19.57 50.65
C ASN H 172 60.08 -20.56 51.62
N PHE H 173 58.85 -20.98 51.36
CA PHE H 173 58.24 -21.99 52.22
C PHE H 173 58.91 -23.34 52.04
N ARG H 174 59.45 -23.62 50.85
CA ARG H 174 60.25 -24.84 50.70
C ARG H 174 61.45 -24.79 51.62
N GLU H 175 62.24 -23.72 51.53
CA GLU H 175 63.51 -23.68 52.25
C GLU H 175 63.33 -23.47 53.75
N ALA H 176 62.33 -22.68 54.16
CA ALA H 176 62.24 -22.28 55.56
C ALA H 176 61.51 -23.31 56.42
N TYR H 177 60.52 -24.02 55.88
CA TYR H 177 59.74 -24.97 56.67
C TYR H 177 59.69 -26.36 56.03
N ASN H 178 60.43 -26.59 54.95
CA ASN H 178 60.51 -27.91 54.31
C ASN H 178 59.14 -28.40 53.84
N LEU H 179 58.30 -27.47 53.42
CA LEU H 179 57.04 -27.80 52.76
C LEU H 179 57.33 -28.28 51.34
N PHE H 180 56.69 -29.37 50.95
CA PHE H 180 56.85 -29.86 49.58
C PHE H 180 56.10 -28.92 48.65
N ALA H 181 56.82 -27.96 48.06
CA ALA H 181 56.22 -26.93 47.23
C ALA H 181 57.03 -26.73 45.95
N VAL H 182 56.34 -26.61 44.81
CA VAL H 182 56.96 -26.67 43.50
C VAL H 182 56.40 -25.59 42.58
N ASN H 183 57.24 -25.13 41.66
CA ASN H 183 56.89 -24.12 40.67
C ASN H 183 56.90 -24.73 39.27
N GLY H 184 55.72 -24.81 38.66
CA GLY H 184 55.60 -25.22 37.27
C GLY H 184 55.72 -24.02 36.35
N ILE H 185 56.84 -23.93 35.63
CA ILE H 185 57.10 -22.78 34.75
C ILE H 185 56.57 -23.16 33.37
N LEU H 186 55.28 -22.94 33.18
CA LEU H 186 54.58 -23.37 31.97
C LEU H 186 54.50 -22.24 30.96
N PHE H 187 54.78 -22.56 29.69
CA PHE H 187 54.64 -21.65 28.56
C PHE H 187 53.20 -21.68 28.05
N ASN H 188 52.89 -20.80 27.09
CA ASN H 188 51.53 -20.72 26.55
C ASN H 188 50.99 -22.11 26.27
N HIS H 189 49.82 -22.40 26.82
CA HIS H 189 49.12 -23.64 26.52
C HIS H 189 47.68 -23.29 26.18
N GLU H 190 47.25 -23.66 24.98
CA GLU H 190 45.95 -23.27 24.44
C GLU H 190 45.08 -24.51 24.27
N SER H 191 43.82 -24.29 23.92
CA SER H 191 42.88 -25.39 23.72
C SER H 191 41.54 -24.89 23.17
N PRO H 192 40.59 -25.78 22.89
CA PRO H 192 39.24 -25.31 22.53
C PRO H 192 38.57 -24.55 23.66
N ARG H 193 39.07 -24.68 24.88
CA ARG H 193 38.50 -24.01 26.04
C ARG H 193 39.22 -22.71 26.38
N ARG H 194 40.20 -22.30 25.57
CA ARG H 194 40.97 -21.11 25.91
C ARG H 194 40.07 -19.87 25.96
N GLY H 195 40.39 -18.96 26.87
CA GLY H 195 39.61 -17.74 27.00
C GLY H 195 39.64 -16.93 25.72
N ALA H 196 38.54 -16.23 25.46
CA ALA H 196 38.39 -15.58 24.16
C ALA H 196 39.26 -14.33 23.99
N ASN H 197 39.84 -13.77 25.05
CA ASN H 197 40.69 -12.59 24.92
C ASN H 197 42.14 -12.91 24.58
N PHE H 198 42.50 -14.17 24.40
CA PHE H 198 43.87 -14.51 24.07
C PHE H 198 44.04 -14.67 22.56
N VAL H 199 45.26 -14.42 22.08
CA VAL H 199 45.48 -14.22 20.64
C VAL H 199 45.04 -15.45 19.85
N THR H 200 45.36 -16.65 20.33
CA THR H 200 45.09 -17.85 19.53
C THR H 200 43.59 -18.15 19.45
N ARG H 201 42.89 -18.10 20.59
CA ARG H 201 41.46 -18.36 20.58
C ARG H 201 40.69 -17.23 19.88
N LYS H 202 41.12 -15.98 20.08
CA LYS H 202 40.52 -14.88 19.34
C LYS H 202 40.54 -15.13 17.85
N ILE H 203 41.69 -15.57 17.33
CA ILE H 203 41.81 -15.87 15.92
C ILE H 203 40.92 -17.05 15.54
N SER H 204 40.91 -18.11 16.34
CA SER H 204 40.12 -19.28 15.97
C SER H 204 38.63 -18.96 15.95
N ARG H 205 38.15 -18.19 16.93
CA ARG H 205 36.76 -17.78 16.93
C ARG H 205 36.44 -16.89 15.73
N SER H 206 37.26 -15.87 15.51
CA SER H 206 36.99 -14.90 14.46
C SER H 206 36.94 -15.57 13.09
N VAL H 207 37.97 -16.36 12.75
CA VAL H 207 38.01 -17.00 11.45
C VAL H 207 36.78 -17.88 11.26
N ALA H 208 36.38 -18.61 12.31
CA ALA H 208 35.20 -19.45 12.21
C ALA H 208 33.96 -18.64 11.85
N LYS H 209 33.77 -17.50 12.53
CA LYS H 209 32.62 -16.65 12.24
C LYS H 209 32.65 -16.14 10.80
N ILE H 210 33.83 -15.75 10.30
CA ILE H 210 33.94 -15.30 8.93
C ILE H 210 33.47 -16.39 7.97
N TYR H 211 33.86 -17.64 8.24
CA TYR H 211 33.49 -18.74 7.37
C TYR H 211 32.00 -19.02 7.39
N LEU H 212 31.32 -18.69 8.49
CA LEU H 212 29.89 -18.92 8.62
C LEU H 212 29.07 -17.70 8.20
N GLY H 213 29.72 -16.63 7.73
CA GLY H 213 29.03 -15.42 7.34
C GLY H 213 28.55 -14.55 8.47
N GLN H 214 29.04 -14.78 9.70
CA GLN H 214 28.62 -14.00 10.86
C GLN H 214 29.55 -12.83 11.16
N LEU H 215 30.69 -12.73 10.47
CA LEU H 215 31.67 -11.69 10.78
C LEU H 215 32.48 -11.39 9.53
N GLU H 216 32.86 -10.13 9.38
CA GLU H 216 33.60 -9.68 8.21
C GLU H 216 35.04 -9.32 8.49
N CYS H 217 35.35 -8.77 9.65
CA CYS H 217 36.68 -8.21 9.88
C CYS H 217 36.91 -8.04 11.38
N PHE H 218 38.15 -8.26 11.81
CA PHE H 218 38.53 -8.09 13.21
C PHE H 218 39.94 -7.50 13.31
N SER H 219 40.26 -7.01 14.51
CA SER H 219 41.49 -6.27 14.78
C SER H 219 42.41 -7.05 15.70
N LEU H 220 43.72 -6.97 15.43
CA LEU H 220 44.77 -7.51 16.30
C LEU H 220 45.76 -6.39 16.64
N GLY H 221 46.83 -6.76 17.35
CA GLY H 221 47.83 -5.78 17.77
C GLY H 221 49.23 -5.91 17.17
N ASN H 222 50.18 -6.36 17.98
CA ASN H 222 51.53 -6.64 17.50
C ASN H 222 51.49 -7.95 16.73
N LEU H 223 51.64 -7.89 15.41
CA LEU H 223 51.50 -9.09 14.59
C LEU H 223 52.80 -9.89 14.44
N ASP H 224 53.92 -9.40 14.96
CA ASP H 224 55.21 -10.05 14.76
C ASP H 224 55.75 -10.74 15.99
N ALA H 225 54.99 -10.78 17.09
CA ALA H 225 55.45 -11.47 18.29
C ALA H 225 55.42 -12.97 18.09
N LYS H 226 56.43 -13.66 18.60
CA LYS H 226 56.55 -15.11 18.48
C LYS H 226 56.38 -15.75 19.86
N ARG H 227 55.66 -16.88 19.91
CA ARG H 227 55.37 -17.59 21.15
C ARG H 227 55.66 -19.08 21.00
N ASP H 228 55.82 -19.73 22.15
CA ASP H 228 56.02 -21.18 22.23
C ASP H 228 54.69 -21.78 22.70
N TRP H 229 53.97 -22.43 21.78
CA TRP H 229 52.59 -22.86 21.99
C TRP H 229 52.44 -24.37 22.12
N GLY H 230 51.85 -24.82 23.23
CA GLY H 230 51.48 -26.21 23.41
C GLY H 230 50.00 -26.33 23.77
N HIS H 231 49.57 -27.58 23.97
CA HIS H 231 48.17 -27.91 24.22
C HIS H 231 47.92 -28.11 25.72
N ALA H 232 46.86 -27.49 26.23
CA ALA H 232 46.61 -27.47 27.67
C ALA H 232 46.43 -28.88 28.23
N LYS H 233 45.62 -29.69 27.56
CA LYS H 233 45.36 -31.05 28.04
C LYS H 233 46.66 -31.79 28.30
N ASP H 234 47.73 -31.47 27.56
CA ASP H 234 49.01 -32.12 27.80
C ASP H 234 49.67 -31.62 29.08
N TYR H 235 49.62 -30.30 29.32
CA TYR H 235 50.38 -29.74 30.43
C TYR H 235 49.77 -30.07 31.79
N VAL H 236 48.45 -30.32 31.84
CA VAL H 236 47.86 -30.73 33.11
C VAL H 236 48.56 -31.96 33.65
N GLU H 237 48.83 -32.92 32.76
CA GLU H 237 49.51 -34.14 33.18
C GLU H 237 50.86 -33.82 33.82
N ALA H 238 51.58 -32.85 33.26
CA ALA H 238 52.87 -32.47 33.84
C ALA H 238 52.72 -31.93 35.26
N MET H 239 51.62 -31.23 35.54
CA MET H 239 51.40 -30.72 36.88
C MET H 239 51.33 -31.85 37.91
N TRP H 240 50.61 -32.92 37.58
CA TRP H 240 50.48 -34.05 38.48
C TRP H 240 51.82 -34.76 38.67
N LEU H 241 52.57 -34.93 37.58
CA LEU H 241 53.84 -35.63 37.66
C LEU H 241 54.80 -34.91 38.60
N MET H 242 54.84 -33.58 38.53
CA MET H 242 55.73 -32.82 39.40
C MET H 242 55.47 -33.12 40.88
N LEU H 243 54.22 -33.36 41.24
CA LEU H 243 53.88 -33.73 42.61
C LEU H 243 54.00 -35.22 42.86
N GLN H 244 54.14 -36.02 41.81
CA GLN H 244 54.48 -37.42 41.98
C GLN H 244 55.97 -37.64 42.18
N ASN H 245 56.79 -36.64 41.88
CA ASN H 245 58.24 -36.76 42.04
C ASN H 245 58.58 -37.06 43.50
N ASP H 246 59.74 -37.71 43.69
CA ASP H 246 60.18 -38.06 45.04
C ASP H 246 60.63 -36.83 45.82
N GLU H 247 61.27 -35.88 45.15
CA GLU H 247 61.72 -34.65 45.78
C GLU H 247 61.23 -33.46 44.98
N PRO H 248 60.93 -32.34 45.65
CA PRO H 248 60.35 -31.17 44.95
C PRO H 248 61.42 -30.35 44.23
N GLU H 249 61.28 -30.23 42.91
CA GLU H 249 62.07 -29.32 42.09
C GLU H 249 61.15 -28.51 41.19
N ASP H 250 61.67 -27.39 40.67
CA ASP H 250 60.97 -26.57 39.69
C ASP H 250 61.33 -27.03 38.28
N PHE H 251 60.34 -27.06 37.38
CA PHE H 251 60.55 -27.52 36.01
C PHE H 251 60.01 -26.49 35.03
N VAL H 252 60.68 -26.38 33.91
CA VAL H 252 60.18 -25.62 32.76
C VAL H 252 59.47 -26.59 31.84
N ILE H 253 58.30 -26.18 31.36
CA ILE H 253 57.44 -27.02 30.54
C ILE H 253 57.09 -26.23 29.28
N ALA H 254 57.45 -26.78 28.12
CA ALA H 254 57.19 -26.11 26.85
C ALA H 254 57.21 -27.16 25.74
N THR H 255 56.98 -26.70 24.49
CA THR H 255 57.09 -27.54 23.31
C THR H 255 58.42 -27.38 22.58
N GLY H 256 59.14 -26.29 22.81
CA GLY H 256 60.41 -26.04 22.16
C GLY H 256 60.33 -25.40 20.80
N GLU H 257 59.13 -25.26 20.21
CA GLU H 257 58.99 -24.72 18.88
C GLU H 257 58.23 -23.40 18.93
N VAL H 258 58.76 -22.38 18.23
CA VAL H 258 58.30 -21.00 18.33
C VAL H 258 57.69 -20.59 16.99
N HIS H 259 56.59 -19.82 17.05
CA HIS H 259 55.92 -19.35 15.85
C HIS H 259 55.35 -17.97 16.11
N SER H 260 55.18 -17.20 15.04
CA SER H 260 54.66 -15.84 15.12
C SER H 260 53.13 -15.85 15.08
N VAL H 261 52.54 -14.73 15.50
CA VAL H 261 51.09 -14.61 15.44
C VAL H 261 50.61 -14.57 14.00
N ARG H 262 51.40 -14.00 13.09
CA ARG H 262 51.07 -14.08 11.68
C ARG H 262 50.78 -15.51 11.27
N GLU H 263 51.75 -16.41 11.48
CA GLU H 263 51.59 -17.78 11.03
C GLU H 263 50.38 -18.46 11.66
N PHE H 264 50.01 -18.04 12.88
CA PHE H 264 48.78 -18.55 13.47
C PHE H 264 47.56 -18.05 12.70
N VAL H 265 47.64 -16.81 12.20
CA VAL H 265 46.56 -16.24 11.40
C VAL H 265 46.54 -16.87 10.01
N GLU H 266 47.71 -16.90 9.34
CA GLU H 266 47.79 -17.51 8.01
C GLU H 266 47.32 -18.96 8.05
N LYS H 267 47.80 -19.74 9.03
CA LYS H 267 47.49 -21.15 9.06
C LYS H 267 46.04 -21.39 9.44
N SER H 268 45.51 -20.64 10.41
CA SER H 268 44.11 -20.80 10.79
C SER H 268 43.18 -20.40 9.65
N PHE H 269 43.50 -19.33 8.92
CA PHE H 269 42.71 -18.99 7.74
C PHE H 269 42.83 -20.06 6.66
N LEU H 270 43.97 -20.75 6.60
CA LEU H 270 44.17 -21.77 5.58
C LEU H 270 43.17 -22.92 5.73
N HIS H 271 42.86 -23.32 6.97
CA HIS H 271 41.90 -24.41 7.21
C HIS H 271 40.51 -24.05 6.76
N ILE H 272 40.36 -22.87 6.15
CA ILE H 272 39.07 -22.36 5.71
C ILE H 272 39.01 -22.19 4.20
N GLY H 273 40.10 -22.49 3.48
CA GLY H 273 40.13 -22.32 2.05
C GLY H 273 40.59 -20.95 1.59
N LYS H 274 40.95 -20.07 2.51
CA LYS H 274 41.37 -18.70 2.20
C LYS H 274 42.85 -18.53 2.52
N THR H 275 43.55 -17.82 1.65
CA THR H 275 44.97 -17.50 1.84
C THR H 275 45.13 -16.00 2.09
N ILE H 276 45.94 -15.64 3.08
CA ILE H 276 46.11 -14.25 3.50
C ILE H 276 47.41 -13.72 2.93
N VAL H 277 47.34 -12.57 2.28
CA VAL H 277 48.50 -11.85 1.78
C VAL H 277 48.54 -10.50 2.46
N TRP H 278 49.69 -10.16 3.03
CA TRP H 278 49.83 -8.92 3.78
C TRP H 278 50.19 -7.78 2.84
N GLU H 279 49.57 -6.62 3.09
CA GLU H 279 49.88 -5.38 2.40
C GLU H 279 49.85 -4.26 3.42
N GLY H 280 50.68 -3.24 3.21
CA GLY H 280 50.77 -2.16 4.17
C GLY H 280 51.76 -2.44 5.29
N LYS H 281 51.85 -1.47 6.19
CA LYS H 281 52.93 -1.37 7.16
C LYS H 281 52.39 -0.95 8.52
N ASN H 282 53.06 -1.41 9.58
CA ASN H 282 52.78 -0.99 10.95
C ASN H 282 51.27 -1.09 11.20
N GLU H 283 50.62 -0.04 11.72
CA GLU H 283 49.23 -0.11 12.14
C GLU H 283 48.24 0.07 11.01
N ASN H 284 48.71 0.36 9.80
CA ASN H 284 47.86 0.38 8.63
C ASN H 284 47.89 -0.95 7.87
N GLU H 285 48.71 -1.89 8.33
CA GLU H 285 48.77 -3.21 7.69
C GLU H 285 47.40 -3.89 7.74
N VAL H 286 47.13 -4.73 6.74
CA VAL H 286 45.86 -5.45 6.64
C VAL H 286 46.12 -6.80 5.97
N GLY H 287 45.24 -7.76 6.25
CA GLY H 287 45.33 -9.08 5.65
C GLY H 287 44.26 -9.29 4.59
N ARG H 288 44.67 -9.43 3.33
CA ARG H 288 43.77 -9.50 2.20
C ARG H 288 43.74 -10.91 1.64
N CYS H 289 42.55 -11.41 1.35
CA CYS H 289 42.39 -12.75 0.78
C CYS H 289 42.58 -12.69 -0.73
N LYS H 290 43.51 -13.50 -1.25
CA LYS H 290 43.83 -13.43 -2.68
C LYS H 290 42.63 -13.85 -3.53
N GLU H 291 41.91 -14.90 -3.10
CA GLU H 291 40.80 -15.41 -3.89
C GLU H 291 39.66 -14.37 -3.98
N THR H 292 39.28 -13.80 -2.84
CA THR H 292 38.13 -12.90 -2.76
C THR H 292 38.49 -11.43 -2.83
N GLY H 293 39.71 -11.05 -2.46
CA GLY H 293 40.12 -9.66 -2.49
C GLY H 293 39.67 -8.82 -1.32
N LYS H 294 38.88 -9.36 -0.40
CA LYS H 294 38.38 -8.60 0.73
C LYS H 294 39.35 -8.64 1.91
N VAL H 295 39.32 -7.58 2.70
CA VAL H 295 40.13 -7.49 3.91
C VAL H 295 39.45 -8.27 5.03
N HIS H 296 40.22 -9.12 5.70
CA HIS H 296 39.69 -9.91 6.81
C HIS H 296 40.42 -9.69 8.14
N VAL H 297 41.53 -8.94 8.14
CA VAL H 297 42.31 -8.71 9.36
C VAL H 297 42.73 -7.24 9.38
N THR H 298 42.46 -6.57 10.50
CA THR H 298 42.88 -5.20 10.76
C THR H 298 43.93 -5.19 11.87
N VAL H 299 44.61 -4.06 12.00
CA VAL H 299 45.51 -3.82 13.12
C VAL H 299 45.08 -2.54 13.82
N ASP H 300 45.07 -2.59 15.16
CA ASP H 300 44.59 -1.50 16.00
C ASP H 300 45.58 -1.30 17.14
N LEU H 301 45.94 -0.04 17.39
CA LEU H 301 46.93 0.26 18.41
C LEU H 301 46.49 -0.12 19.82
N LYS H 302 45.18 -0.25 20.05
CA LYS H 302 44.72 -0.50 21.42
C LYS H 302 45.00 -1.91 21.92
N TYR H 303 45.45 -2.83 21.05
CA TYR H 303 45.78 -4.19 21.47
C TYR H 303 47.27 -4.41 21.72
N TYR H 304 48.10 -3.40 21.46
CA TYR H 304 49.49 -3.52 21.83
C TYR H 304 49.64 -3.33 23.34
N ARG H 305 50.87 -3.51 23.81
CA ARG H 305 51.17 -3.43 25.22
C ARG H 305 52.35 -2.49 25.46
N PRO H 306 52.24 -1.60 26.46
CA PRO H 306 53.31 -0.61 26.68
C PRO H 306 54.72 -1.20 26.70
N THR H 307 54.88 -2.43 27.22
CA THR H 307 56.13 -3.17 27.16
C THR H 307 55.79 -4.58 26.69
N GLU H 308 56.38 -5.01 25.58
CA GLU H 308 55.99 -6.27 24.96
C GLU H 308 56.94 -7.40 25.35
N VAL H 309 56.44 -8.63 25.26
CA VAL H 309 57.27 -9.83 25.33
C VAL H 309 57.44 -10.35 23.91
N ASP H 310 58.63 -10.17 23.34
CA ASP H 310 58.82 -10.38 21.90
C ASP H 310 58.98 -11.85 21.54
N PHE H 311 59.93 -12.55 22.18
CA PHE H 311 60.33 -13.88 21.74
C PHE H 311 60.41 -14.81 22.94
N LEU H 312 59.69 -15.94 22.87
CA LEU H 312 59.75 -16.96 23.90
C LEU H 312 60.07 -18.32 23.27
N GLN H 313 60.97 -19.06 23.89
CA GLN H 313 61.37 -20.39 23.42
C GLN H 313 61.79 -21.21 24.63
N GLY H 314 61.08 -22.30 24.91
CA GLY H 314 61.31 -23.07 26.13
C GLY H 314 62.27 -24.23 25.90
N ASP H 315 63.10 -24.48 26.92
CA ASP H 315 64.03 -25.61 26.95
C ASP H 315 63.56 -26.58 28.04
N CYS H 316 62.78 -27.58 27.65
CA CYS H 316 62.20 -28.56 28.57
C CYS H 316 63.11 -29.75 28.82
N THR H 317 64.43 -29.57 28.78
CA THR H 317 65.34 -30.69 28.94
C THR H 317 65.20 -31.31 30.33
N LYS H 318 65.20 -30.46 31.37
CA LYS H 318 65.18 -30.99 32.73
C LYS H 318 63.93 -31.82 32.99
N ALA H 319 62.80 -31.45 32.38
CA ALA H 319 61.55 -32.17 32.63
C ALA H 319 61.52 -33.54 31.96
N LYS H 320 62.15 -33.67 30.78
CA LYS H 320 62.14 -34.95 30.07
C LYS H 320 62.79 -36.05 30.91
N GLN H 321 63.96 -35.78 31.49
CA GLN H 321 64.73 -36.82 32.21
C GLN H 321 64.10 -37.17 33.55
N LYS H 322 63.89 -36.19 34.42
CA LYS H 322 63.45 -36.46 35.79
C LYS H 322 61.99 -36.90 35.88
N LEU H 323 61.14 -36.54 34.90
CA LEU H 323 59.72 -36.86 34.94
C LEU H 323 59.21 -37.66 33.75
N ASN H 324 59.97 -37.77 32.67
CA ASN H 324 59.59 -38.55 31.49
C ASN H 324 58.26 -38.07 30.91
N TRP H 325 58.18 -36.75 30.70
CA TRP H 325 57.03 -36.12 30.08
C TRP H 325 57.42 -35.54 28.73
N LYS H 326 56.51 -35.61 27.76
CA LYS H 326 56.75 -35.14 26.42
C LYS H 326 55.51 -34.46 25.87
N PRO H 327 55.67 -33.40 25.07
CA PRO H 327 54.52 -32.78 24.40
C PRO H 327 53.89 -33.74 23.39
N ARG H 328 52.56 -33.73 23.34
CA ARG H 328 51.81 -34.65 22.49
C ARG H 328 51.07 -33.98 21.33
N VAL H 329 50.96 -32.66 21.30
CA VAL H 329 50.22 -31.96 20.25
C VAL H 329 51.13 -30.92 19.61
N ALA H 330 51.24 -30.97 18.28
CA ALA H 330 52.11 -30.07 17.53
C ALA H 330 51.38 -28.79 17.14
N PHE H 331 52.16 -27.82 16.64
CA PHE H 331 51.60 -26.52 16.28
C PHE H 331 50.53 -26.66 15.20
N ASP H 332 50.82 -27.44 14.15
CA ASP H 332 49.83 -27.71 13.11
C ASP H 332 48.56 -28.29 13.71
N GLU H 333 48.69 -29.37 14.48
CA GLU H 333 47.54 -30.00 15.10
C GLU H 333 46.75 -29.04 15.99
N LEU H 334 47.45 -28.11 16.66
CA LEU H 334 46.76 -27.18 17.56
C LEU H 334 45.86 -26.23 16.78
N VAL H 335 46.42 -25.55 15.77
CA VAL H 335 45.64 -24.58 14.99
C VAL H 335 44.46 -25.26 14.32
N ARG H 336 44.60 -26.53 13.93
CA ARG H 336 43.51 -27.22 13.25
C ARG H 336 42.39 -27.54 14.21
N GLU H 337 42.72 -28.10 15.39
CA GLU H 337 41.70 -28.43 16.36
C GLU H 337 40.90 -27.19 16.76
N MET H 338 41.60 -26.10 17.09
CA MET H 338 40.91 -24.92 17.61
C MET H 338 39.98 -24.31 16.56
N VAL H 339 40.42 -24.27 15.30
CA VAL H 339 39.55 -23.76 14.25
C VAL H 339 38.39 -24.72 14.00
N HIS H 340 38.63 -26.03 14.15
CA HIS H 340 37.55 -27.00 13.92
C HIS H 340 36.50 -26.93 15.03
N ALA H 341 36.95 -26.90 16.28
CA ALA H 341 36.01 -26.89 17.40
C ALA H 341 35.13 -25.65 17.38
N ASP H 342 35.71 -24.50 17.02
CA ASP H 342 34.95 -23.24 17.06
C ASP H 342 33.99 -23.08 15.88
N VAL H 343 34.17 -23.83 14.79
CA VAL H 343 33.21 -23.78 13.70
C VAL H 343 31.95 -24.56 14.06
N GLU H 344 32.13 -25.75 14.64
CA GLU H 344 30.99 -26.49 15.19
C GLU H 344 30.28 -25.68 16.27
N LEU H 345 31.06 -24.93 17.06
CA LEU H 345 30.50 -24.13 18.13
C LEU H 345 29.62 -23.01 17.59
N MET H 346 30.15 -22.22 16.63
CA MET H 346 29.43 -21.05 16.14
C MET H 346 28.24 -21.45 15.25
N ARG H 347 28.30 -22.63 14.63
CA ARG H 347 27.16 -23.07 13.82
C ARG H 347 25.89 -23.13 14.67
N THR H 348 25.99 -23.58 15.91
CA THR H 348 24.90 -23.50 16.88
C THR H 348 25.12 -22.26 17.73
N ASN H 349 24.24 -21.27 17.59
CA ASN H 349 24.34 -20.06 18.38
C ASN H 349 25.42 -19.12 17.84
N PRO H 350 25.04 -18.14 17.02
CA PRO H 350 26.02 -17.17 16.51
C PRO H 350 26.41 -16.08 17.50
N ASN H 351 25.93 -16.13 18.75
CA ASN H 351 26.25 -15.10 19.73
C ASN H 351 27.54 -15.40 20.49
N ALA H 352 27.70 -16.64 20.94
CA ALA H 352 28.90 -17.03 21.65
C ALA H 352 29.49 -18.27 21.00
PA NAP I . 8.36 17.62 -46.28
O1A NAP I . 9.19 16.46 -46.60
O2A NAP I . 8.41 16.50 -45.16
O5B NAP I . 7.87 17.28 -47.85
C5B NAP I . 8.74 16.84 -48.92
C4B NAP I . 7.92 16.94 -50.18
O4B NAP I . 8.70 16.58 -51.35
C3B NAP I . 6.69 16.03 -50.22
O3B NAP I . 5.64 16.72 -50.90
C2B NAP I . 7.18 14.84 -51.05
O2B NAP I . 6.07 14.06 -51.57
C1B NAP I . 7.97 15.62 -52.09
N9A NAP I . 8.89 14.80 -52.86
C8A NAP I . 9.84 13.93 -52.39
N7A NAP I . 10.42 13.21 -53.32
C5A NAP I . 9.80 13.63 -54.49
C6A NAP I . 9.95 13.25 -55.83
N6A NAP I . 10.79 12.30 -56.24
N1A NAP I . 9.20 13.88 -56.75
C2A NAP I . 8.35 14.83 -56.35
N3A NAP I . 8.12 15.27 -55.11
C4A NAP I . 8.88 14.62 -54.22
O3 NAP I . 9.58 18.65 -46.22
PN NAP I . 9.59 20.12 -45.58
O1N NAP I . 9.94 19.96 -44.16
O2N NAP I . 8.30 20.79 -45.92
O5D NAP I . 10.87 20.84 -46.25
C5D NAP I . 10.85 21.92 -47.22
C4D NAP I . 12.11 21.93 -48.04
O4D NAP I . 13.16 22.69 -47.41
C3D NAP I . 12.69 20.54 -48.25
O3D NAP I . 13.22 20.41 -49.57
C2D NAP I . 13.76 20.42 -47.16
O2D NAP I . 14.94 19.81 -47.68
C1D NAP I . 14.06 21.86 -46.76
N1N NAP I . 13.89 22.09 -45.21
P2B NAP I . 5.39 12.90 -50.67
O1X NAP I . 6.34 12.22 -49.75
O2X NAP I . 4.31 13.61 -49.88
O3X NAP I . 4.69 11.93 -51.65
H51A NAP I . 9.63 17.47 -48.93
H52A NAP I . 9.08 15.83 -48.70
H4B NAP I . 7.69 17.97 -50.37
H3B NAP I . 6.39 15.67 -49.24
HO3A NAP I . 4.98 16.94 -50.20
H2B NAP I . 7.78 14.11 -50.51
H1B NAP I . 7.32 16.12 -52.80
H8A NAP I . 10.10 13.85 -51.34
H61A NAP I . 11.38 11.82 -55.57
H62A NAP I . 10.85 12.08 -57.23
H2A NAP I . 7.79 15.29 -57.16
H51N NAP I . 10.75 22.88 -46.72
H52N NAP I . 10.00 21.81 -47.89
H4D NAP I . 11.98 22.50 -48.96
H3D NAP I . 11.94 19.77 -48.10
HO3N NAP I . 13.40 19.45 -49.70
H2D NAP I . 13.44 19.78 -46.33
HO2N NAP I . 15.36 19.22 -47.00
H1D NAP I . 15.07 22.18 -47.00
N2 GDD J . 14.87 12.62 -36.21
C2 GDD J . 15.49 12.37 -35.06
N1 GDD J . 15.01 11.33 -34.31
N3 GDD J . 16.49 13.17 -34.66
C4 GDD J . 16.96 12.85 -33.44
C5 GDD J . 16.55 11.83 -32.61
C6 GDD J . 15.48 10.98 -33.05
O6 GDD J . 14.95 10.04 -32.43
N7 GDD J . 17.27 11.85 -31.43
C8 GDD J . 18.09 12.87 -31.57
N9 GDD J . 17.95 13.52 -32.77
C1' GDD J . 18.73 14.70 -33.21
C2' GDD J . 19.39 14.54 -34.57
O2' GDD J . 20.60 13.83 -34.43
C3' GDD J . 19.66 16.01 -34.92
O3' GDD J . 20.90 16.46 -34.38
C4' GDD J . 18.51 16.76 -34.25
O4' GDD J . 17.87 15.82 -33.34
C5' GDD J . 17.48 17.33 -35.22
O5' GDD J . 16.96 16.23 -35.98
PA GDD J . 15.74 16.36 -37.00
O1A GDD J . 14.55 16.98 -36.37
O2A GDD J . 15.65 15.00 -37.62
O3A GDD J . 16.32 17.31 -38.13
PB GDD J . 17.62 17.82 -38.87
O2B GDD J . 18.10 19.09 -38.11
O3B GDD J . 18.66 16.80 -39.06
O1B GDD J . 16.82 18.09 -40.26
C11 GDD J . 15.93 19.08 -40.64
O51 GDD J . 16.55 20.36 -40.72
C51 GDD J . 16.98 20.96 -41.96
C61 GDD J . 16.73 22.46 -41.82
O6A GDD J . 15.31 22.67 -41.67
C21 GDD J . 15.25 18.61 -41.92
O21 GDD J . 13.93 19.13 -42.04
C31 GDD J . 16.08 18.92 -43.14
O31 GDD J . 15.38 18.52 -44.30
C41 GDD J . 16.32 20.41 -43.22
O41 GDD J . 17.13 20.67 -44.36
PA NAP K . -0.92 -0.88 -55.64
O1A NAP K . -1.90 -0.94 -54.55
O2A NAP K . -1.04 0.34 -56.58
O5B NAP K . 0.50 -0.76 -54.87
C5B NAP K . 1.73 -0.49 -55.56
C4B NAP K . 2.81 -0.65 -54.53
O4B NAP K . 4.10 -0.43 -55.17
C3B NAP K . 2.76 0.32 -53.35
O3B NAP K . 3.14 -0.42 -52.18
C2B NAP K . 3.76 1.40 -53.76
O2B NAP K . 4.21 2.20 -52.65
C1B NAP K . 4.81 0.52 -54.40
N9A NAP K . 5.73 1.25 -55.26
C8A NAP K . 5.44 2.10 -56.29
N7A NAP K . 6.50 2.66 -56.82
C5A NAP K . 7.56 2.13 -56.09
C6A NAP K . 8.95 2.29 -56.18
N6A NAP K . 9.55 3.15 -57.00
N1A NAP K . 9.73 1.56 -55.34
C2A NAP K . 9.13 0.74 -54.48
N3A NAP K . 7.84 0.52 -54.30
C4A NAP K . 7.09 1.25 -55.14
O3 NAP K . -0.91 -2.20 -56.52
PN NAP K . -1.65 -3.58 -56.21
O1N NAP K . -2.52 -3.41 -55.03
O2N NAP K . -0.59 -4.60 -56.12
O5D NAP K . -2.52 -3.82 -57.51
C5D NAP K . -1.84 -3.80 -58.81
C4D NAP K . -0.36 -4.10 -58.78
O4D NAP K . -0.12 -5.38 -58.17
C3D NAP K . 0.22 -4.20 -60.20
O3D NAP K . 0.95 -3.07 -60.66
C2D NAP K . 1.15 -5.40 -60.09
O2D NAP K . 2.32 -4.89 -59.47
C1D NAP K . 0.31 -6.26 -59.17
N1N NAP K . -0.89 -6.63 -60.06
P2B NAP K . 3.30 3.45 -52.18
O1X NAP K . 2.55 4.00 -53.32
O2X NAP K . 2.35 2.90 -51.11
O3X NAP K . 4.20 4.50 -51.50
H51A NAP K . 1.82 -1.17 -56.40
H52A NAP K . 1.67 0.51 -55.99
H4B NAP K . 2.86 -1.69 -54.21
H3B NAP K . 1.80 0.80 -53.19
HO3A NAP K . 2.30 -0.75 -51.79
H2B NAP K . 3.33 2.13 -54.45
H1B NAP K . 5.41 0.01 -53.64
H8A NAP K . 4.44 2.30 -56.64
H61A NAP K . 9.00 3.74 -57.61
H62A NAP K . 10.57 3.21 -57.00
H2A NAP K . 9.83 0.18 -53.85
H51N NAP K . -1.99 -2.82 -59.26
H52N NAP K . -2.32 -4.55 -59.45
H4D NAP K . 0.19 -3.43 -58.10
H3D NAP K . -0.61 -4.34 -60.89
HO3N NAP K . 0.97 -3.14 -61.65
H2D NAP K . 1.49 -5.91 -60.98
HO2N NAP K . 3.08 -5.50 -59.63
H1D NAP K . 0.74 -7.13 -58.69
N2 GDD L . -9.98 4.38 -63.16
C2 GDD L . -11.05 4.61 -63.92
N1 GDD L . -11.79 5.73 -63.64
N3 GDD L . -11.39 3.73 -64.87
C4 GDD L . -12.54 4.05 -65.50
C5 GDD L . -13.35 5.16 -65.28
C6 GDD L . -12.97 6.10 -64.26
O6 GDD L . -13.58 7.11 -63.91
N7 GDD L . -14.45 5.14 -66.12
C8 GDD L . -14.29 4.03 -66.82
N9 GDD L . -13.16 3.33 -66.50
C1' GDD L . -12.74 2.06 -67.12
C2' GDD L . -11.35 2.07 -67.75
O2' GDD L . -11.34 2.68 -69.02
C3' GDD L . -11.09 0.55 -67.83
O3' GDD L . -11.73 0.05 -68.99
C4' GDD L . -11.79 0.01 -66.59
O4' GDD L . -12.67 1.06 -66.12
C5' GDD L . -10.90 -0.47 -65.45
O5' GDD L . -9.99 0.53 -64.94
PA GDD L . -9.03 0.28 -63.59
O1A GDD L . -9.25 1.73 -63.54
O2A GDD L . -10.07 -0.75 -63.07
O3A GDD L . -7.93 -0.38 -64.56
PB GDD L . -7.40 -1.54 -65.54
O2B GDD L . -7.05 -0.54 -66.63
O3B GDD L . -8.67 -2.25 -65.37
O1B GDD L . -6.18 -1.77 -64.39
C11 GDD L . -6.07 -2.69 -63.30
O51 GDD L . -5.82 -3.89 -64.02
C51 GDD L . -4.47 -4.37 -64.28
C61 GDD L . -4.60 -5.87 -64.22
O6A GDD L . -5.81 -6.17 -63.53
C21 GDD L . -4.95 -2.27 -62.34
O21 GDD L . -5.00 -3.02 -61.15
C31 GDD L . -3.57 -2.43 -62.96
O31 GDD L . -2.58 -2.11 -61.99
C41 GDD L . -3.38 -3.87 -63.34
O41 GDD L . -2.12 -4.09 -63.94
PA NAP M . -24.18 -16.28 -3.39
O1A NAP M . -23.90 -17.51 -4.19
O2A NAP M . -23.88 -16.29 -1.87
O5B NAP M . -23.21 -15.15 -4.07
C5B NAP M . -23.07 -13.85 -3.49
C4B NAP M . -22.31 -12.97 -4.44
O4B NAP M . -22.24 -11.61 -3.91
C3B NAP M . -20.88 -13.39 -4.72
O3B NAP M . -20.61 -13.09 -6.08
C2B NAP M . -20.11 -12.50 -3.75
O2B NAP M . -18.71 -12.39 -4.07
C1B NAP M . -20.89 -11.20 -3.91
N9A NAP M . -20.67 -10.26 -2.83
C8A NAP M . -20.80 -10.46 -1.49
N7A NAP M . -20.42 -9.45 -0.76
C5A NAP M . -20.01 -8.51 -1.68
C6A NAP M . -19.52 -7.19 -1.56
N6A NAP M . -19.30 -6.59 -0.39
N1A NAP M . -19.26 -6.51 -2.69
C2A NAP M . -19.46 -7.11 -3.86
N3A NAP M . -19.91 -8.34 -4.10
C4A NAP M . -20.17 -9.00 -2.96
O3 NAP M . -25.70 -15.86 -3.56
PN NAP M . -26.87 -16.44 -4.48
O1N NAP M . -26.23 -17.05 -5.66
O2N NAP M . -27.78 -17.25 -3.66
O5D NAP M . -27.63 -15.12 -5.06
C5D NAP M . -29.04 -14.85 -4.94
C4D NAP M . -29.22 -13.52 -4.28
O4D NAP M . -30.61 -13.26 -4.01
C3D NAP M . -28.51 -13.34 -2.94
O3D NAP M . -28.12 -11.97 -2.93
C2D NAP M . -29.58 -13.72 -1.92
O2D NAP M . -29.46 -12.89 -0.77
C1D NAP M . -30.91 -13.54 -2.67
N1N NAP M . -31.68 -14.89 -2.63
P2B NAP M . -17.68 -13.48 -3.50
O1X NAP M . -16.26 -12.96 -3.43
O2X NAP M . -18.22 -13.93 -2.12
O3X NAP M . -17.82 -14.67 -4.44
H51A NAP M . -24.07 -13.47 -3.27
H52A NAP M . -22.58 -13.96 -2.52
H4B NAP M . -22.89 -12.83 -5.35
H3B NAP M . -20.63 -14.43 -4.50
HO3A NAP M . -20.02 -13.81 -6.42
H2B NAP M . -20.13 -12.89 -2.74
H1B NAP M . -20.65 -10.69 -4.84
H8A NAP M . -21.20 -11.39 -1.06
H61A NAP M . -19.49 -7.08 0.47
H62A NAP M . -18.95 -5.63 -0.38
H2A NAP M . -19.22 -6.50 -4.73
H51N NAP M . -29.52 -15.62 -4.35
H52N NAP M . -29.50 -14.83 -5.93
H4D NAP M . -28.97 -12.72 -4.98
H3D NAP M . -27.66 -13.99 -2.76
HO3N NAP M . -27.17 -11.94 -3.25
H2D NAP M . -29.48 -14.72 -1.51
HO2N NAP M . -28.82 -13.29 -0.12
H1D NAP M . -31.55 -12.74 -2.31
N2 GDD N . -27.20 -24.02 6.27
C2 GDD N . -27.74 -24.91 7.10
N1 GDD N . -26.89 -25.82 7.67
N3 GDD N . -29.06 -24.91 7.30
C4 GDD N . -29.47 -25.92 8.10
C5 GDD N . -28.69 -26.89 8.70
C6 GDD N . -27.28 -26.87 8.49
O6 GDD N . -26.44 -27.64 8.95
N7 GDD N . -29.47 -27.74 9.47
C8 GDD N . -30.70 -27.28 9.30
N9 GDD N . -30.77 -26.18 8.49
C1' GDD N . -32.01 -25.46 8.16
C2' GDD N . -32.01 -23.97 8.46
O2' GDD N . -32.25 -23.65 9.82
C3' GDD N . -33.19 -23.51 7.61
O3' GDD N . -34.41 -23.65 8.34
C4' GDD N . -33.15 -24.46 6.40
O4' GDD N . -32.24 -25.53 6.76
C5' GDD N . -32.64 -23.80 5.14
O5' GDD N . -31.35 -23.25 5.47
PA GDD N . -30.39 -22.62 4.34
O1A GDD N . -30.55 -23.27 3.01
O2A GDD N . -29.02 -22.61 4.97
O3A GDD N . -30.80 -21.09 4.26
PB GDD N . -32.16 -20.26 4.17
O2B GDD N . -33.24 -21.10 3.51
O3B GDD N . -32.45 -19.71 5.51
O1B GDD N . -31.58 -19.16 3.06
C11 GDD N . -31.58 -19.16 1.65
O51 GDD N . -32.79 -18.68 1.08
C51 GDD N . -32.99 -17.30 0.67
C61 GDD N . -33.80 -17.36 -0.59
O6A GDD N . -35.08 -17.86 -0.35
C21 GDD N . -30.36 -18.33 1.26
O21 GDD N . -29.98 -18.61 -0.09
C31 GDD N . -30.62 -16.86 1.39
O31 GDD N . -29.43 -16.17 1.03
C41 GDD N . -31.72 -16.48 0.44
O41 GDD N . -32.01 -15.10 0.57
PA NAP O . -33.92 16.14 16.96
O1A NAP O . -34.41 17.32 17.70
O2A NAP O . -33.63 16.33 15.46
O5B NAP O . -32.53 15.71 17.71
C5B NAP O . -31.72 14.67 17.13
C4B NAP O . -30.64 14.27 18.11
O4B NAP O . -29.84 13.21 17.54
C3B NAP O . -29.64 15.37 18.48
O3B NAP O . -29.25 15.18 19.84
C2B NAP O . -28.49 15.08 17.54
O2B NAP O . -27.26 15.70 17.97
C1B NAP O . -28.48 13.56 17.61
N9A NAP O . -27.76 12.93 16.53
C8A NAP O . -27.91 13.16 15.19
N7A NAP O . -27.03 12.54 14.44
C5A NAP O . -26.24 11.86 15.36
C6A NAP O . -25.14 11.01 15.21
N6A NAP O . -24.61 10.66 14.03
N1A NAP O . -24.60 10.47 16.33
C2A NAP O . -25.14 10.76 17.51
N3A NAP O . -26.18 11.57 17.77
C4A NAP O . -26.69 12.09 16.64
O3 NAP O . -34.94 14.93 17.07
PN NAP O . -36.27 14.89 17.96
O1N NAP O . -37.38 15.08 17.01
O2N NAP O . -36.09 15.85 19.07
O5D NAP O . -36.27 13.41 18.60
C5D NAP O . -37.30 12.47 18.26
C4D NAP O . -36.72 11.18 17.75
O4D NAP O . -37.81 10.30 17.44
C3D NAP O . -35.86 11.25 16.51
O3D NAP O . -34.82 10.28 16.64
C2D NAP O . -36.84 10.94 15.36
O2D NAP O . -36.25 10.00 14.47
C1D NAP O . -38.04 10.30 16.06
N1N NAP O . -39.30 11.19 15.76
P2B NAP O . -26.87 17.21 17.57
O1X NAP O . -25.39 17.44 17.71
O2X NAP O . -27.42 17.46 16.16
O3X NAP O . -27.71 18.16 18.49
H51A NAP O . -32.37 13.84 16.87
H52A NAP O . -31.32 15.05 16.20
H4B NAP O . -31.09 13.82 18.98
H3B NAP O . -30.02 16.38 18.31
HO3A NAP O . -28.88 14.26 19.89
H2B NAP O . -28.64 15.46 16.53
H1B NAP O . -28.05 13.19 18.56
H8A NAP O . -28.70 13.78 14.77
H61A NAP O . -25.01 11.03 13.18
H62A NAP O . -23.81 10.04 14.01
H2A NAP O . -24.66 10.29 18.35
H51N NAP O . -37.95 12.89 17.49
H52N NAP O . -37.91 12.27 19.14
H4D NAP O . -36.19 10.67 18.56
H3D NAP O . -35.43 12.24 16.32
HO3N NAP O . -35.27 9.43 16.86
H2D NAP O . -37.09 11.83 14.77
HO2N NAP O . -35.84 10.48 13.70
H1D NAP O . -38.24 9.27 15.78
N2 GDD P . -40.35 21.23 7.19
C2 GDD P . -41.22 21.66 6.27
N1 GDD P . -40.95 22.85 5.65
N3 GDD P . -42.32 20.94 6.02
C4 GDD P . -43.13 21.51 5.11
C5 GDD P . -42.94 22.71 4.45
C6 GDD P . -41.75 23.46 4.72
O6 GDD P . -41.41 24.54 4.23
N7 GDD P . -44.00 22.97 3.59
C8 GDD P . -44.79 21.93 3.74
N9 GDD P . -44.32 21.00 4.64
C1' GDD P . -44.97 19.71 4.95
C2' GDD P . -44.10 18.49 4.72
O2' GDD P . -44.08 18.13 3.35
C3' GDD P . -44.87 17.45 5.55
O3' GDD P . -45.94 16.89 4.79
C4' GDD P . -45.45 18.28 6.70
O4' GDD P . -45.30 19.67 6.32
C5' GDD P . -44.74 18.03 8.00
O5' GDD P . -43.33 18.17 7.72
PA GDD P . -42.24 18.24 8.90
O1A GDD P . -42.65 19.07 10.03
O2A GDD P . -40.97 18.77 8.30
O3A GDD P . -42.00 16.77 9.41
PB GDD P . -42.46 15.30 9.00
O2B GDD P . -43.84 14.95 9.59
O3B GDD P . -42.16 14.92 7.59
O1B GDD P . -41.36 14.79 10.08
C11 GDD P . -41.49 14.65 11.44
O51 GDD P . -42.44 13.63 11.76
C51 GDD P . -42.06 12.29 12.15
C61 GDD P . -43.08 11.89 13.19
O6A GDD P . -42.68 12.45 14.46
C21 GDD P . -40.11 14.47 12.07
O21 GDD P . -40.06 14.92 13.43
C31 GDD P . -39.65 13.03 11.97
O31 GDD P . -38.37 12.90 12.57
C41 GDD P . -40.64 12.16 12.71
O41 GDD P . -40.21 10.81 12.67
C1 EDO Q . -15.14 20.17 28.42
O1 EDO Q . -14.62 19.22 27.48
C2 EDO Q . -14.16 20.47 29.57
O2 EDO Q . -13.44 21.70 29.39
H11 EDO Q . -15.36 21.10 27.89
H12 EDO Q . -16.07 19.79 28.83
HO1 EDO Q . -15.26 19.08 26.77
H21 EDO Q . -14.71 20.51 30.50
H22 EDO Q . -13.44 19.65 29.64
HO2 EDO Q . -12.85 21.85 30.15
C1 EDO R . -34.76 26.59 5.31
O1 EDO R . -35.92 26.77 6.14
C2 EDO R . -33.59 25.90 6.02
O2 EDO R . -33.27 24.60 5.49
H11 EDO R . -35.06 25.98 4.43
H12 EDO R . -34.43 27.56 4.94
HO1 EDO R . -36.65 27.12 5.61
H21 EDO R . -32.72 26.54 5.97
H22 EDO R . -33.86 25.78 7.08
HO2 EDO R . -32.48 24.25 5.94
PA NAP S . -2.35 -11.86 0.51
O1A NAP S . -1.96 -13.11 -0.17
O2A NAP S . -2.80 -10.91 -0.59
O5B NAP S . -3.59 -12.13 1.58
C5B NAP S . -4.38 -11.09 2.21
C4B NAP S . -5.26 -11.71 3.28
O4B NAP S . -6.04 -10.70 3.96
C3B NAP S . -6.29 -12.73 2.77
O3B NAP S . -6.38 -13.79 3.72
C2B NAP S . -7.56 -11.91 2.69
O2B NAP S . -8.71 -12.79 2.64
C1B NAP S . -7.41 -11.08 3.96
N9A NAP S . -8.24 -9.89 3.94
C8A NAP S . -8.28 -8.95 2.95
N7A NAP S . -9.21 -8.04 3.11
C5A NAP S . -9.80 -8.39 4.32
C6A NAP S . -10.84 -7.82 5.06
N6A NAP S . -11.49 -6.70 4.70
N1A NAP S . -11.18 -8.39 6.23
C2A NAP S . -10.51 -9.48 6.62
N3A NAP S . -9.52 -10.11 5.99
C4A NAP S . -9.21 -9.53 4.83
O3 NAP S . -1.17 -11.11 1.31
PN NAP S . 0.24 -11.66 1.78
O1N NAP S . 1.26 -11.22 0.80
O2N NAP S . 0.06 -13.11 2.04
O5D NAP S . 0.53 -11.02 3.24
C5D NAP S . 1.53 -10.01 3.48
C4D NAP S . 0.88 -8.83 4.16
O4D NAP S . 1.90 -7.90 4.52
C3D NAP S . -0.13 -8.04 3.36
O3D NAP S . -1.08 -7.64 4.34
C2D NAP S . 0.68 -6.90 2.75
O2D NAP S . -0.09 -5.71 2.89
C1D NAP S . 1.96 -6.86 3.60
N1N NAP S . 3.17 -7.13 2.63
P2B NAP S . -9.20 -13.48 1.23
O1X NAP S . -8.47 -14.80 1.20
O2X NAP S . -10.74 -13.64 1.25
O3X NAP S . -8.82 -12.58 0.07
H51A NAP S . -3.69 -10.34 2.61
H52A NAP S . -4.96 -10.58 1.43
H4B NAP S . -4.62 -12.10 4.06
H3B NAP S . -6.05 -13.12 1.78
HO3A NAP S . -5.87 -14.54 3.34
H2B NAP S . -7.66 -11.28 1.82
H1B NAP S . -7.63 -11.65 4.86
H8A NAP S . -7.60 -8.96 2.09
H61A NAP S . -11.22 -6.22 3.84
H62A NAP S . -12.22 -6.34 5.29
H2A NAP S . -10.84 -9.88 7.58
H51N NAP S . 1.98 -9.69 2.54
H52N NAP S . 2.32 -10.41 4.11
H4D NAP S . 0.46 -9.16 5.10
H3D NAP S . -0.60 -8.55 2.52
HO3N NAP S . -1.95 -8.03 4.06
H2D NAP S . 0.92 -6.99 1.70
HO2N NAP S . -0.13 -5.23 2.01
H1D NAP S . 2.13 -5.94 4.16
N2 GDD T . 1.78 -7.60 -10.84
C2 GDD T . 2.49 -7.27 -11.94
N1 GDD T . 2.03 -7.77 -13.13
N3 GDD T . 3.59 -6.53 -11.82
C4 GDD T . 4.20 -6.34 -13.00
C5 GDD T . 3.83 -6.78 -14.24
C6 GDD T . 2.65 -7.57 -14.36
O6 GDD T . 2.17 -8.02 -15.40
N7 GDD T . 4.72 -6.34 -15.22
C8 GDD T . 5.60 -5.64 -14.55
N9 GDD T . 5.34 -5.60 -13.20
C1' GDD T . 6.13 -4.89 -12.20
C2' GDD T . 5.35 -3.87 -11.37
O2' GDD T . 5.15 -2.65 -12.08
C3' GDD T . 6.30 -3.71 -10.19
O3' GDD T . 7.33 -2.76 -10.47
C4' GDD T . 6.92 -5.11 -10.04
O4' GDD T . 6.61 -5.82 -11.26
C5' GDD T . 6.45 -5.90 -8.85
O5' GDD T . 5.03 -6.08 -8.95
PA GDD T . 4.18 -6.94 -7.92
O1A GDD T . 4.39 -8.40 -8.13
O2A GDD T . 2.70 -6.47 -7.94
O3A GDD T . 4.80 -6.44 -6.54
PB GDD T . 4.71 -5.10 -5.68
O2B GDD T . 6.10 -4.76 -5.17
O3B GDD T . 4.00 -4.03 -6.37
O1B GDD T . 3.89 -5.60 -4.41
C11 GDD T . 4.18 -6.62 -3.51
O51 GDD T . 5.26 -6.30 -2.65
C51 GDD T . 4.99 -5.31 -1.64
C61 GDD T . 6.29 -5.15 -0.87
O6A GDD T . 6.77 -6.43 -0.49
C21 GDD T . 2.91 -6.97 -2.73
O21 GDD T . 3.05 -8.25 -2.14
C31 GDD T . 2.62 -5.93 -1.66
O31 GDD T . 1.47 -6.27 -0.90
C41 GDD T . 3.83 -5.76 -0.77
O41 GDD T . 3.57 -4.83 0.28
N2 GDD U . -7.33 21.91 25.20
C2 GDD U . -6.64 21.98 26.35
N1 GDD U . -7.37 22.00 27.51
N3 GDD U . -5.31 22.00 26.30
C4 GDD U . -4.75 22.01 27.55
C5 GDD U . -5.39 22.04 28.77
C6 GDD U . -6.83 22.04 28.78
O6 GDD U . -7.57 22.06 29.77
N7 GDD U . -4.47 22.06 29.79
C8 GDD U . -3.30 22.04 29.19
N9 GDD U . -3.40 22.00 27.83
C1' GDD U . -2.26 21.89 26.89
C2' GDD U . -2.28 20.63 26.03
O2' GDD U . -1.74 19.53 26.74
C3' GDD U . -1.40 21.06 24.86
O3' GDD U . -0.03 20.80 25.13
C4' GDD U . -1.64 22.58 24.75
O4' GDD U . -2.29 22.97 25.98
C5' GDD U . -2.46 23.02 23.57
O5' GDD U . -3.78 22.49 23.69
PA GDD U . -4.91 22.76 22.59
O1A GDD U . -5.54 24.07 22.78
O2A GDD U . -5.84 21.55 22.66
O3A GDD U . -4.17 22.70 21.17
PB GDD U . -3.45 21.55 20.36
O2B GDD U . -1.95 21.93 20.24
O3B GDD U . -3.77 20.22 20.93
O1B GDD U . -4.06 21.62 18.87
C11 GDD U . -4.55 22.71 18.17
O51 GDD U . -3.61 23.13 17.20
C51 GDD U . -3.34 22.14 16.19
C61 GDD U . -2.27 22.72 15.29
O6A GDD U . -2.73 23.89 14.61
C21 GDD U . -5.88 22.36 17.53
O21 GDD U . -6.49 23.52 16.97
C31 GDD U . -5.68 21.33 16.43
O31 GDD U . -6.91 21.17 15.73
C41 GDD U . -4.63 21.82 15.45
O41 GDD U . -4.38 20.84 14.45
PA NAP V . -13.01 23.72 14.15
O1A NAP V . -13.62 24.91 14.77
O2A NAP V . -13.17 22.42 14.95
O5B NAP V . -13.55 23.43 12.65
C5B NAP V . -14.13 22.15 12.35
C4B NAP V . -15.11 22.24 11.20
O4B NAP V . -15.20 20.96 10.53
C3B NAP V . -16.54 22.61 11.58
O3B NAP V . -17.13 23.39 10.55
C2B NAP V . -17.21 21.24 11.66
O2B NAP V . -18.64 21.36 11.61
C1B NAP V . -16.56 20.58 10.47
N9A NAP V . -16.66 19.12 10.46
C8A NAP V . -16.36 18.25 11.48
N7A NAP V . -16.70 17.00 11.22
C5A NAP V . -17.27 17.06 9.96
C6A NAP V . -17.87 16.09 9.14
N6A NAP V . -17.96 14.80 9.46
N1A NAP V . -18.36 16.49 7.95
C2A NAP V . -18.22 17.77 7.59
N3A NAP V . -17.66 18.77 8.28
C4A NAP V . -17.22 18.36 9.46
O3 NAP V . -11.46 23.91 13.87
PN NAP V . -10.62 25.02 13.07
O1N NAP V . -11.55 26.03 12.53
O2N NAP V . -9.45 25.46 13.87
O5D NAP V . -10.10 24.16 11.82
C5D NAP V . -8.69 24.05 11.52
C4D NAP V . -8.51 22.94 10.53
O4D NAP V . -7.10 22.81 10.22
C3D NAP V . -8.87 21.57 11.05
O3D NAP V . -9.04 20.72 9.92
C2D NAP V . -7.65 21.23 11.92
O2D NAP V . -7.50 19.83 12.07
C1D NAP V . -6.51 21.90 11.11
N1N NAP V . -5.50 22.70 12.03
P2B NAP V . -19.46 21.57 12.96
O1X NAP V . -20.90 21.15 12.82
O2X NAP V . -19.28 23.07 13.20
O3X NAP V . -18.72 20.83 14.08
H51A NAP V . -13.32 21.46 12.15
H52A NAP V . -14.61 21.79 13.26
H4B NAP V . -14.70 22.90 10.43
H3B NAP V . -16.61 23.12 12.54
HO3A NAP V . -17.07 22.84 9.71
H2B NAP V . -17.01 20.70 12.59
H1B NAP V . -17.00 20.92 9.53
H8A NAP V . -15.88 18.55 12.40
H61A NAP V . -17.58 14.47 10.33
H62A NAP V . -18.41 14.15 8.81
H2A NAP V . -18.63 18.00 6.60
H51N NAP V . -8.12 23.84 12.43
H52N NAP V . -8.32 24.99 11.10
H4D NAP V . -8.99 23.20 9.59
H3D NAP V . -9.76 21.52 11.68
HO3N NAP V . -8.13 20.54 9.58
H2D NAP V . -7.70 21.56 12.95
HO2N NAP V . -7.92 19.53 12.93
H1D NAP V . -5.90 21.19 10.57
PA NAP W . 23.17 -9.14 41.35
O1A NAP W . 22.42 -9.82 40.29
O2A NAP W . 23.76 -10.17 42.34
O5B NAP W . 24.41 -8.29 40.68
C5B NAP W . 25.61 -7.94 41.39
C4B NAP W . 26.57 -7.25 40.46
O4B NAP W . 27.71 -6.73 41.19
C3B NAP W . 27.16 -8.13 39.36
O3B NAP W . 27.28 -7.41 38.14
C2B NAP W . 28.54 -8.47 39.89
O2B NAP W . 29.43 -8.86 38.82
C1B NAP W . 28.90 -7.14 40.53
N9A NAP W . 29.98 -7.23 41.49
C8A NAP W . 30.17 -8.14 42.48
N7A NAP W . 31.30 -8.03 43.11
C5A NAP W . 31.92 -6.96 42.50
C6A NAP W . 33.15 -6.30 42.72
N6A NAP W . 34.04 -6.68 43.63
N1A NAP W . 33.43 -5.21 41.97
C2A NAP W . 32.54 -4.82 41.06
N3A NAP W . 31.37 -5.37 40.73
C4A NAP W . 31.12 -6.44 41.49
O3 NAP W . 22.26 -8.16 42.20
PN NAP W . 20.91 -7.38 41.81
O1N NAP W . 19.75 -7.96 42.53
O2N NAP W . 20.86 -7.28 40.34
O5D NAP W . 21.19 -5.93 42.39
C5D NAP W . 20.66 -5.53 43.66
C4D NAP W . 21.60 -4.54 44.29
O4D NAP W . 20.92 -3.90 45.37
C3D NAP W . 22.79 -5.17 44.97
O3D NAP W . 23.77 -4.18 45.28
C2D NAP W . 22.13 -5.77 46.23
O2D NAP W . 23.00 -5.84 47.35
C1D NAP W . 20.97 -4.77 46.47
N1N NAP W . 19.63 -5.53 46.56
P2B NAP W . 29.50 -10.38 38.30
O1X NAP W . 28.50 -10.56 37.20
O2X NAP W . 30.96 -10.62 37.85
O3X NAP W . 29.19 -11.26 39.50
H51A NAP W . 25.32 -7.32 42.24
H52A NAP W . 26.03 -8.85 41.82
H4B NAP W . 26.11 -6.34 40.06
H3B NAP W . 26.56 -9.03 39.23
HO3A NAP W . 26.62 -7.81 37.51
H2B NAP W . 28.55 -9.29 40.60
H1B NAP W . 29.17 -6.39 39.79
H8A NAP W . 29.42 -8.90 42.74
H61A NAP W . 33.85 -7.50 44.21
H62A NAP W . 34.91 -6.17 43.74
H2A NAP W . 32.83 -3.94 40.50
H51N NAP W . 20.53 -6.40 44.32
H52N NAP W . 19.67 -5.07 43.53
H4D NAP W . 21.86 -3.77 43.57
H3D NAP W . 23.27 -5.95 44.38
HO3N NAP W . 24.52 -4.33 44.66
H2D NAP W . 21.84 -6.81 46.10
HO2N NAP W . 23.45 -6.73 47.37
H1D NAP W . 21.08 -4.17 47.39
N2 GDD X . 18.09 -18.69 48.24
C2 GDD X . 17.27 -19.53 48.87
N1 GDD X . 17.33 -20.85 48.53
N3 GDD X . 16.36 -19.04 49.72
C4 GDD X . 15.51 -19.98 50.16
C5 GDD X . 15.48 -21.33 49.84
C6 GDD X . 16.48 -21.84 48.96
O6 GDD X . 16.59 -23.01 48.58
N7 GDD X . 14.42 -21.95 50.48
C8 GDD X . 13.85 -21.00 51.17
N9 GDD X . 14.46 -19.78 51.04
C1' GDD X . 14.08 -18.56 51.77
C2' GDD X . 15.24 -17.73 52.30
O2' GDD X . 15.70 -18.25 53.55
C3' GDD X . 14.55 -16.38 52.49
O3' GDD X . 13.79 -16.41 53.69
C4' GDD X . 13.60 -16.33 51.29
O4' GDD X . 13.36 -17.70 50.91
C5' GDD X . 14.12 -15.53 50.11
O5' GDD X . 15.55 -15.55 50.15
PA GDD X . 16.44 -14.96 48.95
O1A GDD X . 15.87 -15.43 47.67
O2A GDD X . 17.89 -15.43 49.11
O3A GDD X . 16.46 -13.37 49.21
PB GDD X . 16.89 -12.44 50.45
O2B GDD X . 17.93 -13.43 51.07
O3B GDD X . 15.47 -12.45 50.88
O1B GDD X . 17.58 -11.71 49.13
C11 GDD X . 17.25 -10.70 48.21
O51 GDD X . 16.74 -9.48 48.74
C51 GDD X . 17.69 -8.68 49.46
C61 GDD X . 16.95 -7.49 49.97
O6A GDD X . 15.82 -7.24 49.15
C21 GDD X . 18.50 -10.47 47.35
O21 GDD X . 18.16 -9.99 46.06
C31 GDD X . 19.51 -9.55 48.05
O31 GDD X . 20.57 -9.23 47.16
C41 GDD X . 18.82 -8.29 48.51
O41 GDD X . 19.69 -7.40 49.21
C1 EDO Y . 34.59 -11.50 22.23
O1 EDO Y . 35.93 -11.17 21.83
C2 EDO Y . 34.01 -10.49 23.24
O2 EDO Y . 32.76 -10.93 23.81
H11 EDO Y . 33.95 -11.51 21.35
H12 EDO Y . 34.57 -12.50 22.67
HO1 EDO Y . 36.23 -11.79 21.16
H21 EDO Y . 34.73 -10.33 24.05
H22 EDO Y . 33.87 -9.53 22.75
HO2 EDO Y . 32.36 -10.20 24.32
PA NAP Z . 42.00 -18.74 33.37
O1A NAP Z . 41.13 -19.58 32.52
O2A NAP Z . 42.14 -17.25 32.97
O5B NAP Z . 41.38 -18.86 34.83
C5B NAP Z . 41.82 -18.17 36.01
C4B NAP Z . 41.05 -18.82 37.13
O4B NAP Z . 41.33 -18.15 38.38
C3B NAP Z . 39.52 -18.84 36.97
O3B NAP Z . 38.94 -20.02 37.48
C2B NAP Z . 39.13 -17.65 37.83
O2B NAP Z . 37.76 -17.71 38.26
C1B NAP Z . 40.09 -17.83 38.98
N9A NAP Z . 40.27 -16.64 39.78
C8A NAP Z . 40.61 -15.38 39.37
N7A NAP Z . 40.63 -14.49 40.33
C5A NAP Z . 40.30 -15.22 41.46
C6A NAP Z . 40.15 -14.86 42.81
N6A NAP Z . 40.30 -13.63 43.28
N1A NAP Z . 39.83 -15.84 43.70
C2A NAP Z . 39.68 -17.08 43.24
N3A NAP Z . 39.77 -17.53 41.99
C4A NAP Z . 40.08 -16.54 41.15
O3 NAP Z . 43.47 -19.38 33.44
PN NAP Z . 43.93 -20.80 32.85
O1N NAP Z . 43.31 -20.95 31.51
O2N NAP Z . 43.74 -21.83 33.90
O5D NAP Z . 45.49 -20.64 32.63
C5D NAP Z . 46.12 -19.53 33.29
C4D NAP Z . 46.79 -19.89 34.60
O4D NAP Z . 48.05 -20.54 34.42
C3D NAP Z . 47.08 -18.65 35.43
O3D NAP Z . 47.03 -19.07 36.79
C2D NAP Z . 48.49 -18.27 34.98
O2D NAP Z . 49.20 -17.59 36.00
C1D NAP Z . 49.09 -19.61 34.50
N1N NAP Z . 49.70 -19.47 33.07
P2B NAP Z . 36.59 -17.09 37.34
O1X NAP Z . 35.90 -18.21 36.62
O2X NAP Z . 35.63 -16.35 38.27
O3X NAP Z . 37.26 -16.03 36.43
H51A NAP Z . 41.64 -17.11 35.91
H52A NAP Z . 42.91 -18.27 36.10
H4B NAP Z . 41.44 -19.83 37.30
H3B NAP Z . 39.24 -18.70 35.93
HO3A NAP Z . 39.15 -20.73 36.82
H2B NAP Z . 39.24 -16.69 37.30
H1B NAP Z . 39.78 -18.64 39.64
H8A NAP Z . 40.82 -15.13 38.33
H61A NAP Z . 40.54 -12.87 42.63
H62A NAP Z . 40.18 -13.44 44.26
H2A NAP Z . 39.43 -17.81 44.01
H51N NAP Z . 45.37 -18.76 33.49
H52N NAP Z . 46.88 -19.11 32.62
H4D NAP Z . 46.24 -20.68 35.10
H3D NAP Z . 46.41 -17.82 35.25
HO3N NAP Z . 46.18 -18.71 37.16
H2D NAP Z . 48.53 -17.51 34.20
HO2N NAP Z . 49.10 -16.61 35.89
H1D NAP Z . 49.87 -19.99 35.15
N2 GDD AA . 45.44 -10.96 23.49
C2 GDD AA . 45.93 -10.43 22.36
N1 GDD AA . 45.04 -9.78 21.54
N3 GDD AA . 47.22 -10.56 22.07
C4 GDD AA . 47.56 -10.00 20.89
C5 GDD AA . 46.75 -9.34 20.01
C6 GDD AA . 45.35 -9.19 20.34
O6 GDD AA . 44.49 -8.61 19.68
N7 GDD AA . 47.48 -8.89 18.91
C8 GDD AA . 48.71 -9.29 19.16
N9 GDD AA . 48.83 -9.97 20.34
C1' GDD AA . 50.08 -10.49 20.90
C2' GDD AA . 50.41 -9.96 22.28
O2' GDD AA . 50.94 -8.63 22.20
C3' GDD AA . 51.43 -11.01 22.73
O3' GDD AA . 52.75 -10.67 22.32
C4' GDD AA . 50.95 -12.31 22.06
O4' GDD AA . 49.96 -11.89 21.07
C5' GDD AA . 50.35 -13.33 22.99
O5' GDD AA . 49.26 -12.79 23.77
PA GDD AA . 48.35 -13.65 24.83
O1A GDD AA . 47.63 -14.70 24.05
O2A GDD AA . 47.50 -12.54 25.49
O3A GDD AA . 49.24 -14.33 25.99
PB GDD AA . 50.60 -13.98 26.76
O2B GDD AA . 50.48 -12.42 26.83
O3B GDD AA . 51.36 -14.53 25.59
O1B GDD AA . 49.58 -14.81 27.73
C11 GDD AA . 49.88 -16.00 28.40
O51 GDD AA . 50.88 -15.78 29.38
C51 GDD AA . 51.09 -16.86 30.31
C61 GDD AA . 51.56 -18.05 29.52
O6A GDD AA . 52.92 -17.88 29.11
C21 GDD AA . 48.62 -16.60 29.01
O21 GDD AA . 48.56 -18.00 28.75
C31 GDD AA . 48.64 -16.38 30.52
O31 GDD AA . 47.42 -16.84 31.07
C41 GDD AA . 49.81 -17.15 31.11
O41 GDD AA . 50.05 -16.74 32.45
C1 EDO BA . 38.06 -7.37 24.09
O1 EDO BA . 38.85 -7.82 25.21
C2 EDO BA . 38.82 -7.43 22.75
O2 EDO BA . 38.89 -8.76 22.20
H11 EDO BA . 37.16 -7.98 24.03
H12 EDO BA . 37.76 -6.33 24.28
HO1 EDO BA . 38.34 -7.74 26.02
H21 EDO BA . 38.32 -6.78 22.03
H22 EDO BA . 39.83 -7.06 22.90
HO2 EDO BA . 39.45 -8.76 21.41
#